data_2M3C
#
_entry.id   2M3C
#
_entity_poly.entity_id   1
_entity_poly.type   'polypeptide(L)'
_entity_poly.pdbx_seq_one_letter_code
;MGKIIFYEDRNFGGRYHECMSDCADLHSYFNRCHSIRVESGCFMVYDRTNFMGRQYFLRRGEYPDYMRTMGMNDCVRSCR
MIPLHHGSFKMRLYEHSDMGGRMMELMDDCPNLMDRFNMSDFHSCHVMDGHWLVYEQPNYTGRQFYLRPGEYRSYNDWGG
VTSRMGSIRRITDL
;
_entity_poly.pdbx_strand_id   A
#
# COMPACT_ATOMS: atom_id res chain seq x y z
N MET A 1 12.02 14.11 5.10
CA MET A 1 11.54 13.79 3.72
C MET A 1 11.94 12.35 3.37
N GLY A 2 11.94 12.01 2.11
CA GLY A 2 12.31 10.63 1.71
C GLY A 2 12.70 10.59 0.23
N LYS A 3 13.55 9.67 -0.15
CA LYS A 3 14.00 9.59 -1.57
C LYS A 3 14.13 8.13 -2.01
N ILE A 4 13.81 7.85 -3.26
CA ILE A 4 13.92 6.44 -3.74
C ILE A 4 14.58 6.40 -5.12
N ILE A 5 15.51 5.51 -5.30
CA ILE A 5 16.21 5.40 -6.62
C ILE A 5 15.99 4.00 -7.20
N PHE A 6 15.56 3.93 -8.43
CA PHE A 6 15.32 2.60 -9.07
C PHE A 6 16.55 2.21 -9.90
N TYR A 7 16.93 0.95 -9.89
CA TYR A 7 18.12 0.54 -10.68
C TYR A 7 17.73 -0.63 -11.60
N GLU A 8 18.16 -0.59 -12.84
CA GLU A 8 17.81 -1.67 -13.79
C GLU A 8 18.60 -2.95 -13.45
N ASP A 9 19.84 -2.82 -13.06
CA ASP A 9 20.64 -4.03 -12.72
C ASP A 9 20.36 -4.48 -11.30
N ARG A 10 20.61 -5.72 -10.99
CA ARG A 10 20.36 -6.24 -9.61
C ARG A 10 21.39 -5.66 -8.64
N ASN A 11 22.63 -5.56 -9.06
CA ASN A 11 23.68 -5.02 -8.14
C ASN A 11 23.58 -3.49 -8.10
N PHE A 12 22.38 -2.97 -8.12
CA PHE A 12 22.21 -1.49 -8.09
C PHE A 12 23.02 -0.85 -9.21
N GLY A 13 22.92 -1.38 -10.40
CA GLY A 13 23.68 -0.81 -11.55
C GLY A 13 22.77 -0.65 -12.77
N GLY A 14 23.37 -0.60 -13.94
CA GLY A 14 22.56 -0.46 -15.18
C GLY A 14 21.92 0.94 -15.23
N ARG A 15 20.77 1.06 -15.85
CA ARG A 15 20.10 2.38 -15.92
C ARG A 15 19.52 2.74 -14.55
N TYR A 16 19.98 3.81 -13.97
CA TYR A 16 19.47 4.22 -12.63
C TYR A 16 18.45 5.33 -12.78
N HIS A 17 17.56 5.49 -11.84
CA HIS A 17 16.54 6.56 -11.91
C HIS A 17 16.24 7.08 -10.51
N GLU A 18 16.38 8.36 -10.30
CA GLU A 18 16.11 8.93 -8.93
C GLU A 18 14.69 9.53 -8.90
N CYS A 19 13.85 9.06 -8.01
CA CYS A 19 12.46 9.58 -7.93
C CYS A 19 12.20 10.12 -6.51
N MET A 20 11.56 11.25 -6.43
CA MET A 20 11.28 11.86 -5.09
C MET A 20 9.88 12.47 -5.11
N SER A 21 9.11 12.19 -6.15
CA SER A 21 7.74 12.75 -6.23
C SER A 21 6.80 11.74 -6.89
N ASP A 22 5.53 11.88 -6.67
CA ASP A 22 4.54 10.94 -7.28
C ASP A 22 4.86 10.76 -8.76
N CYS A 23 4.34 9.72 -9.35
CA CYS A 23 4.59 9.46 -10.79
C CYS A 23 3.53 8.49 -11.31
N ALA A 24 2.65 8.96 -12.13
CA ALA A 24 1.61 8.06 -12.70
C ALA A 24 2.13 7.58 -14.06
N ASP A 25 3.39 7.29 -14.10
CA ASP A 25 4.01 6.84 -15.38
C ASP A 25 5.48 6.50 -15.16
N LEU A 26 5.78 5.27 -14.84
CA LEU A 26 7.20 4.86 -14.64
C LEU A 26 7.72 4.21 -15.92
N HIS A 27 6.84 3.71 -16.75
CA HIS A 27 7.28 3.07 -18.01
C HIS A 27 8.07 4.10 -18.83
N SER A 28 7.59 5.31 -18.88
CA SER A 28 8.28 6.39 -19.64
C SER A 28 9.68 6.60 -19.08
N TYR A 29 9.94 6.11 -17.91
CA TYR A 29 11.29 6.27 -17.32
C TYR A 29 12.04 4.95 -17.54
N PHE A 30 11.40 3.86 -17.23
CA PHE A 30 12.04 2.52 -17.45
C PHE A 30 10.95 1.46 -17.61
N ASN A 31 11.20 0.46 -18.42
CA ASN A 31 10.17 -0.61 -18.63
C ASN A 31 10.49 -1.82 -17.75
N ARG A 32 11.60 -1.82 -17.09
CA ARG A 32 11.96 -2.98 -16.21
C ARG A 32 12.81 -2.45 -15.05
N CYS A 33 12.73 -3.08 -13.91
CA CYS A 33 13.56 -2.65 -12.75
C CYS A 33 13.74 -3.86 -11.83
N HIS A 34 14.97 -4.32 -11.70
CA HIS A 34 15.24 -5.50 -10.83
C HIS A 34 15.70 -5.03 -9.44
N SER A 35 16.10 -3.79 -9.30
CA SER A 35 16.56 -3.32 -7.96
C SER A 35 15.94 -1.97 -7.61
N ILE A 36 15.60 -1.79 -6.36
CA ILE A 36 15.00 -0.49 -5.93
C ILE A 36 15.72 -0.05 -4.65
N ARG A 37 15.90 1.23 -4.45
CA ARG A 37 16.61 1.69 -3.22
C ARG A 37 15.89 2.85 -2.56
N VAL A 38 15.50 2.68 -1.33
CA VAL A 38 14.83 3.78 -0.57
C VAL A 38 15.82 4.25 0.48
N GLU A 39 16.23 5.48 0.40
CA GLU A 39 17.22 5.99 1.39
C GLU A 39 16.49 6.45 2.64
N SER A 40 15.29 6.95 2.50
CA SER A 40 14.57 7.43 3.73
C SER A 40 13.10 7.71 3.43
N GLY A 41 12.27 7.58 4.41
CA GLY A 41 10.81 7.81 4.22
C GLY A 41 10.19 6.55 3.65
N CYS A 42 8.99 6.64 3.14
CA CYS A 42 8.31 5.44 2.60
C CYS A 42 7.91 5.69 1.14
N PHE A 43 7.81 4.66 0.36
CA PHE A 43 7.40 4.84 -1.07
C PHE A 43 6.32 3.82 -1.43
N MET A 44 5.28 4.26 -2.07
CA MET A 44 4.21 3.32 -2.49
C MET A 44 4.41 3.07 -3.99
N VAL A 45 4.58 1.85 -4.38
CA VAL A 45 4.78 1.56 -5.84
C VAL A 45 3.61 0.75 -6.39
N TYR A 46 3.27 0.98 -7.63
CA TYR A 46 2.12 0.25 -8.23
C TYR A 46 2.56 -0.52 -9.47
N ASP A 47 1.98 -1.68 -9.67
CA ASP A 47 2.34 -2.52 -10.85
C ASP A 47 1.63 -1.98 -12.09
N ARG A 48 0.75 -1.03 -11.92
CA ARG A 48 0.04 -0.44 -13.10
C ARG A 48 0.12 1.09 -13.00
N THR A 49 -0.04 1.76 -14.11
CA THR A 49 0.04 3.26 -14.13
C THR A 49 -1.17 3.88 -13.42
N ASN A 50 -0.99 5.09 -12.94
CA ASN A 50 -2.09 5.82 -12.25
C ASN A 50 -2.39 5.22 -10.87
N PHE A 51 -1.39 4.71 -10.19
CA PHE A 51 -1.62 4.16 -8.82
C PHE A 51 -2.59 2.97 -8.89
N MET A 52 -2.30 1.99 -9.70
CA MET A 52 -3.23 0.82 -9.80
C MET A 52 -2.43 -0.47 -9.98
N GLY A 53 -3.09 -1.60 -9.97
CA GLY A 53 -2.36 -2.90 -10.14
C GLY A 53 -1.80 -3.38 -8.80
N ARG A 54 -0.97 -4.38 -8.81
CA ARG A 54 -0.39 -4.88 -7.53
C ARG A 54 0.29 -3.71 -6.83
N GLN A 55 -0.16 -3.39 -5.64
CA GLN A 55 0.45 -2.25 -4.91
C GLN A 55 1.42 -2.77 -3.85
N TYR A 56 2.60 -2.23 -3.78
CA TYR A 56 3.59 -2.72 -2.77
C TYR A 56 4.05 -1.55 -1.91
N PHE A 57 4.14 -1.74 -0.62
CA PHE A 57 4.59 -0.64 0.28
C PHE A 57 6.06 -0.85 0.64
N LEU A 58 6.92 0.05 0.25
CA LEU A 58 8.37 -0.09 0.59
C LEU A 58 8.72 0.94 1.66
N ARG A 59 9.52 0.55 2.63
CA ARG A 59 9.92 1.52 3.71
C ARG A 59 11.41 1.80 3.59
N ARG A 60 11.88 2.87 4.19
CA ARG A 60 13.32 3.21 4.13
C ARG A 60 14.16 1.91 4.15
N GLY A 61 14.87 1.64 3.09
CA GLY A 61 15.70 0.40 3.07
C GLY A 61 16.19 0.14 1.65
N GLU A 62 17.09 -0.79 1.49
CA GLU A 62 17.62 -1.10 0.14
C GLU A 62 17.03 -2.43 -0.33
N TYR A 63 16.45 -2.46 -1.50
CA TYR A 63 15.85 -3.72 -2.01
C TYR A 63 16.75 -4.26 -3.13
N PRO A 64 17.57 -5.24 -2.83
CA PRO A 64 18.50 -5.83 -3.82
C PRO A 64 17.79 -6.65 -4.90
N ASP A 65 16.58 -7.07 -4.65
CA ASP A 65 15.83 -7.87 -5.67
C ASP A 65 14.35 -7.88 -5.27
N TYR A 66 13.45 -7.72 -6.21
CA TYR A 66 12.02 -7.72 -5.83
C TYR A 66 11.15 -8.31 -6.96
N MET A 67 11.72 -9.15 -7.78
CA MET A 67 10.91 -9.78 -8.88
C MET A 67 10.47 -11.18 -8.46
N ARG A 68 11.36 -11.94 -7.89
CA ARG A 68 11.00 -13.32 -7.43
C ARG A 68 10.60 -13.25 -5.97
N THR A 69 11.05 -12.24 -5.27
CA THR A 69 10.72 -12.11 -3.83
C THR A 69 9.34 -11.47 -3.67
N MET A 70 8.84 -10.81 -4.68
CA MET A 70 7.49 -10.18 -4.59
C MET A 70 6.50 -11.01 -5.41
N GLY A 71 6.98 -11.76 -6.37
CA GLY A 71 6.07 -12.59 -7.20
C GLY A 71 5.43 -11.75 -8.32
N MET A 72 6.23 -11.04 -9.08
CA MET A 72 5.67 -10.19 -10.19
C MET A 72 6.31 -10.60 -11.51
N ASN A 73 6.06 -9.85 -12.56
CA ASN A 73 6.66 -10.20 -13.89
C ASN A 73 6.99 -8.90 -14.65
N ASP A 74 7.77 -8.04 -14.06
CA ASP A 74 8.14 -6.74 -14.70
C ASP A 74 8.37 -5.74 -13.59
N CYS A 75 8.50 -4.49 -13.91
CA CYS A 75 8.72 -3.46 -12.87
C CYS A 75 7.39 -2.81 -12.51
N VAL A 76 7.45 -1.72 -11.80
CA VAL A 76 6.21 -0.97 -11.43
C VAL A 76 5.93 0.02 -12.54
N ARG A 77 4.69 0.34 -12.79
CA ARG A 77 4.40 1.31 -13.86
C ARG A 77 3.96 2.62 -13.21
N SER A 78 3.71 2.60 -11.91
CA SER A 78 3.29 3.88 -11.24
C SER A 78 3.80 3.92 -9.80
N CYS A 79 3.65 5.03 -9.14
CA CYS A 79 4.10 5.11 -7.72
C CYS A 79 3.64 6.43 -7.08
N ARG A 80 3.55 6.44 -5.78
CA ARG A 80 3.13 7.66 -5.05
C ARG A 80 4.07 7.88 -3.86
N MET A 81 4.45 9.11 -3.59
CA MET A 81 5.37 9.36 -2.45
C MET A 81 4.56 9.65 -1.18
N ILE A 82 5.02 9.18 -0.06
CA ILE A 82 4.30 9.42 1.22
C ILE A 82 5.11 10.40 2.07
N PRO A 83 4.70 11.64 2.15
CA PRO A 83 5.42 12.68 2.95
C PRO A 83 5.08 12.61 4.44
N LEU A 84 5.72 13.42 5.24
CA LEU A 84 5.43 13.40 6.71
C LEU A 84 4.09 14.09 6.98
N HIS A 85 3.07 13.73 6.25
CA HIS A 85 1.73 14.35 6.45
C HIS A 85 0.83 13.36 7.19
N HIS A 86 0.85 13.39 8.50
CA HIS A 86 0.00 12.45 9.28
C HIS A 86 -0.69 13.19 10.41
N GLY A 87 -1.89 13.66 10.18
CA GLY A 87 -2.61 14.39 11.25
C GLY A 87 -3.08 13.40 12.32
N SER A 88 -4.17 12.72 12.07
CA SER A 88 -4.68 11.73 13.07
C SER A 88 -4.80 10.34 12.45
N PHE A 89 -4.66 9.31 13.26
CA PHE A 89 -4.76 7.91 12.74
C PHE A 89 -6.04 7.25 13.27
N LYS A 90 -6.94 6.90 12.39
CA LYS A 90 -8.19 6.26 12.85
C LYS A 90 -8.93 5.71 11.63
N MET A 91 -9.26 4.44 11.62
CA MET A 91 -9.99 3.88 10.46
C MET A 91 -11.45 3.61 10.86
N ARG A 92 -12.38 4.22 10.16
CA ARG A 92 -13.81 3.99 10.49
C ARG A 92 -14.33 2.89 9.58
N LEU A 93 -14.71 1.77 10.14
CA LEU A 93 -15.18 0.63 9.30
C LEU A 93 -16.69 0.48 9.31
N TYR A 94 -17.21 0.03 8.21
CA TYR A 94 -18.67 -0.22 8.09
C TYR A 94 -18.86 -1.57 7.40
N GLU A 95 -19.62 -2.44 8.01
CA GLU A 95 -19.81 -3.81 7.43
C GLU A 95 -20.46 -3.74 6.03
N HIS A 96 -21.24 -2.74 5.74
CA HIS A 96 -21.89 -2.70 4.38
C HIS A 96 -21.29 -1.58 3.53
N SER A 97 -21.54 -1.60 2.23
CA SER A 97 -20.98 -0.56 1.33
C SER A 97 -21.49 0.82 1.77
N ASP A 98 -20.80 1.88 1.43
CA ASP A 98 -21.24 3.25 1.84
C ASP A 98 -20.78 3.48 3.28
N MET A 99 -21.64 3.24 4.20
CA MET A 99 -21.32 3.40 5.66
C MET A 99 -22.39 2.65 6.43
N GLY A 100 -22.88 1.57 5.88
CA GLY A 100 -23.95 0.80 6.55
C GLY A 100 -23.38 -0.37 7.34
N GLY A 101 -24.21 -1.34 7.63
CA GLY A 101 -23.72 -2.52 8.39
C GLY A 101 -23.31 -2.09 9.79
N ARG A 102 -22.35 -2.75 10.38
CA ARG A 102 -21.89 -2.37 11.75
C ARG A 102 -20.67 -1.45 11.64
N MET A 103 -20.61 -0.43 12.46
CA MET A 103 -19.46 0.50 12.40
C MET A 103 -18.40 0.11 13.44
N MET A 104 -17.20 -0.21 13.00
CA MET A 104 -16.15 -0.58 13.98
C MET A 104 -15.02 0.45 13.91
N GLU A 105 -14.54 0.88 15.04
CA GLU A 105 -13.45 1.90 15.04
C GLU A 105 -12.10 1.21 15.22
N LEU A 106 -11.14 1.56 14.39
CA LEU A 106 -9.79 0.92 14.51
C LEU A 106 -8.73 2.03 14.56
N MET A 107 -8.00 2.13 15.64
CA MET A 107 -6.95 3.18 15.76
C MET A 107 -5.60 2.54 16.04
N ASP A 108 -5.49 1.26 15.88
CA ASP A 108 -4.19 0.57 16.15
C ASP A 108 -3.92 -0.50 15.08
N ASP A 109 -3.03 -1.40 15.38
CA ASP A 109 -2.71 -2.48 14.40
C ASP A 109 -3.68 -3.65 14.61
N CYS A 110 -4.23 -4.17 13.56
CA CYS A 110 -5.20 -5.30 13.69
C CYS A 110 -4.65 -6.53 12.97
N PRO A 111 -3.90 -7.38 13.64
CA PRO A 111 -3.32 -8.59 13.02
C PRO A 111 -4.34 -9.72 12.88
N ASN A 112 -5.34 -9.75 13.72
CA ASN A 112 -6.37 -10.82 13.66
C ASN A 112 -7.74 -10.18 13.82
N LEU A 113 -8.30 -9.71 12.75
CA LEU A 113 -9.63 -9.04 12.84
C LEU A 113 -10.70 -10.09 13.17
N MET A 114 -10.46 -11.31 12.78
CA MET A 114 -11.45 -12.39 13.04
C MET A 114 -11.70 -12.47 14.55
N ASP A 115 -10.68 -12.32 15.34
CA ASP A 115 -10.88 -12.40 16.80
C ASP A 115 -11.33 -11.06 17.36
N ARG A 116 -11.08 -9.98 16.67
CA ARG A 116 -11.47 -8.66 17.22
C ARG A 116 -12.96 -8.38 17.02
N PHE A 117 -13.39 -8.29 15.80
CA PHE A 117 -14.83 -7.99 15.55
C PHE A 117 -15.58 -9.25 15.10
N ASN A 118 -14.90 -10.37 15.03
CA ASN A 118 -15.59 -11.62 14.62
C ASN A 118 -16.20 -11.45 13.24
N MET A 119 -15.56 -10.67 12.43
CA MET A 119 -16.05 -10.44 11.04
C MET A 119 -14.84 -10.16 10.17
N SER A 120 -14.76 -10.80 9.06
CA SER A 120 -13.59 -10.60 8.15
C SER A 120 -14.03 -9.98 6.82
N ASP A 121 -15.29 -9.60 6.68
CA ASP A 121 -15.72 -9.03 5.36
C ASP A 121 -16.48 -7.70 5.52
N PHE A 122 -15.78 -6.60 5.49
CA PHE A 122 -16.43 -5.26 5.59
C PHE A 122 -16.55 -4.66 4.19
N HIS A 123 -17.69 -4.18 3.79
CA HIS A 123 -17.83 -3.60 2.44
C HIS A 123 -17.62 -2.08 2.46
N SER A 124 -17.29 -1.48 3.59
CA SER A 124 -17.11 0.00 3.59
C SER A 124 -16.05 0.39 4.62
N CYS A 125 -15.39 1.50 4.41
CA CYS A 125 -14.36 1.93 5.38
C CYS A 125 -13.99 3.39 5.14
N HIS A 126 -13.35 4.01 6.09
CA HIS A 126 -12.98 5.45 5.91
C HIS A 126 -11.72 5.76 6.73
N VAL A 127 -10.89 6.66 6.26
CA VAL A 127 -9.65 7.01 7.02
C VAL A 127 -9.73 8.46 7.46
N MET A 128 -9.56 8.68 8.74
CA MET A 128 -9.61 10.07 9.29
C MET A 128 -8.33 10.80 8.87
N ASP A 129 -7.27 10.06 8.78
CA ASP A 129 -5.96 10.71 8.39
C ASP A 129 -4.82 9.70 8.51
N GLY A 130 -3.68 10.05 7.96
CA GLY A 130 -2.50 9.15 8.05
C GLY A 130 -2.54 8.13 6.91
N HIS A 131 -1.91 7.00 7.09
CA HIS A 131 -1.88 5.96 6.00
C HIS A 131 -2.15 4.57 6.61
N TRP A 132 -3.07 3.84 6.03
CA TRP A 132 -3.40 2.49 6.57
C TRP A 132 -3.19 1.39 5.53
N LEU A 133 -2.50 0.33 5.89
CA LEU A 133 -2.28 -0.81 4.94
C LEU A 133 -3.28 -1.92 5.30
N VAL A 134 -4.00 -2.44 4.35
CA VAL A 134 -4.97 -3.53 4.67
C VAL A 134 -4.46 -4.85 4.10
N TYR A 135 -4.67 -5.93 4.80
CA TYR A 135 -4.19 -7.27 4.30
C TYR A 135 -5.35 -8.24 4.14
N GLU A 136 -5.48 -8.82 2.95
CA GLU A 136 -6.57 -9.79 2.70
C GLU A 136 -6.43 -10.99 3.65
N GLN A 137 -5.23 -11.25 4.10
CA GLN A 137 -5.03 -12.39 5.05
C GLN A 137 -4.41 -11.87 6.34
N PRO A 138 -4.64 -12.54 7.44
CA PRO A 138 -4.12 -12.12 8.79
C PRO A 138 -2.59 -12.03 8.86
N ASN A 139 -2.07 -11.85 10.05
CA ASN A 139 -0.60 -11.74 10.25
C ASN A 139 0.01 -10.79 9.20
N TYR A 140 -0.75 -9.82 8.78
CA TYR A 140 -0.23 -8.85 7.76
C TYR A 140 0.21 -9.59 6.50
N THR A 141 -0.63 -10.42 5.94
CA THR A 141 -0.24 -11.17 4.71
C THR A 141 -1.42 -11.19 3.73
N GLY A 142 -1.18 -11.56 2.49
CA GLY A 142 -2.28 -11.60 1.48
C GLY A 142 -2.27 -10.30 0.66
N ARG A 143 -3.19 -10.18 -0.27
CA ARG A 143 -3.23 -8.96 -1.12
C ARG A 143 -3.31 -7.72 -0.22
N GLN A 144 -2.29 -6.93 -0.22
CA GLN A 144 -2.30 -5.72 0.64
C GLN A 144 -2.95 -4.55 -0.10
N PHE A 145 -3.72 -3.76 0.60
CA PHE A 145 -4.37 -2.58 -0.04
C PHE A 145 -3.98 -1.31 0.72
N TYR A 146 -3.62 -0.28 0.02
CA TYR A 146 -3.20 0.98 0.68
C TYR A 146 -4.39 1.94 0.77
N LEU A 147 -5.00 2.04 1.92
CA LEU A 147 -6.16 2.96 2.08
C LEU A 147 -5.68 4.29 2.68
N ARG A 148 -5.91 5.37 1.98
CA ARG A 148 -5.49 6.71 2.46
C ARG A 148 -6.72 7.47 2.94
N PRO A 149 -6.54 8.70 3.38
CA PRO A 149 -7.67 9.53 3.87
C PRO A 149 -8.81 9.60 2.85
N GLY A 150 -10.01 9.83 3.33
CA GLY A 150 -11.18 9.90 2.41
C GLY A 150 -12.20 8.86 2.85
N GLU A 151 -13.18 8.56 2.03
CA GLU A 151 -14.22 7.57 2.42
C GLU A 151 -14.26 6.43 1.39
N TYR A 152 -14.35 5.21 1.88
CA TYR A 152 -14.44 4.03 0.98
C TYR A 152 -15.84 3.44 1.14
N ARG A 153 -16.43 2.96 0.08
CA ARG A 153 -17.83 2.43 0.18
C ARG A 153 -17.98 1.02 -0.42
N SER A 154 -16.98 0.46 -1.04
CA SER A 154 -17.18 -0.89 -1.62
C SER A 154 -15.86 -1.46 -2.13
N TYR A 155 -15.91 -2.65 -2.69
CA TYR A 155 -14.67 -3.28 -3.22
C TYR A 155 -14.08 -2.40 -4.31
N ASN A 156 -14.89 -1.61 -4.96
CA ASN A 156 -14.38 -0.75 -6.05
C ASN A 156 -13.74 0.51 -5.45
N ASP A 157 -13.69 0.61 -4.14
CA ASP A 157 -13.06 1.81 -3.50
C ASP A 157 -11.59 1.55 -3.22
N TRP A 158 -11.28 0.57 -2.41
CA TRP A 158 -9.85 0.26 -2.15
C TRP A 158 -9.30 -0.52 -3.33
N GLY A 159 -10.00 -0.46 -4.44
CA GLY A 159 -9.55 -1.20 -5.65
C GLY A 159 -9.59 -2.70 -5.38
N GLY A 160 -10.58 -3.16 -4.66
CA GLY A 160 -10.67 -4.60 -4.36
C GLY A 160 -11.82 -5.23 -5.16
N VAL A 161 -12.26 -6.37 -4.74
CA VAL A 161 -13.39 -7.06 -5.43
C VAL A 161 -14.14 -7.84 -4.37
N THR A 162 -13.41 -8.45 -3.49
CA THR A 162 -14.02 -9.20 -2.36
C THR A 162 -13.90 -8.34 -1.11
N SER A 163 -13.97 -8.95 0.04
CA SER A 163 -13.87 -8.16 1.31
C SER A 163 -13.11 -8.98 2.37
N ARG A 164 -12.50 -10.06 1.97
CA ARG A 164 -11.78 -10.95 2.95
C ARG A 164 -10.59 -10.24 3.61
N MET A 165 -10.85 -9.33 4.54
CA MET A 165 -9.73 -8.63 5.25
C MET A 165 -9.53 -9.24 6.63
N GLY A 166 -8.34 -9.75 6.87
CA GLY A 166 -8.05 -10.40 8.18
C GLY A 166 -6.98 -9.62 8.92
N SER A 167 -6.11 -8.89 8.25
CA SER A 167 -5.07 -8.14 8.99
C SER A 167 -4.92 -6.72 8.49
N ILE A 168 -4.51 -5.83 9.35
CA ILE A 168 -4.32 -4.40 8.94
C ILE A 168 -3.16 -3.80 9.72
N ARG A 169 -2.37 -2.95 9.09
CA ARG A 169 -1.21 -2.33 9.80
C ARG A 169 -1.32 -0.82 9.75
N ARG A 170 -1.06 -0.16 10.84
CA ARG A 170 -1.14 1.32 10.87
C ARG A 170 0.24 1.91 10.64
N ILE A 171 0.54 2.30 9.43
CA ILE A 171 1.87 2.91 9.17
C ILE A 171 2.14 3.96 10.25
N THR A 172 2.97 3.63 11.20
CA THR A 172 3.30 4.59 12.29
C THR A 172 4.72 4.28 12.75
N ASP A 173 5.67 4.39 11.86
CA ASP A 173 7.07 4.11 12.21
C ASP A 173 7.95 4.37 10.98
N LEU A 174 8.71 5.42 11.03
CA LEU A 174 9.61 5.76 9.88
C LEU A 174 10.93 4.99 10.01
N MET A 1 14.96 15.51 1.63
CA MET A 1 13.80 14.70 2.10
C MET A 1 13.99 13.24 1.67
N GLY A 2 12.96 12.46 1.77
CA GLY A 2 13.07 11.02 1.38
C GLY A 2 13.37 10.91 -0.12
N LYS A 3 14.03 9.86 -0.52
CA LYS A 3 14.35 9.70 -1.98
C LYS A 3 14.44 8.22 -2.36
N ILE A 4 14.06 7.91 -3.57
CA ILE A 4 14.13 6.49 -4.02
C ILE A 4 14.76 6.40 -5.40
N ILE A 5 15.64 5.44 -5.60
CA ILE A 5 16.31 5.29 -6.92
C ILE A 5 16.05 3.88 -7.45
N PHE A 6 15.64 3.78 -8.69
CA PHE A 6 15.37 2.44 -9.29
C PHE A 6 16.56 2.03 -10.15
N TYR A 7 17.02 0.80 -10.04
CA TYR A 7 18.20 0.36 -10.84
C TYR A 7 17.79 -0.82 -11.73
N GLU A 8 18.19 -0.80 -12.98
CA GLU A 8 17.82 -1.91 -13.90
C GLU A 8 18.62 -3.17 -13.60
N ASP A 9 19.84 -3.04 -13.15
CA ASP A 9 20.67 -4.25 -12.86
C ASP A 9 20.31 -4.81 -11.47
N ARG A 10 20.66 -6.05 -11.23
CA ARG A 10 20.34 -6.66 -9.91
C ARG A 10 21.32 -6.15 -8.84
N ASN A 11 22.59 -6.09 -9.16
CA ASN A 11 23.59 -5.61 -8.16
C ASN A 11 23.67 -4.08 -8.21
N PHE A 12 22.55 -3.42 -8.21
CA PHE A 12 22.57 -1.94 -8.25
C PHE A 12 23.45 -1.46 -9.41
N GLY A 13 22.88 -1.37 -10.58
CA GLY A 13 23.70 -0.92 -11.75
C GLY A 13 22.84 -0.93 -13.01
N GLY A 14 23.42 -0.66 -14.13
CA GLY A 14 22.63 -0.64 -15.40
C GLY A 14 21.95 0.72 -15.54
N ARG A 15 20.77 0.74 -16.09
CA ARG A 15 20.07 2.05 -16.22
C ARG A 15 19.50 2.44 -14.86
N TYR A 16 19.98 3.53 -14.31
CA TYR A 16 19.49 3.97 -12.98
C TYR A 16 18.43 5.05 -13.15
N HIS A 17 17.60 5.23 -12.16
CA HIS A 17 16.54 6.28 -12.27
C HIS A 17 16.27 6.85 -10.86
N GLU A 18 16.41 8.13 -10.69
CA GLU A 18 16.16 8.73 -9.33
C GLU A 18 14.74 9.31 -9.29
N CYS A 19 13.93 8.83 -8.38
CA CYS A 19 12.52 9.35 -8.29
C CYS A 19 12.26 9.86 -6.87
N MET A 20 11.60 10.98 -6.76
CA MET A 20 11.31 11.55 -5.42
C MET A 20 9.91 12.15 -5.44
N SER A 21 9.16 11.87 -6.48
CA SER A 21 7.78 12.43 -6.56
C SER A 21 6.82 11.39 -7.16
N ASP A 22 5.56 11.49 -6.86
CA ASP A 22 4.56 10.50 -7.40
C ASP A 22 4.68 10.43 -8.93
N CYS A 23 4.56 9.24 -9.47
CA CYS A 23 4.62 9.06 -10.95
C CYS A 23 3.54 8.05 -11.35
N ALA A 24 2.61 8.43 -12.19
CA ALA A 24 1.53 7.49 -12.60
C ALA A 24 1.97 6.68 -13.82
N ASP A 25 3.11 7.00 -14.35
CA ASP A 25 3.62 6.27 -15.53
C ASP A 25 5.12 6.07 -15.36
N LEU A 26 5.52 4.94 -14.83
CA LEU A 26 6.97 4.68 -14.64
C LEU A 26 7.49 3.96 -15.89
N HIS A 27 6.62 3.44 -16.69
CA HIS A 27 7.09 2.74 -17.92
C HIS A 27 7.89 3.74 -18.78
N SER A 28 7.42 4.96 -18.85
CA SER A 28 8.13 5.99 -19.67
C SER A 28 9.56 6.19 -19.16
N TYR A 29 9.83 5.78 -17.95
CA TYR A 29 11.20 5.96 -17.41
C TYR A 29 11.96 4.66 -17.66
N PHE A 30 11.31 3.56 -17.42
CA PHE A 30 11.96 2.23 -17.68
C PHE A 30 10.88 1.15 -17.83
N ASN A 31 11.18 0.10 -18.54
CA ASN A 31 10.19 -0.99 -18.75
C ASN A 31 10.47 -2.16 -17.81
N ARG A 32 11.56 -2.12 -17.11
CA ARG A 32 11.90 -3.23 -16.17
C ARG A 32 12.80 -2.67 -15.08
N CYS A 33 12.77 -3.27 -13.92
CA CYS A 33 13.65 -2.82 -12.81
C CYS A 33 13.84 -4.01 -11.88
N HIS A 34 15.07 -4.39 -11.65
CA HIS A 34 15.34 -5.56 -10.76
C HIS A 34 15.85 -5.09 -9.41
N SER A 35 16.20 -3.83 -9.29
CA SER A 35 16.71 -3.32 -7.98
C SER A 35 16.10 -1.97 -7.66
N ILE A 36 15.79 -1.74 -6.41
CA ILE A 36 15.20 -0.44 -5.98
C ILE A 36 15.95 0.02 -4.73
N ARG A 37 16.13 1.31 -4.55
CA ARG A 37 16.89 1.78 -3.35
C ARG A 37 16.21 3.00 -2.72
N VAL A 38 15.76 2.85 -1.50
CA VAL A 38 15.14 3.98 -0.77
C VAL A 38 16.16 4.45 0.24
N GLU A 39 16.59 5.67 0.15
CA GLU A 39 17.60 6.17 1.11
C GLU A 39 16.90 6.66 2.37
N SER A 40 15.73 7.20 2.23
CA SER A 40 15.02 7.70 3.45
C SER A 40 13.58 8.08 3.13
N GLY A 41 12.74 8.03 4.12
CA GLY A 41 11.30 8.36 3.92
C GLY A 41 10.56 7.11 3.48
N CYS A 42 9.33 7.25 3.05
CA CYS A 42 8.55 6.06 2.64
C CYS A 42 8.17 6.20 1.16
N PHE A 43 7.89 5.10 0.49
CA PHE A 43 7.52 5.19 -0.95
C PHE A 43 6.49 4.11 -1.25
N MET A 44 5.45 4.44 -1.95
CA MET A 44 4.44 3.41 -2.31
C MET A 44 4.61 3.12 -3.81
N VAL A 45 4.77 1.87 -4.16
CA VAL A 45 4.96 1.53 -5.60
C VAL A 45 3.78 0.72 -6.11
N TYR A 46 3.40 0.94 -7.33
CA TYR A 46 2.22 0.22 -7.91
C TYR A 46 2.64 -0.66 -9.09
N ASP A 47 2.07 -1.84 -9.17
CA ASP A 47 2.43 -2.76 -10.29
C ASP A 47 1.75 -2.30 -11.59
N ARG A 48 0.84 -1.37 -11.50
CA ARG A 48 0.16 -0.87 -12.73
C ARG A 48 0.19 0.66 -12.71
N THR A 49 0.10 1.26 -13.87
CA THR A 49 0.14 2.76 -13.97
C THR A 49 -1.09 3.39 -13.31
N ASN A 50 -0.96 4.64 -12.94
CA ASN A 50 -2.10 5.39 -12.31
C ASN A 50 -2.38 4.90 -10.88
N PHE A 51 -1.37 4.52 -10.16
CA PHE A 51 -1.59 4.08 -8.75
C PHE A 51 -2.56 2.89 -8.73
N MET A 52 -2.25 1.85 -9.45
CA MET A 52 -3.17 0.66 -9.46
C MET A 52 -2.35 -0.63 -9.56
N GLY A 53 -2.99 -1.77 -9.55
CA GLY A 53 -2.23 -3.04 -9.65
C GLY A 53 -1.70 -3.44 -8.27
N ARG A 54 -0.91 -4.47 -8.19
CA ARG A 54 -0.37 -4.87 -6.87
C ARG A 54 0.32 -3.68 -6.24
N GLN A 55 -0.07 -3.31 -5.05
CA GLN A 55 0.56 -2.13 -4.38
C GLN A 55 1.54 -2.64 -3.33
N TYR A 56 2.73 -2.10 -3.29
CA TYR A 56 3.73 -2.56 -2.29
C TYR A 56 4.25 -1.34 -1.49
N PHE A 57 4.31 -1.46 -0.20
CA PHE A 57 4.81 -0.32 0.63
C PHE A 57 6.30 -0.53 0.95
N LEU A 58 7.15 0.39 0.55
CA LEU A 58 8.62 0.22 0.81
C LEU A 58 9.17 1.35 1.69
N ARG A 59 9.67 1.02 2.86
CA ARG A 59 10.20 2.07 3.78
C ARG A 59 11.72 2.23 3.64
N ARG A 60 12.24 3.34 4.11
CA ARG A 60 13.72 3.60 4.04
C ARG A 60 14.50 2.29 4.08
N GLY A 61 15.19 1.96 3.03
CA GLY A 61 15.98 0.71 3.01
C GLY A 61 16.46 0.42 1.59
N GLU A 62 17.34 -0.53 1.44
CA GLU A 62 17.86 -0.87 0.08
C GLU A 62 17.28 -2.22 -0.34
N TYR A 63 16.70 -2.28 -1.52
CA TYR A 63 16.12 -3.55 -2.01
C TYR A 63 17.02 -4.10 -3.11
N PRO A 64 17.88 -5.04 -2.78
CA PRO A 64 18.83 -5.65 -3.76
C PRO A 64 18.11 -6.48 -4.82
N ASP A 65 16.90 -6.89 -4.57
CA ASP A 65 16.15 -7.70 -5.58
C ASP A 65 14.67 -7.69 -5.17
N TYR A 66 13.76 -7.58 -6.11
CA TYR A 66 12.32 -7.55 -5.69
C TYR A 66 11.43 -8.22 -6.75
N MET A 67 12.00 -8.76 -7.81
CA MET A 67 11.14 -9.43 -8.84
C MET A 67 10.71 -10.81 -8.33
N ARG A 68 11.59 -11.52 -7.68
CA ARG A 68 11.24 -12.88 -7.16
C ARG A 68 10.82 -12.77 -5.69
N THR A 69 11.24 -11.72 -5.04
CA THR A 69 10.89 -11.55 -3.60
C THR A 69 9.50 -10.94 -3.48
N MET A 70 8.99 -10.36 -4.54
CA MET A 70 7.62 -9.76 -4.50
C MET A 70 6.69 -10.63 -5.34
N GLY A 71 7.23 -11.34 -6.30
CA GLY A 71 6.39 -12.23 -7.15
C GLY A 71 5.70 -11.43 -8.27
N MET A 72 6.40 -10.55 -8.93
CA MET A 72 5.76 -9.75 -10.04
C MET A 72 6.41 -10.12 -11.37
N ASN A 73 5.74 -9.86 -12.47
CA ASN A 73 6.31 -10.20 -13.81
C ASN A 73 6.67 -8.90 -14.54
N ASP A 74 7.48 -8.07 -13.93
CA ASP A 74 7.89 -6.78 -14.55
C ASP A 74 8.20 -5.80 -13.43
N CYS A 75 8.43 -4.56 -13.74
CA CYS A 75 8.75 -3.57 -12.69
C CYS A 75 7.49 -2.81 -12.28
N VAL A 76 7.67 -1.85 -11.43
CA VAL A 76 6.53 -0.99 -11.00
C VAL A 76 6.10 -0.16 -12.19
N ARG A 77 4.82 0.06 -12.37
CA ARG A 77 4.38 0.90 -13.52
C ARG A 77 3.94 2.25 -12.97
N SER A 78 3.67 2.32 -11.69
CA SER A 78 3.26 3.65 -11.10
C SER A 78 3.81 3.76 -9.69
N CYS A 79 3.74 4.93 -9.12
CA CYS A 79 4.25 5.10 -7.73
C CYS A 79 3.68 6.36 -7.10
N ARG A 80 3.45 6.33 -5.81
CA ARG A 80 2.89 7.52 -5.11
C ARG A 80 3.71 7.76 -3.84
N MET A 81 3.98 9.00 -3.52
CA MET A 81 4.77 9.31 -2.31
C MET A 81 3.80 9.53 -1.14
N ILE A 82 4.17 9.09 0.03
CA ILE A 82 3.28 9.28 1.21
C ILE A 82 3.53 10.67 1.80
N PRO A 83 2.49 11.44 2.04
CA PRO A 83 2.63 12.81 2.61
C PRO A 83 2.99 12.79 4.10
N LEU A 84 3.05 13.95 4.72
CA LEU A 84 3.38 14.01 6.17
C LEU A 84 2.09 14.20 6.98
N HIS A 85 1.26 13.20 7.01
CA HIS A 85 -0.02 13.30 7.77
C HIS A 85 0.19 14.18 9.02
N HIS A 86 -0.83 14.90 9.42
CA HIS A 86 -0.70 15.79 10.60
C HIS A 86 -2.02 15.82 11.37
N GLY A 87 -2.56 14.68 11.66
CA GLY A 87 -3.86 14.61 12.39
C GLY A 87 -3.82 13.48 13.40
N SER A 88 -4.40 12.38 13.07
CA SER A 88 -4.42 11.23 14.01
C SER A 88 -4.63 9.93 13.23
N PHE A 89 -4.55 8.82 13.89
CA PHE A 89 -4.74 7.51 13.20
C PHE A 89 -6.04 6.87 13.70
N LYS A 90 -6.96 6.63 12.82
CA LYS A 90 -8.25 6.01 13.22
C LYS A 90 -9.00 5.58 11.97
N MET A 91 -9.45 4.35 11.92
CA MET A 91 -10.20 3.89 10.73
C MET A 91 -11.63 3.51 11.13
N ARG A 92 -12.61 4.05 10.47
CA ARG A 92 -14.02 3.73 10.82
C ARG A 92 -14.53 2.70 9.80
N LEU A 93 -14.91 1.54 10.26
CA LEU A 93 -15.37 0.49 9.33
C LEU A 93 -16.88 0.37 9.29
N TYR A 94 -17.37 -0.01 8.16
CA TYR A 94 -18.82 -0.20 7.98
C TYR A 94 -19.02 -1.54 7.28
N GLU A 95 -19.76 -2.44 7.87
CA GLU A 95 -19.92 -3.80 7.26
C GLU A 95 -20.59 -3.72 5.88
N HIS A 96 -21.39 -2.70 5.61
CA HIS A 96 -22.06 -2.63 4.27
C HIS A 96 -21.46 -1.51 3.42
N SER A 97 -21.72 -1.50 2.13
CA SER A 97 -21.16 -0.45 1.25
C SER A 97 -21.69 0.92 1.67
N ASP A 98 -21.00 1.98 1.31
CA ASP A 98 -21.46 3.35 1.71
C ASP A 98 -21.01 3.61 3.14
N MET A 99 -21.88 3.36 4.07
CA MET A 99 -21.55 3.55 5.51
C MET A 99 -22.57 2.76 6.32
N GLY A 100 -23.02 1.65 5.80
CA GLY A 100 -24.05 0.83 6.50
C GLY A 100 -23.42 -0.37 7.19
N GLY A 101 -24.17 -1.41 7.37
CA GLY A 101 -23.63 -2.62 8.04
C GLY A 101 -23.23 -2.24 9.47
N ARG A 102 -22.47 -3.05 10.13
CA ARG A 102 -22.07 -2.71 11.53
C ARG A 102 -20.90 -1.74 11.48
N MET A 103 -20.84 -0.78 12.38
CA MET A 103 -19.71 0.18 12.36
C MET A 103 -18.65 -0.25 13.37
N MET A 104 -17.48 -0.60 12.91
CA MET A 104 -16.41 -1.00 13.86
C MET A 104 -15.29 0.03 13.81
N GLU A 105 -14.80 0.44 14.94
CA GLU A 105 -13.70 1.47 14.94
C GLU A 105 -12.36 0.78 15.13
N LEU A 106 -11.40 1.11 14.32
CA LEU A 106 -10.05 0.50 14.44
C LEU A 106 -9.02 1.61 14.65
N MET A 107 -8.38 1.63 15.78
CA MET A 107 -7.36 2.70 16.06
C MET A 107 -6.04 2.04 16.46
N ASP A 108 -5.90 0.76 16.25
CA ASP A 108 -4.63 0.05 16.62
C ASP A 108 -4.24 -0.92 15.49
N ASP A 109 -3.30 -1.79 15.76
CA ASP A 109 -2.88 -2.77 14.71
C ASP A 109 -3.86 -3.93 14.72
N CYS A 110 -4.36 -4.31 13.57
CA CYS A 110 -5.35 -5.44 13.54
C CYS A 110 -4.78 -6.59 12.70
N PRO A 111 -3.89 -7.37 13.25
CA PRO A 111 -3.27 -8.52 12.53
C PRO A 111 -4.21 -9.73 12.48
N ASN A 112 -5.12 -9.86 13.42
CA ASN A 112 -6.07 -11.01 13.42
C ASN A 112 -7.49 -10.46 13.62
N LEU A 113 -8.06 -9.88 12.61
CA LEU A 113 -9.43 -9.31 12.75
C LEU A 113 -10.44 -10.40 13.09
N MET A 114 -10.09 -11.62 12.84
CA MET A 114 -11.03 -12.74 13.15
C MET A 114 -11.33 -12.75 14.66
N ASP A 115 -10.34 -12.54 15.46
CA ASP A 115 -10.56 -12.55 16.94
C ASP A 115 -11.07 -11.19 17.41
N ARG A 116 -10.85 -10.14 16.65
CA ARG A 116 -11.30 -8.80 17.11
C ARG A 116 -12.81 -8.63 16.91
N PHE A 117 -13.26 -8.69 15.68
CA PHE A 117 -14.72 -8.49 15.41
C PHE A 117 -15.35 -9.79 14.90
N ASN A 118 -14.59 -10.85 14.81
CA ASN A 118 -15.17 -12.13 14.32
C ASN A 118 -15.89 -11.87 13.00
N MET A 119 -15.33 -10.97 12.24
CA MET A 119 -15.89 -10.61 10.91
C MET A 119 -14.72 -10.23 10.02
N SER A 120 -14.71 -10.71 8.82
CA SER A 120 -13.57 -10.41 7.91
C SER A 120 -14.07 -9.80 6.60
N ASP A 121 -15.34 -9.50 6.46
CA ASP A 121 -15.82 -8.93 5.15
C ASP A 121 -16.61 -7.63 5.31
N PHE A 122 -15.93 -6.50 5.36
CA PHE A 122 -16.64 -5.18 5.46
C PHE A 122 -16.72 -4.56 4.07
N HIS A 123 -17.85 -4.04 3.69
CA HIS A 123 -17.98 -3.43 2.33
C HIS A 123 -17.74 -1.91 2.37
N SER A 124 -17.42 -1.34 3.51
CA SER A 124 -17.19 0.15 3.52
C SER A 124 -16.17 0.51 4.60
N CYS A 125 -15.51 1.62 4.45
CA CYS A 125 -14.50 2.03 5.47
C CYS A 125 -14.17 3.51 5.33
N HIS A 126 -13.60 4.10 6.34
CA HIS A 126 -13.26 5.56 6.26
C HIS A 126 -12.00 5.85 7.07
N VAL A 127 -11.16 6.75 6.60
CA VAL A 127 -9.91 7.07 7.34
C VAL A 127 -9.97 8.51 7.83
N MET A 128 -9.87 8.69 9.12
CA MET A 128 -9.91 10.06 9.69
C MET A 128 -8.62 10.78 9.32
N ASP A 129 -7.53 10.06 9.35
CA ASP A 129 -6.22 10.69 9.01
C ASP A 129 -5.07 9.68 9.10
N GLY A 130 -3.90 10.09 8.70
CA GLY A 130 -2.71 9.17 8.75
C GLY A 130 -2.63 8.32 7.49
N HIS A 131 -2.20 7.09 7.64
CA HIS A 131 -2.09 6.17 6.46
C HIS A 131 -2.37 4.73 6.90
N TRP A 132 -3.26 4.04 6.23
CA TRP A 132 -3.60 2.65 6.66
C TRP A 132 -3.41 1.62 5.53
N LEU A 133 -2.80 0.51 5.87
CA LEU A 133 -2.60 -0.59 4.85
C LEU A 133 -3.54 -1.74 5.21
N VAL A 134 -4.25 -2.29 4.26
CA VAL A 134 -5.18 -3.42 4.56
C VAL A 134 -4.62 -4.71 3.96
N TYR A 135 -4.77 -5.80 4.65
CA TYR A 135 -4.24 -7.10 4.13
C TYR A 135 -5.37 -8.11 3.91
N GLU A 136 -5.47 -8.64 2.71
CA GLU A 136 -6.53 -9.65 2.41
C GLU A 136 -6.34 -10.87 3.31
N GLN A 137 -5.13 -11.12 3.73
CA GLN A 137 -4.88 -12.29 4.63
C GLN A 137 -4.31 -11.80 5.95
N PRO A 138 -4.55 -12.51 7.03
CA PRO A 138 -4.09 -12.12 8.39
C PRO A 138 -2.56 -12.00 8.51
N ASN A 139 -2.06 -11.69 9.68
CA ASN A 139 -0.60 -11.56 9.88
C ASN A 139 -0.01 -10.57 8.85
N TYR A 140 -0.74 -9.53 8.57
CA TYR A 140 -0.26 -8.50 7.57
C TYR A 140 0.27 -9.19 6.31
N THR A 141 -0.52 -10.01 5.68
CA THR A 141 -0.05 -10.70 4.43
C THR A 141 -1.19 -10.77 3.40
N GLY A 142 -0.91 -11.21 2.19
CA GLY A 142 -1.97 -11.28 1.14
C GLY A 142 -2.05 -9.96 0.35
N ARG A 143 -3.02 -9.84 -0.51
CA ARG A 143 -3.18 -8.60 -1.34
C ARG A 143 -3.32 -7.39 -0.42
N GLN A 144 -2.29 -6.59 -0.33
CA GLN A 144 -2.35 -5.41 0.55
C GLN A 144 -3.00 -4.23 -0.18
N PHE A 145 -3.76 -3.45 0.52
CA PHE A 145 -4.42 -2.25 -0.09
C PHE A 145 -4.08 -1.02 0.75
N TYR A 146 -3.71 0.07 0.12
CA TYR A 146 -3.36 1.29 0.90
C TYR A 146 -4.56 2.22 0.99
N LEU A 147 -5.20 2.28 2.12
CA LEU A 147 -6.38 3.18 2.28
C LEU A 147 -5.92 4.49 2.93
N ARG A 148 -6.16 5.58 2.25
CA ARG A 148 -5.73 6.91 2.79
C ARG A 148 -6.98 7.67 3.25
N PRO A 149 -6.80 8.83 3.83
CA PRO A 149 -7.95 9.66 4.30
C PRO A 149 -9.08 9.71 3.27
N GLY A 150 -10.26 10.03 3.71
CA GLY A 150 -11.43 10.09 2.78
C GLY A 150 -12.44 9.02 3.18
N GLU A 151 -13.41 8.76 2.35
CA GLU A 151 -14.43 7.74 2.69
C GLU A 151 -14.45 6.63 1.64
N TYR A 152 -14.52 5.40 2.09
CA TYR A 152 -14.58 4.23 1.17
C TYR A 152 -15.99 3.64 1.29
N ARG A 153 -16.55 3.12 0.23
CA ARG A 153 -17.94 2.58 0.31
C ARG A 153 -18.06 1.21 -0.36
N SER A 154 -17.05 0.69 -0.99
CA SER A 154 -17.22 -0.64 -1.65
C SER A 154 -15.87 -1.19 -2.12
N TYR A 155 -15.88 -2.41 -2.59
CA TYR A 155 -14.61 -3.02 -3.08
C TYR A 155 -14.05 -2.15 -4.21
N ASN A 156 -14.89 -1.36 -4.84
CA ASN A 156 -14.38 -0.50 -5.95
C ASN A 156 -13.72 0.75 -5.37
N ASP A 157 -13.72 0.90 -4.06
CA ASP A 157 -13.09 2.10 -3.46
C ASP A 157 -11.62 1.81 -3.19
N TRP A 158 -11.32 0.84 -2.37
CA TRP A 158 -9.88 0.52 -2.13
C TRP A 158 -9.36 -0.25 -3.34
N GLY A 159 -10.08 -0.18 -4.43
CA GLY A 159 -9.65 -0.90 -5.66
C GLY A 159 -9.69 -2.40 -5.41
N GLY A 160 -10.68 -2.85 -4.68
CA GLY A 160 -10.78 -4.31 -4.39
C GLY A 160 -11.91 -4.90 -5.22
N VAL A 161 -12.14 -6.16 -5.03
CA VAL A 161 -13.24 -6.85 -5.78
C VAL A 161 -13.99 -7.74 -4.81
N THR A 162 -13.64 -7.65 -3.55
CA THR A 162 -14.29 -8.45 -2.50
C THR A 162 -14.11 -7.70 -1.18
N SER A 163 -14.20 -8.39 -0.08
CA SER A 163 -14.04 -7.72 1.25
C SER A 163 -13.25 -8.63 2.21
N ARG A 164 -12.64 -9.67 1.70
CA ARG A 164 -11.89 -10.64 2.59
C ARG A 164 -10.68 -9.99 3.28
N MET A 165 -10.91 -9.10 4.22
CA MET A 165 -9.77 -8.46 4.96
C MET A 165 -9.58 -9.12 6.33
N GLY A 166 -8.42 -9.70 6.55
CA GLY A 166 -8.15 -10.38 7.84
C GLY A 166 -7.09 -9.62 8.64
N SER A 167 -6.21 -8.88 7.98
CA SER A 167 -5.18 -8.14 8.75
C SER A 167 -5.09 -6.69 8.28
N ILE A 168 -4.65 -5.83 9.15
CA ILE A 168 -4.53 -4.38 8.79
C ILE A 168 -3.40 -3.75 9.59
N ARG A 169 -2.63 -2.87 8.98
CA ARG A 169 -1.51 -2.22 9.72
C ARG A 169 -1.67 -0.70 9.70
N ARG A 170 -1.50 -0.05 10.81
CA ARG A 170 -1.61 1.44 10.85
C ARG A 170 -0.20 2.03 10.81
N ILE A 171 0.18 2.52 9.66
CA ILE A 171 1.56 3.10 9.50
C ILE A 171 1.90 4.12 10.60
N THR A 172 2.02 3.68 11.83
CA THR A 172 2.33 4.64 12.92
C THR A 172 3.34 4.04 13.90
N ASP A 173 4.43 3.53 13.40
CA ASP A 173 5.47 2.94 14.30
C ASP A 173 6.82 2.93 13.58
N LEU A 174 7.59 3.97 13.77
CA LEU A 174 8.95 4.04 13.12
C LEU A 174 9.99 3.55 14.11
N MET A 1 11.45 14.88 2.84
CA MET A 1 10.42 14.61 1.79
C MET A 1 10.54 13.17 1.31
N GLY A 2 11.42 12.41 1.90
CA GLY A 2 11.59 10.99 1.47
C GLY A 2 11.98 10.92 0.00
N LYS A 3 12.75 9.95 -0.38
CA LYS A 3 13.19 9.84 -1.81
C LYS A 3 13.39 8.37 -2.20
N ILE A 4 13.16 8.06 -3.45
CA ILE A 4 13.34 6.65 -3.92
C ILE A 4 14.09 6.65 -5.25
N ILE A 5 15.07 5.80 -5.36
CA ILE A 5 15.86 5.73 -6.63
C ILE A 5 15.71 4.33 -7.23
N PHE A 6 15.40 4.26 -8.50
CA PHE A 6 15.25 2.93 -9.17
C PHE A 6 16.57 2.57 -9.83
N TYR A 7 16.82 1.31 -10.07
CA TYR A 7 18.10 0.92 -10.72
C TYR A 7 17.83 -0.28 -11.64
N GLU A 8 18.37 -0.28 -12.83
CA GLU A 8 18.11 -1.42 -13.76
C GLU A 8 19.00 -2.62 -13.44
N ASP A 9 20.13 -2.42 -12.83
CA ASP A 9 21.03 -3.57 -12.54
C ASP A 9 20.55 -4.32 -11.28
N ARG A 10 20.96 -5.55 -11.15
CA ARG A 10 20.56 -6.36 -9.96
C ARG A 10 21.08 -5.71 -8.68
N ASN A 11 22.28 -5.19 -8.70
CA ASN A 11 22.83 -4.55 -7.48
C ASN A 11 22.41 -3.08 -7.45
N PHE A 12 23.20 -2.21 -8.00
CA PHE A 12 22.84 -0.77 -8.01
C PHE A 12 23.59 -0.07 -9.14
N GLY A 13 23.30 -0.47 -10.35
CA GLY A 13 23.98 0.16 -11.53
C GLY A 13 23.07 0.07 -12.75
N GLY A 14 23.63 0.23 -13.90
CA GLY A 14 22.82 0.20 -15.15
C GLY A 14 22.03 1.50 -15.27
N ARG A 15 20.87 1.47 -15.86
CA ARG A 15 20.08 2.73 -15.97
C ARG A 15 19.48 3.07 -14.61
N TYR A 16 19.85 4.18 -14.04
CA TYR A 16 19.33 4.57 -12.70
C TYR A 16 18.29 5.68 -12.84
N HIS A 17 17.45 5.84 -11.86
CA HIS A 17 16.42 6.92 -11.94
C HIS A 17 16.07 7.42 -10.54
N GLU A 18 16.21 8.70 -10.30
CA GLU A 18 15.88 9.25 -8.95
C GLU A 18 14.45 9.82 -8.97
N CYS A 19 13.56 9.28 -8.18
CA CYS A 19 12.16 9.78 -8.16
C CYS A 19 11.86 10.40 -6.80
N MET A 20 11.17 11.51 -6.80
CA MET A 20 10.83 12.18 -5.51
C MET A 20 9.39 12.67 -5.60
N SER A 21 8.67 12.24 -6.62
CA SER A 21 7.25 12.67 -6.78
C SER A 21 6.44 11.51 -7.35
N ASP A 22 5.13 11.57 -7.23
CA ASP A 22 4.27 10.47 -7.75
C ASP A 22 4.47 10.31 -9.26
N CYS A 23 4.38 9.10 -9.74
CA CYS A 23 4.53 8.83 -11.21
C CYS A 23 3.52 7.75 -11.60
N ALA A 24 2.53 8.11 -12.38
CA ALA A 24 1.51 7.11 -12.80
C ALA A 24 2.02 6.33 -14.02
N ASP A 25 3.15 6.69 -14.55
CA ASP A 25 3.69 5.96 -15.72
C ASP A 25 5.19 5.79 -15.55
N LEU A 26 5.61 4.67 -15.01
CA LEU A 26 7.06 4.43 -14.82
C LEU A 26 7.58 3.63 -16.02
N HIS A 27 6.71 2.98 -16.74
CA HIS A 27 7.17 2.20 -17.92
C HIS A 27 7.87 3.15 -18.90
N SER A 28 7.32 4.32 -19.07
CA SER A 28 7.93 5.30 -20.00
C SER A 28 9.37 5.58 -19.59
N TYR A 29 9.70 5.38 -18.35
CA TYR A 29 11.10 5.61 -17.91
C TYR A 29 11.90 4.33 -18.09
N PHE A 30 11.30 3.21 -17.78
CA PHE A 30 11.99 1.90 -17.94
C PHE A 30 10.97 0.77 -18.02
N ASN A 31 11.25 -0.27 -18.76
CA ASN A 31 10.29 -1.40 -18.89
C ASN A 31 10.62 -2.50 -17.87
N ARG A 32 11.75 -2.40 -17.21
CA ARG A 32 12.13 -3.44 -16.21
C ARG A 32 13.03 -2.79 -15.15
N CYS A 33 13.02 -3.31 -13.96
CA CYS A 33 13.91 -2.75 -12.89
C CYS A 33 14.19 -3.85 -11.88
N HIS A 34 15.43 -4.26 -11.78
CA HIS A 34 15.81 -5.35 -10.82
C HIS A 34 16.30 -4.75 -9.51
N SER A 35 16.48 -3.46 -9.44
CA SER A 35 16.98 -2.85 -8.16
C SER A 35 16.23 -1.56 -7.86
N ILE A 36 15.98 -1.31 -6.60
CA ILE A 36 15.27 -0.06 -6.20
C ILE A 36 15.62 0.24 -4.74
N ARG A 37 15.55 1.48 -4.32
CA ARG A 37 15.92 1.78 -2.92
C ARG A 37 15.25 3.06 -2.42
N VAL A 38 14.89 3.06 -1.17
CA VAL A 38 14.28 4.26 -0.53
C VAL A 38 15.29 4.78 0.47
N GLU A 39 15.68 6.02 0.36
CA GLU A 39 16.67 6.57 1.31
C GLU A 39 15.94 7.04 2.55
N SER A 40 14.71 7.48 2.40
CA SER A 40 13.97 7.96 3.60
C SER A 40 12.48 8.11 3.30
N GLY A 41 11.67 7.94 4.30
CA GLY A 41 10.19 8.06 4.12
C GLY A 41 9.64 6.70 3.69
N CYS A 42 8.68 6.69 2.82
CA CYS A 42 8.09 5.41 2.35
C CYS A 42 7.61 5.62 0.91
N PHE A 43 7.37 4.56 0.18
CA PHE A 43 6.88 4.74 -1.22
C PHE A 43 5.91 3.62 -1.58
N MET A 44 4.81 3.95 -2.19
CA MET A 44 3.83 2.92 -2.60
C MET A 44 4.03 2.65 -4.10
N VAL A 45 4.54 1.49 -4.43
CA VAL A 45 4.77 1.18 -5.87
C VAL A 45 3.65 0.31 -6.43
N TYR A 46 3.33 0.48 -7.69
CA TYR A 46 2.22 -0.30 -8.31
C TYR A 46 2.72 -1.12 -9.51
N ASP A 47 2.21 -2.32 -9.63
CA ASP A 47 2.60 -3.20 -10.77
C ASP A 47 1.89 -2.73 -12.05
N ARG A 48 0.99 -1.79 -11.93
CA ARG A 48 0.30 -1.27 -13.15
C ARG A 48 0.34 0.27 -13.09
N THR A 49 0.11 0.91 -14.20
CA THR A 49 0.16 2.40 -14.25
C THR A 49 -1.07 3.03 -13.57
N ASN A 50 -0.97 4.29 -13.24
CA ASN A 50 -2.09 5.04 -12.59
C ASN A 50 -2.41 4.47 -11.20
N PHE A 51 -1.41 3.97 -10.52
CA PHE A 51 -1.64 3.44 -9.14
C PHE A 51 -2.59 2.25 -9.20
N MET A 52 -2.24 1.23 -9.93
CA MET A 52 -3.14 0.04 -10.02
C MET A 52 -2.30 -1.24 -10.10
N GLY A 53 -2.93 -2.39 -10.01
CA GLY A 53 -2.17 -3.67 -10.10
C GLY A 53 -1.62 -4.07 -8.72
N ARG A 54 -0.76 -5.06 -8.67
CA ARG A 54 -0.19 -5.48 -7.36
C ARG A 54 0.50 -4.25 -6.75
N GLN A 55 0.07 -3.86 -5.57
CA GLN A 55 0.68 -2.66 -4.92
C GLN A 55 1.61 -3.12 -3.81
N TYR A 56 2.77 -2.55 -3.71
CA TYR A 56 3.71 -2.94 -2.63
C TYR A 56 4.14 -1.71 -1.83
N PHE A 57 4.13 -1.82 -0.52
CA PHE A 57 4.53 -0.67 0.34
C PHE A 57 6.00 -0.84 0.76
N LEU A 58 6.84 0.10 0.44
CA LEU A 58 8.28 -0.01 0.82
C LEU A 58 8.66 1.11 1.80
N ARG A 59 9.26 0.78 2.92
CA ARG A 59 9.65 1.83 3.90
C ARG A 59 11.13 2.19 3.73
N ARG A 60 11.56 3.27 4.33
CA ARG A 60 12.98 3.69 4.22
C ARG A 60 13.90 2.46 4.27
N GLY A 61 14.54 2.15 3.19
CA GLY A 61 15.45 0.97 3.18
C GLY A 61 16.00 0.78 1.77
N GLU A 62 16.94 -0.11 1.61
CA GLU A 62 17.53 -0.36 0.26
C GLU A 62 17.10 -1.75 -0.21
N TYR A 63 16.59 -1.85 -1.41
CA TYR A 63 16.16 -3.17 -1.94
C TYR A 63 17.07 -3.56 -3.10
N PRO A 64 18.04 -4.40 -2.84
CA PRO A 64 19.01 -4.84 -3.89
C PRO A 64 18.42 -5.85 -4.87
N ASP A 65 17.24 -6.36 -4.60
CA ASP A 65 16.61 -7.35 -5.51
C ASP A 65 15.12 -7.45 -5.17
N TYR A 66 14.24 -7.33 -6.12
CA TYR A 66 12.80 -7.41 -5.78
C TYR A 66 12.00 -8.02 -6.96
N MET A 67 12.59 -8.94 -7.68
CA MET A 67 11.86 -9.56 -8.84
C MET A 67 11.37 -10.95 -8.43
N ARG A 68 12.22 -11.75 -7.84
CA ARG A 68 11.79 -13.11 -7.41
C ARG A 68 11.46 -13.04 -5.93
N THR A 69 11.95 -12.03 -5.27
CA THR A 69 11.67 -11.87 -3.82
C THR A 69 10.28 -11.28 -3.66
N MET A 70 9.78 -10.59 -4.65
CA MET A 70 8.41 -9.99 -4.57
C MET A 70 7.43 -10.88 -5.34
N GLY A 71 7.91 -11.51 -6.38
CA GLY A 71 7.04 -12.40 -7.20
C GLY A 71 6.35 -11.61 -8.31
N MET A 72 7.10 -10.83 -9.05
CA MET A 72 6.49 -10.02 -10.15
C MET A 72 7.18 -10.36 -11.49
N ASN A 73 6.44 -10.38 -12.56
CA ASN A 73 7.04 -10.71 -13.89
C ASN A 73 7.37 -9.41 -14.63
N ASP A 74 8.13 -8.54 -13.99
CA ASP A 74 8.51 -7.23 -14.60
C ASP A 74 8.71 -6.26 -13.45
N CYS A 75 8.81 -5.01 -13.75
CA CYS A 75 8.98 -3.98 -12.69
C CYS A 75 7.63 -3.35 -12.36
N VAL A 76 7.67 -2.20 -11.75
CA VAL A 76 6.42 -1.46 -11.43
C VAL A 76 6.11 -0.52 -12.57
N ARG A 77 4.87 -0.23 -12.83
CA ARG A 77 4.56 0.71 -13.92
C ARG A 77 4.03 2.00 -13.31
N SER A 78 3.80 2.01 -12.01
CA SER A 78 3.31 3.26 -11.37
C SER A 78 3.86 3.36 -9.96
N CYS A 79 3.77 4.53 -9.37
CA CYS A 79 4.29 4.69 -7.99
C CYS A 79 3.77 5.98 -7.37
N ARG A 80 3.61 5.97 -6.06
CA ARG A 80 3.13 7.18 -5.34
C ARG A 80 3.93 7.34 -4.07
N MET A 81 4.24 8.56 -3.68
CA MET A 81 5.02 8.78 -2.43
C MET A 81 4.08 9.05 -1.26
N ILE A 82 4.47 8.71 -0.07
CA ILE A 82 3.59 8.95 1.12
C ILE A 82 4.13 10.14 1.93
N PRO A 83 3.55 11.30 1.79
CA PRO A 83 3.99 12.51 2.54
C PRO A 83 4.13 12.24 4.04
N LEU A 84 4.98 12.97 4.71
CA LEU A 84 5.14 12.76 6.18
C LEU A 84 4.07 13.54 6.94
N HIS A 85 2.84 13.41 6.52
CA HIS A 85 1.73 14.14 7.22
C HIS A 85 1.00 13.17 8.15
N HIS A 86 1.58 12.88 9.28
CA HIS A 86 0.92 11.93 10.23
C HIS A 86 0.16 12.73 11.29
N GLY A 87 -1.03 13.16 10.99
CA GLY A 87 -1.82 13.92 11.99
C GLY A 87 -2.41 12.96 13.02
N SER A 88 -3.58 12.44 12.75
CA SER A 88 -4.21 11.49 13.72
C SER A 88 -4.38 10.11 13.07
N PHE A 89 -4.27 9.06 13.85
CA PHE A 89 -4.43 7.68 13.30
C PHE A 89 -5.72 7.05 13.84
N LYS A 90 -6.63 6.71 12.97
CA LYS A 90 -7.90 6.09 13.43
C LYS A 90 -8.67 5.59 12.20
N MET A 91 -9.04 4.34 12.16
CA MET A 91 -9.79 3.82 10.99
C MET A 91 -11.26 3.65 11.37
N ARG A 92 -12.15 4.21 10.60
CA ARG A 92 -13.61 4.06 10.89
C ARG A 92 -14.20 3.06 9.91
N LEU A 93 -14.66 1.94 10.40
CA LEU A 93 -15.19 0.88 9.49
C LEU A 93 -16.70 0.80 9.48
N TYR A 94 -17.23 0.42 8.36
CA TYR A 94 -18.69 0.25 8.22
C TYR A 94 -18.92 -1.09 7.50
N GLU A 95 -19.70 -1.96 8.08
CA GLU A 95 -19.92 -3.30 7.47
C GLU A 95 -20.60 -3.21 6.09
N HIS A 96 -21.34 -2.17 5.82
CA HIS A 96 -22.01 -2.08 4.47
C HIS A 96 -21.37 -0.98 3.62
N SER A 97 -21.62 -0.99 2.34
CA SER A 97 -21.02 0.05 1.46
C SER A 97 -21.54 1.43 1.88
N ASP A 98 -20.85 2.48 1.49
CA ASP A 98 -21.26 3.86 1.90
C ASP A 98 -20.78 4.11 3.32
N MET A 99 -21.65 3.89 4.26
CA MET A 99 -21.30 4.06 5.70
C MET A 99 -22.37 3.33 6.50
N GLY A 100 -22.88 2.27 5.95
CA GLY A 100 -23.95 1.50 6.63
C GLY A 100 -23.39 0.30 7.38
N GLY A 101 -24.21 -0.69 7.61
CA GLY A 101 -23.73 -1.89 8.33
C GLY A 101 -23.34 -1.51 9.75
N ARG A 102 -22.47 -2.26 10.37
CA ARG A 102 -22.04 -1.93 11.77
C ARG A 102 -20.81 -1.04 11.72
N MET A 103 -20.72 -0.06 12.58
CA MET A 103 -19.55 0.85 12.57
C MET A 103 -18.52 0.40 13.61
N MET A 104 -17.36 -0.02 13.20
CA MET A 104 -16.33 -0.46 14.18
C MET A 104 -15.16 0.52 14.12
N GLU A 105 -14.62 0.88 15.26
CA GLU A 105 -13.47 1.85 15.28
C GLU A 105 -12.18 1.08 15.51
N LEU A 106 -11.15 1.43 14.81
CA LEU A 106 -9.85 0.72 14.99
C LEU A 106 -8.72 1.75 15.01
N MET A 107 -7.95 1.77 16.06
CA MET A 107 -6.84 2.77 16.15
C MET A 107 -5.50 2.04 16.37
N ASP A 108 -5.50 0.74 16.38
CA ASP A 108 -4.23 -0.02 16.59
C ASP A 108 -3.97 -0.95 15.41
N ASP A 109 -3.11 -1.91 15.59
CA ASP A 109 -2.81 -2.89 14.50
C ASP A 109 -3.75 -4.08 14.64
N CYS A 110 -4.27 -4.59 13.55
CA CYS A 110 -5.22 -5.73 13.64
C CYS A 110 -4.68 -6.94 12.87
N PRO A 111 -4.07 -7.88 13.55
CA PRO A 111 -3.51 -9.08 12.90
C PRO A 111 -4.57 -10.17 12.67
N ASN A 112 -5.64 -10.16 13.43
CA ASN A 112 -6.70 -11.20 13.28
C ASN A 112 -8.06 -10.54 13.48
N LEU A 113 -8.62 -9.96 12.45
CA LEU A 113 -9.94 -9.29 12.59
C LEU A 113 -11.04 -10.33 12.79
N MET A 114 -10.83 -11.51 12.29
CA MET A 114 -11.87 -12.56 12.46
C MET A 114 -12.11 -12.77 13.95
N ASP A 115 -11.07 -12.77 14.73
CA ASP A 115 -11.23 -12.97 16.19
C ASP A 115 -11.58 -11.65 16.89
N ARG A 116 -11.26 -10.53 16.30
CA ARG A 116 -11.56 -9.25 17.00
C ARG A 116 -13.03 -8.89 16.85
N PHE A 117 -13.46 -8.65 15.65
CA PHE A 117 -14.88 -8.26 15.42
C PHE A 117 -15.71 -9.47 14.95
N ASN A 118 -15.12 -10.62 14.85
CA ASN A 118 -15.91 -11.82 14.41
C ASN A 118 -16.51 -11.57 13.03
N MET A 119 -15.83 -10.80 12.25
CA MET A 119 -16.28 -10.47 10.87
C MET A 119 -15.05 -10.14 10.05
N SER A 120 -15.00 -10.60 8.83
CA SER A 120 -13.83 -10.34 7.97
C SER A 120 -14.27 -9.68 6.68
N ASP A 121 -15.53 -9.32 6.56
CA ASP A 121 -15.98 -8.69 5.27
C ASP A 121 -16.74 -7.37 5.48
N PHE A 122 -16.04 -6.27 5.44
CA PHE A 122 -16.69 -4.93 5.59
C PHE A 122 -16.74 -4.26 4.21
N HIS A 123 -17.87 -3.71 3.84
CA HIS A 123 -17.98 -3.07 2.50
C HIS A 123 -17.66 -1.57 2.57
N SER A 124 -17.29 -1.02 3.72
CA SER A 124 -16.99 0.44 3.75
C SER A 124 -15.90 0.74 4.77
N CYS A 125 -15.15 1.79 4.56
CA CYS A 125 -14.07 2.15 5.52
C CYS A 125 -13.75 3.64 5.40
N HIS A 126 -13.15 4.21 6.40
CA HIS A 126 -12.81 5.66 6.34
C HIS A 126 -11.53 5.90 7.15
N VAL A 127 -10.66 6.76 6.69
CA VAL A 127 -9.39 7.02 7.43
C VAL A 127 -9.41 8.45 7.97
N MET A 128 -9.22 8.60 9.26
CA MET A 128 -9.21 9.95 9.88
C MET A 128 -7.92 10.67 9.52
N ASP A 129 -6.88 9.91 9.31
CA ASP A 129 -5.57 10.52 8.96
C ASP A 129 -4.44 9.49 9.07
N GLY A 130 -3.29 9.81 8.52
CA GLY A 130 -2.13 8.87 8.59
C GLY A 130 -2.10 7.95 7.37
N HIS A 131 -1.73 6.72 7.57
CA HIS A 131 -1.68 5.75 6.44
C HIS A 131 -1.96 4.34 6.95
N TRP A 132 -2.87 3.64 6.33
CA TRP A 132 -3.21 2.26 6.80
C TRP A 132 -3.05 1.22 5.68
N LEU A 133 -2.46 0.10 5.99
CA LEU A 133 -2.31 -1.00 4.98
C LEU A 133 -3.32 -2.10 5.32
N VAL A 134 -4.05 -2.59 4.35
CA VAL A 134 -5.04 -3.67 4.64
C VAL A 134 -4.59 -4.98 4.01
N TYR A 135 -4.83 -6.07 4.68
CA TYR A 135 -4.40 -7.40 4.13
C TYR A 135 -5.60 -8.33 3.93
N GLU A 136 -5.79 -8.83 2.73
CA GLU A 136 -6.93 -9.76 2.46
C GLU A 136 -6.82 -10.99 3.36
N GLN A 137 -5.63 -11.33 3.78
CA GLN A 137 -5.46 -12.51 4.67
C GLN A 137 -4.81 -12.04 5.99
N PRO A 138 -5.02 -12.76 7.05
CA PRO A 138 -4.49 -12.40 8.42
C PRO A 138 -2.95 -12.37 8.49
N ASN A 139 -2.43 -12.22 9.69
CA ASN A 139 -0.94 -12.19 9.87
C ASN A 139 -0.32 -11.23 8.85
N TYR A 140 -1.05 -10.21 8.47
CA TYR A 140 -0.51 -9.23 7.49
C TYR A 140 -0.10 -9.96 6.22
N THR A 141 -0.98 -10.73 5.65
CA THR A 141 -0.64 -11.46 4.40
C THR A 141 -1.82 -11.38 3.42
N GLY A 142 -1.59 -11.68 2.17
CA GLY A 142 -2.69 -11.61 1.16
C GLY A 142 -2.64 -10.29 0.38
N ARG A 143 -3.54 -10.12 -0.57
CA ARG A 143 -3.55 -8.87 -1.37
C ARG A 143 -3.60 -7.68 -0.43
N GLN A 144 -2.54 -6.93 -0.37
CA GLN A 144 -2.53 -5.76 0.55
C GLN A 144 -3.12 -4.53 -0.15
N PHE A 145 -3.84 -3.74 0.59
CA PHE A 145 -4.43 -2.50 -0.01
C PHE A 145 -4.02 -1.28 0.82
N TYR A 146 -3.51 -0.27 0.17
CA TYR A 146 -3.06 0.95 0.90
C TYR A 146 -4.21 1.94 1.02
N LEU A 147 -4.82 2.04 2.17
CA LEU A 147 -5.95 2.99 2.36
C LEU A 147 -5.43 4.27 3.00
N ARG A 148 -5.60 5.38 2.31
CA ARG A 148 -5.13 6.69 2.83
C ARG A 148 -6.35 7.49 3.28
N PRO A 149 -6.16 8.67 3.81
CA PRO A 149 -7.30 9.51 4.27
C PRO A 149 -8.41 9.58 3.24
N GLY A 150 -9.58 9.98 3.65
CA GLY A 150 -10.72 10.05 2.71
C GLY A 150 -11.77 9.02 3.14
N GLU A 151 -12.86 8.93 2.42
CA GLU A 151 -13.92 7.95 2.80
C GLU A 151 -14.00 6.84 1.76
N TYR A 152 -14.13 5.62 2.22
CA TYR A 152 -14.26 4.45 1.29
C TYR A 152 -15.68 3.91 1.45
N ARG A 153 -16.30 3.46 0.39
CA ARG A 153 -17.71 2.97 0.51
C ARG A 153 -17.94 1.64 -0.23
N SER A 154 -16.99 1.13 -0.94
CA SER A 154 -17.24 -0.15 -1.66
C SER A 154 -15.94 -0.78 -2.13
N TYR A 155 -15.97 -2.02 -2.52
CA TYR A 155 -14.73 -2.69 -3.01
C TYR A 155 -14.11 -1.82 -4.09
N ASN A 156 -14.89 -0.97 -4.70
CA ASN A 156 -14.35 -0.10 -5.78
C ASN A 156 -13.65 1.11 -5.17
N ASP A 157 -13.58 1.18 -3.87
CA ASP A 157 -12.89 2.35 -3.23
C ASP A 157 -11.43 2.00 -2.97
N TRP A 158 -11.16 1.01 -2.16
CA TRP A 158 -9.74 0.64 -1.92
C TRP A 158 -9.25 -0.14 -3.14
N GLY A 159 -9.98 -0.05 -4.23
CA GLY A 159 -9.58 -0.75 -5.46
C GLY A 159 -9.68 -2.27 -5.23
N GLY A 160 -10.69 -2.70 -4.51
CA GLY A 160 -10.83 -4.15 -4.25
C GLY A 160 -11.97 -4.70 -5.09
N VAL A 161 -12.46 -5.85 -4.73
CA VAL A 161 -13.59 -6.47 -5.45
C VAL A 161 -14.41 -7.23 -4.43
N THR A 162 -13.73 -7.91 -3.55
CA THR A 162 -14.40 -8.66 -2.46
C THR A 162 -14.22 -7.85 -1.18
N SER A 163 -14.28 -8.50 -0.07
CA SER A 163 -14.12 -7.76 1.23
C SER A 163 -13.41 -8.66 2.24
N ARG A 164 -12.86 -9.76 1.80
CA ARG A 164 -12.19 -10.70 2.74
C ARG A 164 -10.95 -10.08 3.42
N MET A 165 -11.14 -9.24 4.38
CA MET A 165 -9.98 -8.61 5.10
C MET A 165 -9.78 -9.28 6.46
N GLY A 166 -8.62 -9.83 6.66
CA GLY A 166 -8.32 -10.52 7.95
C GLY A 166 -7.22 -9.79 8.71
N SER A 167 -6.35 -9.07 8.05
CA SER A 167 -5.28 -8.37 8.80
C SER A 167 -5.10 -6.94 8.31
N ILE A 168 -4.63 -6.11 9.18
CA ILE A 168 -4.39 -4.68 8.80
C ILE A 168 -3.21 -4.14 9.61
N ARG A 169 -2.39 -3.29 9.01
CA ARG A 169 -1.21 -2.74 9.75
C ARG A 169 -1.27 -1.22 9.74
N ARG A 170 -0.93 -0.61 10.85
CA ARG A 170 -0.96 0.88 10.92
C ARG A 170 0.45 1.42 10.71
N ILE A 171 0.79 1.74 9.49
CA ILE A 171 2.14 2.30 9.22
C ILE A 171 2.49 3.26 10.36
N THR A 172 3.29 2.81 11.30
CA THR A 172 3.69 3.70 12.43
C THR A 172 5.16 4.04 12.22
N ASP A 173 5.45 4.77 11.17
CA ASP A 173 6.85 5.14 10.87
C ASP A 173 7.03 6.65 10.96
N LEU A 174 7.02 7.17 12.15
CA LEU A 174 7.19 8.64 12.33
C LEU A 174 6.18 9.37 11.45
N MET A 1 12.96 14.90 2.67
CA MET A 1 12.08 14.16 3.64
C MET A 1 12.00 12.70 3.21
N GLY A 2 11.86 12.46 1.93
CA GLY A 2 11.77 11.06 1.45
C GLY A 2 12.27 11.00 0.00
N LYS A 3 12.86 9.90 -0.39
CA LYS A 3 13.34 9.78 -1.80
C LYS A 3 13.56 8.31 -2.18
N ILE A 4 13.31 7.97 -3.41
CA ILE A 4 13.50 6.56 -3.86
C ILE A 4 14.23 6.55 -5.20
N ILE A 5 15.22 5.70 -5.32
CA ILE A 5 15.99 5.62 -6.60
C ILE A 5 15.83 4.22 -7.20
N PHE A 6 15.46 4.14 -8.46
CA PHE A 6 15.30 2.81 -9.12
C PHE A 6 16.64 2.41 -9.74
N TYR A 7 16.80 1.17 -10.12
CA TYR A 7 18.09 0.75 -10.71
C TYR A 7 17.84 -0.44 -11.66
N GLU A 8 18.39 -0.39 -12.85
CA GLU A 8 18.17 -1.50 -13.82
C GLU A 8 18.97 -2.75 -13.42
N ASP A 9 20.22 -2.60 -13.02
CA ASP A 9 21.02 -3.82 -12.67
C ASP A 9 20.50 -4.46 -11.38
N ARG A 10 20.76 -5.73 -11.20
CA ARG A 10 20.28 -6.43 -9.98
C ARG A 10 20.93 -5.81 -8.75
N ASN A 11 22.20 -5.56 -8.79
CA ASN A 11 22.89 -4.95 -7.61
C ASN A 11 22.52 -3.46 -7.53
N PHE A 12 23.34 -2.61 -8.06
CA PHE A 12 23.03 -1.15 -8.01
C PHE A 12 23.75 -0.45 -9.16
N GLY A 13 23.52 -0.88 -10.37
CA GLY A 13 24.18 -0.25 -11.54
C GLY A 13 23.20 -0.17 -12.72
N GLY A 14 23.71 -0.21 -13.91
CA GLY A 14 22.81 -0.14 -15.11
C GLY A 14 22.11 1.21 -15.16
N ARG A 15 20.96 1.26 -15.77
CA ARG A 15 20.21 2.55 -15.85
C ARG A 15 19.60 2.87 -14.49
N TYR A 16 19.97 3.98 -13.91
CA TYR A 16 19.42 4.37 -12.58
C TYR A 16 18.42 5.50 -12.73
N HIS A 17 17.53 5.65 -11.80
CA HIS A 17 16.52 6.74 -11.89
C HIS A 17 16.19 7.26 -10.49
N GLU A 18 16.27 8.56 -10.29
CA GLU A 18 15.95 9.12 -8.95
C GLU A 18 14.52 9.68 -8.99
N CYS A 19 13.65 9.19 -8.13
CA CYS A 19 12.24 9.69 -8.12
C CYS A 19 11.90 10.23 -6.75
N MET A 20 11.24 11.36 -6.71
CA MET A 20 10.87 11.96 -5.40
C MET A 20 9.47 12.57 -5.52
N SER A 21 8.75 12.22 -6.56
CA SER A 21 7.38 12.79 -6.74
C SER A 21 6.45 11.76 -7.39
N ASP A 22 5.16 11.93 -7.21
CA ASP A 22 4.18 10.97 -7.79
C ASP A 22 4.46 10.74 -9.27
N CYS A 23 4.26 9.53 -9.73
CA CYS A 23 4.51 9.22 -11.17
C CYS A 23 3.53 8.12 -11.61
N ALA A 24 2.63 8.43 -12.51
CA ALA A 24 1.66 7.40 -12.99
C ALA A 24 2.21 6.75 -14.26
N ASP A 25 3.43 7.05 -14.58
CA ASP A 25 4.06 6.49 -15.80
C ASP A 25 5.50 6.09 -15.51
N LEU A 26 5.74 4.83 -15.25
CA LEU A 26 7.14 4.37 -14.97
C LEU A 26 7.65 3.59 -16.19
N HIS A 27 6.76 3.03 -16.96
CA HIS A 27 7.19 2.26 -18.16
C HIS A 27 7.95 3.20 -19.09
N SER A 28 7.47 4.40 -19.25
CA SER A 28 8.16 5.34 -20.13
C SER A 28 9.63 5.33 -19.70
N TYR A 29 9.88 5.66 -18.47
CA TYR A 29 11.28 5.70 -17.93
C TYR A 29 11.98 4.35 -18.13
N PHE A 30 11.35 3.27 -17.75
CA PHE A 30 12.01 1.92 -17.93
C PHE A 30 10.96 0.82 -18.02
N ASN A 31 11.24 -0.23 -18.75
CA ASN A 31 10.24 -1.33 -18.89
C ASN A 31 10.53 -2.44 -17.88
N ARG A 32 11.59 -2.33 -17.13
CA ARG A 32 11.92 -3.37 -16.13
C ARG A 32 12.88 -2.76 -15.09
N CYS A 33 12.95 -3.32 -13.92
CA CYS A 33 13.90 -2.78 -12.91
C CYS A 33 14.18 -3.88 -11.87
N HIS A 34 15.40 -4.35 -11.85
CA HIS A 34 15.77 -5.44 -10.89
C HIS A 34 16.32 -4.86 -9.59
N SER A 35 16.40 -3.56 -9.45
CA SER A 35 16.95 -2.99 -8.18
C SER A 35 16.24 -1.68 -7.81
N ILE A 36 15.98 -1.47 -6.55
CA ILE A 36 15.32 -0.21 -6.11
C ILE A 36 15.77 0.12 -4.69
N ARG A 37 15.87 1.39 -4.36
CA ARG A 37 16.34 1.75 -2.99
C ARG A 37 15.62 2.98 -2.44
N VAL A 38 15.18 2.91 -1.21
CA VAL A 38 14.51 4.07 -0.56
C VAL A 38 15.51 4.66 0.41
N GLU A 39 15.89 5.89 0.23
CA GLU A 39 16.88 6.49 1.15
C GLU A 39 16.16 6.93 2.41
N SER A 40 14.94 7.35 2.30
CA SER A 40 14.22 7.81 3.53
C SER A 40 12.73 7.99 3.26
N GLY A 41 11.95 7.91 4.31
CA GLY A 41 10.48 8.08 4.18
C GLY A 41 9.81 6.74 3.85
N CYS A 42 9.09 6.73 2.76
CA CYS A 42 8.39 5.49 2.30
C CYS A 42 7.91 5.76 0.88
N PHE A 43 7.48 4.75 0.18
CA PHE A 43 6.99 4.99 -1.20
C PHE A 43 5.94 3.94 -1.56
N MET A 44 4.90 4.33 -2.24
CA MET A 44 3.87 3.34 -2.65
C MET A 44 4.14 2.97 -4.11
N VAL A 45 4.47 1.73 -4.35
CA VAL A 45 4.77 1.32 -5.76
C VAL A 45 3.65 0.43 -6.28
N TYR A 46 3.31 0.59 -7.53
CA TYR A 46 2.19 -0.19 -8.14
C TYR A 46 2.67 -1.05 -9.31
N ASP A 47 2.20 -2.26 -9.38
CA ASP A 47 2.59 -3.20 -10.48
C ASP A 47 1.92 -2.76 -11.79
N ARG A 48 1.08 -1.76 -11.72
CA ARG A 48 0.40 -1.25 -12.96
C ARG A 48 0.55 0.27 -12.96
N THR A 49 0.28 0.90 -14.06
CA THR A 49 0.41 2.40 -14.14
C THR A 49 -0.82 3.07 -13.51
N ASN A 50 -0.71 4.35 -13.23
CA ASN A 50 -1.85 5.12 -12.63
C ASN A 50 -2.18 4.59 -11.23
N PHE A 51 -1.21 4.13 -10.53
CA PHE A 51 -1.45 3.63 -9.14
C PHE A 51 -2.44 2.46 -9.19
N MET A 52 -2.10 1.40 -9.83
CA MET A 52 -3.03 0.23 -9.88
C MET A 52 -2.25 -1.08 -9.97
N GLY A 53 -2.90 -2.20 -9.74
CA GLY A 53 -2.20 -3.51 -9.81
C GLY A 53 -1.65 -3.91 -8.44
N ARG A 54 -0.78 -4.89 -8.39
CA ARG A 54 -0.22 -5.31 -7.08
C ARG A 54 0.45 -4.10 -6.45
N GLN A 55 -0.11 -3.63 -5.37
CA GLN A 55 0.47 -2.44 -4.67
C GLN A 55 1.42 -2.91 -3.57
N TYR A 56 2.58 -2.31 -3.46
CA TYR A 56 3.55 -2.72 -2.41
C TYR A 56 4.05 -1.47 -1.67
N PHE A 57 4.15 -1.55 -0.37
CA PHE A 57 4.61 -0.36 0.43
C PHE A 57 6.11 -0.52 0.78
N LEU A 58 6.97 0.35 0.29
CA LEU A 58 8.45 0.21 0.59
C LEU A 58 8.92 1.27 1.58
N ARG A 59 9.30 0.86 2.77
CA ARG A 59 9.78 1.83 3.80
C ARG A 59 11.28 2.12 3.64
N ARG A 60 11.73 3.22 4.20
CA ARG A 60 13.19 3.58 4.10
C ARG A 60 14.05 2.31 4.17
N GLY A 61 14.73 2.00 3.10
CA GLY A 61 15.59 0.78 3.12
C GLY A 61 16.18 0.54 1.73
N GLU A 62 17.16 -0.31 1.64
CA GLU A 62 17.79 -0.62 0.32
C GLU A 62 17.29 -1.98 -0.15
N TYR A 63 16.79 -2.05 -1.36
CA TYR A 63 16.27 -3.35 -1.88
C TYR A 63 17.08 -3.77 -3.10
N PRO A 64 18.14 -4.51 -2.89
CA PRO A 64 19.02 -4.99 -4.00
C PRO A 64 18.24 -5.78 -5.05
N ASP A 65 17.01 -6.12 -4.77
CA ASP A 65 16.21 -6.89 -5.77
C ASP A 65 14.75 -6.94 -5.28
N TYR A 66 13.80 -6.93 -6.18
CA TYR A 66 12.36 -6.97 -5.76
C TYR A 66 11.53 -7.67 -6.83
N MET A 67 12.11 -8.62 -7.54
CA MET A 67 11.35 -9.34 -8.60
C MET A 67 10.93 -10.71 -8.06
N ARG A 68 11.85 -11.42 -7.43
CA ARG A 68 11.49 -12.77 -6.88
C ARG A 68 11.14 -12.63 -5.40
N THR A 69 11.57 -11.57 -4.77
CA THR A 69 11.23 -11.38 -3.33
C THR A 69 9.86 -10.76 -3.23
N MET A 70 9.33 -10.27 -4.32
CA MET A 70 7.97 -9.67 -4.31
C MET A 70 7.01 -10.58 -5.07
N GLY A 71 7.52 -11.33 -6.01
CA GLY A 71 6.64 -12.26 -6.80
C GLY A 71 5.94 -11.50 -7.93
N MET A 72 6.69 -10.85 -8.79
CA MET A 72 6.06 -10.10 -9.93
C MET A 72 6.76 -10.48 -11.23
N ASN A 73 6.19 -10.13 -12.36
CA ASN A 73 6.82 -10.47 -13.68
C ASN A 73 7.18 -9.18 -14.41
N ASP A 74 7.90 -8.30 -13.76
CA ASP A 74 8.31 -7.02 -14.39
C ASP A 74 8.57 -6.02 -13.25
N CYS A 75 8.70 -4.78 -13.58
CA CYS A 75 8.96 -3.75 -12.53
C CYS A 75 7.66 -3.04 -12.16
N VAL A 76 7.80 -1.96 -11.45
CA VAL A 76 6.62 -1.14 -11.05
C VAL A 76 6.17 -0.33 -12.25
N ARG A 77 4.89 -0.17 -12.47
CA ARG A 77 4.45 0.63 -13.63
C ARG A 77 4.01 2.00 -13.11
N SER A 78 3.71 2.10 -11.84
CA SER A 78 3.32 3.44 -11.28
C SER A 78 3.73 3.52 -9.81
N CYS A 79 3.83 4.71 -9.29
CA CYS A 79 4.24 4.85 -7.87
C CYS A 79 3.76 6.19 -7.29
N ARG A 80 3.68 6.26 -5.98
CA ARG A 80 3.25 7.52 -5.31
C ARG A 80 3.99 7.65 -3.97
N MET A 81 4.36 8.85 -3.61
CA MET A 81 5.07 9.06 -2.32
C MET A 81 4.03 9.22 -1.20
N ILE A 82 4.42 9.01 0.03
CA ILE A 82 3.46 9.14 1.16
C ILE A 82 3.92 10.27 2.10
N PRO A 83 3.39 11.46 1.93
CA PRO A 83 3.75 12.63 2.78
C PRO A 83 3.73 12.30 4.28
N LEU A 84 4.56 12.93 5.05
CA LEU A 84 4.60 12.65 6.52
C LEU A 84 3.62 13.58 7.24
N HIS A 85 2.45 13.74 6.69
CA HIS A 85 1.44 14.61 7.33
C HIS A 85 0.30 13.74 7.86
N HIS A 86 0.23 13.54 9.14
CA HIS A 86 -0.84 12.69 9.70
C HIS A 86 -1.45 13.34 10.94
N GLY A 87 -2.67 13.80 10.84
CA GLY A 87 -3.32 14.42 12.02
C GLY A 87 -3.41 13.35 13.11
N SER A 88 -4.18 12.32 12.85
CA SER A 88 -4.33 11.23 13.87
C SER A 88 -4.46 9.88 13.15
N PHE A 89 -4.27 8.80 13.86
CA PHE A 89 -4.39 7.45 13.23
C PHE A 89 -5.67 6.77 13.71
N LYS A 90 -6.60 6.56 12.83
CA LYS A 90 -7.87 5.90 13.22
C LYS A 90 -8.64 5.51 11.97
N MET A 91 -9.12 4.29 11.91
CA MET A 91 -9.89 3.86 10.71
C MET A 91 -11.33 3.53 11.12
N ARG A 92 -12.29 4.04 10.39
CA ARG A 92 -13.72 3.76 10.74
C ARG A 92 -14.28 2.77 9.72
N LEU A 93 -14.72 1.62 10.18
CA LEU A 93 -15.22 0.58 9.25
C LEU A 93 -16.74 0.50 9.26
N TYR A 94 -17.29 0.09 8.15
CA TYR A 94 -18.76 -0.08 8.04
C TYR A 94 -19.05 -1.39 7.31
N GLU A 95 -19.90 -2.21 7.87
CA GLU A 95 -20.19 -3.54 7.26
C GLU A 95 -20.83 -3.41 5.87
N HIS A 96 -21.44 -2.30 5.53
CA HIS A 96 -22.09 -2.22 4.17
C HIS A 96 -21.49 -1.09 3.34
N SER A 97 -21.69 -1.10 2.05
CA SER A 97 -21.13 -0.03 1.19
C SER A 97 -21.60 1.34 1.70
N ASP A 98 -20.89 2.40 1.38
CA ASP A 98 -21.30 3.76 1.87
C ASP A 98 -20.78 3.99 3.29
N MET A 99 -21.57 3.68 4.27
CA MET A 99 -21.17 3.87 5.70
C MET A 99 -22.35 3.38 6.56
N GLY A 100 -22.88 2.24 6.22
CA GLY A 100 -24.04 1.68 6.98
C GLY A 100 -23.76 0.22 7.37
N GLY A 101 -24.52 -0.28 8.30
CA GLY A 101 -24.32 -1.68 8.76
C GLY A 101 -23.73 -1.67 10.17
N ARG A 102 -22.68 -2.41 10.39
CA ARG A 102 -22.04 -2.42 11.74
C ARG A 102 -20.76 -1.59 11.66
N MET A 103 -20.69 -0.54 12.44
CA MET A 103 -19.50 0.33 12.39
C MET A 103 -18.44 -0.14 13.39
N MET A 104 -17.28 -0.50 12.93
CA MET A 104 -16.21 -0.94 13.85
C MET A 104 -15.08 0.07 13.77
N GLU A 105 -14.53 0.47 14.89
CA GLU A 105 -13.44 1.47 14.86
C GLU A 105 -12.10 0.77 15.06
N LEU A 106 -11.13 1.11 14.25
CA LEU A 106 -9.79 0.47 14.38
C LEU A 106 -8.75 1.56 14.58
N MET A 107 -8.07 1.56 15.70
CA MET A 107 -7.04 2.61 15.97
C MET A 107 -5.70 1.93 16.30
N ASP A 108 -5.58 0.66 16.01
CA ASP A 108 -4.30 -0.05 16.31
C ASP A 108 -4.01 -1.07 15.21
N ASP A 109 -3.10 -1.98 15.48
CA ASP A 109 -2.75 -3.02 14.47
C ASP A 109 -3.78 -4.15 14.57
N CYS A 110 -4.37 -4.53 13.48
CA CYS A 110 -5.40 -5.62 13.52
C CYS A 110 -5.01 -6.77 12.58
N PRO A 111 -4.09 -7.60 12.99
CA PRO A 111 -3.63 -8.76 12.17
C PRO A 111 -4.62 -9.94 12.26
N ASN A 112 -5.27 -10.09 13.39
CA ASN A 112 -6.25 -11.21 13.56
C ASN A 112 -7.62 -10.59 13.80
N LEU A 113 -8.24 -10.10 12.77
CA LEU A 113 -9.58 -9.48 12.95
C LEU A 113 -10.60 -10.55 13.30
N MET A 114 -10.31 -11.78 13.00
CA MET A 114 -11.26 -12.89 13.34
C MET A 114 -11.49 -12.90 14.85
N ASP A 115 -10.46 -12.69 15.61
CA ASP A 115 -10.62 -12.71 17.10
C ASP A 115 -11.02 -11.33 17.62
N ARG A 116 -10.77 -10.29 16.88
CA ARG A 116 -11.15 -8.94 17.39
C ARG A 116 -12.65 -8.72 17.28
N PHE A 117 -13.17 -8.81 16.09
CA PHE A 117 -14.64 -8.58 15.89
C PHE A 117 -15.32 -9.84 15.38
N ASN A 118 -14.59 -10.91 15.18
CA ASN A 118 -15.23 -12.14 14.66
C ASN A 118 -15.97 -11.75 13.38
N MET A 119 -15.38 -10.83 12.68
CA MET A 119 -15.95 -10.31 11.41
C MET A 119 -14.78 -9.95 10.52
N SER A 120 -14.82 -10.33 9.28
CA SER A 120 -13.69 -10.02 8.37
C SER A 120 -14.19 -9.47 7.03
N ASP A 121 -15.46 -9.15 6.91
CA ASP A 121 -15.96 -8.65 5.60
C ASP A 121 -16.74 -7.33 5.70
N PHE A 122 -16.08 -6.22 5.51
CA PHE A 122 -16.78 -4.89 5.57
C PHE A 122 -16.79 -4.28 4.15
N HIS A 123 -17.90 -3.73 3.74
CA HIS A 123 -17.97 -3.15 2.38
C HIS A 123 -17.72 -1.63 2.43
N SER A 124 -17.40 -1.07 3.58
CA SER A 124 -17.15 0.41 3.62
C SER A 124 -16.08 0.73 4.66
N CYS A 125 -15.36 1.80 4.48
CA CYS A 125 -14.30 2.17 5.47
C CYS A 125 -13.92 3.64 5.32
N HIS A 126 -13.33 4.22 6.32
CA HIS A 126 -12.93 5.66 6.22
C HIS A 126 -11.64 5.89 7.01
N VAL A 127 -10.77 6.74 6.52
CA VAL A 127 -9.49 6.99 7.25
C VAL A 127 -9.46 8.43 7.77
N MET A 128 -9.29 8.59 9.06
CA MET A 128 -9.27 9.95 9.65
C MET A 128 -7.92 10.63 9.37
N ASP A 129 -6.91 9.84 9.12
CA ASP A 129 -5.57 10.46 8.85
C ASP A 129 -4.48 9.37 8.80
N GLY A 130 -3.24 9.78 8.74
CA GLY A 130 -2.11 8.81 8.69
C GLY A 130 -2.18 7.95 7.43
N HIS A 131 -1.99 6.66 7.59
CA HIS A 131 -2.03 5.74 6.42
C HIS A 131 -2.27 4.33 6.91
N TRP A 132 -3.11 3.58 6.24
CA TRP A 132 -3.40 2.19 6.70
C TRP A 132 -3.23 1.17 5.56
N LEU A 133 -2.63 0.05 5.88
CA LEU A 133 -2.47 -1.03 4.86
C LEU A 133 -3.49 -2.13 5.19
N VAL A 134 -4.26 -2.57 4.24
CA VAL A 134 -5.26 -3.64 4.53
C VAL A 134 -4.81 -4.95 3.87
N TYR A 135 -5.01 -6.05 4.54
CA TYR A 135 -4.57 -7.36 3.97
C TYR A 135 -5.76 -8.31 3.81
N GLU A 136 -5.96 -8.83 2.60
CA GLU A 136 -7.08 -9.76 2.35
C GLU A 136 -6.92 -11.01 3.22
N GLN A 137 -5.73 -11.29 3.68
CA GLN A 137 -5.51 -12.51 4.52
C GLN A 137 -4.73 -12.12 5.79
N PRO A 138 -5.11 -12.66 6.93
CA PRO A 138 -4.46 -12.38 8.25
C PRO A 138 -2.92 -12.34 8.20
N ASN A 139 -2.33 -12.14 9.35
CA ASN A 139 -0.83 -12.09 9.46
C ASN A 139 -0.23 -11.17 8.41
N TYR A 140 -0.93 -10.13 8.06
CA TYR A 140 -0.40 -9.16 7.03
C TYR A 140 -0.08 -9.90 5.73
N THR A 141 -0.99 -10.69 5.23
CA THR A 141 -0.73 -11.43 3.96
C THR A 141 -1.96 -11.37 3.06
N GLY A 142 -1.82 -11.67 1.79
CA GLY A 142 -3.00 -11.61 0.88
C GLY A 142 -2.99 -10.27 0.14
N ARG A 143 -3.90 -10.09 -0.78
CA ARG A 143 -3.93 -8.81 -1.55
C ARG A 143 -3.88 -7.65 -0.58
N GLN A 144 -2.79 -6.93 -0.55
CA GLN A 144 -2.68 -5.79 0.38
C GLN A 144 -3.28 -4.56 -0.29
N PHE A 145 -3.94 -3.73 0.47
CA PHE A 145 -4.56 -2.50 -0.11
C PHE A 145 -4.12 -1.29 0.71
N TYR A 146 -3.67 -0.25 0.05
CA TYR A 146 -3.21 0.97 0.78
C TYR A 146 -4.37 1.96 0.87
N LEU A 147 -4.97 2.08 2.04
CA LEU A 147 -6.09 3.05 2.21
C LEU A 147 -5.56 4.32 2.86
N ARG A 148 -5.73 5.43 2.20
CA ARG A 148 -5.24 6.73 2.75
C ARG A 148 -6.47 7.52 3.24
N PRO A 149 -6.27 8.68 3.80
CA PRO A 149 -7.39 9.51 4.31
C PRO A 149 -8.52 9.60 3.29
N GLY A 150 -9.66 10.07 3.71
CA GLY A 150 -10.81 10.19 2.78
C GLY A 150 -11.90 9.18 3.18
N GLU A 151 -12.87 8.98 2.33
CA GLU A 151 -13.97 8.02 2.66
C GLU A 151 -14.05 6.89 1.64
N TYR A 152 -14.14 5.68 2.11
CA TYR A 152 -14.27 4.50 1.19
C TYR A 152 -15.68 3.95 1.37
N ARG A 153 -16.30 3.45 0.33
CA ARG A 153 -17.71 2.96 0.48
C ARG A 153 -17.92 1.61 -0.21
N SER A 154 -16.93 1.03 -0.83
CA SER A 154 -17.17 -0.27 -1.52
C SER A 154 -15.84 -0.89 -1.94
N TYR A 155 -15.86 -2.13 -2.33
CA TYR A 155 -14.60 -2.80 -2.78
C TYR A 155 -14.04 -2.02 -3.97
N ASN A 156 -14.85 -1.19 -4.55
CA ASN A 156 -14.38 -0.39 -5.72
C ASN A 156 -13.68 0.87 -5.21
N ASP A 157 -13.63 1.06 -3.92
CA ASP A 157 -12.95 2.27 -3.36
C ASP A 157 -11.49 1.96 -3.12
N TRP A 158 -11.18 1.01 -2.26
CA TRP A 158 -9.74 0.68 -2.04
C TRP A 158 -9.27 -0.09 -3.27
N GLY A 159 -10.04 -0.06 -4.32
CA GLY A 159 -9.64 -0.78 -5.56
C GLY A 159 -9.68 -2.28 -5.30
N GLY A 160 -10.62 -2.72 -4.51
CA GLY A 160 -10.71 -4.18 -4.21
C GLY A 160 -11.74 -4.82 -5.12
N VAL A 161 -12.13 -6.01 -4.78
CA VAL A 161 -13.16 -6.73 -5.59
C VAL A 161 -13.93 -7.68 -4.65
N THR A 162 -13.61 -7.63 -3.38
CA THR A 162 -14.28 -8.51 -2.38
C THR A 162 -14.29 -7.78 -1.05
N SER A 163 -14.40 -8.51 0.02
CA SER A 163 -14.41 -7.86 1.38
C SER A 163 -13.62 -8.73 2.37
N ARG A 164 -13.08 -9.82 1.92
CA ARG A 164 -12.34 -10.73 2.85
C ARG A 164 -11.09 -10.06 3.44
N MET A 165 -11.26 -9.19 4.41
CA MET A 165 -10.08 -8.51 5.05
C MET A 165 -9.87 -9.09 6.45
N GLY A 166 -8.76 -9.74 6.66
CA GLY A 166 -8.48 -10.35 7.99
C GLY A 166 -7.30 -9.67 8.67
N SER A 167 -6.40 -9.06 7.92
CA SER A 167 -5.23 -8.42 8.59
C SER A 167 -5.10 -6.94 8.20
N ILE A 168 -4.68 -6.12 9.12
CA ILE A 168 -4.53 -4.67 8.80
C ILE A 168 -3.37 -4.07 9.59
N ARG A 169 -2.58 -3.21 8.98
CA ARG A 169 -1.42 -2.60 9.71
C ARG A 169 -1.46 -1.07 9.59
N ARG A 170 -1.17 -0.37 10.66
CA ARG A 170 -1.17 1.12 10.63
C ARG A 170 0.25 1.65 10.41
N ILE A 171 0.60 1.86 9.17
CA ILE A 171 1.98 2.36 8.80
C ILE A 171 2.60 3.27 9.88
N THR A 172 3.04 2.71 10.98
CA THR A 172 3.66 3.54 12.05
C THR A 172 5.15 3.22 12.18
N ASP A 173 5.94 3.59 11.20
CA ASP A 173 7.40 3.30 11.27
C ASP A 173 8.07 3.71 9.95
N LEU A 174 8.81 4.78 9.95
CA LEU A 174 9.50 5.22 8.70
C LEU A 174 10.67 4.30 8.39
N MET A 1 10.55 15.16 1.23
CA MET A 1 9.38 14.24 1.22
C MET A 1 9.83 12.84 0.83
N GLY A 2 10.85 12.34 1.48
CA GLY A 2 11.34 10.97 1.15
C GLY A 2 11.88 10.95 -0.29
N LYS A 3 12.58 9.91 -0.64
CA LYS A 3 13.13 9.81 -2.03
C LYS A 3 13.37 8.36 -2.42
N ILE A 4 13.12 8.02 -3.67
CA ILE A 4 13.35 6.61 -4.10
C ILE A 4 14.07 6.60 -5.45
N ILE A 5 15.05 5.76 -5.58
CA ILE A 5 15.81 5.65 -6.86
C ILE A 5 15.70 4.22 -7.39
N PHE A 6 15.21 4.06 -8.59
CA PHE A 6 15.10 2.70 -9.17
C PHE A 6 16.39 2.37 -9.90
N TYR A 7 16.75 1.11 -10.00
CA TYR A 7 18.02 0.76 -10.70
C TYR A 7 17.78 -0.48 -11.57
N GLU A 8 18.31 -0.48 -12.76
CA GLU A 8 18.11 -1.64 -13.68
C GLU A 8 18.95 -2.84 -13.21
N ASP A 9 20.18 -2.64 -12.85
CA ASP A 9 21.03 -3.80 -12.42
C ASP A 9 20.75 -4.15 -10.96
N ARG A 10 21.03 -5.37 -10.58
CA ARG A 10 20.78 -5.79 -9.16
C ARG A 10 21.79 -5.10 -8.24
N ASN A 11 23.01 -4.94 -8.69
CA ASN A 11 24.03 -4.28 -7.84
C ASN A 11 23.86 -2.77 -7.91
N PHE A 12 22.65 -2.29 -8.01
CA PHE A 12 22.41 -0.83 -8.08
C PHE A 12 23.23 -0.23 -9.24
N GLY A 13 23.05 -0.74 -10.42
CA GLY A 13 23.82 -0.22 -11.59
C GLY A 13 22.91 -0.12 -12.81
N GLY A 14 23.47 -0.23 -14.00
CA GLY A 14 22.64 -0.15 -15.23
C GLY A 14 21.93 1.20 -15.30
N ARG A 15 20.75 1.22 -15.87
CA ARG A 15 20.00 2.50 -15.97
C ARG A 15 19.38 2.83 -14.61
N TYR A 16 19.58 4.03 -14.13
CA TYR A 16 19.01 4.43 -12.81
C TYR A 16 17.94 5.49 -13.01
N HIS A 17 17.03 5.60 -12.08
CA HIS A 17 15.96 6.63 -12.19
C HIS A 17 15.63 7.16 -10.79
N GLU A 18 15.73 8.45 -10.59
CA GLU A 18 15.42 9.02 -9.25
C GLU A 18 14.00 9.56 -9.24
N CYS A 19 13.14 9.03 -8.41
CA CYS A 19 11.74 9.52 -8.36
C CYS A 19 11.49 10.22 -7.02
N MET A 20 10.82 11.33 -7.06
CA MET A 20 10.54 12.09 -5.81
C MET A 20 9.05 12.43 -5.76
N SER A 21 8.29 11.91 -6.70
CA SER A 21 6.84 12.20 -6.72
C SER A 21 6.07 11.01 -7.33
N ASP A 22 4.76 11.04 -7.26
CA ASP A 22 3.95 9.91 -7.81
C ASP A 22 4.13 9.81 -9.33
N CYS A 23 3.98 8.61 -9.86
CA CYS A 23 4.12 8.41 -11.33
C CYS A 23 3.10 7.34 -11.75
N ALA A 24 2.20 7.66 -12.64
CA ALA A 24 1.18 6.67 -13.07
C ALA A 24 1.70 5.85 -14.26
N ASP A 25 2.84 6.22 -14.77
CA ASP A 25 3.42 5.49 -15.92
C ASP A 25 4.93 5.37 -15.73
N LEU A 26 5.39 4.29 -15.16
CA LEU A 26 6.85 4.11 -14.97
C LEU A 26 7.42 3.39 -16.19
N HIS A 27 6.57 2.74 -16.94
CA HIS A 27 7.06 2.02 -18.14
C HIS A 27 7.79 3.01 -19.05
N SER A 28 7.31 4.22 -19.11
CA SER A 28 7.98 5.21 -19.98
C SER A 28 9.45 5.24 -19.56
N TYR A 29 9.72 5.49 -18.31
CA TYR A 29 11.13 5.56 -17.83
C TYR A 29 11.85 4.22 -18.04
N PHE A 30 11.26 3.13 -17.64
CA PHE A 30 11.93 1.80 -17.82
C PHE A 30 10.89 0.68 -17.92
N ASN A 31 11.20 -0.38 -18.61
CA ASN A 31 10.24 -1.52 -18.76
C ASN A 31 10.59 -2.64 -17.79
N ARG A 32 11.70 -2.52 -17.12
CA ARG A 32 12.11 -3.57 -16.15
C ARG A 32 12.99 -2.91 -15.09
N CYS A 33 12.98 -3.44 -13.90
CA CYS A 33 13.85 -2.87 -12.84
C CYS A 33 14.06 -3.97 -11.80
N HIS A 34 15.30 -4.33 -11.58
CA HIS A 34 15.60 -5.41 -10.60
C HIS A 34 16.11 -4.82 -9.29
N SER A 35 16.29 -3.53 -9.21
CA SER A 35 16.79 -2.94 -7.93
C SER A 35 16.03 -1.65 -7.59
N ILE A 36 15.72 -1.48 -6.33
CA ILE A 36 15.00 -0.24 -5.89
C ILE A 36 15.71 0.30 -4.64
N ARG A 37 15.81 1.59 -4.50
CA ARG A 37 16.52 2.16 -3.30
C ARG A 37 15.73 3.30 -2.67
N VAL A 38 15.12 3.05 -1.53
CA VAL A 38 14.39 4.12 -0.83
C VAL A 38 15.36 4.72 0.17
N GLU A 39 15.69 5.97 0.03
CA GLU A 39 16.65 6.59 0.97
C GLU A 39 15.92 7.04 2.22
N SER A 40 14.68 7.43 2.09
CA SER A 40 13.97 7.90 3.31
C SER A 40 12.48 8.14 3.05
N GLY A 41 11.69 8.06 4.08
CA GLY A 41 10.23 8.30 3.96
C GLY A 41 9.46 6.99 3.78
N CYS A 42 8.59 7.00 2.80
CA CYS A 42 7.78 5.80 2.49
C CYS A 42 7.39 5.89 1.01
N PHE A 43 7.18 4.78 0.38
CA PHE A 43 6.82 4.84 -1.07
C PHE A 43 5.87 3.71 -1.41
N MET A 44 4.89 3.99 -2.21
CA MET A 44 3.92 2.93 -2.61
C MET A 44 4.16 2.63 -4.09
N VAL A 45 4.44 1.39 -4.42
CA VAL A 45 4.70 1.04 -5.85
C VAL A 45 3.60 0.13 -6.38
N TYR A 46 3.26 0.28 -7.62
CA TYR A 46 2.16 -0.54 -8.22
C TYR A 46 2.66 -1.37 -9.40
N ASP A 47 2.16 -2.59 -9.52
CA ASP A 47 2.56 -3.50 -10.62
C ASP A 47 1.87 -3.07 -11.92
N ARG A 48 0.90 -2.18 -11.84
CA ARG A 48 0.20 -1.72 -13.07
C ARG A 48 0.25 -0.19 -13.09
N THR A 49 -0.09 0.41 -14.20
CA THR A 49 -0.04 1.90 -14.30
C THR A 49 -1.26 2.54 -13.62
N ASN A 50 -1.14 3.80 -13.28
CA ASN A 50 -2.29 4.53 -12.63
C ASN A 50 -2.56 3.99 -11.22
N PHE A 51 -1.54 3.56 -10.54
CA PHE A 51 -1.73 3.08 -9.14
C PHE A 51 -2.67 1.88 -9.14
N MET A 52 -2.35 0.85 -9.86
CA MET A 52 -3.26 -0.35 -9.87
C MET A 52 -2.44 -1.64 -9.94
N GLY A 53 -3.08 -2.77 -9.83
CA GLY A 53 -2.35 -4.09 -9.91
C GLY A 53 -1.75 -4.45 -8.54
N ARG A 54 -0.81 -5.37 -8.52
CA ARG A 54 -0.20 -5.77 -7.23
C ARG A 54 0.46 -4.53 -6.61
N GLN A 55 0.02 -4.15 -5.44
CA GLN A 55 0.60 -2.94 -4.79
C GLN A 55 1.58 -3.38 -3.70
N TYR A 56 2.74 -2.79 -3.66
CA TYR A 56 3.75 -3.18 -2.62
C TYR A 56 4.13 -1.94 -1.82
N PHE A 57 4.16 -2.06 -0.51
CA PHE A 57 4.52 -0.90 0.35
C PHE A 57 6.00 -1.00 0.75
N LEU A 58 6.81 -0.05 0.35
CA LEU A 58 8.28 -0.12 0.68
C LEU A 58 8.69 1.09 1.55
N ARG A 59 9.14 0.85 2.76
CA ARG A 59 9.54 1.97 3.66
C ARG A 59 11.04 2.25 3.54
N ARG A 60 11.48 3.39 4.03
CA ARG A 60 12.93 3.76 3.97
C ARG A 60 13.80 2.50 4.07
N GLY A 61 14.55 2.20 3.04
CA GLY A 61 15.43 0.99 3.07
C GLY A 61 16.01 0.73 1.69
N GLU A 62 16.98 -0.12 1.59
CA GLU A 62 17.59 -0.44 0.27
C GLU A 62 17.15 -1.83 -0.17
N TYR A 63 16.66 -1.95 -1.38
CA TYR A 63 16.19 -3.28 -1.87
C TYR A 63 17.10 -3.74 -3.02
N PRO A 64 18.14 -4.48 -2.71
CA PRO A 64 19.09 -5.01 -3.71
C PRO A 64 18.40 -5.90 -4.77
N ASP A 65 17.19 -6.33 -4.52
CA ASP A 65 16.48 -7.20 -5.50
C ASP A 65 15.01 -7.31 -5.06
N TYR A 66 14.08 -7.41 -5.98
CA TYR A 66 12.65 -7.51 -5.57
C TYR A 66 11.82 -8.34 -6.56
N MET A 67 12.36 -8.69 -7.70
CA MET A 67 11.56 -9.50 -8.65
C MET A 67 11.23 -10.87 -8.04
N ARG A 68 12.17 -11.46 -7.36
CA ARG A 68 11.93 -12.80 -6.75
C ARG A 68 11.41 -12.63 -5.32
N THR A 69 11.70 -11.53 -4.69
CA THR A 69 11.24 -11.32 -3.29
C THR A 69 9.84 -10.71 -3.31
N MET A 70 9.35 -10.32 -4.46
CA MET A 70 7.97 -9.74 -4.55
C MET A 70 7.05 -10.70 -5.29
N GLY A 71 7.59 -11.52 -6.16
CA GLY A 71 6.74 -12.49 -6.91
C GLY A 71 6.08 -11.78 -8.11
N MET A 72 6.85 -11.07 -8.90
CA MET A 72 6.26 -10.35 -10.08
C MET A 72 7.04 -10.71 -11.35
N ASN A 73 6.40 -10.63 -12.50
CA ASN A 73 7.11 -10.96 -13.78
C ASN A 73 7.39 -9.66 -14.54
N ASP A 74 8.14 -8.77 -13.94
CA ASP A 74 8.47 -7.46 -14.58
C ASP A 74 8.64 -6.45 -13.45
N CYS A 75 8.72 -5.20 -13.78
CA CYS A 75 8.88 -4.16 -12.72
C CYS A 75 7.53 -3.53 -12.41
N VAL A 76 7.55 -2.43 -11.73
CA VAL A 76 6.29 -1.69 -11.40
C VAL A 76 5.95 -0.79 -12.58
N ARG A 77 4.69 -0.56 -12.84
CA ARG A 77 4.35 0.34 -13.96
C ARG A 77 3.81 1.64 -13.38
N SER A 78 3.54 1.68 -12.09
CA SER A 78 3.04 2.97 -11.49
C SER A 78 3.52 3.06 -10.05
N CYS A 79 3.44 4.23 -9.49
CA CYS A 79 3.88 4.41 -8.08
C CYS A 79 3.31 5.70 -7.48
N ARG A 80 3.10 5.71 -6.19
CA ARG A 80 2.56 6.92 -5.52
C ARG A 80 3.33 7.17 -4.21
N MET A 81 3.61 8.40 -3.90
CA MET A 81 4.34 8.71 -2.65
C MET A 81 3.33 9.07 -1.57
N ILE A 82 3.70 8.94 -0.32
CA ILE A 82 2.75 9.27 0.79
C ILE A 82 3.15 10.60 1.43
N PRO A 83 2.46 11.67 1.13
CA PRO A 83 2.75 13.02 1.71
C PRO A 83 2.81 12.98 3.25
N LEU A 84 3.16 14.07 3.88
CA LEU A 84 3.23 14.09 5.36
C LEU A 84 1.83 14.32 5.94
N HIS A 85 0.86 13.54 5.52
CA HIS A 85 -0.53 13.71 6.04
C HIS A 85 -0.81 12.65 7.10
N HIS A 86 -0.48 12.92 8.32
CA HIS A 86 -0.74 11.92 9.41
C HIS A 86 -1.18 12.67 10.68
N GLY A 87 -2.25 13.40 10.60
CA GLY A 87 -2.73 14.15 11.80
C GLY A 87 -2.97 13.15 12.94
N SER A 88 -3.89 12.24 12.75
CA SER A 88 -4.20 11.25 13.81
C SER A 88 -4.39 9.86 13.19
N PHE A 89 -4.31 8.82 13.99
CA PHE A 89 -4.49 7.44 13.46
C PHE A 89 -5.79 6.84 14.00
N LYS A 90 -6.71 6.54 13.13
CA LYS A 90 -8.00 5.94 13.57
C LYS A 90 -8.78 5.52 12.33
N MET A 91 -9.24 4.30 12.28
CA MET A 91 -10.01 3.86 11.07
C MET A 91 -11.44 3.50 11.48
N ARG A 92 -12.41 4.08 10.83
CA ARG A 92 -13.83 3.76 11.15
C ARG A 92 -14.36 2.82 10.09
N LEU A 93 -14.80 1.66 10.48
CA LEU A 93 -15.26 0.66 9.48
C LEU A 93 -16.78 0.54 9.44
N TYR A 94 -17.25 0.16 8.29
CA TYR A 94 -18.71 -0.03 8.09
C TYR A 94 -18.90 -1.34 7.30
N GLU A 95 -19.63 -2.27 7.85
CA GLU A 95 -19.80 -3.59 7.16
C GLU A 95 -20.43 -3.43 5.76
N HIS A 96 -21.14 -2.35 5.50
CA HIS A 96 -21.78 -2.20 4.15
C HIS A 96 -21.16 -1.03 3.38
N SER A 97 -21.38 -0.97 2.08
CA SER A 97 -20.81 0.14 1.27
C SER A 97 -21.31 1.48 1.79
N ASP A 98 -20.62 2.56 1.49
CA ASP A 98 -21.06 3.89 2.00
C ASP A 98 -20.63 4.00 3.46
N MET A 99 -21.50 3.64 4.35
CA MET A 99 -21.20 3.69 5.80
C MET A 99 -22.33 2.96 6.53
N GLY A 100 -22.80 1.88 5.97
CA GLY A 100 -23.92 1.13 6.59
C GLY A 100 -23.41 -0.15 7.27
N GLY A 101 -24.27 -1.08 7.51
CA GLY A 101 -23.85 -2.35 8.16
C GLY A 101 -23.44 -2.06 9.61
N ARG A 102 -22.50 -2.80 10.13
CA ARG A 102 -22.06 -2.57 11.53
C ARG A 102 -20.84 -1.64 11.54
N MET A 103 -20.84 -0.64 12.38
CA MET A 103 -19.68 0.30 12.41
C MET A 103 -18.65 -0.15 13.46
N MET A 104 -17.47 -0.48 13.04
CA MET A 104 -16.43 -0.89 14.02
C MET A 104 -15.27 0.09 13.95
N GLU A 105 -14.74 0.50 15.07
CA GLU A 105 -13.60 1.46 15.04
C GLU A 105 -12.28 0.71 15.24
N LEU A 106 -11.28 1.08 14.51
CA LEU A 106 -9.96 0.38 14.64
C LEU A 106 -8.88 1.45 14.86
N MET A 107 -8.21 1.39 15.98
CA MET A 107 -7.14 2.39 16.28
C MET A 107 -5.85 1.67 16.68
N ASP A 108 -5.77 0.39 16.42
CA ASP A 108 -4.54 -0.37 16.80
C ASP A 108 -4.18 -1.36 15.69
N ASP A 109 -3.25 -2.24 15.96
CA ASP A 109 -2.84 -3.24 14.93
C ASP A 109 -3.88 -4.38 14.92
N CYS A 110 -4.42 -4.69 13.76
CA CYS A 110 -5.45 -5.78 13.68
C CYS A 110 -4.91 -6.93 12.84
N PRO A 111 -4.17 -7.83 13.44
CA PRO A 111 -3.60 -9.00 12.71
C PRO A 111 -4.63 -10.12 12.50
N ASN A 112 -5.63 -10.17 13.33
CA ASN A 112 -6.68 -11.22 13.21
C ASN A 112 -8.05 -10.55 13.33
N LEU A 113 -8.57 -10.08 12.24
CA LEU A 113 -9.89 -9.38 12.28
C LEU A 113 -11.02 -10.39 12.46
N MET A 114 -10.88 -11.55 11.89
CA MET A 114 -11.94 -12.57 12.02
C MET A 114 -12.20 -12.85 13.49
N ASP A 115 -11.16 -12.92 14.27
CA ASP A 115 -11.35 -13.20 15.72
C ASP A 115 -11.75 -11.93 16.47
N ARG A 116 -11.43 -10.77 15.95
CA ARG A 116 -11.78 -9.53 16.69
C ARG A 116 -13.24 -9.14 16.49
N PHE A 117 -13.66 -8.98 15.26
CA PHE A 117 -15.07 -8.58 15.02
C PHE A 117 -15.89 -9.77 14.49
N ASN A 118 -15.28 -10.91 14.31
CA ASN A 118 -16.05 -12.10 13.82
C ASN A 118 -16.57 -11.80 12.42
N MET A 119 -15.81 -11.04 11.70
CA MET A 119 -16.18 -10.68 10.29
C MET A 119 -14.91 -10.36 9.53
N SER A 120 -14.81 -10.82 8.33
CA SER A 120 -13.59 -10.56 7.51
C SER A 120 -13.98 -9.83 6.23
N ASP A 121 -15.21 -9.36 6.10
CA ASP A 121 -15.58 -8.66 4.82
C ASP A 121 -16.39 -7.36 5.04
N PHE A 122 -15.72 -6.24 5.06
CA PHE A 122 -16.40 -4.92 5.24
C PHE A 122 -16.45 -4.21 3.88
N HIS A 123 -17.56 -3.61 3.54
CA HIS A 123 -17.66 -2.89 2.23
C HIS A 123 -17.44 -1.39 2.39
N SER A 124 -17.16 -0.88 3.57
CA SER A 124 -16.94 0.60 3.70
C SER A 124 -15.90 0.88 4.78
N CYS A 125 -15.17 1.96 4.64
CA CYS A 125 -14.13 2.30 5.65
C CYS A 125 -13.82 3.79 5.61
N HIS A 126 -13.33 4.34 6.69
CA HIS A 126 -13.02 5.80 6.71
C HIS A 126 -11.73 6.02 7.51
N VAL A 127 -10.85 6.89 7.05
CA VAL A 127 -9.58 7.12 7.80
C VAL A 127 -9.53 8.57 8.29
N MET A 128 -9.30 8.74 9.56
CA MET A 128 -9.24 10.11 10.14
C MET A 128 -7.89 10.74 9.78
N ASP A 129 -6.90 9.92 9.55
CA ASP A 129 -5.55 10.44 9.19
C ASP A 129 -4.50 9.35 9.34
N GLY A 130 -3.24 9.71 9.28
CA GLY A 130 -2.17 8.69 9.42
C GLY A 130 -2.15 7.80 8.17
N HIS A 131 -1.34 6.77 8.19
CA HIS A 131 -1.24 5.86 7.01
C HIS A 131 -1.72 4.47 7.41
N TRP A 132 -2.72 3.94 6.74
CA TRP A 132 -3.23 2.59 7.14
C TRP A 132 -2.93 1.55 6.06
N LEU A 133 -2.20 0.52 6.42
CA LEU A 133 -1.87 -0.57 5.47
C LEU A 133 -2.88 -1.71 5.70
N VAL A 134 -3.60 -2.12 4.67
CA VAL A 134 -4.62 -3.20 4.85
C VAL A 134 -4.16 -4.49 4.16
N TYR A 135 -4.46 -5.62 4.75
CA TYR A 135 -4.04 -6.93 4.16
C TYR A 135 -5.26 -7.83 3.88
N GLU A 136 -5.42 -8.26 2.65
CA GLU A 136 -6.56 -9.15 2.30
C GLU A 136 -6.51 -10.41 3.15
N GLN A 137 -5.33 -10.79 3.58
CA GLN A 137 -5.21 -12.02 4.43
C GLN A 137 -4.59 -11.62 5.77
N PRO A 138 -4.84 -12.40 6.80
CA PRO A 138 -4.33 -12.12 8.18
C PRO A 138 -2.80 -12.14 8.28
N ASN A 139 -2.28 -12.02 9.48
CA ASN A 139 -0.79 -12.04 9.68
C ASN A 139 -0.12 -11.02 8.73
N TYR A 140 -0.80 -9.96 8.43
CA TYR A 140 -0.21 -8.92 7.53
C TYR A 140 0.20 -9.54 6.19
N THR A 141 -0.69 -10.26 5.56
CA THR A 141 -0.35 -10.90 4.25
C THR A 141 -1.56 -10.80 3.31
N GLY A 142 -1.36 -11.07 2.04
CA GLY A 142 -2.50 -10.98 1.07
C GLY A 142 -2.43 -9.65 0.31
N ARG A 143 -3.27 -9.48 -0.67
CA ARG A 143 -3.26 -8.21 -1.46
C ARG A 143 -3.29 -7.04 -0.48
N GLN A 144 -2.24 -6.27 -0.43
CA GLN A 144 -2.21 -5.13 0.51
C GLN A 144 -2.89 -3.92 -0.11
N PHE A 145 -3.70 -3.24 0.65
CA PHE A 145 -4.37 -2.02 0.12
C PHE A 145 -3.96 -0.81 0.97
N TYR A 146 -3.45 0.22 0.35
CA TYR A 146 -3.01 1.42 1.13
C TYR A 146 -4.18 2.37 1.29
N LEU A 147 -4.73 2.47 2.47
CA LEU A 147 -5.88 3.40 2.70
C LEU A 147 -5.39 4.61 3.47
N ARG A 148 -5.62 5.78 2.93
CA ARG A 148 -5.18 7.04 3.59
C ARG A 148 -6.43 7.85 3.96
N PRO A 149 -6.28 8.89 4.74
CA PRO A 149 -7.43 9.75 5.16
C PRO A 149 -8.47 9.88 4.06
N GLY A 150 -9.66 10.26 4.44
CA GLY A 150 -10.76 10.41 3.43
C GLY A 150 -11.87 9.42 3.75
N GLU A 151 -12.80 9.25 2.84
CA GLU A 151 -13.93 8.30 3.09
C GLU A 151 -13.95 7.18 2.05
N TYR A 152 -14.03 5.96 2.51
CA TYR A 152 -14.09 4.78 1.57
C TYR A 152 -15.50 4.21 1.64
N ARG A 153 -16.06 3.80 0.52
CA ARG A 153 -17.47 3.29 0.52
C ARG A 153 -17.62 1.95 -0.20
N SER A 154 -16.62 1.45 -0.87
CA SER A 154 -16.82 0.15 -1.58
C SER A 154 -15.49 -0.41 -2.10
N TYR A 155 -15.54 -1.58 -2.70
CA TYR A 155 -14.30 -2.20 -3.25
C TYR A 155 -13.69 -1.28 -4.29
N ASN A 156 -14.43 -0.32 -4.75
CA ASN A 156 -13.89 0.59 -5.79
C ASN A 156 -13.24 1.80 -5.10
N ASP A 157 -13.25 1.82 -3.79
CA ASP A 157 -12.64 2.97 -3.07
C ASP A 157 -11.17 2.66 -2.81
N TRP A 158 -10.88 1.62 -2.05
CA TRP A 158 -9.46 1.27 -1.83
C TRP A 158 -8.96 0.60 -3.10
N GLY A 159 -9.70 0.75 -4.18
CA GLY A 159 -9.29 0.14 -5.47
C GLY A 159 -9.34 -1.38 -5.32
N GLY A 160 -10.26 -1.88 -4.54
CA GLY A 160 -10.36 -3.35 -4.35
C GLY A 160 -11.42 -3.91 -5.28
N VAL A 161 -11.87 -5.08 -4.96
CA VAL A 161 -12.92 -5.74 -5.77
C VAL A 161 -13.68 -6.66 -4.81
N THR A 162 -12.95 -7.30 -3.94
CA THR A 162 -13.57 -8.18 -2.91
C THR A 162 -13.54 -7.42 -1.58
N SER A 163 -13.67 -8.10 -0.49
CA SER A 163 -13.64 -7.40 0.83
C SER A 163 -12.97 -8.30 1.88
N ARG A 164 -12.41 -9.40 1.48
CA ARG A 164 -11.76 -10.33 2.45
C ARG A 164 -10.56 -9.69 3.15
N MET A 165 -10.79 -8.86 4.14
CA MET A 165 -9.65 -8.22 4.89
C MET A 165 -9.47 -8.92 6.23
N GLY A 166 -8.34 -9.57 6.42
CA GLY A 166 -8.09 -10.30 7.68
C GLY A 166 -7.01 -9.60 8.51
N SER A 167 -6.13 -8.82 7.90
CA SER A 167 -5.08 -8.15 8.73
C SER A 167 -4.93 -6.70 8.36
N ILE A 168 -4.58 -5.89 9.32
CA ILE A 168 -4.39 -4.43 9.05
C ILE A 168 -3.27 -3.87 9.95
N ARG A 169 -2.48 -2.95 9.45
CA ARG A 169 -1.37 -2.38 10.26
C ARG A 169 -1.40 -0.84 10.23
N ARG A 170 -1.11 -0.20 11.33
CA ARG A 170 -1.08 1.28 11.39
C ARG A 170 0.35 1.78 11.16
N ILE A 171 0.73 1.97 9.93
CA ILE A 171 2.11 2.43 9.62
C ILE A 171 2.47 3.72 10.37
N THR A 172 2.87 3.61 11.61
CA THR A 172 3.23 4.83 12.39
C THR A 172 4.75 5.06 12.30
N ASP A 173 5.24 5.32 11.12
CA ASP A 173 6.70 5.55 10.94
C ASP A 173 7.00 7.04 11.01
N LEU A 174 7.56 7.53 9.97
CA LEU A 174 7.92 8.98 9.89
C LEU A 174 7.00 9.69 8.89
N MET A 1 13.29 14.72 3.89
CA MET A 1 12.75 14.60 2.51
C MET A 1 12.94 13.17 2.02
N GLY A 2 11.92 12.35 2.13
CA GLY A 2 12.05 10.94 1.66
C GLY A 2 12.49 10.94 0.20
N LYS A 3 13.05 9.84 -0.25
CA LYS A 3 13.48 9.75 -1.68
C LYS A 3 13.66 8.28 -2.10
N ILE A 4 13.37 8.00 -3.35
CA ILE A 4 13.52 6.59 -3.83
C ILE A 4 14.23 6.57 -5.18
N ILE A 5 15.17 5.68 -5.34
CA ILE A 5 15.92 5.60 -6.63
C ILE A 5 15.76 4.20 -7.23
N PHE A 6 15.33 4.12 -8.47
CA PHE A 6 15.18 2.79 -9.12
C PHE A 6 16.50 2.41 -9.79
N TYR A 7 16.73 1.16 -10.07
CA TYR A 7 18.01 0.77 -10.70
C TYR A 7 17.77 -0.44 -11.63
N GLU A 8 18.32 -0.43 -12.80
CA GLU A 8 18.10 -1.57 -13.75
C GLU A 8 18.95 -2.79 -13.34
N ASP A 9 20.16 -2.58 -12.91
CA ASP A 9 21.02 -3.74 -12.53
C ASP A 9 20.70 -4.22 -11.12
N ARG A 10 21.11 -5.41 -10.78
CA ARG A 10 20.82 -5.96 -9.43
C ARG A 10 21.75 -5.31 -8.40
N ASN A 11 23.02 -5.23 -8.67
CA ASN A 11 23.96 -4.62 -7.70
C ASN A 11 23.90 -3.09 -7.80
N PHE A 12 22.71 -2.55 -7.89
CA PHE A 12 22.58 -1.07 -7.99
C PHE A 12 23.44 -0.56 -9.14
N GLY A 13 23.04 -0.84 -10.36
CA GLY A 13 23.84 -0.37 -11.53
C GLY A 13 22.93 -0.21 -12.76
N GLY A 14 23.51 -0.27 -13.93
CA GLY A 14 22.70 -0.14 -15.17
C GLY A 14 22.01 1.23 -15.20
N ARG A 15 20.83 1.30 -15.79
CA ARG A 15 20.10 2.59 -15.86
C ARG A 15 19.52 2.91 -14.48
N TYR A 16 19.82 4.07 -13.95
CA TYR A 16 19.29 4.45 -12.61
C TYR A 16 18.28 5.58 -12.75
N HIS A 17 17.37 5.69 -11.82
CA HIS A 17 16.35 6.79 -11.91
C HIS A 17 16.02 7.28 -10.50
N GLU A 18 16.15 8.56 -10.26
CA GLU A 18 15.82 9.10 -8.91
C GLU A 18 14.41 9.67 -8.92
N CYS A 19 13.54 9.17 -8.07
CA CYS A 19 12.12 9.67 -8.05
C CYS A 19 11.81 10.23 -6.67
N MET A 20 11.08 11.31 -6.65
CA MET A 20 10.70 11.94 -5.36
C MET A 20 9.27 12.42 -5.46
N SER A 21 8.57 12.00 -6.49
CA SER A 21 7.15 12.42 -6.66
C SER A 21 6.35 11.28 -7.30
N ASP A 22 5.05 11.33 -7.18
CA ASP A 22 4.20 10.25 -7.77
C ASP A 22 4.42 10.16 -9.28
N CYS A 23 4.30 8.98 -9.82
CA CYS A 23 4.47 8.78 -11.28
C CYS A 23 3.41 7.78 -11.76
N ALA A 24 2.51 8.20 -12.61
CA ALA A 24 1.46 7.27 -13.09
C ALA A 24 1.97 6.53 -14.32
N ASP A 25 3.14 6.88 -14.77
CA ASP A 25 3.71 6.22 -15.97
C ASP A 25 5.19 5.91 -15.73
N LEU A 26 5.50 4.68 -15.39
CA LEU A 26 6.93 4.31 -15.14
C LEU A 26 7.44 3.52 -16.35
N HIS A 27 6.56 2.88 -17.08
CA HIS A 27 7.03 2.10 -18.27
C HIS A 27 7.78 3.05 -19.20
N SER A 28 7.28 4.24 -19.36
CA SER A 28 7.97 5.19 -20.26
C SER A 28 9.44 5.22 -19.86
N TYR A 29 9.72 5.39 -18.59
CA TYR A 29 11.13 5.44 -18.12
C TYR A 29 11.83 4.10 -18.33
N PHE A 30 11.24 3.02 -17.86
CA PHE A 30 11.90 1.68 -18.03
C PHE A 30 10.84 0.57 -18.07
N ASN A 31 11.11 -0.50 -18.76
CA ASN A 31 10.11 -1.61 -18.85
C ASN A 31 10.43 -2.70 -17.81
N ARG A 32 11.52 -2.57 -17.12
CA ARG A 32 11.89 -3.59 -16.09
C ARG A 32 12.83 -2.94 -15.07
N CYS A 33 12.88 -3.46 -13.88
CA CYS A 33 13.79 -2.89 -12.85
C CYS A 33 14.06 -3.97 -11.79
N HIS A 34 15.30 -4.37 -11.68
CA HIS A 34 15.65 -5.44 -10.70
C HIS A 34 16.19 -4.82 -9.41
N SER A 35 16.33 -3.51 -9.34
CA SER A 35 16.86 -2.90 -8.08
C SER A 35 16.16 -1.57 -7.77
N ILE A 36 16.04 -1.27 -6.51
CA ILE A 36 15.40 0.01 -6.08
C ILE A 36 15.91 0.36 -4.68
N ARG A 37 16.02 1.62 -4.36
CA ARG A 37 16.55 1.98 -3.00
C ARG A 37 15.81 3.19 -2.42
N VAL A 38 15.30 3.03 -1.22
CA VAL A 38 14.62 4.16 -0.52
C VAL A 38 15.60 4.68 0.51
N GLU A 39 15.98 5.92 0.41
CA GLU A 39 16.94 6.46 1.39
C GLU A 39 16.20 6.89 2.64
N SER A 40 14.96 7.29 2.50
CA SER A 40 14.21 7.75 3.71
C SER A 40 12.72 7.94 3.43
N GLY A 41 11.91 7.79 4.45
CA GLY A 41 10.44 7.97 4.28
C GLY A 41 9.77 6.65 3.92
N CYS A 42 9.09 6.64 2.81
CA CYS A 42 8.40 5.41 2.33
C CYS A 42 7.89 5.70 0.93
N PHE A 43 7.44 4.70 0.22
CA PHE A 43 6.93 4.96 -1.16
C PHE A 43 5.92 3.87 -1.52
N MET A 44 4.89 4.23 -2.21
CA MET A 44 3.89 3.21 -2.64
C MET A 44 4.15 2.90 -4.11
N VAL A 45 4.49 1.68 -4.41
CA VAL A 45 4.77 1.32 -5.84
C VAL A 45 3.66 0.44 -6.38
N TYR A 46 3.33 0.61 -7.63
CA TYR A 46 2.20 -0.17 -8.23
C TYR A 46 2.68 -1.02 -9.43
N ASP A 47 2.15 -2.20 -9.54
CA ASP A 47 2.52 -3.12 -10.65
C ASP A 47 1.84 -2.67 -11.95
N ARG A 48 0.93 -1.74 -11.86
CA ARG A 48 0.25 -1.23 -13.09
C ARG A 48 0.35 0.30 -13.10
N THR A 49 0.18 0.90 -14.24
CA THR A 49 0.29 2.39 -14.34
C THR A 49 -0.92 3.07 -13.69
N ASN A 50 -0.75 4.32 -13.30
CA ASN A 50 -1.89 5.08 -12.68
C ASN A 50 -2.20 4.57 -11.27
N PHE A 51 -1.21 4.13 -10.56
CA PHE A 51 -1.44 3.67 -9.17
C PHE A 51 -2.43 2.50 -9.17
N MET A 52 -2.15 1.46 -9.90
CA MET A 52 -3.10 0.31 -9.93
C MET A 52 -2.35 -1.03 -9.99
N GLY A 53 -3.05 -2.13 -9.87
CA GLY A 53 -2.39 -3.46 -9.93
C GLY A 53 -1.82 -3.82 -8.56
N ARG A 54 -0.95 -4.81 -8.51
CA ARG A 54 -0.36 -5.20 -7.20
C ARG A 54 0.33 -3.98 -6.61
N GLN A 55 -0.04 -3.61 -5.41
CA GLN A 55 0.58 -2.41 -4.78
C GLN A 55 1.49 -2.87 -3.64
N TYR A 56 2.64 -2.28 -3.54
CA TYR A 56 3.59 -2.68 -2.47
C TYR A 56 4.08 -1.46 -1.70
N PHE A 57 4.11 -1.53 -0.39
CA PHE A 57 4.58 -0.36 0.41
C PHE A 57 6.06 -0.56 0.76
N LEU A 58 6.92 0.36 0.37
CA LEU A 58 8.38 0.20 0.65
C LEU A 58 8.88 1.24 1.67
N ARG A 59 9.28 0.80 2.83
CA ARG A 59 9.75 1.74 3.88
C ARG A 59 11.25 2.05 3.72
N ARG A 60 11.70 3.13 4.30
CA ARG A 60 13.15 3.50 4.21
C ARG A 60 14.03 2.25 4.25
N GLY A 61 14.77 2.01 3.22
CA GLY A 61 15.66 0.82 3.20
C GLY A 61 16.25 0.65 1.81
N GLU A 62 17.10 -0.33 1.64
CA GLU A 62 17.69 -0.59 0.29
C GLU A 62 17.21 -1.96 -0.18
N TYR A 63 16.70 -2.04 -1.38
CA TYR A 63 16.22 -3.34 -1.91
C TYR A 63 17.05 -3.71 -3.12
N PRO A 64 18.02 -4.58 -2.95
CA PRO A 64 18.92 -4.99 -4.06
C PRO A 64 18.25 -5.96 -5.03
N ASP A 65 17.05 -6.41 -4.74
CA ASP A 65 16.36 -7.37 -5.66
C ASP A 65 14.90 -7.49 -5.22
N TYR A 66 13.97 -7.48 -6.14
CA TYR A 66 12.53 -7.59 -5.73
C TYR A 66 11.69 -8.30 -6.79
N MET A 67 12.30 -9.12 -7.62
CA MET A 67 11.50 -9.85 -8.65
C MET A 67 11.03 -11.18 -8.05
N ARG A 68 11.85 -11.83 -7.29
CA ARG A 68 11.47 -13.13 -6.68
C ARG A 68 11.04 -12.91 -5.23
N THR A 69 11.39 -11.78 -4.65
CA THR A 69 10.99 -11.50 -3.24
C THR A 69 9.61 -10.86 -3.21
N MET A 70 9.12 -10.42 -4.34
CA MET A 70 7.77 -9.80 -4.39
C MET A 70 6.84 -10.67 -5.25
N GLY A 71 7.40 -11.39 -6.19
CA GLY A 71 6.58 -12.28 -7.06
C GLY A 71 5.93 -11.50 -8.20
N MET A 72 6.69 -10.69 -8.91
CA MET A 72 6.09 -9.91 -10.04
C MET A 72 6.81 -10.26 -11.35
N ASN A 73 6.09 -10.42 -12.43
CA ASN A 73 6.74 -10.75 -13.74
C ASN A 73 7.08 -9.45 -14.48
N ASP A 74 7.84 -8.59 -13.85
CA ASP A 74 8.23 -7.29 -14.47
C ASP A 74 8.45 -6.30 -13.34
N CYS A 75 8.61 -5.05 -13.68
CA CYS A 75 8.82 -4.02 -12.62
C CYS A 75 7.50 -3.32 -12.32
N VAL A 76 7.57 -2.24 -11.61
CA VAL A 76 6.34 -1.44 -11.29
C VAL A 76 5.99 -0.57 -12.47
N ARG A 77 4.74 -0.33 -12.71
CA ARG A 77 4.36 0.52 -13.85
C ARG A 77 3.93 1.88 -13.30
N SER A 78 3.73 1.98 -12.00
CA SER A 78 3.33 3.30 -11.42
C SER A 78 3.83 3.42 -9.99
N CYS A 79 3.71 4.59 -9.43
CA CYS A 79 4.16 4.77 -8.02
C CYS A 79 3.54 6.04 -7.44
N ARG A 80 3.26 6.01 -6.17
CA ARG A 80 2.66 7.19 -5.49
C ARG A 80 3.42 7.43 -4.19
N MET A 81 3.68 8.66 -3.86
CA MET A 81 4.42 8.94 -2.60
C MET A 81 3.43 9.21 -1.46
N ILE A 82 3.80 8.94 -0.24
CA ILE A 82 2.88 9.20 0.89
C ILE A 82 3.14 10.61 1.43
N PRO A 83 2.16 11.48 1.42
CA PRO A 83 2.34 12.88 1.92
C PRO A 83 3.06 12.92 3.28
N LEU A 84 3.70 14.02 3.57
CA LEU A 84 4.42 14.12 4.87
C LEU A 84 3.46 14.59 5.95
N HIS A 85 2.32 13.96 6.06
CA HIS A 85 1.32 14.37 7.11
C HIS A 85 1.27 13.32 8.20
N HIS A 86 1.50 13.71 9.43
CA HIS A 86 1.47 12.72 10.55
C HIS A 86 0.74 13.31 11.76
N GLY A 87 -0.55 13.19 11.79
CA GLY A 87 -1.32 13.74 12.95
C GLY A 87 -1.69 12.59 13.88
N SER A 88 -2.66 11.81 13.50
CA SER A 88 -3.09 10.67 14.38
C SER A 88 -3.51 9.47 13.53
N PHE A 89 -3.71 8.34 14.14
CA PHE A 89 -4.12 7.12 13.36
C PHE A 89 -5.44 6.58 13.88
N LYS A 90 -6.40 6.42 13.02
CA LYS A 90 -7.73 5.88 13.43
C LYS A 90 -8.52 5.53 12.18
N MET A 91 -9.06 4.34 12.11
CA MET A 91 -9.85 3.95 10.90
C MET A 91 -11.27 3.60 11.33
N ARG A 92 -12.24 4.09 10.61
CA ARG A 92 -13.66 3.78 10.96
C ARG A 92 -14.17 2.76 9.94
N LEU A 93 -14.59 1.62 10.39
CA LEU A 93 -15.05 0.57 9.44
C LEU A 93 -16.56 0.46 9.41
N TYR A 94 -17.06 0.08 8.27
CA TYR A 94 -18.51 -0.10 8.09
C TYR A 94 -18.74 -1.43 7.37
N GLU A 95 -19.51 -2.30 7.94
CA GLU A 95 -19.73 -3.64 7.32
C GLU A 95 -20.41 -3.51 5.94
N HIS A 96 -21.18 -2.48 5.71
CA HIS A 96 -21.84 -2.35 4.36
C HIS A 96 -21.23 -1.21 3.55
N SER A 97 -21.49 -1.19 2.27
CA SER A 97 -20.92 -0.11 1.39
C SER A 97 -21.42 1.25 1.85
N ASP A 98 -20.70 2.31 1.52
CA ASP A 98 -21.11 3.68 1.95
C ASP A 98 -20.65 3.88 3.38
N MET A 99 -21.50 3.63 4.31
CA MET A 99 -21.16 3.79 5.76
C MET A 99 -22.22 3.01 6.54
N GLY A 100 -22.68 1.91 6.01
CA GLY A 100 -23.73 1.11 6.70
C GLY A 100 -23.14 -0.11 7.36
N GLY A 101 -23.93 -1.13 7.54
CA GLY A 101 -23.43 -2.37 8.18
C GLY A 101 -22.90 -2.02 9.57
N ARG A 102 -22.44 -2.99 10.32
CA ARG A 102 -21.93 -2.70 11.69
C ARG A 102 -20.70 -1.81 11.58
N MET A 103 -20.61 -0.81 12.41
CA MET A 103 -19.42 0.10 12.35
C MET A 103 -18.40 -0.29 13.41
N MET A 104 -17.19 -0.59 13.00
CA MET A 104 -16.14 -0.96 13.98
C MET A 104 -15.00 0.07 13.89
N GLU A 105 -14.47 0.48 15.00
CA GLU A 105 -13.37 1.49 14.98
C GLU A 105 -12.03 0.80 15.23
N LEU A 106 -11.02 1.18 14.51
CA LEU A 106 -9.68 0.56 14.70
C LEU A 106 -8.64 1.66 14.90
N MET A 107 -7.99 1.67 16.05
CA MET A 107 -6.97 2.72 16.32
C MET A 107 -5.58 2.08 16.42
N ASP A 108 -5.53 0.77 16.48
CA ASP A 108 -4.21 0.08 16.58
C ASP A 108 -4.01 -0.84 15.39
N ASP A 109 -3.13 -1.79 15.52
CA ASP A 109 -2.89 -2.74 14.41
C ASP A 109 -3.88 -3.91 14.52
N CYS A 110 -4.44 -4.34 13.43
CA CYS A 110 -5.42 -5.47 13.49
C CYS A 110 -4.86 -6.67 12.71
N PRO A 111 -4.08 -7.50 13.35
CA PRO A 111 -3.49 -8.70 12.68
C PRO A 111 -4.50 -9.84 12.53
N ASN A 112 -5.47 -9.90 13.40
CA ASN A 112 -6.48 -11.00 13.33
C ASN A 112 -7.87 -10.37 13.49
N LEU A 113 -8.43 -9.86 12.44
CA LEU A 113 -9.77 -9.22 12.56
C LEU A 113 -10.83 -10.26 12.88
N MET A 114 -10.59 -11.48 12.51
CA MET A 114 -11.59 -12.55 12.81
C MET A 114 -11.83 -12.62 14.31
N ASP A 115 -10.80 -12.47 15.09
CA ASP A 115 -10.97 -12.52 16.57
C ASP A 115 -11.43 -11.16 17.09
N ARG A 116 -11.16 -10.10 16.39
CA ARG A 116 -11.57 -8.76 16.90
C ARG A 116 -13.06 -8.53 16.70
N PHE A 117 -13.51 -8.52 15.47
CA PHE A 117 -14.96 -8.26 15.22
C PHE A 117 -15.65 -9.57 14.82
N ASN A 118 -14.96 -10.68 14.83
CA ASN A 118 -15.63 -11.95 14.43
C ASN A 118 -16.26 -11.72 13.07
N MET A 119 -15.62 -10.89 12.29
CA MET A 119 -16.12 -10.57 10.93
C MET A 119 -14.91 -10.32 10.05
N SER A 120 -14.87 -10.92 8.89
CA SER A 120 -13.71 -10.73 8.00
C SER A 120 -14.14 -10.01 6.72
N ASP A 121 -15.38 -9.58 6.60
CA ASP A 121 -15.79 -8.91 5.32
C ASP A 121 -16.56 -7.60 5.52
N PHE A 122 -15.88 -6.50 5.35
CA PHE A 122 -16.52 -5.15 5.49
C PHE A 122 -16.56 -4.49 4.10
N HIS A 123 -17.67 -3.90 3.74
CA HIS A 123 -17.77 -3.25 2.40
C HIS A 123 -17.48 -1.74 2.48
N SER A 124 -17.16 -1.20 3.63
CA SER A 124 -16.90 0.28 3.67
C SER A 124 -15.87 0.61 4.76
N CYS A 125 -15.20 1.73 4.61
CA CYS A 125 -14.19 2.12 5.63
C CYS A 125 -13.82 3.59 5.48
N HIS A 126 -13.23 4.16 6.49
CA HIS A 126 -12.84 5.60 6.39
C HIS A 126 -11.59 5.86 7.24
N VAL A 127 -10.74 6.77 6.82
CA VAL A 127 -9.51 7.07 7.60
C VAL A 127 -9.57 8.52 8.09
N MET A 128 -9.43 8.70 9.37
CA MET A 128 -9.48 10.07 9.93
C MET A 128 -8.11 10.73 9.74
N ASP A 129 -7.06 9.94 9.78
CA ASP A 129 -5.69 10.52 9.63
C ASP A 129 -4.63 9.42 9.57
N GLY A 130 -3.39 9.81 9.33
CA GLY A 130 -2.26 8.83 9.29
C GLY A 130 -2.26 8.05 7.97
N HIS A 131 -1.97 6.77 8.04
CA HIS A 131 -1.96 5.94 6.81
C HIS A 131 -2.29 4.49 7.19
N TRP A 132 -3.15 3.84 6.44
CA TRP A 132 -3.53 2.44 6.81
C TRP A 132 -3.35 1.46 5.63
N LEU A 133 -2.73 0.34 5.89
CA LEU A 133 -2.57 -0.71 4.83
C LEU A 133 -3.56 -1.84 5.17
N VAL A 134 -4.29 -2.33 4.20
CA VAL A 134 -5.26 -3.42 4.50
C VAL A 134 -4.78 -4.71 3.85
N TYR A 135 -5.00 -5.83 4.50
CA TYR A 135 -4.55 -7.14 3.93
C TYR A 135 -5.72 -8.10 3.76
N GLU A 136 -5.92 -8.59 2.55
CA GLU A 136 -7.02 -9.55 2.28
C GLU A 136 -6.88 -10.77 3.19
N GLN A 137 -5.68 -11.08 3.59
CA GLN A 137 -5.46 -12.25 4.50
C GLN A 137 -4.85 -11.74 5.81
N PRO A 138 -5.03 -12.49 6.87
CA PRO A 138 -4.53 -12.10 8.23
C PRO A 138 -3.00 -11.98 8.31
N ASN A 139 -2.50 -11.66 9.47
CA ASN A 139 -1.02 -11.52 9.69
C ASN A 139 -0.40 -10.61 8.62
N TYR A 140 -1.14 -9.62 8.20
CA TYR A 140 -0.62 -8.67 7.17
C TYR A 140 -0.21 -9.42 5.91
N THR A 141 -1.08 -10.24 5.37
CA THR A 141 -0.74 -11.01 4.15
C THR A 141 -1.91 -10.99 3.16
N GLY A 142 -1.68 -11.34 1.91
CA GLY A 142 -2.81 -11.33 0.93
C GLY A 142 -2.81 -10.00 0.15
N ARG A 143 -3.73 -9.85 -0.76
CA ARG A 143 -3.79 -8.60 -1.56
C ARG A 143 -3.83 -7.40 -0.62
N GLN A 144 -2.76 -6.66 -0.54
CA GLN A 144 -2.73 -5.51 0.37
C GLN A 144 -3.27 -4.26 -0.32
N PHE A 145 -3.96 -3.45 0.43
CA PHE A 145 -4.53 -2.19 -0.14
C PHE A 145 -4.05 -1.02 0.70
N TYR A 146 -3.79 0.10 0.09
CA TYR A 146 -3.31 1.29 0.85
C TYR A 146 -4.46 2.30 0.99
N LEU A 147 -5.06 2.37 2.15
CA LEU A 147 -6.18 3.33 2.36
C LEU A 147 -5.66 4.55 3.11
N ARG A 148 -5.81 5.71 2.53
CA ARG A 148 -5.34 6.97 3.17
C ARG A 148 -6.56 7.79 3.60
N PRO A 149 -6.37 8.87 4.30
CA PRO A 149 -7.51 9.72 4.75
C PRO A 149 -8.61 9.82 3.69
N GLY A 150 -9.80 10.14 4.12
CA GLY A 150 -10.93 10.24 3.17
C GLY A 150 -11.99 9.19 3.54
N GLU A 151 -12.92 8.94 2.66
CA GLU A 151 -13.98 7.93 2.98
C GLU A 151 -14.02 6.84 1.89
N TYR A 152 -14.14 5.61 2.31
CA TYR A 152 -14.23 4.47 1.34
C TYR A 152 -15.63 3.86 1.48
N ARG A 153 -16.22 3.40 0.40
CA ARG A 153 -17.61 2.84 0.51
C ARG A 153 -17.77 1.50 -0.20
N SER A 154 -16.76 0.97 -0.83
CA SER A 154 -16.96 -0.34 -1.51
C SER A 154 -15.62 -0.90 -2.01
N TYR A 155 -15.64 -2.11 -2.48
CA TYR A 155 -14.38 -2.73 -2.99
C TYR A 155 -13.87 -1.92 -4.18
N ASN A 156 -14.65 -0.99 -4.65
CA ASN A 156 -14.21 -0.17 -5.80
C ASN A 156 -13.52 1.09 -5.27
N ASP A 157 -13.47 1.25 -3.97
CA ASP A 157 -12.83 2.45 -3.38
C ASP A 157 -11.35 2.17 -3.12
N TRP A 158 -11.05 1.20 -2.29
CA TRP A 158 -9.62 0.89 -2.03
C TRP A 158 -9.08 0.13 -3.24
N GLY A 159 -9.79 0.19 -4.33
CA GLY A 159 -9.34 -0.53 -5.55
C GLY A 159 -9.38 -2.02 -5.28
N GLY A 160 -10.41 -2.49 -4.59
CA GLY A 160 -10.50 -3.93 -4.29
C GLY A 160 -11.55 -4.57 -5.19
N VAL A 161 -11.95 -5.76 -4.86
CA VAL A 161 -12.98 -6.48 -5.67
C VAL A 161 -13.81 -7.32 -4.70
N THR A 162 -13.15 -7.91 -3.74
CA THR A 162 -13.88 -8.73 -2.73
C THR A 162 -13.90 -7.95 -1.41
N SER A 163 -14.13 -8.62 -0.33
CA SER A 163 -14.18 -7.93 0.99
C SER A 163 -13.44 -8.77 2.04
N ARG A 164 -12.83 -9.85 1.65
CA ARG A 164 -12.14 -10.74 2.63
C ARG A 164 -10.93 -10.05 3.28
N MET A 165 -11.15 -9.14 4.20
CA MET A 165 -10.00 -8.47 4.90
C MET A 165 -9.80 -9.10 6.28
N GLY A 166 -8.65 -9.71 6.48
CA GLY A 166 -8.36 -10.37 7.78
C GLY A 166 -7.27 -9.61 8.55
N SER A 167 -6.40 -8.88 7.88
CA SER A 167 -5.34 -8.16 8.66
C SER A 167 -5.19 -6.72 8.19
N ILE A 168 -4.77 -5.87 9.09
CA ILE A 168 -4.58 -4.43 8.74
C ILE A 168 -3.40 -3.86 9.54
N ARG A 169 -2.60 -3.02 8.93
CA ARG A 169 -1.43 -2.44 9.66
C ARG A 169 -1.45 -0.92 9.57
N ARG A 170 -1.04 -0.24 10.60
CA ARG A 170 -1.04 1.24 10.58
C ARG A 170 0.39 1.74 10.30
N ILE A 171 0.72 1.94 9.06
CA ILE A 171 2.08 2.44 8.71
C ILE A 171 2.55 3.36 9.85
N THR A 172 3.44 2.88 10.67
CA THR A 172 3.96 3.70 11.80
C THR A 172 5.42 3.95 11.53
N ASP A 173 5.71 4.68 10.50
CA ASP A 173 7.13 4.95 10.14
C ASP A 173 7.24 6.33 9.51
N LEU A 174 7.48 7.33 10.32
CA LEU A 174 7.61 8.70 9.78
C LEU A 174 8.55 8.70 8.57
N MET A 1 13.64 14.18 3.73
CA MET A 1 12.95 13.92 2.44
C MET A 1 13.29 12.51 1.96
N GLY A 2 12.39 11.59 2.12
CA GLY A 2 12.67 10.20 1.66
C GLY A 2 13.24 10.24 0.23
N LYS A 3 13.81 9.16 -0.21
CA LYS A 3 14.34 9.12 -1.60
C LYS A 3 14.23 7.69 -2.15
N ILE A 4 13.80 7.55 -3.37
CA ILE A 4 13.65 6.19 -3.96
C ILE A 4 14.48 6.11 -5.24
N ILE A 5 15.43 5.22 -5.28
CA ILE A 5 16.26 5.08 -6.52
C ILE A 5 15.98 3.72 -7.16
N PHE A 6 15.45 3.73 -8.37
CA PHE A 6 15.14 2.44 -9.06
C PHE A 6 16.34 2.03 -9.92
N TYR A 7 16.76 0.79 -9.84
CA TYR A 7 17.94 0.35 -10.65
C TYR A 7 17.51 -0.73 -11.65
N GLU A 8 17.86 -0.58 -12.90
CA GLU A 8 17.47 -1.58 -13.92
C GLU A 8 18.14 -2.93 -13.62
N ASP A 9 19.37 -2.92 -13.16
CA ASP A 9 20.06 -4.19 -12.85
C ASP A 9 19.63 -4.71 -11.48
N ARG A 10 19.77 -5.98 -11.24
CA ARG A 10 19.37 -6.54 -9.92
C ARG A 10 20.43 -6.23 -8.86
N ASN A 11 21.69 -6.28 -9.23
CA ASN A 11 22.76 -5.99 -8.24
C ASN A 11 22.99 -4.48 -8.15
N PHE A 12 21.94 -3.71 -8.10
CA PHE A 12 22.09 -2.23 -8.02
C PHE A 12 23.03 -1.75 -9.13
N GLY A 13 22.53 -1.72 -10.34
CA GLY A 13 23.39 -1.25 -11.47
C GLY A 13 22.51 -1.05 -12.71
N GLY A 14 23.14 -0.82 -13.84
CA GLY A 14 22.37 -0.62 -15.09
C GLY A 14 21.81 0.80 -15.14
N ARG A 15 20.68 0.99 -15.75
CA ARG A 15 20.08 2.35 -15.81
C ARG A 15 19.43 2.67 -14.47
N TYR A 16 19.94 3.66 -13.79
CA TYR A 16 19.37 4.03 -12.46
C TYR A 16 18.39 5.19 -12.61
N HIS A 17 17.48 5.32 -11.70
CA HIS A 17 16.50 6.44 -11.78
C HIS A 17 16.17 6.93 -10.37
N GLU A 18 16.30 8.20 -10.12
CA GLU A 18 15.99 8.73 -8.77
C GLU A 18 14.57 9.29 -8.77
N CYS A 19 13.70 8.73 -7.95
CA CYS A 19 12.29 9.22 -7.90
C CYS A 19 12.01 9.77 -6.50
N MET A 20 11.41 10.94 -6.44
CA MET A 20 11.10 11.55 -5.12
C MET A 20 9.70 12.16 -5.16
N SER A 21 8.98 11.95 -6.24
CA SER A 21 7.61 12.55 -6.33
C SER A 21 6.62 11.55 -6.94
N ASP A 22 5.37 11.64 -6.58
CA ASP A 22 4.34 10.70 -7.13
C ASP A 22 4.50 10.58 -8.64
N CYS A 23 4.25 9.42 -9.17
CA CYS A 23 4.34 9.21 -10.65
C CYS A 23 3.25 8.23 -11.06
N ALA A 24 2.26 8.69 -11.78
CA ALA A 24 1.17 7.76 -12.21
C ALA A 24 1.65 7.00 -13.45
N ASP A 25 2.66 7.51 -14.09
CA ASP A 25 3.21 6.85 -15.31
C ASP A 25 4.71 6.63 -15.12
N LEU A 26 5.10 5.43 -14.78
CA LEU A 26 6.55 5.16 -14.58
C LEU A 26 7.09 4.52 -15.86
N HIS A 27 6.22 4.07 -16.73
CA HIS A 27 6.71 3.45 -18.00
C HIS A 27 7.52 4.48 -18.76
N SER A 28 7.06 5.70 -18.79
CA SER A 28 7.82 6.74 -19.50
C SER A 28 9.25 6.65 -19.00
N TYR A 29 9.44 6.79 -17.71
CA TYR A 29 10.81 6.73 -17.13
C TYR A 29 11.49 5.38 -17.44
N PHE A 30 10.85 4.28 -17.13
CA PHE A 30 11.49 2.95 -17.43
C PHE A 30 10.41 1.88 -17.65
N ASN A 31 10.71 0.89 -18.47
CA ASN A 31 9.70 -0.18 -18.75
C ASN A 31 9.97 -1.42 -17.89
N ARG A 32 10.99 -1.40 -17.10
CA ARG A 32 11.30 -2.58 -16.25
C ARG A 32 12.24 -2.15 -15.12
N CYS A 33 12.28 -2.89 -14.06
CA CYS A 33 13.19 -2.55 -12.94
C CYS A 33 13.35 -3.82 -12.09
N HIS A 34 14.56 -4.23 -11.83
CA HIS A 34 14.77 -5.47 -11.02
C HIS A 34 15.17 -5.08 -9.60
N SER A 35 15.66 -3.89 -9.39
CA SER A 35 16.07 -3.50 -8.00
C SER A 35 15.55 -2.11 -7.65
N ILE A 36 15.22 -1.92 -6.39
CA ILE A 36 14.72 -0.60 -5.92
C ILE A 36 15.45 -0.23 -4.63
N ARG A 37 15.77 1.02 -4.43
CA ARG A 37 16.50 1.38 -3.19
C ARG A 37 15.81 2.55 -2.46
N VAL A 38 15.28 2.29 -1.29
CA VAL A 38 14.66 3.36 -0.49
C VAL A 38 15.66 3.81 0.55
N GLU A 39 16.14 5.02 0.45
CA GLU A 39 17.14 5.49 1.45
C GLU A 39 16.41 5.89 2.73
N SER A 40 15.23 6.42 2.61
CA SER A 40 14.49 6.83 3.84
C SER A 40 13.05 7.23 3.50
N GLY A 41 12.20 7.21 4.49
CA GLY A 41 10.78 7.57 4.27
C GLY A 41 10.04 6.35 3.71
N CYS A 42 8.77 6.49 3.47
CA CYS A 42 7.96 5.35 2.96
C CYS A 42 7.57 5.61 1.50
N PHE A 43 7.25 4.58 0.76
CA PHE A 43 6.87 4.79 -0.66
C PHE A 43 5.84 3.74 -1.08
N MET A 44 4.84 4.15 -1.79
CA MET A 44 3.82 3.17 -2.25
C MET A 44 4.02 2.96 -3.75
N VAL A 45 4.14 1.74 -4.19
CA VAL A 45 4.37 1.49 -5.65
C VAL A 45 3.21 0.68 -6.22
N TYR A 46 2.85 0.94 -7.44
CA TYR A 46 1.71 0.22 -8.07
C TYR A 46 2.14 -0.53 -9.32
N ASP A 47 1.56 -1.69 -9.52
CA ASP A 47 1.89 -2.51 -10.72
C ASP A 47 1.17 -1.94 -11.95
N ARG A 48 0.23 -1.05 -11.74
CA ARG A 48 -0.49 -0.44 -12.90
C ARG A 48 -0.40 1.08 -12.78
N THR A 49 -0.53 1.77 -13.88
CA THR A 49 -0.44 3.26 -13.86
C THR A 49 -1.68 3.88 -13.19
N ASN A 50 -1.50 5.05 -12.60
CA ASN A 50 -2.63 5.77 -11.93
C ASN A 50 -2.96 5.13 -10.58
N PHE A 51 -1.98 4.66 -9.87
CA PHE A 51 -2.23 4.07 -8.53
C PHE A 51 -3.18 2.89 -8.64
N MET A 52 -2.86 1.91 -9.43
CA MET A 52 -3.77 0.73 -9.57
C MET A 52 -2.97 -0.56 -9.75
N GLY A 53 -3.63 -1.69 -9.76
CA GLY A 53 -2.92 -2.99 -9.94
C GLY A 53 -2.33 -3.47 -8.62
N ARG A 54 -1.45 -4.44 -8.67
CA ARG A 54 -0.84 -4.95 -7.41
C ARG A 54 -0.13 -3.77 -6.72
N GLN A 55 -0.47 -3.49 -5.49
CA GLN A 55 0.17 -2.36 -4.78
C GLN A 55 1.15 -2.92 -3.74
N TYR A 56 2.33 -2.38 -3.68
CA TYR A 56 3.32 -2.90 -2.69
C TYR A 56 3.80 -1.75 -1.80
N PHE A 57 3.93 -1.98 -0.52
CA PHE A 57 4.37 -0.91 0.40
C PHE A 57 5.87 -1.10 0.75
N LEU A 58 6.71 -0.16 0.37
CA LEU A 58 8.18 -0.32 0.64
C LEU A 58 8.70 0.78 1.58
N ARG A 59 9.19 0.42 2.75
CA ARG A 59 9.70 1.42 3.72
C ARG A 59 11.24 1.51 3.67
N ARG A 60 11.79 2.58 4.23
CA ARG A 60 13.29 2.75 4.26
C ARG A 60 14.00 1.40 4.23
N GLY A 61 14.67 1.10 3.16
CA GLY A 61 15.39 -0.19 3.08
C GLY A 61 15.94 -0.40 1.68
N GLU A 62 16.76 -1.40 1.51
CA GLU A 62 17.32 -1.67 0.17
C GLU A 62 16.67 -2.93 -0.39
N TYR A 63 16.10 -2.84 -1.57
CA TYR A 63 15.43 -4.02 -2.18
C TYR A 63 16.33 -4.54 -3.30
N PRO A 64 17.07 -5.58 -3.05
CA PRO A 64 18.03 -6.15 -4.05
C PRO A 64 17.32 -6.88 -5.19
N ASP A 65 16.08 -7.27 -5.03
CA ASP A 65 15.38 -7.99 -6.12
C ASP A 65 13.89 -8.03 -5.78
N TYR A 66 13.02 -7.86 -6.75
CA TYR A 66 11.56 -7.91 -6.43
C TYR A 66 10.77 -8.46 -7.63
N MET A 67 11.37 -9.31 -8.44
CA MET A 67 10.64 -9.91 -9.60
C MET A 67 10.12 -11.29 -9.22
N ARG A 68 10.93 -12.07 -8.56
CA ARG A 68 10.50 -13.43 -8.15
C ARG A 68 10.09 -13.40 -6.68
N THR A 69 10.49 -12.37 -5.98
CA THR A 69 10.13 -12.26 -4.54
C THR A 69 8.76 -11.60 -4.42
N MET A 70 8.30 -10.96 -5.45
CA MET A 70 6.95 -10.30 -5.42
C MET A 70 6.02 -11.01 -6.39
N GLY A 71 6.57 -11.58 -7.43
CA GLY A 71 5.73 -12.31 -8.43
C GLY A 71 5.10 -11.31 -9.42
N MET A 72 5.91 -10.48 -10.04
CA MET A 72 5.36 -9.50 -11.02
C MET A 72 6.01 -9.72 -12.39
N ASN A 73 5.25 -9.61 -13.46
CA ASN A 73 5.84 -9.82 -14.82
C ASN A 73 6.25 -8.46 -15.40
N ASP A 74 7.05 -7.72 -14.68
CA ASP A 74 7.50 -6.38 -15.13
C ASP A 74 7.74 -5.53 -13.91
N CYS A 75 8.01 -4.27 -14.08
CA CYS A 75 8.23 -3.39 -12.91
C CYS A 75 6.92 -2.70 -12.54
N VAL A 76 7.01 -1.72 -11.70
CA VAL A 76 5.79 -0.94 -11.31
C VAL A 76 5.51 0.07 -12.40
N ARG A 77 4.26 0.36 -12.67
CA ARG A 77 3.95 1.35 -13.71
C ARG A 77 3.54 2.65 -13.03
N SER A 78 3.23 2.60 -11.74
CA SER A 78 2.83 3.86 -11.03
C SER A 78 3.43 3.89 -9.64
N CYS A 79 3.42 5.04 -9.03
CA CYS A 79 3.99 5.18 -7.66
C CYS A 79 3.44 6.43 -6.99
N ARG A 80 3.24 6.37 -5.70
CA ARG A 80 2.73 7.55 -4.95
C ARG A 80 3.55 7.74 -3.67
N MET A 81 3.89 8.96 -3.37
CA MET A 81 4.69 9.21 -2.14
C MET A 81 3.74 9.51 -0.97
N ILE A 82 4.15 9.22 0.23
CA ILE A 82 3.28 9.50 1.41
C ILE A 82 3.83 10.73 2.15
N PRO A 83 3.02 11.73 2.37
CA PRO A 83 3.46 12.96 3.08
C PRO A 83 3.61 12.75 4.58
N LEU A 84 4.44 13.52 5.23
CA LEU A 84 4.61 13.36 6.70
C LEU A 84 3.42 13.99 7.42
N HIS A 85 2.23 13.68 6.99
CA HIS A 85 1.02 14.25 7.64
C HIS A 85 0.60 13.35 8.81
N HIS A 86 0.52 13.89 10.00
CA HIS A 86 0.13 13.07 11.18
C HIS A 86 -0.91 13.82 12.03
N GLY A 87 -2.16 13.76 11.64
CA GLY A 87 -3.21 14.46 12.43
C GLY A 87 -3.84 13.47 13.41
N SER A 88 -4.93 12.85 13.02
CA SER A 88 -5.61 11.87 13.93
C SER A 88 -5.56 10.47 13.29
N PHE A 89 -5.36 9.45 14.10
CA PHE A 89 -5.31 8.06 13.55
C PHE A 89 -6.58 7.31 13.95
N LYS A 90 -7.42 7.02 13.01
CA LYS A 90 -8.67 6.28 13.32
C LYS A 90 -9.28 5.79 12.01
N MET A 91 -9.63 4.53 11.93
CA MET A 91 -10.24 4.00 10.68
C MET A 91 -11.71 3.67 10.93
N ARG A 92 -12.58 4.14 10.10
CA ARG A 92 -14.03 3.84 10.28
C ARG A 92 -14.44 2.78 9.26
N LEU A 93 -14.78 1.62 9.72
CA LEU A 93 -15.14 0.52 8.78
C LEU A 93 -16.64 0.38 8.63
N TYR A 94 -17.05 -0.01 7.46
CA TYR A 94 -18.49 -0.24 7.20
C TYR A 94 -18.61 -1.60 6.50
N GLU A 95 -19.41 -2.47 7.02
CA GLU A 95 -19.53 -3.84 6.44
C GLU A 95 -20.07 -3.81 5.00
N HIS A 96 -20.86 -2.82 4.63
CA HIS A 96 -21.42 -2.82 3.23
C HIS A 96 -20.78 -1.72 2.37
N SER A 97 -20.89 -1.84 1.07
CA SER A 97 -20.29 -0.82 0.16
C SER A 97 -20.90 0.56 0.45
N ASP A 98 -20.25 1.63 0.04
CA ASP A 98 -20.80 2.99 0.32
C ASP A 98 -20.44 3.39 1.75
N MET A 99 -21.31 3.10 2.67
CA MET A 99 -21.06 3.42 4.10
C MET A 99 -22.17 2.76 4.91
N GLY A 100 -22.50 1.55 4.53
CA GLY A 100 -23.58 0.81 5.23
C GLY A 100 -23.00 -0.40 5.98
N GLY A 101 -23.79 -1.42 6.16
CA GLY A 101 -23.28 -2.61 6.88
C GLY A 101 -22.95 -2.22 8.32
N ARG A 102 -22.38 -3.12 9.07
CA ARG A 102 -22.04 -2.78 10.49
C ARG A 102 -20.84 -1.84 10.51
N MET A 103 -20.85 -0.85 11.35
CA MET A 103 -19.70 0.09 11.40
C MET A 103 -18.74 -0.30 12.52
N MET A 104 -17.52 -0.64 12.18
CA MET A 104 -16.53 -1.00 13.23
C MET A 104 -15.46 0.08 13.29
N GLU A 105 -15.04 0.46 14.47
CA GLU A 105 -14.01 1.54 14.57
C GLU A 105 -12.67 0.93 14.98
N LEU A 106 -11.62 1.37 14.35
CA LEU A 106 -10.26 0.85 14.70
C LEU A 106 -9.32 2.04 14.93
N MET A 107 -8.73 2.13 16.08
CA MET A 107 -7.81 3.27 16.37
C MET A 107 -6.43 2.72 16.73
N ASP A 108 -6.24 1.43 16.61
CA ASP A 108 -4.92 0.82 16.95
C ASP A 108 -4.52 -0.17 15.86
N ASP A 109 -3.57 -1.02 16.17
CA ASP A 109 -3.12 -2.02 15.17
C ASP A 109 -4.02 -3.26 15.26
N CYS A 110 -4.48 -3.77 14.15
CA CYS A 110 -5.37 -4.97 14.20
C CYS A 110 -4.67 -6.15 13.52
N PRO A 111 -3.94 -6.95 14.26
CA PRO A 111 -3.23 -8.12 13.70
C PRO A 111 -4.18 -9.31 13.50
N ASN A 112 -5.22 -9.38 14.28
CA ASN A 112 -6.19 -10.51 14.16
C ASN A 112 -7.60 -9.93 14.20
N LEU A 113 -8.12 -9.54 13.07
CA LEU A 113 -9.49 -8.95 13.04
C LEU A 113 -10.51 -10.04 13.38
N MET A 114 -10.18 -11.27 13.09
CA MET A 114 -11.11 -12.39 13.41
C MET A 114 -11.47 -12.35 14.89
N ASP A 115 -10.52 -12.03 15.71
CA ASP A 115 -10.79 -12.00 17.17
C ASP A 115 -11.35 -10.64 17.60
N ARG A 116 -11.13 -9.61 16.85
CA ARG A 116 -11.63 -8.28 17.28
C ARG A 116 -13.11 -8.11 16.93
N PHE A 117 -13.46 -8.18 15.69
CA PHE A 117 -14.88 -8.00 15.29
C PHE A 117 -15.48 -9.34 14.85
N ASN A 118 -14.71 -10.39 14.88
CA ASN A 118 -15.25 -11.72 14.45
C ASN A 118 -15.81 -11.58 13.04
N MET A 119 -15.17 -10.76 12.26
CA MET A 119 -15.58 -10.54 10.86
C MET A 119 -14.34 -10.14 10.09
N SER A 120 -14.18 -10.68 8.92
CA SER A 120 -12.97 -10.36 8.11
C SER A 120 -13.39 -9.82 6.74
N ASP A 121 -14.66 -9.55 6.53
CA ASP A 121 -15.06 -9.05 5.17
C ASP A 121 -15.94 -7.79 5.23
N PHE A 122 -15.34 -6.65 5.05
CA PHE A 122 -16.11 -5.36 5.04
C PHE A 122 -16.07 -4.78 3.63
N HIS A 123 -17.17 -4.29 3.14
CA HIS A 123 -17.18 -3.73 1.76
C HIS A 123 -17.00 -2.20 1.79
N SER A 124 -16.73 -1.59 2.93
CA SER A 124 -16.58 -0.11 2.91
C SER A 124 -15.69 0.35 4.06
N CYS A 125 -15.11 1.51 3.95
CA CYS A 125 -14.24 1.99 5.06
C CYS A 125 -13.90 3.47 4.85
N HIS A 126 -13.35 4.10 5.85
CA HIS A 126 -13.00 5.55 5.72
C HIS A 126 -11.83 5.87 6.65
N VAL A 127 -10.98 6.80 6.27
CA VAL A 127 -9.81 7.14 7.14
C VAL A 127 -9.95 8.57 7.66
N MET A 128 -9.92 8.72 8.96
CA MET A 128 -10.04 10.07 9.57
C MET A 128 -8.74 10.85 9.37
N ASP A 129 -7.66 10.14 9.22
CA ASP A 129 -6.34 10.83 9.02
C ASP A 129 -5.17 9.85 9.17
N GLY A 130 -3.97 10.35 9.01
CA GLY A 130 -2.77 9.48 9.14
C GLY A 130 -2.62 8.59 7.90
N HIS A 131 -2.28 7.34 8.11
CA HIS A 131 -2.13 6.40 6.96
C HIS A 131 -2.38 4.97 7.44
N TRP A 132 -3.22 4.24 6.74
CA TRP A 132 -3.53 2.84 7.20
C TRP A 132 -3.13 1.80 6.15
N LEU A 133 -2.42 0.79 6.58
CA LEU A 133 -1.99 -0.31 5.67
C LEU A 133 -2.90 -1.53 5.95
N VAL A 134 -3.51 -2.11 4.94
CA VAL A 134 -4.42 -3.28 5.18
C VAL A 134 -3.82 -4.57 4.62
N TYR A 135 -4.05 -5.66 5.30
CA TYR A 135 -3.49 -6.99 4.85
C TYR A 135 -4.61 -8.01 4.60
N GLU A 136 -4.65 -8.60 3.43
CA GLU A 136 -5.68 -9.62 3.11
C GLU A 136 -5.56 -10.81 4.06
N GLN A 137 -4.37 -11.05 4.56
CA GLN A 137 -4.18 -12.19 5.52
C GLN A 137 -3.65 -11.63 6.84
N PRO A 138 -3.92 -12.30 7.93
CA PRO A 138 -3.51 -11.85 9.31
C PRO A 138 -1.98 -11.71 9.47
N ASN A 139 -1.55 -11.42 10.66
CA ASN A 139 -0.08 -11.26 10.94
C ASN A 139 0.53 -10.30 9.91
N TYR A 140 -0.23 -9.35 9.46
CA TYR A 140 0.29 -8.36 8.47
C TYR A 140 0.84 -9.08 7.23
N THR A 141 0.05 -9.94 6.64
CA THR A 141 0.53 -10.69 5.44
C THR A 141 -0.60 -10.79 4.42
N GLY A 142 -0.29 -11.13 3.19
CA GLY A 142 -1.35 -11.25 2.14
C GLY A 142 -1.39 -9.97 1.30
N ARG A 143 -2.24 -9.93 0.30
CA ARG A 143 -2.31 -8.73 -0.57
C ARG A 143 -2.53 -7.50 0.32
N GLN A 144 -1.54 -6.67 0.43
CA GLN A 144 -1.68 -5.47 1.29
C GLN A 144 -2.30 -4.33 0.49
N PHE A 145 -3.07 -3.50 1.15
CA PHE A 145 -3.70 -2.34 0.45
C PHE A 145 -3.37 -1.07 1.24
N TYR A 146 -3.09 0.00 0.55
CA TYR A 146 -2.75 1.28 1.23
C TYR A 146 -3.96 2.21 1.23
N LEU A 147 -4.61 2.34 2.36
CA LEU A 147 -5.80 3.23 2.44
C LEU A 147 -5.39 4.57 3.07
N ARG A 148 -5.58 5.64 2.33
CA ARG A 148 -5.22 6.99 2.83
C ARG A 148 -6.51 7.77 3.11
N PRO A 149 -6.43 8.84 3.85
CA PRO A 149 -7.60 9.69 4.18
C PRO A 149 -8.64 9.69 3.06
N GLY A 150 -9.86 10.03 3.39
CA GLY A 150 -10.94 10.06 2.38
C GLY A 150 -11.98 8.98 2.73
N GLU A 151 -12.87 8.67 1.82
CA GLU A 151 -13.91 7.65 2.10
C GLU A 151 -13.80 6.48 1.09
N TYR A 152 -13.82 5.28 1.60
CA TYR A 152 -13.76 4.07 0.72
C TYR A 152 -15.15 3.45 0.66
N ARG A 153 -15.55 2.93 -0.47
CA ARG A 153 -16.94 2.36 -0.58
C ARG A 153 -16.96 0.91 -1.09
N SER A 154 -15.88 0.38 -1.57
CA SER A 154 -15.94 -1.03 -2.07
C SER A 154 -14.55 -1.55 -2.45
N TYR A 155 -14.50 -2.77 -2.92
CA TYR A 155 -13.19 -3.37 -3.33
C TYR A 155 -12.62 -2.55 -4.48
N ASN A 156 -13.42 -1.73 -5.09
CA ASN A 156 -12.91 -0.90 -6.21
C ASN A 156 -12.35 0.39 -5.64
N ASP A 157 -12.42 0.56 -4.34
CA ASP A 157 -11.89 1.79 -3.71
C ASP A 157 -10.45 1.57 -3.25
N TRP A 158 -10.20 0.61 -2.39
CA TRP A 158 -8.80 0.37 -1.96
C TRP A 158 -8.09 -0.37 -3.08
N GLY A 159 -8.70 -0.42 -4.23
CA GLY A 159 -8.08 -1.11 -5.39
C GLY A 159 -8.09 -2.61 -5.12
N GLY A 160 -9.14 -3.13 -4.53
CA GLY A 160 -9.19 -4.58 -4.24
C GLY A 160 -10.21 -5.26 -5.15
N VAL A 161 -10.62 -6.43 -4.77
CA VAL A 161 -11.64 -7.18 -5.56
C VAL A 161 -12.55 -7.90 -4.58
N THR A 162 -11.97 -8.41 -3.53
CA THR A 162 -12.76 -9.12 -2.48
C THR A 162 -12.78 -8.25 -1.22
N SER A 163 -12.91 -8.86 -0.09
CA SER A 163 -12.94 -8.07 1.19
C SER A 163 -12.28 -8.88 2.31
N ARG A 164 -11.64 -9.98 1.98
CA ARG A 164 -11.00 -10.84 3.03
C ARG A 164 -9.83 -10.12 3.72
N MET A 165 -10.10 -9.27 4.70
CA MET A 165 -9.01 -8.57 5.43
C MET A 165 -8.84 -9.18 6.82
N GLY A 166 -7.69 -9.73 7.09
CA GLY A 166 -7.45 -10.37 8.42
C GLY A 166 -6.49 -9.52 9.26
N SER A 167 -5.65 -8.71 8.65
CA SER A 167 -4.71 -7.89 9.48
C SER A 167 -4.63 -6.46 8.96
N ILE A 168 -4.34 -5.55 9.86
CA ILE A 168 -4.22 -4.12 9.46
C ILE A 168 -3.16 -3.42 10.33
N ARG A 169 -2.39 -2.52 9.76
CA ARG A 169 -1.34 -1.82 10.55
C ARG A 169 -1.45 -0.30 10.37
N ARG A 170 -1.16 0.44 11.41
CA ARG A 170 -1.24 1.94 11.33
C ARG A 170 0.15 2.51 11.00
N ILE A 171 0.56 2.40 9.75
CA ILE A 171 1.90 2.91 9.29
C ILE A 171 2.51 3.95 10.24
N THR A 172 2.98 3.55 11.38
CA THR A 172 3.58 4.52 12.35
C THR A 172 5.10 4.29 12.48
N ASP A 173 5.84 4.63 11.46
CA ASP A 173 7.33 4.44 11.54
C ASP A 173 8.00 4.97 10.26
N LEU A 174 8.58 6.13 10.33
CA LEU A 174 9.26 6.72 9.13
C LEU A 174 8.33 6.58 7.92
N MET A 1 12.63 15.11 2.54
CA MET A 1 12.52 14.26 3.77
C MET A 1 12.24 12.82 3.35
N GLY A 2 12.39 12.52 2.10
CA GLY A 2 12.13 11.14 1.61
C GLY A 2 12.43 11.07 0.12
N LYS A 3 12.68 9.89 -0.41
CA LYS A 3 12.94 9.77 -1.87
C LYS A 3 13.28 8.33 -2.23
N ILE A 4 13.08 7.97 -3.47
CA ILE A 4 13.38 6.58 -3.90
C ILE A 4 14.11 6.57 -5.24
N ILE A 5 15.14 5.79 -5.34
CA ILE A 5 15.91 5.71 -6.62
C ILE A 5 15.82 4.30 -7.19
N PHE A 6 15.37 4.17 -8.41
CA PHE A 6 15.26 2.81 -9.03
C PHE A 6 16.59 2.46 -9.68
N TYR A 7 16.84 1.20 -9.96
CA TYR A 7 18.13 0.83 -10.58
C TYR A 7 17.90 -0.38 -11.50
N GLU A 8 18.48 -0.36 -12.67
CA GLU A 8 18.27 -1.51 -13.61
C GLU A 8 19.14 -2.70 -13.19
N ASP A 9 20.34 -2.48 -12.76
CA ASP A 9 21.22 -3.62 -12.36
C ASP A 9 20.87 -4.09 -10.94
N ARG A 10 20.83 -5.38 -10.73
CA ARG A 10 20.50 -5.92 -9.38
C ARG A 10 21.51 -5.41 -8.35
N ASN A 11 22.77 -5.35 -8.71
CA ASN A 11 23.80 -4.87 -7.74
C ASN A 11 23.86 -3.34 -7.77
N PHE A 12 22.72 -2.70 -7.84
CA PHE A 12 22.71 -1.21 -7.88
C PHE A 12 23.60 -0.71 -9.01
N GLY A 13 23.05 -0.63 -10.20
CA GLY A 13 23.88 -0.17 -11.36
C GLY A 13 23.01 -0.07 -12.61
N GLY A 14 23.62 -0.09 -13.77
CA GLY A 14 22.85 0.00 -15.03
C GLY A 14 22.10 1.33 -15.10
N ARG A 15 20.94 1.34 -15.70
CA ARG A 15 20.17 2.61 -15.78
C ARG A 15 19.54 2.93 -14.42
N TYR A 16 19.82 4.09 -13.89
CA TYR A 16 19.25 4.47 -12.55
C TYR A 16 18.20 5.56 -12.73
N HIS A 17 17.31 5.70 -11.79
CA HIS A 17 16.26 6.76 -11.91
C HIS A 17 15.89 7.29 -10.53
N GLU A 18 15.96 8.58 -10.33
CA GLU A 18 15.60 9.14 -9.00
C GLU A 18 14.13 9.61 -9.06
N CYS A 19 13.28 9.05 -8.23
CA CYS A 19 11.85 9.46 -8.24
C CYS A 19 11.48 10.03 -6.88
N MET A 20 10.68 11.06 -6.88
CA MET A 20 10.26 11.68 -5.59
C MET A 20 8.84 12.23 -5.76
N SER A 21 8.20 11.88 -6.84
CA SER A 21 6.81 12.39 -7.08
C SER A 21 5.95 11.30 -7.74
N ASP A 22 4.65 11.38 -7.56
CA ASP A 22 3.74 10.37 -8.17
C ASP A 22 4.05 10.20 -9.66
N CYS A 23 3.92 9.00 -10.15
CA CYS A 23 4.18 8.74 -11.59
C CYS A 23 3.20 7.66 -12.06
N ALA A 24 2.33 7.97 -12.98
CA ALA A 24 1.34 6.96 -13.45
C ALA A 24 1.93 6.23 -14.66
N ASP A 25 3.16 6.53 -14.99
CA ASP A 25 3.80 5.87 -16.15
C ASP A 25 5.30 5.70 -15.87
N LEU A 26 5.68 4.57 -15.33
CA LEU A 26 7.13 4.33 -15.05
C LEU A 26 7.75 3.65 -16.28
N HIS A 27 6.94 3.05 -17.11
CA HIS A 27 7.48 2.38 -18.32
C HIS A 27 8.26 3.41 -19.14
N SER A 28 7.83 4.62 -19.11
CA SER A 28 8.53 5.67 -19.89
C SER A 28 9.98 5.72 -19.43
N TYR A 29 10.22 5.66 -18.15
CA TYR A 29 11.63 5.71 -17.65
C TYR A 29 12.33 4.37 -17.90
N PHE A 30 11.66 3.27 -17.63
CA PHE A 30 12.32 1.94 -17.86
C PHE A 30 11.24 0.86 -17.97
N ASN A 31 11.51 -0.20 -18.69
CA ASN A 31 10.51 -1.30 -18.86
C ASN A 31 10.80 -2.43 -17.88
N ARG A 32 11.90 -2.35 -17.18
CA ARG A 32 12.25 -3.41 -16.20
C ARG A 32 13.16 -2.80 -15.14
N CYS A 33 13.17 -3.36 -13.97
CA CYS A 33 14.05 -2.85 -12.90
C CYS A 33 14.28 -3.98 -11.90
N HIS A 34 15.50 -4.27 -11.59
CA HIS A 34 15.79 -5.38 -10.63
C HIS A 34 16.26 -4.80 -9.30
N SER A 35 16.42 -3.51 -9.21
CA SER A 35 16.89 -2.92 -7.92
C SER A 35 16.12 -1.63 -7.60
N ILE A 36 15.77 -1.45 -6.36
CA ILE A 36 15.04 -0.22 -5.93
C ILE A 36 15.68 0.28 -4.63
N ARG A 37 15.74 1.56 -4.41
CA ARG A 37 16.40 2.07 -3.17
C ARG A 37 15.61 3.22 -2.54
N VAL A 38 15.06 3.00 -1.38
CA VAL A 38 14.34 4.08 -0.66
C VAL A 38 15.30 4.65 0.35
N GLU A 39 15.61 5.92 0.25
CA GLU A 39 16.57 6.51 1.21
C GLU A 39 15.82 6.93 2.46
N SER A 40 14.58 7.31 2.33
CA SER A 40 13.83 7.75 3.54
C SER A 40 12.35 7.98 3.24
N GLY A 41 11.54 7.90 4.25
CA GLY A 41 10.08 8.07 4.07
C GLY A 41 9.53 6.77 3.51
N CYS A 42 8.38 6.81 2.90
CA CYS A 42 7.78 5.56 2.37
C CYS A 42 7.47 5.73 0.88
N PHE A 43 7.25 4.66 0.18
CA PHE A 43 6.94 4.78 -1.28
C PHE A 43 5.92 3.71 -1.66
N MET A 44 4.90 4.07 -2.37
CA MET A 44 3.89 3.06 -2.80
C MET A 44 4.16 2.74 -4.27
N VAL A 45 4.47 1.51 -4.57
CA VAL A 45 4.75 1.14 -5.99
C VAL A 45 3.62 0.27 -6.53
N TYR A 46 3.28 0.46 -7.77
CA TYR A 46 2.16 -0.32 -8.38
C TYR A 46 2.65 -1.17 -9.55
N ASP A 47 2.19 -2.41 -9.60
CA ASP A 47 2.60 -3.33 -10.68
C ASP A 47 1.93 -2.93 -12.00
N ARG A 48 1.00 -2.02 -11.94
CA ARG A 48 0.32 -1.55 -13.20
C ARG A 48 0.35 -0.03 -13.23
N THR A 49 0.26 0.54 -14.39
CA THR A 49 0.30 2.03 -14.52
C THR A 49 -0.96 2.67 -13.90
N ASN A 50 -0.89 3.96 -13.63
CA ASN A 50 -2.05 4.70 -13.05
C ASN A 50 -2.36 4.22 -11.62
N PHE A 51 -1.35 3.84 -10.88
CA PHE A 51 -1.58 3.41 -9.48
C PHE A 51 -2.56 2.23 -9.46
N MET A 52 -2.23 1.15 -10.11
CA MET A 52 -3.14 -0.02 -10.11
C MET A 52 -2.34 -1.33 -10.17
N GLY A 53 -3.01 -2.46 -10.10
CA GLY A 53 -2.27 -3.76 -10.13
C GLY A 53 -1.75 -4.11 -8.73
N ARG A 54 -0.86 -5.07 -8.65
CA ARG A 54 -0.32 -5.46 -7.32
C ARG A 54 0.33 -4.21 -6.70
N GLN A 55 -0.10 -3.83 -5.52
CA GLN A 55 0.47 -2.62 -4.88
C GLN A 55 1.39 -3.06 -3.76
N TYR A 56 2.55 -2.46 -3.65
CA TYR A 56 3.50 -2.85 -2.58
C TYR A 56 3.96 -1.60 -1.82
N PHE A 57 3.88 -1.63 -0.50
CA PHE A 57 4.32 -0.44 0.30
C PHE A 57 5.80 -0.62 0.69
N LEU A 58 6.67 0.29 0.31
CA LEU A 58 8.12 0.13 0.64
C LEU A 58 8.60 1.21 1.62
N ARG A 59 9.03 0.82 2.80
CA ARG A 59 9.51 1.81 3.81
C ARG A 59 11.01 2.07 3.67
N ARG A 60 11.46 3.19 4.18
CA ARG A 60 12.91 3.54 4.13
C ARG A 60 13.78 2.28 4.17
N GLY A 61 14.51 2.01 3.12
CA GLY A 61 15.38 0.81 3.12
C GLY A 61 15.95 0.59 1.72
N GLU A 62 16.90 -0.28 1.59
CA GLU A 62 17.51 -0.56 0.26
C GLU A 62 17.03 -1.94 -0.22
N TYR A 63 16.54 -2.01 -1.43
CA TYR A 63 16.04 -3.32 -1.95
C TYR A 63 17.00 -3.79 -3.05
N PRO A 64 17.88 -4.71 -2.74
CA PRO A 64 18.87 -5.23 -3.71
C PRO A 64 18.24 -6.11 -4.79
N ASP A 65 17.01 -6.52 -4.60
CA ASP A 65 16.33 -7.37 -5.62
C ASP A 65 14.86 -7.52 -5.25
N TYR A 66 13.96 -7.51 -6.21
CA TYR A 66 12.53 -7.66 -5.87
C TYR A 66 11.81 -8.42 -6.99
N MET A 67 12.44 -9.44 -7.55
CA MET A 67 11.79 -10.22 -8.65
C MET A 67 11.28 -11.56 -8.08
N ARG A 68 12.11 -12.25 -7.35
CA ARG A 68 11.67 -13.55 -6.76
C ARG A 68 11.31 -13.32 -5.30
N THR A 69 11.69 -12.18 -4.78
CA THR A 69 11.39 -11.87 -3.36
C THR A 69 10.04 -11.17 -3.25
N MET A 70 9.52 -10.68 -4.35
CA MET A 70 8.19 -9.99 -4.33
C MET A 70 7.23 -10.80 -5.21
N GLY A 71 7.76 -11.47 -6.21
CA GLY A 71 6.91 -12.30 -7.10
C GLY A 71 6.27 -11.46 -8.22
N MET A 72 7.06 -10.70 -8.95
CA MET A 72 6.49 -9.88 -10.06
C MET A 72 7.16 -10.23 -11.40
N ASN A 73 6.41 -10.28 -12.47
CA ASN A 73 7.00 -10.61 -13.80
C ASN A 73 7.33 -9.32 -14.56
N ASP A 74 8.12 -8.45 -13.95
CA ASP A 74 8.50 -7.16 -14.58
C ASP A 74 8.74 -6.15 -13.46
N CYS A 75 8.89 -4.91 -13.79
CA CYS A 75 9.11 -3.89 -12.73
C CYS A 75 7.80 -3.17 -12.43
N VAL A 76 7.90 -2.10 -11.70
CA VAL A 76 6.69 -1.29 -11.36
C VAL A 76 6.31 -0.47 -12.57
N ARG A 77 5.04 -0.30 -12.85
CA ARG A 77 4.64 0.53 -14.01
C ARG A 77 4.09 1.85 -13.48
N SER A 78 3.73 1.89 -12.20
CA SER A 78 3.24 3.19 -11.61
C SER A 78 3.69 3.30 -10.17
N CYS A 79 3.56 4.46 -9.61
CA CYS A 79 3.98 4.63 -8.19
C CYS A 79 3.37 5.91 -7.61
N ARG A 80 3.13 5.88 -6.32
CA ARG A 80 2.55 7.08 -5.63
C ARG A 80 3.41 7.36 -4.41
N MET A 81 3.69 8.61 -4.14
CA MET A 81 4.51 8.94 -2.95
C MET A 81 3.61 9.24 -1.77
N ILE A 82 4.04 8.96 -0.57
CA ILE A 82 3.21 9.24 0.63
C ILE A 82 3.77 10.48 1.32
N PRO A 83 2.93 11.42 1.70
CA PRO A 83 3.40 12.66 2.38
C PRO A 83 3.93 12.39 3.78
N LEU A 84 4.91 13.14 4.22
CA LEU A 84 5.46 12.93 5.59
C LEU A 84 4.59 13.65 6.61
N HIS A 85 3.30 13.50 6.51
CA HIS A 85 2.39 14.17 7.48
C HIS A 85 1.70 13.12 8.34
N HIS A 86 1.71 13.30 9.63
CA HIS A 86 1.05 12.31 10.54
C HIS A 86 0.25 13.06 11.59
N GLY A 87 -1.01 13.28 11.35
CA GLY A 87 -1.85 13.99 12.36
C GLY A 87 -2.37 12.98 13.38
N SER A 88 -3.48 12.36 13.07
CA SER A 88 -4.08 11.36 14.02
C SER A 88 -4.28 10.02 13.32
N PHE A 89 -4.24 8.94 14.07
CA PHE A 89 -4.43 7.58 13.47
C PHE A 89 -5.71 6.95 14.00
N LYS A 90 -6.62 6.63 13.12
CA LYS A 90 -7.89 5.99 13.56
C LYS A 90 -8.63 5.53 12.31
N MET A 91 -9.05 4.30 12.26
CA MET A 91 -9.80 3.82 11.05
C MET A 91 -11.24 3.51 11.44
N ARG A 92 -12.18 4.09 10.75
CA ARG A 92 -13.62 3.80 11.06
C ARG A 92 -14.13 2.80 10.05
N LEU A 93 -14.53 1.65 10.50
CA LEU A 93 -14.99 0.61 9.55
C LEU A 93 -16.50 0.51 9.48
N TYR A 94 -16.97 0.11 8.33
CA TYR A 94 -18.42 -0.08 8.11
C TYR A 94 -18.63 -1.45 7.47
N GLU A 95 -19.40 -2.29 8.08
CA GLU A 95 -19.59 -3.66 7.52
C GLU A 95 -20.26 -3.61 6.15
N HIS A 96 -21.06 -2.60 5.86
CA HIS A 96 -21.73 -2.55 4.51
C HIS A 96 -21.16 -1.45 3.63
N SER A 97 -21.42 -1.51 2.35
CA SER A 97 -20.89 -0.47 1.41
C SER A 97 -21.43 0.90 1.79
N ASP A 98 -20.79 1.96 1.37
CA ASP A 98 -21.25 3.33 1.75
C ASP A 98 -20.75 3.61 3.16
N MET A 99 -21.60 3.44 4.12
CA MET A 99 -21.22 3.64 5.55
C MET A 99 -22.28 2.99 6.41
N GLY A 100 -22.65 1.79 6.05
CA GLY A 100 -23.70 1.06 6.80
C GLY A 100 -23.12 -0.19 7.47
N GLY A 101 -23.93 -1.20 7.66
CA GLY A 101 -23.43 -2.43 8.29
C GLY A 101 -22.95 -2.09 9.70
N ARG A 102 -22.33 -3.01 10.38
CA ARG A 102 -21.85 -2.70 11.76
C ARG A 102 -20.65 -1.77 11.70
N MET A 103 -20.64 -0.72 12.48
CA MET A 103 -19.48 0.21 12.44
C MET A 103 -18.45 -0.20 13.49
N MET A 104 -17.25 -0.48 13.07
CA MET A 104 -16.19 -0.88 14.06
C MET A 104 -15.04 0.12 13.99
N GLU A 105 -14.49 0.48 15.11
CA GLU A 105 -13.38 1.47 15.12
C GLU A 105 -12.06 0.77 15.39
N LEU A 106 -11.04 1.13 14.66
CA LEU A 106 -9.71 0.50 14.87
C LEU A 106 -8.66 1.61 15.00
N MET A 107 -7.96 1.65 16.11
CA MET A 107 -6.92 2.69 16.32
C MET A 107 -5.56 2.02 16.54
N ASP A 108 -5.46 0.76 16.21
CA ASP A 108 -4.16 0.05 16.41
C ASP A 108 -3.93 -0.95 15.28
N ASP A 109 -3.04 -1.88 15.48
CA ASP A 109 -2.76 -2.89 14.44
C ASP A 109 -3.76 -4.04 14.58
N CYS A 110 -4.35 -4.47 13.49
CA CYS A 110 -5.34 -5.59 13.57
C CYS A 110 -4.86 -6.78 12.72
N PRO A 111 -4.02 -7.62 13.26
CA PRO A 111 -3.50 -8.81 12.52
C PRO A 111 -4.53 -9.93 12.41
N ASN A 112 -5.41 -10.04 13.38
CA ASN A 112 -6.46 -11.10 13.35
C ASN A 112 -7.81 -10.44 13.55
N LEU A 113 -8.37 -9.91 12.50
CA LEU A 113 -9.69 -9.22 12.63
C LEU A 113 -10.76 -10.25 12.98
N MET A 114 -10.53 -11.48 12.64
CA MET A 114 -11.53 -12.55 12.93
C MET A 114 -11.74 -12.63 14.44
N ASP A 115 -10.72 -12.49 15.21
CA ASP A 115 -10.89 -12.59 16.69
C ASP A 115 -11.33 -11.25 17.27
N ARG A 116 -11.11 -10.16 16.58
CA ARG A 116 -11.49 -8.85 17.16
C ARG A 116 -12.98 -8.57 16.96
N PHE A 117 -13.43 -8.53 15.74
CA PHE A 117 -14.87 -8.23 15.49
C PHE A 117 -15.60 -9.50 15.05
N ASN A 118 -14.91 -10.61 14.97
CA ASN A 118 -15.57 -11.87 14.55
C ASN A 118 -16.15 -11.70 13.15
N MET A 119 -15.47 -10.94 12.35
CA MET A 119 -15.92 -10.70 10.94
C MET A 119 -14.68 -10.40 10.11
N SER A 120 -14.62 -10.95 8.93
CA SER A 120 -13.44 -10.75 8.06
C SER A 120 -13.86 -10.05 6.77
N ASP A 121 -15.09 -9.61 6.66
CA ASP A 121 -15.50 -8.96 5.37
C ASP A 121 -16.29 -7.65 5.57
N PHE A 122 -15.61 -6.53 5.54
CA PHE A 122 -16.28 -5.20 5.67
C PHE A 122 -16.36 -4.54 4.28
N HIS A 123 -17.47 -3.95 3.94
CA HIS A 123 -17.61 -3.32 2.59
C HIS A 123 -17.35 -1.80 2.65
N SER A 124 -16.98 -1.23 3.77
CA SER A 124 -16.74 0.25 3.77
C SER A 124 -15.89 0.66 4.96
N CYS A 125 -15.32 1.85 4.91
CA CYS A 125 -14.48 2.33 6.04
C CYS A 125 -14.05 3.77 5.81
N HIS A 126 -13.33 4.35 6.73
CA HIS A 126 -12.89 5.77 6.58
C HIS A 126 -11.60 5.99 7.40
N VAL A 127 -10.72 6.85 6.95
CA VAL A 127 -9.46 7.09 7.71
C VAL A 127 -9.46 8.51 8.27
N MET A 128 -9.35 8.63 9.57
CA MET A 128 -9.33 9.97 10.22
C MET A 128 -8.04 10.69 9.85
N ASP A 129 -6.98 9.93 9.71
CA ASP A 129 -5.67 10.55 9.35
C ASP A 129 -4.54 9.53 9.39
N GLY A 130 -3.41 9.90 8.84
CA GLY A 130 -2.23 8.99 8.83
C GLY A 130 -2.24 8.08 7.61
N HIS A 131 -1.76 6.87 7.77
CA HIS A 131 -1.72 5.91 6.62
C HIS A 131 -2.06 4.50 7.10
N TRP A 132 -2.99 3.85 6.46
CA TRP A 132 -3.40 2.48 6.90
C TRP A 132 -3.23 1.44 5.78
N LEU A 133 -2.58 0.33 6.09
CA LEU A 133 -2.43 -0.76 5.07
C LEU A 133 -3.45 -1.86 5.36
N VAL A 134 -4.20 -2.30 4.38
CA VAL A 134 -5.20 -3.38 4.65
C VAL A 134 -4.76 -4.68 3.97
N TYR A 135 -4.98 -5.79 4.61
CA TYR A 135 -4.57 -7.11 4.03
C TYR A 135 -5.78 -8.03 3.79
N GLU A 136 -5.94 -8.50 2.55
CA GLU A 136 -7.08 -9.40 2.23
C GLU A 136 -7.02 -10.65 3.11
N GLN A 137 -5.85 -11.00 3.59
CA GLN A 137 -5.72 -12.21 4.47
C GLN A 137 -5.01 -11.82 5.77
N PRO A 138 -5.25 -12.55 6.83
CA PRO A 138 -4.64 -12.26 8.17
C PRO A 138 -3.11 -12.24 8.19
N ASN A 139 -2.53 -12.13 9.36
CA ASN A 139 -1.04 -12.11 9.50
C ASN A 139 -0.40 -11.18 8.46
N TYR A 140 -1.11 -10.16 8.07
CA TYR A 140 -0.55 -9.19 7.07
C TYR A 140 -0.21 -9.91 5.78
N THR A 141 -1.12 -10.71 5.27
CA THR A 141 -0.86 -11.46 4.00
C THR A 141 -2.06 -11.27 3.06
N GLY A 142 -1.89 -11.53 1.79
CA GLY A 142 -3.04 -11.36 0.83
C GLY A 142 -2.96 -9.99 0.14
N ARG A 143 -3.83 -9.75 -0.80
CA ARG A 143 -3.80 -8.47 -1.55
C ARG A 143 -3.86 -7.31 -0.56
N GLN A 144 -2.78 -6.59 -0.44
CA GLN A 144 -2.76 -5.46 0.52
C GLN A 144 -3.31 -4.20 -0.16
N PHE A 145 -3.99 -3.39 0.59
CA PHE A 145 -4.55 -2.13 0.01
C PHE A 145 -4.10 -0.94 0.87
N TYR A 146 -3.62 0.09 0.25
CA TYR A 146 -3.16 1.29 1.02
C TYR A 146 -4.32 2.28 1.13
N LEU A 147 -4.89 2.41 2.30
CA LEU A 147 -6.02 3.36 2.48
C LEU A 147 -5.52 4.63 3.16
N ARG A 148 -5.70 5.75 2.52
CA ARG A 148 -5.24 7.04 3.09
C ARG A 148 -6.47 7.80 3.62
N PRO A 149 -6.27 8.95 4.21
CA PRO A 149 -7.40 9.76 4.75
C PRO A 149 -8.54 9.89 3.73
N GLY A 150 -9.69 10.23 4.20
CA GLY A 150 -10.87 10.36 3.29
C GLY A 150 -11.92 9.33 3.69
N GLU A 151 -12.91 9.13 2.86
CA GLU A 151 -13.98 8.14 3.19
C GLU A 151 -14.00 7.00 2.18
N TYR A 152 -14.06 5.79 2.66
CA TYR A 152 -14.12 4.60 1.75
C TYR A 152 -15.55 4.07 1.79
N ARG A 153 -16.11 3.73 0.65
CA ARG A 153 -17.53 3.26 0.65
C ARG A 153 -17.70 1.87 0.02
N SER A 154 -16.71 1.36 -0.68
CA SER A 154 -16.91 0.01 -1.29
C SER A 154 -15.60 -0.53 -1.87
N TYR A 155 -15.66 -1.69 -2.48
CA TYR A 155 -14.43 -2.28 -3.09
C TYR A 155 -13.95 -1.39 -4.23
N ASN A 156 -14.74 -0.46 -4.66
CA ASN A 156 -14.30 0.43 -5.76
C ASN A 156 -13.61 1.65 -5.15
N ASP A 157 -13.54 1.70 -3.84
CA ASP A 157 -12.88 2.86 -3.18
C ASP A 157 -11.40 2.53 -2.96
N TRP A 158 -11.09 1.50 -2.21
CA TRP A 158 -9.65 1.16 -2.02
C TRP A 158 -9.17 0.47 -3.29
N GLY A 159 -9.91 0.63 -4.35
CA GLY A 159 -9.50 -0.01 -5.64
C GLY A 159 -9.54 -1.53 -5.47
N GLY A 160 -10.52 -2.02 -4.77
CA GLY A 160 -10.63 -3.48 -4.55
C GLY A 160 -11.71 -4.07 -5.44
N VAL A 161 -12.17 -5.23 -5.09
CA VAL A 161 -13.23 -5.90 -5.87
C VAL A 161 -14.05 -6.74 -4.89
N THR A 162 -13.35 -7.38 -3.98
CA THR A 162 -14.03 -8.20 -2.94
C THR A 162 -14.00 -7.41 -1.63
N SER A 163 -14.21 -8.07 -0.53
CA SER A 163 -14.19 -7.36 0.78
C SER A 163 -13.56 -8.25 1.87
N ARG A 164 -13.01 -9.37 1.50
CA ARG A 164 -12.42 -10.30 2.52
C ARG A 164 -11.15 -9.71 3.16
N MET A 165 -11.30 -8.87 4.17
CA MET A 165 -10.10 -8.29 4.87
C MET A 165 -9.92 -8.96 6.24
N GLY A 166 -8.79 -9.56 6.45
CA GLY A 166 -8.52 -10.26 7.74
C GLY A 166 -7.39 -9.57 8.51
N SER A 167 -6.49 -8.89 7.84
CA SER A 167 -5.37 -8.23 8.60
C SER A 167 -5.22 -6.77 8.21
N ILE A 168 -4.72 -5.98 9.12
CA ILE A 168 -4.52 -4.53 8.84
C ILE A 168 -3.31 -4.00 9.63
N ARG A 169 -2.50 -3.16 9.03
CA ARG A 169 -1.30 -2.63 9.77
C ARG A 169 -1.37 -1.11 9.82
N ARG A 170 -1.14 -0.56 10.98
CA ARG A 170 -1.18 0.92 11.12
C ARG A 170 0.22 1.48 10.92
N ILE A 171 0.57 1.83 9.71
CA ILE A 171 1.91 2.41 9.45
C ILE A 171 2.21 3.41 10.57
N THR A 172 2.98 3.00 11.54
CA THR A 172 3.34 3.91 12.67
C THR A 172 4.76 3.56 13.12
N ASP A 173 5.71 3.76 12.25
CA ASP A 173 7.12 3.45 12.60
C ASP A 173 8.01 3.69 11.39
N LEU A 174 8.77 4.75 11.43
CA LEU A 174 9.68 5.07 10.29
C LEU A 174 11.07 4.51 10.57
N MET A 1 11.39 15.76 1.51
CA MET A 1 12.40 14.79 2.02
C MET A 1 12.10 13.41 1.43
N GLY A 2 12.92 12.44 1.74
CA GLY A 2 12.69 11.08 1.19
C GLY A 2 13.07 11.08 -0.29
N LYS A 3 13.40 9.94 -0.83
CA LYS A 3 13.75 9.87 -2.28
C LYS A 3 13.71 8.41 -2.74
N ILE A 4 13.32 8.18 -3.97
CA ILE A 4 13.26 6.79 -4.48
C ILE A 4 14.10 6.69 -5.75
N ILE A 5 15.10 5.85 -5.75
CA ILE A 5 15.94 5.72 -6.99
C ILE A 5 15.78 4.30 -7.53
N PHE A 6 15.35 4.17 -8.76
CA PHE A 6 15.18 2.81 -9.36
C PHE A 6 16.44 2.44 -10.14
N TYR A 7 16.96 1.25 -9.92
CA TYR A 7 18.20 0.84 -10.65
C TYR A 7 17.90 -0.40 -11.50
N GLU A 8 18.37 -0.41 -12.73
CA GLU A 8 18.11 -1.57 -13.62
C GLU A 8 19.03 -2.76 -13.26
N ASP A 9 20.15 -2.52 -12.64
CA ASP A 9 21.06 -3.65 -12.30
C ASP A 9 20.61 -4.33 -11.00
N ARG A 10 20.87 -5.60 -10.86
CA ARG A 10 20.47 -6.33 -9.63
C ARG A 10 21.14 -5.70 -8.41
N ASN A 11 22.41 -5.41 -8.50
CA ASN A 11 23.11 -4.79 -7.34
C ASN A 11 22.69 -3.34 -7.21
N PHE A 12 23.46 -2.44 -7.76
CA PHE A 12 23.09 -0.99 -7.68
C PHE A 12 23.76 -0.25 -8.82
N GLY A 13 23.47 -0.64 -10.02
CA GLY A 13 24.09 0.03 -11.20
C GLY A 13 23.16 -0.06 -12.41
N GLY A 14 23.73 -0.07 -13.58
CA GLY A 14 22.90 -0.16 -14.83
C GLY A 14 22.13 1.15 -15.03
N ARG A 15 21.01 1.10 -15.71
CA ARG A 15 20.23 2.34 -15.93
C ARG A 15 19.59 2.77 -14.60
N TYR A 16 19.93 3.95 -14.13
CA TYR A 16 19.37 4.43 -12.83
C TYR A 16 18.30 5.49 -13.07
N HIS A 17 17.41 5.66 -12.13
CA HIS A 17 16.34 6.69 -12.30
C HIS A 17 15.98 7.27 -10.92
N GLU A 18 16.06 8.55 -10.77
CA GLU A 18 15.70 9.16 -9.45
C GLU A 18 14.27 9.68 -9.50
N CYS A 19 13.41 9.15 -8.66
CA CYS A 19 11.98 9.62 -8.64
C CYS A 19 11.70 10.29 -7.30
N MET A 20 11.02 11.41 -7.33
CA MET A 20 10.71 12.13 -6.08
C MET A 20 9.24 12.55 -6.10
N SER A 21 8.49 12.07 -7.06
CA SER A 21 7.05 12.45 -7.15
C SER A 21 6.22 11.29 -7.71
N ASP A 22 4.93 11.34 -7.52
CA ASP A 22 4.03 10.25 -8.03
C ASP A 22 4.22 10.07 -9.54
N CYS A 23 4.05 8.86 -10.01
CA CYS A 23 4.19 8.60 -11.48
C CYS A 23 3.13 7.56 -11.88
N ALA A 24 2.19 7.94 -12.70
CA ALA A 24 1.14 6.98 -13.13
C ALA A 24 1.66 6.17 -14.31
N ASP A 25 2.80 6.53 -14.81
CA ASP A 25 3.40 5.80 -15.97
C ASP A 25 4.91 5.63 -15.74
N LEU A 26 5.30 4.50 -15.25
CA LEU A 26 6.76 4.25 -15.02
C LEU A 26 7.32 3.49 -16.23
N HIS A 27 6.47 2.86 -16.99
CA HIS A 27 6.95 2.11 -18.18
C HIS A 27 7.69 3.05 -19.10
N SER A 28 7.19 4.25 -19.25
CA SER A 28 7.88 5.21 -20.14
C SER A 28 9.34 5.24 -19.72
N TYR A 29 9.58 5.54 -18.48
CA TYR A 29 10.98 5.61 -17.97
C TYR A 29 11.71 4.27 -18.15
N PHE A 30 11.09 3.18 -17.78
CA PHE A 30 11.78 1.85 -17.94
C PHE A 30 10.74 0.72 -18.00
N ASN A 31 11.05 -0.35 -18.69
CA ASN A 31 10.09 -1.49 -18.81
C ASN A 31 10.42 -2.57 -17.78
N ARG A 32 11.51 -2.43 -17.09
CA ARG A 32 11.90 -3.45 -16.08
C ARG A 32 12.86 -2.82 -15.09
N CYS A 33 12.96 -3.34 -13.91
CA CYS A 33 13.90 -2.79 -12.91
C CYS A 33 14.16 -3.90 -11.89
N HIS A 34 15.41 -4.21 -11.65
CA HIS A 34 15.73 -5.30 -10.68
C HIS A 34 16.21 -4.69 -9.35
N SER A 35 16.29 -3.39 -9.25
CA SER A 35 16.75 -2.80 -7.96
C SER A 35 16.05 -1.48 -7.66
N ILE A 36 15.77 -1.24 -6.40
CA ILE A 36 15.12 0.03 -5.98
C ILE A 36 15.80 0.51 -4.71
N ARG A 37 15.97 1.80 -4.54
CA ARG A 37 16.67 2.30 -3.32
C ARG A 37 15.89 3.43 -2.67
N VAL A 38 15.26 3.17 -1.55
CA VAL A 38 14.52 4.24 -0.84
C VAL A 38 15.51 4.87 0.13
N GLU A 39 15.83 6.11 -0.06
CA GLU A 39 16.80 6.76 0.85
C GLU A 39 16.08 7.13 2.14
N SER A 40 14.81 7.47 2.05
CA SER A 40 14.08 7.84 3.30
C SER A 40 12.62 8.17 3.01
N GLY A 41 11.81 8.14 4.04
CA GLY A 41 10.35 8.45 3.88
C GLY A 41 9.57 7.17 3.61
N CYS A 42 8.46 7.29 2.95
CA CYS A 42 7.63 6.09 2.62
C CYS A 42 7.24 6.22 1.14
N PHE A 43 6.99 5.12 0.49
CA PHE A 43 6.62 5.22 -0.96
C PHE A 43 5.65 4.09 -1.31
N MET A 44 4.67 4.38 -2.13
CA MET A 44 3.71 3.32 -2.54
C MET A 44 3.98 3.00 -4.00
N VAL A 45 4.27 1.75 -4.30
CA VAL A 45 4.56 1.37 -5.72
C VAL A 45 3.46 0.45 -6.24
N TYR A 46 3.13 0.59 -7.51
CA TYR A 46 2.03 -0.23 -8.10
C TYR A 46 2.54 -1.09 -9.25
N ASP A 47 2.08 -2.31 -9.31
CA ASP A 47 2.49 -3.24 -10.40
C ASP A 47 1.78 -2.84 -11.71
N ARG A 48 0.86 -1.92 -11.64
CA ARG A 48 0.17 -1.47 -12.89
C ARG A 48 0.17 0.07 -12.95
N THR A 49 0.06 0.62 -14.12
CA THR A 49 0.08 2.11 -14.30
C THR A 49 -1.16 2.77 -13.64
N ASN A 50 -1.04 4.03 -13.31
CA ASN A 50 -2.19 4.78 -12.69
C ASN A 50 -2.50 4.29 -11.27
N PHE A 51 -1.48 3.89 -10.56
CA PHE A 51 -1.70 3.44 -9.15
C PHE A 51 -2.66 2.26 -9.14
N MET A 52 -2.33 1.19 -9.81
CA MET A 52 -3.25 0.01 -9.81
C MET A 52 -2.43 -1.30 -9.86
N GLY A 53 -3.08 -2.43 -9.69
CA GLY A 53 -2.36 -3.74 -9.74
C GLY A 53 -1.79 -4.09 -8.36
N ARG A 54 -0.88 -5.04 -8.30
CA ARG A 54 -0.29 -5.42 -6.99
C ARG A 54 0.38 -4.18 -6.41
N GLN A 55 -0.05 -3.76 -5.25
CA GLN A 55 0.54 -2.55 -4.61
C GLN A 55 1.50 -3.00 -3.52
N TYR A 56 2.67 -2.40 -3.47
CA TYR A 56 3.65 -2.80 -2.42
C TYR A 56 4.11 -1.55 -1.66
N PHE A 57 4.10 -1.61 -0.35
CA PHE A 57 4.52 -0.44 0.48
C PHE A 57 6.00 -0.59 0.86
N LEU A 58 6.83 0.34 0.43
CA LEU A 58 8.29 0.25 0.75
C LEU A 58 8.77 1.47 1.54
N ARG A 59 9.33 1.25 2.70
CA ARG A 59 9.81 2.39 3.55
C ARG A 59 11.33 2.54 3.49
N ARG A 60 11.84 3.64 4.00
CA ARG A 60 13.31 3.90 4.01
C ARG A 60 14.10 2.59 4.07
N GLY A 61 14.78 2.25 3.01
CA GLY A 61 15.56 0.99 3.01
C GLY A 61 16.17 0.75 1.64
N GLU A 62 17.11 -0.14 1.55
CA GLU A 62 17.75 -0.44 0.25
C GLU A 62 17.21 -1.77 -0.26
N TYR A 63 16.70 -1.79 -1.46
CA TYR A 63 16.14 -3.06 -2.02
C TYR A 63 17.08 -3.56 -3.12
N PRO A 64 17.97 -4.47 -2.80
CA PRO A 64 18.95 -5.00 -3.77
C PRO A 64 18.29 -5.88 -4.85
N ASP A 65 17.07 -6.30 -4.63
CA ASP A 65 16.38 -7.15 -5.63
C ASP A 65 14.91 -7.28 -5.22
N TYR A 66 14.00 -7.31 -6.16
CA TYR A 66 12.57 -7.44 -5.79
C TYR A 66 11.81 -8.20 -6.90
N MET A 67 12.41 -9.24 -7.44
CA MET A 67 11.74 -10.04 -8.51
C MET A 67 11.28 -11.38 -7.95
N ARG A 68 12.14 -12.04 -7.22
CA ARG A 68 11.78 -13.35 -6.60
C ARG A 68 11.42 -13.10 -5.14
N THR A 69 11.78 -11.95 -4.64
CA THR A 69 11.48 -11.63 -3.22
C THR A 69 10.11 -10.95 -3.14
N MET A 70 9.59 -10.52 -4.27
CA MET A 70 8.26 -9.86 -4.29
C MET A 70 7.30 -10.73 -5.11
N GLY A 71 7.82 -11.44 -6.07
CA GLY A 71 6.96 -12.33 -6.91
C GLY A 71 6.25 -11.54 -8.02
N MET A 72 6.98 -10.74 -8.77
CA MET A 72 6.34 -9.95 -9.86
C MET A 72 7.00 -10.30 -11.20
N ASN A 73 6.24 -10.33 -12.27
CA ASN A 73 6.82 -10.65 -13.60
C ASN A 73 7.14 -9.35 -14.34
N ASP A 74 7.89 -8.48 -13.71
CA ASP A 74 8.25 -7.17 -14.33
C ASP A 74 8.50 -6.18 -13.20
N CYS A 75 8.67 -4.94 -13.53
CA CYS A 75 8.91 -3.92 -12.48
C CYS A 75 7.60 -3.19 -12.16
N VAL A 76 7.73 -2.11 -11.45
CA VAL A 76 6.54 -1.27 -11.09
C VAL A 76 6.12 -0.49 -12.33
N ARG A 77 4.84 -0.34 -12.57
CA ARG A 77 4.41 0.45 -13.75
C ARG A 77 3.86 1.78 -13.25
N SER A 78 3.55 1.87 -11.98
CA SER A 78 3.04 3.17 -11.44
C SER A 78 3.49 3.33 -9.99
N CYS A 79 3.39 4.51 -9.47
CA CYS A 79 3.82 4.73 -8.07
C CYS A 79 3.23 6.01 -7.50
N ARG A 80 3.01 6.02 -6.21
CA ARG A 80 2.44 7.23 -5.54
C ARG A 80 3.21 7.48 -4.24
N MET A 81 3.53 8.71 -3.96
CA MET A 81 4.25 9.05 -2.71
C MET A 81 3.24 9.34 -1.62
N ILE A 82 3.62 9.24 -0.38
CA ILE A 82 2.68 9.50 0.73
C ILE A 82 3.07 10.82 1.46
N PRO A 83 2.10 11.68 1.75
CA PRO A 83 2.37 12.97 2.45
C PRO A 83 2.78 12.76 3.92
N LEU A 84 3.52 13.69 4.47
CA LEU A 84 3.93 13.55 5.90
C LEU A 84 2.74 13.80 6.81
N HIS A 85 1.65 13.14 6.58
CA HIS A 85 0.45 13.35 7.44
C HIS A 85 0.53 12.43 8.66
N HIS A 86 0.66 13.01 9.82
CA HIS A 86 0.75 12.18 11.06
C HIS A 86 -0.04 12.85 12.18
N GLY A 87 -1.32 13.05 11.98
CA GLY A 87 -2.15 13.68 13.04
C GLY A 87 -2.58 12.61 14.04
N SER A 88 -3.59 11.86 13.73
CA SER A 88 -4.06 10.79 14.65
C SER A 88 -4.33 9.50 13.88
N PHE A 89 -4.32 8.38 14.56
CA PHE A 89 -4.58 7.07 13.88
C PHE A 89 -5.93 6.51 14.32
N LYS A 90 -6.85 6.43 13.41
CA LYS A 90 -8.18 5.90 13.78
C LYS A 90 -8.88 5.47 12.49
N MET A 91 -9.30 4.23 12.40
CA MET A 91 -9.98 3.76 11.17
C MET A 91 -11.47 3.57 11.46
N ARG A 92 -12.32 4.19 10.70
CA ARG A 92 -13.78 4.02 10.93
C ARG A 92 -14.30 3.01 9.92
N LEU A 93 -14.70 1.86 10.39
CA LEU A 93 -15.14 0.79 9.46
C LEU A 93 -16.65 0.70 9.37
N TYR A 94 -17.13 0.31 8.22
CA TYR A 94 -18.59 0.15 8.02
C TYR A 94 -18.82 -1.16 7.25
N GLU A 95 -19.67 -2.01 7.77
CA GLU A 95 -19.89 -3.33 7.12
C GLU A 95 -20.53 -3.21 5.73
N HIS A 96 -21.21 -2.14 5.43
CA HIS A 96 -21.85 -2.02 4.08
C HIS A 96 -21.21 -0.90 3.26
N SER A 97 -21.40 -0.91 1.97
CA SER A 97 -20.80 0.14 1.10
C SER A 97 -21.29 1.52 1.55
N ASP A 98 -20.59 2.58 1.21
CA ASP A 98 -21.00 3.94 1.64
C ASP A 98 -20.54 4.14 3.09
N MET A 99 -21.36 3.80 4.02
CA MET A 99 -21.02 3.94 5.46
C MET A 99 -22.18 3.33 6.24
N GLY A 100 -22.72 2.26 5.74
CA GLY A 100 -23.87 1.59 6.40
C GLY A 100 -23.41 0.31 7.10
N GLY A 101 -24.33 -0.55 7.42
CA GLY A 101 -23.96 -1.82 8.10
C GLY A 101 -23.55 -1.50 9.54
N ARG A 102 -22.63 -2.22 10.09
CA ARG A 102 -22.18 -1.96 11.48
C ARG A 102 -20.89 -1.14 11.45
N MET A 103 -20.77 -0.17 12.32
CA MET A 103 -19.54 0.68 12.32
C MET A 103 -18.54 0.18 13.37
N MET A 104 -17.39 -0.27 12.95
CA MET A 104 -16.39 -0.76 13.95
C MET A 104 -15.28 0.29 14.09
N GLU A 105 -14.86 0.55 15.30
CA GLU A 105 -13.78 1.55 15.51
C GLU A 105 -12.45 0.82 15.69
N LEU A 106 -11.50 1.11 14.86
CA LEU A 106 -10.18 0.41 14.96
C LEU A 106 -9.07 1.45 14.86
N MET A 107 -8.26 1.58 15.88
CA MET A 107 -7.16 2.58 15.84
C MET A 107 -5.84 1.89 16.23
N ASP A 108 -5.78 0.59 16.11
CA ASP A 108 -4.54 -0.15 16.46
C ASP A 108 -4.22 -1.16 15.36
N ASP A 109 -3.32 -2.07 15.62
CA ASP A 109 -2.96 -3.08 14.59
C ASP A 109 -3.92 -4.27 14.69
N CYS A 110 -4.45 -4.72 13.56
CA CYS A 110 -5.41 -5.85 13.60
C CYS A 110 -4.84 -7.05 12.81
N PRO A 111 -4.09 -7.90 13.46
CA PRO A 111 -3.49 -9.09 12.79
C PRO A 111 -4.49 -10.23 12.66
N ASN A 112 -5.53 -10.23 13.45
CA ASN A 112 -6.54 -11.32 13.39
C ASN A 112 -7.92 -10.69 13.56
N LEU A 113 -8.51 -10.22 12.50
CA LEU A 113 -9.85 -9.58 12.62
C LEU A 113 -10.92 -10.63 12.90
N MET A 114 -10.69 -11.84 12.49
CA MET A 114 -11.68 -12.92 12.75
C MET A 114 -11.94 -13.01 14.25
N ASP A 115 -10.92 -12.87 15.05
CA ASP A 115 -11.09 -12.96 16.52
C ASP A 115 -11.51 -11.60 17.09
N ARG A 116 -11.25 -10.52 16.39
CA ARG A 116 -11.60 -9.20 16.96
C ARG A 116 -13.08 -8.90 16.77
N PHE A 117 -13.54 -8.87 15.55
CA PHE A 117 -14.97 -8.54 15.28
C PHE A 117 -15.71 -9.80 14.80
N ASN A 118 -15.04 -10.91 14.70
CA ASN A 118 -15.72 -12.16 14.24
C ASN A 118 -16.36 -11.89 12.88
N MET A 119 -15.71 -11.05 12.13
CA MET A 119 -16.20 -10.70 10.76
C MET A 119 -14.99 -10.29 9.94
N SER A 120 -14.95 -10.72 8.71
CA SER A 120 -13.78 -10.40 7.85
C SER A 120 -14.25 -9.74 6.55
N ASP A 121 -15.49 -9.34 6.45
CA ASP A 121 -15.94 -8.70 5.16
C ASP A 121 -16.68 -7.36 5.35
N PHE A 122 -15.97 -6.27 5.26
CA PHE A 122 -16.60 -4.92 5.39
C PHE A 122 -16.58 -4.25 4.01
N HIS A 123 -17.66 -3.62 3.62
CA HIS A 123 -17.71 -2.97 2.28
C HIS A 123 -17.45 -1.45 2.39
N SER A 124 -17.18 -0.92 3.56
CA SER A 124 -16.94 0.56 3.64
C SER A 124 -15.95 0.90 4.75
N CYS A 125 -15.27 2.01 4.62
CA CYS A 125 -14.29 2.39 5.68
C CYS A 125 -13.89 3.86 5.51
N HIS A 126 -13.31 4.42 6.54
CA HIS A 126 -12.89 5.86 6.46
C HIS A 126 -11.63 6.05 7.31
N VAL A 127 -10.73 6.92 6.89
CA VAL A 127 -9.48 7.12 7.69
C VAL A 127 -9.46 8.53 8.28
N MET A 128 -9.35 8.62 9.58
CA MET A 128 -9.34 9.95 10.26
C MET A 128 -7.96 10.62 10.08
N ASP A 129 -6.95 9.83 9.84
CA ASP A 129 -5.59 10.43 9.67
C ASP A 129 -4.51 9.35 9.62
N GLY A 130 -3.28 9.76 9.43
CA GLY A 130 -2.14 8.81 9.40
C GLY A 130 -2.14 8.01 8.09
N HIS A 131 -1.97 6.72 8.17
CA HIS A 131 -1.96 5.87 6.94
C HIS A 131 -2.18 4.41 7.35
N TRP A 132 -2.96 3.69 6.59
CA TRP A 132 -3.24 2.27 6.98
C TRP A 132 -3.05 1.30 5.82
N LEU A 133 -2.53 0.12 6.09
CA LEU A 133 -2.36 -0.91 5.03
C LEU A 133 -3.35 -2.05 5.35
N VAL A 134 -4.06 -2.52 4.36
CA VAL A 134 -5.05 -3.62 4.61
C VAL A 134 -4.59 -4.90 3.92
N TYR A 135 -4.82 -6.02 4.56
CA TYR A 135 -4.39 -7.33 3.98
C TYR A 135 -5.58 -8.27 3.76
N GLU A 136 -5.75 -8.75 2.55
CA GLU A 136 -6.87 -9.69 2.25
C GLU A 136 -6.74 -10.94 3.12
N GLN A 137 -5.53 -11.27 3.52
CA GLN A 137 -5.33 -12.48 4.38
C GLN A 137 -4.69 -12.04 5.70
N PRO A 138 -4.91 -12.79 6.76
CA PRO A 138 -4.38 -12.48 8.12
C PRO A 138 -2.84 -12.42 8.19
N ASN A 139 -2.31 -12.19 9.37
CA ASN A 139 -0.83 -12.13 9.56
C ASN A 139 -0.20 -11.17 8.54
N TYR A 140 -0.91 -10.13 8.18
CA TYR A 140 -0.37 -9.14 7.21
C TYR A 140 0.01 -9.86 5.91
N THR A 141 -0.88 -10.63 5.36
CA THR A 141 -0.58 -11.36 4.09
C THR A 141 -1.78 -11.26 3.15
N GLY A 142 -1.59 -11.54 1.87
CA GLY A 142 -2.73 -11.46 0.91
C GLY A 142 -2.68 -10.12 0.17
N ARG A 143 -3.54 -9.94 -0.79
CA ARG A 143 -3.54 -8.65 -1.55
C ARG A 143 -3.60 -7.50 -0.57
N GLN A 144 -2.52 -6.77 -0.45
CA GLN A 144 -2.51 -5.63 0.50
C GLN A 144 -3.03 -4.37 -0.18
N PHE A 145 -3.68 -3.54 0.59
CA PHE A 145 -4.21 -2.27 0.01
C PHE A 145 -3.77 -1.10 0.91
N TYR A 146 -3.47 0.03 0.32
CA TYR A 146 -3.02 1.20 1.12
C TYR A 146 -4.16 2.21 1.23
N LEU A 147 -4.77 2.31 2.39
CA LEU A 147 -5.90 3.28 2.56
C LEU A 147 -5.37 4.53 3.26
N ARG A 148 -5.51 5.66 2.62
CA ARG A 148 -5.04 6.94 3.22
C ARG A 148 -6.27 7.75 3.64
N PRO A 149 -6.09 8.80 4.38
CA PRO A 149 -7.22 9.66 4.84
C PRO A 149 -8.31 9.78 3.77
N GLY A 150 -9.46 10.24 4.15
CA GLY A 150 -10.57 10.38 3.18
C GLY A 150 -11.68 9.39 3.53
N GLU A 151 -12.58 9.16 2.62
CA GLU A 151 -13.70 8.21 2.90
C GLU A 151 -13.74 7.08 1.87
N TYR A 152 -13.84 5.86 2.34
CA TYR A 152 -13.92 4.68 1.43
C TYR A 152 -15.36 4.14 1.52
N ARG A 153 -15.90 3.62 0.45
CA ARG A 153 -17.32 3.14 0.50
C ARG A 153 -17.51 1.80 -0.22
N SER A 154 -16.51 1.26 -0.86
CA SER A 154 -16.72 -0.04 -1.57
C SER A 154 -15.39 -0.62 -2.02
N TYR A 155 -15.39 -1.86 -2.42
CA TYR A 155 -14.12 -2.49 -2.89
C TYR A 155 -13.56 -1.67 -4.03
N ASN A 156 -14.32 -0.74 -4.53
CA ASN A 156 -13.82 0.11 -5.64
C ASN A 156 -13.09 1.32 -5.07
N ASP A 157 -13.08 1.46 -3.77
CA ASP A 157 -12.38 2.62 -3.14
C ASP A 157 -10.93 2.24 -2.86
N TRP A 158 -10.69 1.24 -2.05
CA TRP A 158 -9.29 0.84 -1.80
C TRP A 158 -8.79 0.13 -3.05
N GLY A 159 -9.54 0.22 -4.13
CA GLY A 159 -9.13 -0.44 -5.39
C GLY A 159 -9.20 -1.95 -5.20
N GLY A 160 -10.16 -2.40 -4.45
CA GLY A 160 -10.30 -3.86 -4.21
C GLY A 160 -11.34 -4.45 -5.15
N VAL A 161 -11.85 -5.59 -4.80
CA VAL A 161 -12.90 -6.23 -5.64
C VAL A 161 -13.79 -7.04 -4.71
N THR A 162 -13.19 -7.68 -3.74
CA THR A 162 -13.96 -8.47 -2.75
C THR A 162 -13.97 -7.72 -1.43
N SER A 163 -14.17 -8.42 -0.35
CA SER A 163 -14.18 -7.77 0.98
C SER A 163 -13.44 -8.64 2.01
N ARG A 164 -12.87 -9.74 1.56
CA ARG A 164 -12.17 -10.67 2.50
C ARG A 164 -10.95 -10.02 3.17
N MET A 165 -11.15 -9.18 4.15
CA MET A 165 -9.99 -8.54 4.87
C MET A 165 -9.80 -9.19 6.25
N GLY A 166 -8.69 -9.84 6.46
CA GLY A 166 -8.44 -10.50 7.76
C GLY A 166 -7.31 -9.81 8.51
N SER A 167 -6.41 -9.11 7.84
CA SER A 167 -5.31 -8.45 8.58
C SER A 167 -5.15 -7.00 8.18
N ILE A 168 -4.71 -6.19 9.09
CA ILE A 168 -4.51 -4.75 8.79
C ILE A 168 -3.35 -4.20 9.63
N ARG A 169 -2.51 -3.37 9.06
CA ARG A 169 -1.37 -2.82 9.84
C ARG A 169 -1.33 -1.30 9.76
N ARG A 170 -1.03 -0.66 10.85
CA ARG A 170 -0.96 0.82 10.84
C ARG A 170 0.49 1.25 10.60
N ILE A 171 0.98 1.06 9.41
CA ILE A 171 2.37 1.47 9.12
C ILE A 171 3.30 0.88 10.18
N THR A 172 4.26 1.64 10.56
CA THR A 172 5.23 1.18 11.61
C THR A 172 5.53 2.32 12.57
N ASP A 173 4.52 3.05 12.97
CA ASP A 173 4.71 4.18 13.91
C ASP A 173 6.04 4.88 13.63
N LEU A 174 6.36 5.06 12.37
CA LEU A 174 7.63 5.73 12.02
C LEU A 174 7.63 7.14 12.62
N MET A 1 12.42 13.62 4.18
CA MET A 1 11.77 13.75 2.85
C MET A 1 11.69 12.38 2.19
N GLY A 2 12.45 11.44 2.66
CA GLY A 2 12.42 10.08 2.03
C GLY A 2 12.91 10.19 0.58
N LYS A 3 13.54 9.16 0.10
CA LYS A 3 14.03 9.20 -1.31
C LYS A 3 13.99 7.80 -1.91
N ILE A 4 13.59 7.68 -3.15
CA ILE A 4 13.53 6.34 -3.80
C ILE A 4 14.34 6.37 -5.09
N ILE A 5 15.31 5.51 -5.21
CA ILE A 5 16.14 5.48 -6.45
C ILE A 5 16.04 4.09 -7.08
N PHE A 6 15.68 4.02 -8.34
CA PHE A 6 15.57 2.70 -9.03
C PHE A 6 16.89 2.39 -9.72
N TYR A 7 17.14 1.15 -10.07
CA TYR A 7 18.43 0.81 -10.75
C TYR A 7 18.17 -0.32 -11.75
N GLU A 8 18.70 -0.21 -12.94
CA GLU A 8 18.47 -1.25 -13.97
C GLU A 8 19.26 -2.54 -13.64
N ASP A 9 20.51 -2.41 -13.29
CA ASP A 9 21.31 -3.63 -12.97
C ASP A 9 20.96 -4.16 -11.59
N ARG A 10 21.05 -5.46 -11.41
CA ARG A 10 20.71 -6.06 -10.08
C ARG A 10 21.70 -5.57 -9.02
N ASN A 11 22.96 -5.48 -9.35
CA ASN A 11 23.96 -5.03 -8.35
C ASN A 11 24.07 -3.50 -8.38
N PHE A 12 22.95 -2.82 -8.42
CA PHE A 12 22.98 -1.33 -8.47
C PHE A 12 23.88 -0.87 -9.60
N GLY A 13 23.32 -0.68 -10.76
CA GLY A 13 24.13 -0.22 -11.92
C GLY A 13 23.24 -0.08 -13.15
N GLY A 14 23.84 0.14 -14.29
CA GLY A 14 23.03 0.29 -15.53
C GLY A 14 22.31 1.63 -15.51
N ARG A 15 21.09 1.67 -15.98
CA ARG A 15 20.32 2.95 -15.98
C ARG A 15 19.69 3.14 -14.60
N TYR A 16 19.98 4.25 -13.96
CA TYR A 16 19.41 4.51 -12.61
C TYR A 16 18.34 5.60 -12.70
N HIS A 17 17.48 5.68 -11.73
CA HIS A 17 16.43 6.73 -11.76
C HIS A 17 16.19 7.24 -10.32
N GLU A 18 16.34 8.52 -10.10
CA GLU A 18 16.12 9.07 -8.72
C GLU A 18 14.73 9.73 -8.65
N CYS A 19 13.89 9.26 -7.76
CA CYS A 19 12.53 9.86 -7.65
C CYS A 19 12.35 10.44 -6.25
N MET A 20 11.71 11.57 -6.16
CA MET A 20 11.48 12.23 -4.86
C MET A 20 10.01 12.63 -4.76
N SER A 21 9.22 12.21 -5.72
CA SER A 21 7.77 12.55 -5.68
C SER A 21 6.96 11.45 -6.36
N ASP A 22 5.66 11.49 -6.22
CA ASP A 22 4.79 10.44 -6.84
C ASP A 22 5.09 10.33 -8.34
N CYS A 23 4.86 9.17 -8.88
CA CYS A 23 5.10 8.95 -10.34
C CYS A 23 4.09 7.89 -10.82
N ALA A 24 3.16 8.26 -11.65
CA ALA A 24 2.15 7.28 -12.12
C ALA A 24 2.61 6.69 -13.46
N ASP A 25 3.65 7.23 -14.01
CA ASP A 25 4.17 6.73 -15.31
C ASP A 25 5.66 6.39 -15.14
N LEU A 26 5.97 5.13 -14.95
CA LEU A 26 7.39 4.73 -14.77
C LEU A 26 7.84 3.95 -16.01
N HIS A 27 6.91 3.41 -16.76
CA HIS A 27 7.29 2.65 -17.97
C HIS A 27 8.02 3.57 -18.94
N SER A 28 7.48 4.74 -19.16
CA SER A 28 8.14 5.68 -20.10
C SER A 28 9.59 5.77 -19.68
N TYR A 29 9.83 6.10 -18.43
CA TYR A 29 11.22 6.23 -17.91
C TYR A 29 12.01 4.93 -18.14
N PHE A 30 11.41 3.79 -17.89
CA PHE A 30 12.14 2.51 -18.11
C PHE A 30 11.15 1.36 -18.25
N ASN A 31 11.53 0.31 -18.94
CA ASN A 31 10.58 -0.84 -19.14
C ASN A 31 10.98 -2.03 -18.26
N ARG A 32 12.12 -1.95 -17.62
CA ARG A 32 12.55 -3.07 -16.74
C ARG A 32 13.40 -2.50 -15.60
N CYS A 33 13.35 -3.14 -14.46
CA CYS A 33 14.16 -2.68 -13.31
C CYS A 33 14.39 -3.88 -12.41
N HIS A 34 15.61 -4.19 -12.10
CA HIS A 34 15.90 -5.37 -11.24
C HIS A 34 16.38 -4.91 -9.86
N SER A 35 16.65 -3.63 -9.70
CA SER A 35 17.13 -3.14 -8.38
C SER A 35 16.35 -1.89 -7.94
N ILE A 36 15.99 -1.83 -6.69
CA ILE A 36 15.25 -0.65 -6.16
C ILE A 36 15.89 -0.26 -4.83
N ARG A 37 16.00 1.02 -4.54
CA ARG A 37 16.66 1.41 -3.25
C ARG A 37 15.89 2.53 -2.55
N VAL A 38 15.36 2.23 -1.39
CA VAL A 38 14.65 3.27 -0.60
C VAL A 38 15.62 3.76 0.46
N GLU A 39 15.99 5.00 0.43
CA GLU A 39 16.95 5.51 1.43
C GLU A 39 16.21 5.77 2.74
N SER A 40 14.99 6.21 2.66
CA SER A 40 14.25 6.49 3.91
C SER A 40 12.80 6.86 3.62
N GLY A 41 11.97 6.78 4.62
CA GLY A 41 10.53 7.12 4.44
C GLY A 41 9.79 5.89 3.91
N CYS A 42 8.50 6.01 3.74
CA CYS A 42 7.68 4.87 3.24
C CYS A 42 7.44 5.03 1.73
N PHE A 43 7.32 3.94 1.01
CA PHE A 43 7.08 4.06 -0.46
C PHE A 43 6.17 2.92 -0.91
N MET A 44 5.22 3.22 -1.76
CA MET A 44 4.31 2.17 -2.28
C MET A 44 4.59 2.02 -3.78
N VAL A 45 4.82 0.82 -4.25
CA VAL A 45 5.11 0.63 -5.70
C VAL A 45 4.00 -0.16 -6.35
N TYR A 46 3.68 0.16 -7.58
CA TYR A 46 2.56 -0.54 -8.28
C TYR A 46 3.03 -1.25 -9.56
N ASP A 47 2.52 -2.42 -9.81
CA ASP A 47 2.89 -3.17 -11.04
C ASP A 47 2.19 -2.55 -12.26
N ARG A 48 1.31 -1.61 -12.03
CA ARG A 48 0.61 -0.95 -13.17
C ARG A 48 0.68 0.57 -12.97
N THR A 49 0.52 1.30 -14.03
CA THR A 49 0.58 2.81 -13.95
C THR A 49 -0.65 3.37 -13.22
N ASN A 50 -0.52 4.57 -12.69
CA ASN A 50 -1.65 5.24 -11.98
C ASN A 50 -1.99 4.55 -10.66
N PHE A 51 -1.01 4.01 -10.00
CA PHE A 51 -1.27 3.36 -8.69
C PHE A 51 -2.23 2.19 -8.88
N MET A 52 -1.85 1.21 -9.65
CA MET A 52 -2.76 0.05 -9.87
C MET A 52 -1.93 -1.23 -10.14
N GLY A 53 -2.58 -2.37 -10.20
CA GLY A 53 -1.83 -3.63 -10.44
C GLY A 53 -1.29 -4.19 -9.12
N ARG A 54 -0.45 -5.18 -9.18
CA ARG A 54 0.11 -5.75 -7.92
C ARG A 54 0.75 -4.61 -7.13
N GLN A 55 0.23 -4.34 -5.95
CA GLN A 55 0.77 -3.23 -5.14
C GLN A 55 1.69 -3.80 -4.05
N TYR A 56 2.84 -3.22 -3.86
CA TYR A 56 3.79 -3.72 -2.82
C TYR A 56 4.20 -2.56 -1.92
N PHE A 57 4.09 -2.73 -0.62
CA PHE A 57 4.50 -1.63 0.31
C PHE A 57 6.01 -1.75 0.58
N LEU A 58 6.78 -0.75 0.23
CA LEU A 58 8.27 -0.83 0.43
C LEU A 58 8.78 0.37 1.24
N ARG A 59 9.34 0.12 2.40
CA ARG A 59 9.84 1.25 3.26
C ARG A 59 11.37 1.32 3.29
N ARG A 60 11.90 2.28 4.01
CA ARG A 60 13.38 2.46 4.15
C ARG A 60 14.09 1.12 4.05
N GLY A 61 14.77 0.87 2.97
CA GLY A 61 15.51 -0.42 2.83
C GLY A 61 16.18 -0.48 1.47
N GLU A 62 17.18 -1.31 1.36
CA GLU A 62 17.90 -1.46 0.07
C GLU A 62 17.48 -2.79 -0.55
N TYR A 63 17.03 -2.78 -1.79
CA TYR A 63 16.61 -4.04 -2.45
C TYR A 63 17.52 -4.31 -3.64
N PRO A 64 18.49 -5.18 -3.47
CA PRO A 64 19.46 -5.51 -4.55
C PRO A 64 18.87 -6.45 -5.61
N ASP A 65 17.67 -6.94 -5.39
CA ASP A 65 17.05 -7.86 -6.39
C ASP A 65 15.58 -8.04 -6.02
N TYR A 66 14.67 -7.98 -6.96
CA TYR A 66 13.24 -8.15 -6.59
C TYR A 66 12.45 -8.78 -7.77
N MET A 67 13.08 -9.61 -8.55
CA MET A 67 12.36 -10.26 -9.69
C MET A 67 11.89 -11.65 -9.27
N ARG A 68 12.76 -12.41 -8.65
CA ARG A 68 12.36 -13.78 -8.20
C ARG A 68 12.04 -13.72 -6.71
N THR A 69 12.46 -12.67 -6.05
CA THR A 69 12.19 -12.52 -4.60
C THR A 69 10.85 -11.83 -4.38
N MET A 70 10.36 -11.12 -5.36
CA MET A 70 9.06 -10.42 -5.22
C MET A 70 8.02 -11.16 -6.06
N GLY A 71 8.46 -11.85 -7.08
CA GLY A 71 7.51 -12.61 -7.94
C GLY A 71 6.82 -11.69 -8.96
N MET A 72 7.60 -10.94 -9.72
CA MET A 72 6.99 -10.02 -10.73
C MET A 72 7.64 -10.25 -12.10
N ASN A 73 6.86 -10.23 -13.15
CA ASN A 73 7.43 -10.45 -14.52
C ASN A 73 7.65 -9.09 -15.21
N ASP A 74 8.42 -8.23 -14.59
CA ASP A 74 8.69 -6.88 -15.16
C ASP A 74 8.95 -5.93 -14.00
N CYS A 75 9.10 -4.67 -14.30
CA CYS A 75 9.35 -3.67 -13.21
C CYS A 75 8.04 -3.02 -12.79
N VAL A 76 8.16 -2.05 -11.92
CA VAL A 76 6.98 -1.30 -11.43
C VAL A 76 6.58 -0.28 -12.50
N ARG A 77 5.32 -0.03 -12.71
CA ARG A 77 4.94 0.96 -13.73
C ARG A 77 4.42 2.20 -13.02
N SER A 78 4.08 2.10 -11.75
CA SER A 78 3.60 3.32 -11.01
C SER A 78 4.20 3.34 -9.61
N CYS A 79 4.23 4.50 -9.01
CA CYS A 79 4.79 4.63 -7.64
C CYS A 79 4.18 5.83 -6.93
N ARG A 80 3.96 5.71 -5.64
CA ARG A 80 3.38 6.83 -4.86
C ARG A 80 4.18 6.99 -3.56
N MET A 81 4.47 8.19 -3.16
CA MET A 81 5.25 8.39 -1.90
C MET A 81 4.31 8.73 -0.76
N ILE A 82 4.76 8.55 0.46
CA ILE A 82 3.91 8.88 1.64
C ILE A 82 4.65 9.88 2.54
N PRO A 83 4.59 11.15 2.23
CA PRO A 83 5.28 12.22 3.00
C PRO A 83 5.00 12.14 4.51
N LEU A 84 5.62 12.99 5.28
CA LEU A 84 5.41 12.97 6.76
C LEU A 84 4.21 13.85 7.11
N HIS A 85 3.06 13.56 6.55
CA HIS A 85 1.85 14.38 6.85
C HIS A 85 1.43 14.17 8.32
N HIS A 86 0.51 14.97 8.81
CA HIS A 86 0.07 14.82 10.23
C HIS A 86 -0.20 13.35 10.55
N GLY A 87 0.25 12.90 11.69
CA GLY A 87 0.08 11.47 12.08
C GLY A 87 -1.39 11.07 12.28
N SER A 88 -2.06 11.60 13.27
CA SER A 88 -3.49 11.22 13.57
C SER A 88 -3.97 10.01 12.78
N PHE A 89 -4.28 8.95 13.48
CA PHE A 89 -4.77 7.70 12.82
C PHE A 89 -6.09 7.25 13.44
N LYS A 90 -7.05 6.91 12.62
CA LYS A 90 -8.37 6.42 13.15
C LYS A 90 -9.22 5.96 11.97
N MET A 91 -9.68 4.74 11.97
CA MET A 91 -10.51 4.25 10.83
C MET A 91 -11.90 3.87 11.33
N ARG A 92 -12.92 4.27 10.61
CA ARG A 92 -14.32 3.92 11.02
C ARG A 92 -14.85 2.88 10.03
N LEU A 93 -15.24 1.74 10.52
CA LEU A 93 -15.70 0.66 9.59
C LEU A 93 -17.20 0.47 9.61
N TYR A 94 -17.72 0.04 8.50
CA TYR A 94 -19.16 -0.24 8.37
C TYR A 94 -19.32 -1.58 7.65
N GLU A 95 -19.99 -2.51 8.28
CA GLU A 95 -20.16 -3.87 7.68
C GLU A 95 -20.88 -3.79 6.33
N HIS A 96 -21.69 -2.79 6.08
CA HIS A 96 -22.41 -2.72 4.76
C HIS A 96 -21.88 -1.57 3.91
N SER A 97 -22.15 -1.62 2.62
CA SER A 97 -21.68 -0.54 1.71
C SER A 97 -22.26 0.80 2.17
N ASP A 98 -21.60 1.89 1.86
CA ASP A 98 -22.10 3.23 2.30
C ASP A 98 -21.61 3.49 3.72
N MET A 99 -22.39 3.11 4.68
CA MET A 99 -22.02 3.30 6.11
C MET A 99 -23.09 2.60 6.93
N GLY A 100 -23.41 1.39 6.55
CA GLY A 100 -24.48 0.62 7.27
C GLY A 100 -23.89 -0.61 7.96
N GLY A 101 -24.75 -1.55 8.26
CA GLY A 101 -24.28 -2.79 8.93
C GLY A 101 -23.70 -2.42 10.30
N ARG A 102 -22.88 -3.28 10.86
CA ARG A 102 -22.28 -2.97 12.19
C ARG A 102 -21.11 -2.01 12.02
N MET A 103 -21.11 -0.92 12.76
CA MET A 103 -20.01 0.06 12.65
C MET A 103 -18.93 -0.27 13.68
N MET A 104 -17.71 -0.49 13.24
CA MET A 104 -16.62 -0.79 14.20
C MET A 104 -15.50 0.23 14.02
N GLU A 105 -14.95 0.71 15.09
CA GLU A 105 -13.87 1.73 14.97
C GLU A 105 -12.51 1.09 15.23
N LEU A 106 -11.51 1.52 14.51
CA LEU A 106 -10.15 0.97 14.72
C LEU A 106 -9.16 2.13 14.79
N MET A 107 -8.45 2.24 15.88
CA MET A 107 -7.46 3.35 16.03
C MET A 107 -6.08 2.75 16.32
N ASP A 108 -5.90 1.49 15.98
CA ASP A 108 -4.59 0.83 16.23
C ASP A 108 -4.30 -0.16 15.11
N ASP A 109 -3.41 -1.08 15.35
CA ASP A 109 -3.08 -2.10 14.32
C ASP A 109 -4.01 -3.31 14.49
N CYS A 110 -4.57 -3.80 13.43
CA CYS A 110 -5.49 -4.97 13.52
C CYS A 110 -4.91 -6.15 12.74
N PRO A 111 -3.98 -6.87 13.31
CA PRO A 111 -3.35 -8.05 12.64
C PRO A 111 -4.30 -9.24 12.57
N ASN A 112 -5.14 -9.40 13.55
CA ASN A 112 -6.10 -10.54 13.57
C ASN A 112 -7.50 -9.99 13.75
N LEU A 113 -8.09 -9.49 12.71
CA LEU A 113 -9.45 -8.91 12.85
C LEU A 113 -10.43 -10.01 13.28
N MET A 114 -10.02 -11.24 13.14
CA MET A 114 -10.88 -12.37 13.53
C MET A 114 -11.16 -12.33 15.04
N ASP A 115 -10.18 -12.01 15.82
CA ASP A 115 -10.37 -11.98 17.30
C ASP A 115 -10.94 -10.63 17.75
N ARG A 116 -10.75 -9.59 16.97
CA ARG A 116 -11.24 -8.26 17.42
C ARG A 116 -12.74 -8.12 17.17
N PHE A 117 -13.16 -8.20 15.94
CA PHE A 117 -14.61 -8.06 15.64
C PHE A 117 -15.20 -9.39 15.20
N ASN A 118 -14.40 -10.44 15.16
CA ASN A 118 -14.95 -11.75 14.71
C ASN A 118 -15.71 -11.49 13.42
N MET A 119 -15.21 -10.54 12.69
CA MET A 119 -15.79 -10.14 11.38
C MET A 119 -14.64 -9.78 10.47
N SER A 120 -14.58 -10.38 9.31
CA SER A 120 -13.45 -10.11 8.38
C SER A 120 -13.96 -9.56 7.05
N ASP A 121 -15.23 -9.26 6.91
CA ASP A 121 -15.72 -8.74 5.59
C ASP A 121 -16.64 -7.52 5.73
N PHE A 122 -16.09 -6.33 5.74
CA PHE A 122 -16.93 -5.10 5.84
C PHE A 122 -17.05 -4.48 4.44
N HIS A 123 -18.21 -4.00 4.07
CA HIS A 123 -18.36 -3.40 2.71
C HIS A 123 -18.18 -1.87 2.75
N SER A 124 -17.85 -1.29 3.89
CA SER A 124 -17.68 0.21 3.91
C SER A 124 -16.69 0.62 4.99
N CYS A 125 -16.11 1.77 4.85
CA CYS A 125 -15.14 2.25 5.88
C CYS A 125 -14.80 3.72 5.64
N HIS A 126 -14.15 4.35 6.58
CA HIS A 126 -13.80 5.79 6.41
C HIS A 126 -12.49 6.08 7.15
N VAL A 127 -11.68 6.97 6.63
CA VAL A 127 -10.41 7.30 7.32
C VAL A 127 -10.46 8.76 7.77
N MET A 128 -10.24 8.98 9.04
CA MET A 128 -10.28 10.37 9.56
C MET A 128 -8.95 11.04 9.27
N ASP A 129 -7.89 10.28 9.27
CA ASP A 129 -6.57 10.89 8.99
C ASP A 129 -5.45 9.85 9.07
N GLY A 130 -4.27 10.21 8.62
CA GLY A 130 -3.10 9.29 8.66
C GLY A 130 -3.02 8.45 7.38
N HIS A 131 -2.45 7.27 7.51
CA HIS A 131 -2.33 6.37 6.31
C HIS A 131 -2.67 4.93 6.73
N TRP A 132 -3.63 4.31 6.08
CA TRP A 132 -4.01 2.93 6.49
C TRP A 132 -3.65 1.87 5.44
N LEU A 133 -2.87 0.90 5.85
CA LEU A 133 -2.49 -0.21 4.94
C LEU A 133 -3.41 -1.40 5.24
N VAL A 134 -4.12 -1.91 4.27
CA VAL A 134 -5.06 -3.06 4.55
C VAL A 134 -4.53 -4.34 3.93
N TYR A 135 -4.76 -5.46 4.59
CA TYR A 135 -4.25 -6.77 4.06
C TYR A 135 -5.39 -7.77 3.91
N GLU A 136 -5.54 -8.33 2.72
CA GLU A 136 -6.63 -9.33 2.49
C GLU A 136 -6.37 -10.58 3.35
N GLN A 137 -5.15 -10.78 3.78
CA GLN A 137 -4.85 -11.99 4.63
C GLN A 137 -4.13 -11.55 5.91
N PRO A 138 -4.54 -12.06 7.05
CA PRO A 138 -3.97 -11.73 8.38
C PRO A 138 -2.43 -11.55 8.41
N ASN A 139 -1.89 -11.29 9.58
CA ASN A 139 -0.42 -11.11 9.73
C ASN A 139 0.13 -10.12 8.70
N TYR A 140 -0.66 -9.16 8.32
CA TYR A 140 -0.20 -8.13 7.33
C TYR A 140 0.26 -8.80 6.03
N THR A 141 -0.57 -9.61 5.42
CA THR A 141 -0.17 -10.30 4.16
C THR A 141 -1.36 -10.42 3.21
N GLY A 142 -1.13 -10.80 1.97
CA GLY A 142 -2.27 -10.94 1.01
C GLY A 142 -2.43 -9.64 0.21
N ARG A 143 -3.42 -9.59 -0.65
CA ARG A 143 -3.63 -8.36 -1.46
C ARG A 143 -3.77 -7.17 -0.53
N GLN A 144 -2.77 -6.33 -0.47
CA GLN A 144 -2.84 -5.17 0.43
C GLN A 144 -3.48 -3.99 -0.29
N PHE A 145 -4.19 -3.17 0.45
CA PHE A 145 -4.84 -1.97 -0.16
C PHE A 145 -4.46 -0.73 0.64
N TYR A 146 -4.22 0.36 -0.02
CA TYR A 146 -3.83 1.61 0.68
C TYR A 146 -5.04 2.52 0.84
N LEU A 147 -5.63 2.55 2.00
CA LEU A 147 -6.82 3.42 2.23
C LEU A 147 -6.37 4.74 2.88
N ARG A 148 -6.64 5.84 2.22
CA ARG A 148 -6.23 7.17 2.75
C ARG A 148 -7.50 7.94 3.12
N PRO A 149 -7.37 9.02 3.85
CA PRO A 149 -8.53 9.85 4.25
C PRO A 149 -9.65 9.85 3.21
N GLY A 150 -10.84 10.13 3.64
CA GLY A 150 -11.99 10.14 2.70
C GLY A 150 -13.02 9.12 3.18
N GLU A 151 -14.01 8.83 2.37
CA GLU A 151 -15.04 7.84 2.78
C GLU A 151 -15.10 6.68 1.78
N TYR A 152 -15.19 5.48 2.27
CA TYR A 152 -15.28 4.28 1.38
C TYR A 152 -16.67 3.67 1.58
N ARG A 153 -17.25 3.12 0.55
CA ARG A 153 -18.62 2.54 0.69
C ARG A 153 -18.75 1.19 0.00
N SER A 154 -17.73 0.67 -0.61
CA SER A 154 -17.88 -0.65 -1.28
C SER A 154 -16.53 -1.13 -1.82
N TYR A 155 -16.47 -2.35 -2.28
CA TYR A 155 -15.20 -2.89 -2.80
C TYR A 155 -14.71 -2.01 -3.95
N ASN A 156 -15.57 -1.20 -4.51
CA ASN A 156 -15.14 -0.33 -5.63
C ASN A 156 -14.52 0.94 -5.06
N ASP A 157 -14.43 1.06 -3.76
CA ASP A 157 -13.83 2.28 -3.15
C ASP A 157 -12.34 2.05 -2.90
N TRP A 158 -11.98 1.08 -2.11
CA TRP A 158 -10.53 0.82 -1.88
C TRP A 158 -10.00 0.07 -3.09
N GLY A 159 -10.73 0.10 -4.17
CA GLY A 159 -10.29 -0.60 -5.40
C GLY A 159 -10.28 -2.10 -5.15
N GLY A 160 -11.26 -2.60 -4.44
CA GLY A 160 -11.29 -4.06 -4.17
C GLY A 160 -12.39 -4.71 -5.01
N VAL A 161 -12.79 -5.88 -4.61
CA VAL A 161 -13.86 -6.61 -5.33
C VAL A 161 -14.67 -7.34 -4.26
N THR A 162 -13.98 -7.91 -3.33
CA THR A 162 -14.64 -8.63 -2.21
C THR A 162 -14.44 -7.79 -0.95
N SER A 163 -14.40 -8.44 0.17
CA SER A 163 -14.19 -7.69 1.45
C SER A 163 -13.39 -8.56 2.42
N ARG A 164 -12.74 -9.58 1.93
CA ARG A 164 -11.97 -10.48 2.82
C ARG A 164 -10.76 -9.75 3.45
N MET A 165 -11.00 -8.89 4.40
CA MET A 165 -9.86 -8.18 5.07
C MET A 165 -9.63 -8.80 6.44
N GLY A 166 -8.47 -9.34 6.65
CA GLY A 166 -8.16 -9.99 7.95
C GLY A 166 -7.06 -9.23 8.69
N SER A 167 -6.20 -8.54 7.98
CA SER A 167 -5.10 -7.81 8.68
C SER A 167 -5.07 -6.35 8.26
N ILE A 168 -4.76 -5.49 9.19
CA ILE A 168 -4.68 -4.03 8.87
C ILE A 168 -3.58 -3.37 9.69
N ARG A 169 -2.83 -2.46 9.09
CA ARG A 169 -1.73 -1.80 9.83
C ARG A 169 -1.80 -0.28 9.66
N ARG A 170 -1.43 0.45 10.68
CA ARG A 170 -1.44 1.94 10.60
C ARG A 170 -0.03 2.41 10.24
N ILE A 171 0.37 2.24 9.02
CA ILE A 171 1.73 2.65 8.59
C ILE A 171 2.01 4.09 9.06
N THR A 172 2.57 4.24 10.23
CA THR A 172 2.86 5.62 10.75
C THR A 172 4.37 5.91 10.66
N ASP A 173 4.94 5.86 9.49
CA ASP A 173 6.38 6.14 9.35
C ASP A 173 7.14 5.30 10.37
N LEU A 174 7.62 4.16 9.97
CA LEU A 174 8.37 3.29 10.91
C LEU A 174 9.72 3.93 11.23
N MET A 1 13.06 14.32 4.33
CA MET A 1 13.22 14.30 2.85
C MET A 1 12.41 13.13 2.27
N GLY A 2 12.90 11.93 2.41
CA GLY A 2 12.16 10.73 1.92
C GLY A 2 12.21 10.64 0.39
N LYS A 3 13.03 9.76 -0.14
CA LYS A 3 13.14 9.63 -1.63
C LYS A 3 13.42 8.18 -2.04
N ILE A 4 13.17 7.86 -3.28
CA ILE A 4 13.43 6.46 -3.75
C ILE A 4 14.12 6.48 -5.11
N ILE A 5 15.12 5.65 -5.29
CA ILE A 5 15.84 5.61 -6.59
C ILE A 5 15.75 4.19 -7.17
N PHE A 6 15.29 4.07 -8.39
CA PHE A 6 15.19 2.73 -9.01
C PHE A 6 16.50 2.44 -9.74
N TYR A 7 16.85 1.20 -9.93
CA TYR A 7 18.12 0.89 -10.63
C TYR A 7 17.90 -0.30 -11.59
N GLU A 8 18.46 -0.24 -12.75
CA GLU A 8 18.29 -1.34 -13.74
C GLU A 8 19.16 -2.56 -13.38
N ASP A 9 20.32 -2.34 -12.82
CA ASP A 9 21.20 -3.49 -12.47
C ASP A 9 20.71 -4.18 -11.19
N ARG A 10 21.00 -5.44 -11.04
CA ARG A 10 20.55 -6.18 -9.83
C ARG A 10 21.17 -5.55 -8.57
N ASN A 11 22.46 -5.35 -8.57
CA ASN A 11 23.12 -4.75 -7.37
C ASN A 11 22.74 -3.28 -7.28
N PHE A 12 23.55 -2.41 -7.81
CA PHE A 12 23.23 -0.95 -7.76
C PHE A 12 23.97 -0.24 -8.89
N GLY A 13 23.57 -0.48 -10.11
CA GLY A 13 24.25 0.18 -11.26
C GLY A 13 23.36 0.07 -12.49
N GLY A 14 23.85 0.49 -13.63
CA GLY A 14 23.01 0.41 -14.86
C GLY A 14 22.21 1.70 -14.98
N ARG A 15 21.08 1.66 -15.61
CA ARG A 15 20.27 2.90 -15.73
C ARG A 15 19.59 3.17 -14.38
N TYR A 16 19.78 4.35 -13.84
CA TYR A 16 19.17 4.69 -12.51
C TYR A 16 18.06 5.71 -12.70
N HIS A 17 17.14 5.77 -11.77
CA HIS A 17 16.03 6.76 -11.88
C HIS A 17 15.65 7.25 -10.48
N GLU A 18 15.69 8.54 -10.24
CA GLU A 18 15.33 9.07 -8.89
C GLU A 18 13.86 9.50 -8.89
N CYS A 19 13.05 8.88 -8.07
CA CYS A 19 11.60 9.25 -8.01
C CYS A 19 11.24 9.68 -6.60
N MET A 20 10.40 10.69 -6.50
CA MET A 20 9.99 11.18 -5.16
C MET A 20 8.57 11.71 -5.25
N SER A 21 7.89 11.39 -6.32
CA SER A 21 6.49 11.88 -6.49
C SER A 21 5.65 10.82 -7.22
N ASP A 22 4.35 10.90 -7.09
CA ASP A 22 3.47 9.91 -7.78
C ASP A 22 3.82 9.82 -9.25
N CYS A 23 3.70 8.65 -9.82
CA CYS A 23 4.02 8.47 -11.27
C CYS A 23 3.10 7.38 -11.81
N ALA A 24 2.22 7.71 -12.73
CA ALA A 24 1.32 6.67 -13.31
C ALA A 24 1.96 6.09 -14.56
N ASP A 25 3.22 6.38 -14.76
CA ASP A 25 3.93 5.87 -15.95
C ASP A 25 5.40 5.64 -15.62
N LEU A 26 5.76 4.45 -15.17
CA LEU A 26 7.19 4.16 -14.84
C LEU A 26 7.77 3.24 -15.90
N HIS A 27 6.97 2.42 -16.53
CA HIS A 27 7.50 1.51 -17.57
C HIS A 27 8.05 2.34 -18.73
N SER A 28 7.36 3.40 -19.07
CA SER A 28 7.80 4.26 -20.20
C SER A 28 9.23 4.72 -19.96
N TYR A 29 9.63 4.78 -18.72
CA TYR A 29 11.02 5.20 -18.42
C TYR A 29 11.94 3.99 -18.57
N PHE A 30 11.46 2.84 -18.18
CA PHE A 30 12.26 1.59 -18.30
C PHE A 30 11.32 0.39 -18.44
N ASN A 31 11.75 -0.64 -19.12
CA ASN A 31 10.87 -1.83 -19.30
C ASN A 31 11.16 -2.88 -18.22
N ARG A 32 12.21 -2.68 -17.48
CA ARG A 32 12.54 -3.67 -16.41
C ARG A 32 13.37 -2.97 -15.33
N CYS A 33 13.34 -3.49 -14.13
CA CYS A 33 14.14 -2.90 -13.04
C CYS A 33 14.40 -4.02 -12.02
N HIS A 34 15.65 -4.28 -11.73
CA HIS A 34 15.98 -5.38 -10.77
C HIS A 34 16.46 -4.80 -9.44
N SER A 35 16.60 -3.50 -9.34
CA SER A 35 17.09 -2.91 -8.06
C SER A 35 16.28 -1.67 -7.68
N ILE A 36 15.99 -1.52 -6.42
CA ILE A 36 15.22 -0.34 -5.94
C ILE A 36 15.89 0.15 -4.65
N ARG A 37 15.91 1.44 -4.40
CA ARG A 37 16.57 1.95 -3.16
C ARG A 37 15.75 3.05 -2.52
N VAL A 38 15.26 2.81 -1.33
CA VAL A 38 14.49 3.84 -0.58
C VAL A 38 15.44 4.41 0.46
N GLU A 39 15.72 5.68 0.40
CA GLU A 39 16.65 6.28 1.39
C GLU A 39 15.86 6.63 2.64
N SER A 40 14.60 6.94 2.52
CA SER A 40 13.83 7.30 3.74
C SER A 40 12.35 7.52 3.43
N GLY A 41 11.54 7.43 4.45
CA GLY A 41 10.07 7.62 4.25
C GLY A 41 9.48 6.33 3.70
N CYS A 42 8.30 6.38 3.16
CA CYS A 42 7.65 5.16 2.63
C CYS A 42 7.31 5.35 1.15
N PHE A 43 7.24 4.30 0.39
CA PHE A 43 6.90 4.43 -1.06
C PHE A 43 5.98 3.30 -1.47
N MET A 44 4.94 3.58 -2.21
CA MET A 44 4.02 2.51 -2.65
C MET A 44 4.27 2.27 -4.14
N VAL A 45 4.65 1.08 -4.50
CA VAL A 45 4.92 0.77 -5.94
C VAL A 45 3.81 -0.11 -6.51
N TYR A 46 3.46 0.12 -7.75
CA TYR A 46 2.36 -0.67 -8.37
C TYR A 46 2.88 -1.49 -9.56
N ASP A 47 2.42 -2.71 -9.68
CA ASP A 47 2.86 -3.59 -10.80
C ASP A 47 2.18 -3.15 -12.10
N ARG A 48 1.24 -2.26 -12.03
CA ARG A 48 0.55 -1.76 -13.26
C ARG A 48 0.53 -0.24 -13.23
N THR A 49 0.38 0.38 -14.37
CA THR A 49 0.36 1.88 -14.43
C THR A 49 -0.91 2.45 -13.77
N ASN A 50 -0.88 3.72 -13.46
CA ASN A 50 -2.05 4.41 -12.85
C ASN A 50 -2.34 3.88 -11.43
N PHE A 51 -1.32 3.48 -10.72
CA PHE A 51 -1.54 2.99 -9.33
C PHE A 51 -2.45 1.77 -9.36
N MET A 52 -2.08 0.74 -10.06
CA MET A 52 -2.95 -0.48 -10.14
C MET A 52 -2.06 -1.73 -10.23
N GLY A 53 -2.65 -2.90 -10.22
CA GLY A 53 -1.82 -4.15 -10.29
C GLY A 53 -1.34 -4.54 -8.89
N ARG A 54 -0.48 -5.52 -8.80
CA ARG A 54 0.02 -5.94 -7.46
C ARG A 54 0.63 -4.71 -6.79
N GLN A 55 0.16 -4.37 -5.61
CA GLN A 55 0.70 -3.17 -4.91
C GLN A 55 1.68 -3.62 -3.82
N TYR A 56 2.82 -3.00 -3.74
CA TYR A 56 3.80 -3.38 -2.69
C TYR A 56 4.21 -2.15 -1.89
N PHE A 57 4.14 -2.24 -0.59
CA PHE A 57 4.55 -1.07 0.24
C PHE A 57 6.04 -1.20 0.59
N LEU A 58 6.82 -0.22 0.22
CA LEU A 58 8.27 -0.29 0.54
C LEU A 58 8.57 0.75 1.63
N ARG A 59 9.40 0.41 2.59
CA ARG A 59 9.73 1.38 3.67
C ARG A 59 11.23 1.68 3.65
N ARG A 60 11.63 2.78 4.21
CA ARG A 60 13.07 3.15 4.22
C ARG A 60 13.94 1.89 4.24
N GLY A 61 14.70 1.69 3.19
CA GLY A 61 15.57 0.49 3.15
C GLY A 61 16.19 0.35 1.76
N GLU A 62 17.20 -0.46 1.65
CA GLU A 62 17.86 -0.67 0.33
C GLU A 62 17.43 -2.02 -0.21
N TYR A 63 16.93 -2.07 -1.42
CA TYR A 63 16.48 -3.37 -2.00
C TYR A 63 17.44 -3.76 -3.11
N PRO A 64 18.41 -4.61 -2.83
CA PRO A 64 19.40 -5.04 -3.83
C PRO A 64 18.81 -5.97 -4.89
N ASP A 65 17.62 -6.46 -4.68
CA ASP A 65 16.99 -7.37 -5.68
C ASP A 65 15.50 -7.51 -5.31
N TYR A 66 14.61 -7.44 -6.27
CA TYR A 66 13.17 -7.55 -5.92
C TYR A 66 12.38 -8.23 -7.07
N MET A 67 13.05 -8.94 -7.94
CA MET A 67 12.30 -9.61 -9.06
C MET A 67 11.89 -11.02 -8.64
N ARG A 68 12.77 -11.76 -8.02
CA ARG A 68 12.43 -13.13 -7.57
C ARG A 68 12.06 -13.10 -6.08
N THR A 69 12.50 -12.09 -5.39
CA THR A 69 12.18 -11.99 -3.95
C THR A 69 10.73 -11.54 -3.78
N MET A 70 10.22 -10.75 -4.70
CA MET A 70 8.81 -10.31 -4.61
C MET A 70 7.94 -11.26 -5.44
N GLY A 71 8.44 -11.67 -6.58
CA GLY A 71 7.67 -12.62 -7.44
C GLY A 71 6.92 -11.86 -8.54
N MET A 72 7.57 -10.92 -9.18
CA MET A 72 6.91 -10.15 -10.28
C MET A 72 7.54 -10.52 -11.62
N ASN A 73 6.77 -10.45 -12.68
CA ASN A 73 7.32 -10.78 -14.04
C ASN A 73 7.67 -9.49 -14.78
N ASP A 74 8.38 -8.61 -14.14
CA ASP A 74 8.77 -7.31 -14.78
C ASP A 74 9.00 -6.30 -13.65
N CYS A 75 9.12 -5.05 -13.99
CA CYS A 75 9.34 -4.01 -12.95
C CYS A 75 8.01 -3.35 -12.59
N VAL A 76 8.09 -2.29 -11.85
CA VAL A 76 6.87 -1.52 -11.46
C VAL A 76 6.47 -0.65 -12.65
N ARG A 77 5.19 -0.45 -12.88
CA ARG A 77 4.80 0.43 -14.01
C ARG A 77 4.18 1.70 -13.41
N SER A 78 3.83 1.66 -12.14
CA SER A 78 3.26 2.89 -11.50
C SER A 78 3.75 2.99 -10.06
N CYS A 79 3.57 4.13 -9.46
CA CYS A 79 4.01 4.29 -8.04
C CYS A 79 3.30 5.47 -7.39
N ARG A 80 3.01 5.34 -6.13
CA ARG A 80 2.31 6.44 -5.39
C ARG A 80 3.07 6.71 -4.10
N MET A 81 3.28 7.96 -3.76
CA MET A 81 4.02 8.27 -2.51
C MET A 81 3.00 8.53 -1.38
N ILE A 82 3.36 8.22 -0.16
CA ILE A 82 2.42 8.44 0.96
C ILE A 82 2.75 9.77 1.64
N PRO A 83 1.86 10.73 1.62
CA PRO A 83 2.08 12.05 2.26
C PRO A 83 2.66 11.92 3.67
N LEU A 84 3.46 12.86 4.08
CA LEU A 84 4.06 12.78 5.45
C LEU A 84 3.13 13.46 6.45
N HIS A 85 1.87 13.10 6.45
CA HIS A 85 0.91 13.73 7.40
C HIS A 85 0.58 12.74 8.51
N HIS A 86 0.77 13.14 9.74
CA HIS A 86 0.47 12.22 10.89
C HIS A 86 -0.28 12.99 11.97
N GLY A 87 -1.53 13.29 11.75
CA GLY A 87 -2.31 14.03 12.77
C GLY A 87 -2.93 13.02 13.74
N SER A 88 -4.09 12.52 13.41
CA SER A 88 -4.77 11.53 14.31
C SER A 88 -4.88 10.18 13.60
N PHE A 89 -4.76 9.10 14.34
CA PHE A 89 -4.85 7.74 13.71
C PHE A 89 -6.11 7.04 14.21
N LYS A 90 -6.99 6.72 13.33
CA LYS A 90 -8.24 6.03 13.75
C LYS A 90 -8.98 5.59 12.48
N MET A 91 -9.33 4.33 12.37
CA MET A 91 -10.07 3.88 11.16
C MET A 91 -11.51 3.52 11.55
N ARG A 92 -12.46 4.12 10.89
CA ARG A 92 -13.89 3.81 11.22
C ARG A 92 -14.41 2.82 10.19
N LEU A 93 -14.80 1.67 10.63
CA LEU A 93 -15.28 0.63 9.68
C LEU A 93 -16.78 0.48 9.70
N TYR A 94 -17.31 0.16 8.56
CA TYR A 94 -18.77 -0.05 8.43
C TYR A 94 -18.98 -1.35 7.63
N GLU A 95 -19.71 -2.27 8.17
CA GLU A 95 -19.91 -3.58 7.47
C GLU A 95 -20.61 -3.41 6.12
N HIS A 96 -21.42 -2.38 5.94
CA HIS A 96 -22.12 -2.22 4.62
C HIS A 96 -21.55 -1.04 3.83
N SER A 97 -21.84 -0.96 2.56
CA SER A 97 -21.30 0.16 1.73
C SER A 97 -21.83 1.49 2.28
N ASP A 98 -21.12 2.57 2.02
CA ASP A 98 -21.56 3.91 2.54
C ASP A 98 -21.08 4.01 3.99
N MET A 99 -21.92 3.62 4.90
CA MET A 99 -21.56 3.66 6.35
C MET A 99 -22.65 2.90 7.11
N GLY A 100 -23.08 1.78 6.55
CA GLY A 100 -24.16 0.99 7.21
C GLY A 100 -23.61 -0.29 7.84
N GLY A 101 -24.46 -1.26 8.03
CA GLY A 101 -24.01 -2.53 8.65
C GLY A 101 -23.48 -2.22 10.06
N ARG A 102 -22.62 -3.05 10.58
CA ARG A 102 -22.08 -2.80 11.94
C ARG A 102 -20.86 -1.89 11.86
N MET A 103 -20.73 -0.94 12.76
CA MET A 103 -19.56 -0.03 12.73
C MET A 103 -18.51 -0.49 13.73
N MET A 104 -17.30 -0.73 13.28
CA MET A 104 -16.24 -1.15 14.22
C MET A 104 -15.10 -0.12 14.17
N GLU A 105 -14.58 0.25 15.30
CA GLU A 105 -13.49 1.27 15.34
C GLU A 105 -12.14 0.60 15.52
N LEU A 106 -11.15 1.02 14.78
CA LEU A 106 -9.79 0.43 14.92
C LEU A 106 -8.77 1.55 15.05
N MET A 107 -8.06 1.60 16.15
CA MET A 107 -7.05 2.68 16.35
C MET A 107 -5.64 2.07 16.37
N ASP A 108 -5.55 0.77 16.53
CA ASP A 108 -4.21 0.11 16.57
C ASP A 108 -4.03 -0.78 15.33
N ASP A 109 -3.14 -1.72 15.43
CA ASP A 109 -2.90 -2.66 14.28
C ASP A 109 -3.86 -3.84 14.41
N CYS A 110 -4.41 -4.29 13.33
CA CYS A 110 -5.35 -5.45 13.37
C CYS A 110 -4.76 -6.62 12.57
N PRO A 111 -3.96 -7.46 13.18
CA PRO A 111 -3.35 -8.62 12.49
C PRO A 111 -4.33 -9.79 12.28
N ASN A 112 -5.33 -9.90 13.12
CA ASN A 112 -6.32 -11.02 12.98
C ASN A 112 -7.72 -10.43 13.17
N LEU A 113 -8.27 -9.82 12.16
CA LEU A 113 -9.63 -9.21 12.30
C LEU A 113 -10.66 -10.30 12.58
N MET A 114 -10.42 -11.49 12.09
CA MET A 114 -11.37 -12.60 12.33
C MET A 114 -11.58 -12.77 13.83
N ASP A 115 -10.54 -12.63 14.60
CA ASP A 115 -10.69 -12.78 16.06
C ASP A 115 -11.20 -11.49 16.68
N ARG A 116 -10.99 -10.37 16.04
CA ARG A 116 -11.46 -9.10 16.66
C ARG A 116 -12.95 -8.92 16.46
N PHE A 117 -13.38 -8.68 15.25
CA PHE A 117 -14.84 -8.48 15.01
C PHE A 117 -15.50 -9.79 14.55
N ASN A 118 -14.78 -10.88 14.49
CA ASN A 118 -15.41 -12.15 14.04
C ASN A 118 -16.10 -11.86 12.70
N MET A 119 -15.51 -10.97 11.98
CA MET A 119 -16.02 -10.57 10.65
C MET A 119 -14.82 -10.25 9.78
N SER A 120 -14.80 -10.77 8.57
CA SER A 120 -13.64 -10.51 7.68
C SER A 120 -14.10 -9.74 6.45
N ASP A 121 -15.36 -9.36 6.37
CA ASP A 121 -15.80 -8.62 5.15
C ASP A 121 -16.59 -7.35 5.53
N PHE A 122 -16.02 -6.21 5.23
CA PHE A 122 -16.71 -4.91 5.50
C PHE A 122 -16.78 -4.17 4.16
N HIS A 123 -17.92 -3.66 3.81
CA HIS A 123 -18.06 -2.95 2.52
C HIS A 123 -17.83 -1.44 2.69
N SER A 124 -17.52 -0.95 3.88
CA SER A 124 -17.32 0.55 4.00
C SER A 124 -16.26 0.87 5.05
N CYS A 125 -15.61 1.99 4.92
CA CYS A 125 -14.56 2.37 5.91
C CYS A 125 -14.25 3.87 5.82
N HIS A 126 -13.65 4.41 6.83
CA HIS A 126 -13.33 5.88 6.81
C HIS A 126 -12.03 6.13 7.60
N VAL A 127 -11.19 7.03 7.15
CA VAL A 127 -9.91 7.30 7.87
C VAL A 127 -9.95 8.70 8.47
N MET A 128 -9.78 8.78 9.76
CA MET A 128 -9.79 10.10 10.46
C MET A 128 -8.50 10.85 10.11
N ASP A 129 -7.45 10.14 9.92
CA ASP A 129 -6.15 10.80 9.59
C ASP A 129 -5.00 9.80 9.62
N GLY A 130 -3.88 10.18 9.03
CA GLY A 130 -2.69 9.28 9.01
C GLY A 130 -2.74 8.36 7.79
N HIS A 131 -2.01 7.28 7.83
CA HIS A 131 -1.96 6.34 6.66
C HIS A 131 -2.25 4.91 7.13
N TRP A 132 -3.17 4.24 6.48
CA TRP A 132 -3.53 2.85 6.90
C TRP A 132 -3.26 1.83 5.79
N LEU A 133 -2.50 0.81 6.10
CA LEU A 133 -2.19 -0.27 5.12
C LEU A 133 -3.17 -1.43 5.37
N VAL A 134 -3.89 -1.87 4.36
CA VAL A 134 -4.89 -2.98 4.57
C VAL A 134 -4.42 -4.25 3.85
N TYR A 135 -4.70 -5.39 4.43
CA TYR A 135 -4.26 -6.68 3.80
C TYR A 135 -5.45 -7.62 3.59
N GLU A 136 -5.67 -8.05 2.36
CA GLU A 136 -6.80 -8.98 2.06
C GLU A 136 -6.64 -10.25 2.90
N GLN A 137 -5.42 -10.62 3.21
CA GLN A 137 -5.19 -11.84 4.04
C GLN A 137 -4.54 -11.42 5.36
N PRO A 138 -4.73 -12.18 6.41
CA PRO A 138 -4.19 -11.87 7.77
C PRO A 138 -2.65 -11.79 7.82
N ASN A 139 -2.11 -11.72 9.02
CA ASN A 139 -0.63 -11.64 9.19
C ASN A 139 -0.04 -10.58 8.24
N TYR A 140 -0.82 -9.59 7.92
CA TYR A 140 -0.34 -8.52 7.00
C TYR A 140 0.09 -9.13 5.66
N THR A 141 -0.79 -9.87 5.03
CA THR A 141 -0.44 -10.49 3.73
C THR A 141 -1.65 -10.43 2.78
N GLY A 142 -1.46 -10.70 1.51
CA GLY A 142 -2.61 -10.64 0.56
C GLY A 142 -2.65 -9.29 -0.15
N ARG A 143 -3.60 -9.10 -1.06
CA ARG A 143 -3.70 -7.82 -1.81
C ARG A 143 -3.75 -6.68 -0.80
N GLN A 144 -2.69 -5.93 -0.72
CA GLN A 144 -2.67 -4.82 0.26
C GLN A 144 -3.27 -3.57 -0.36
N PHE A 145 -4.01 -2.82 0.43
CA PHE A 145 -4.62 -1.57 -0.09
C PHE A 145 -4.23 -0.41 0.82
N TYR A 146 -3.78 0.68 0.24
CA TYR A 146 -3.37 1.86 1.06
C TYR A 146 -4.56 2.80 1.22
N LEU A 147 -5.16 2.81 2.38
CA LEU A 147 -6.34 3.71 2.60
C LEU A 147 -5.87 4.98 3.31
N ARG A 148 -6.08 6.11 2.68
CA ARG A 148 -5.66 7.40 3.28
C ARG A 148 -6.91 8.12 3.79
N PRO A 149 -6.76 9.28 4.38
CA PRO A 149 -7.93 10.04 4.90
C PRO A 149 -9.05 10.15 3.87
N GLY A 150 -10.24 10.45 4.32
CA GLY A 150 -11.39 10.54 3.39
C GLY A 150 -12.42 9.49 3.77
N GLU A 151 -13.45 9.34 3.00
CA GLU A 151 -14.50 8.33 3.32
C GLU A 151 -14.54 7.22 2.27
N TYR A 152 -14.62 6.00 2.70
CA TYR A 152 -14.71 4.85 1.75
C TYR A 152 -16.11 4.23 1.91
N ARG A 153 -16.69 3.77 0.84
CA ARG A 153 -18.08 3.19 0.95
C ARG A 153 -18.23 1.88 0.19
N SER A 154 -17.22 1.39 -0.46
CA SER A 154 -17.40 0.10 -1.20
C SER A 154 -16.04 -0.40 -1.72
N TYR A 155 -15.99 -1.61 -2.17
CA TYR A 155 -14.72 -2.15 -2.71
C TYR A 155 -14.24 -1.27 -3.84
N ASN A 156 -15.09 -0.42 -4.35
CA ASN A 156 -14.67 0.49 -5.44
C ASN A 156 -14.03 1.73 -4.86
N ASP A 157 -13.95 1.81 -3.55
CA ASP A 157 -13.32 3.01 -2.92
C ASP A 157 -11.83 2.75 -2.68
N TRP A 158 -11.49 1.74 -1.92
CA TRP A 158 -10.05 1.45 -1.71
C TRP A 158 -9.53 0.77 -2.97
N GLY A 159 -10.26 0.89 -4.05
CA GLY A 159 -9.82 0.25 -5.32
C GLY A 159 -9.81 -1.26 -5.15
N GLY A 160 -10.78 -1.77 -4.43
CA GLY A 160 -10.83 -3.24 -4.21
C GLY A 160 -11.89 -3.86 -5.12
N VAL A 161 -12.24 -5.07 -4.83
CA VAL A 161 -13.27 -5.77 -5.64
C VAL A 161 -14.08 -6.65 -4.68
N THR A 162 -13.39 -7.27 -3.77
CA THR A 162 -14.06 -8.13 -2.76
C THR A 162 -14.03 -7.39 -1.42
N SER A 163 -14.19 -8.11 -0.36
CA SER A 163 -14.16 -7.47 0.99
C SER A 163 -13.37 -8.35 1.96
N ARG A 164 -12.68 -9.35 1.46
CA ARG A 164 -11.95 -10.28 2.37
C ARG A 164 -10.75 -9.63 3.06
N MET A 165 -10.98 -8.82 4.05
CA MET A 165 -9.85 -8.18 4.79
C MET A 165 -9.59 -8.92 6.11
N GLY A 166 -8.39 -9.39 6.28
CA GLY A 166 -8.03 -10.14 7.51
C GLY A 166 -6.96 -9.41 8.31
N SER A 167 -6.10 -8.64 7.66
CA SER A 167 -5.04 -7.95 8.46
C SER A 167 -4.94 -6.48 8.07
N ILE A 168 -4.58 -5.67 9.02
CA ILE A 168 -4.44 -4.21 8.75
C ILE A 168 -3.29 -3.65 9.58
N ARG A 169 -2.51 -2.76 9.01
CA ARG A 169 -1.34 -2.20 9.77
C ARG A 169 -1.41 -0.67 9.78
N ARG A 170 -1.01 -0.07 10.87
CA ARG A 170 -1.05 1.42 10.96
C ARG A 170 0.36 1.97 10.66
N ILE A 171 0.65 2.16 9.38
CA ILE A 171 2.00 2.67 8.96
C ILE A 171 2.55 3.73 9.93
N THR A 172 2.95 3.35 11.11
CA THR A 172 3.48 4.36 12.06
C THR A 172 4.34 3.67 13.14
N ASP A 173 5.55 3.28 12.80
CA ASP A 173 6.42 2.61 13.80
C ASP A 173 7.89 2.77 13.38
N LEU A 174 8.42 3.95 13.52
CA LEU A 174 9.85 4.16 13.14
C LEU A 174 10.75 3.50 14.18
N MET A 1 9.79 15.17 1.57
CA MET A 1 11.18 14.69 1.78
C MET A 1 11.29 13.23 1.35
N GLY A 2 12.41 12.61 1.60
CA GLY A 2 12.58 11.19 1.19
C GLY A 2 13.04 11.13 -0.27
N LYS A 3 13.57 10.01 -0.68
CA LYS A 3 14.02 9.86 -2.10
C LYS A 3 13.93 8.41 -2.53
N ILE A 4 13.41 8.16 -3.71
CA ILE A 4 13.30 6.75 -4.19
C ILE A 4 14.06 6.63 -5.51
N ILE A 5 15.09 5.82 -5.53
CA ILE A 5 15.89 5.66 -6.78
C ILE A 5 15.74 4.23 -7.31
N PHE A 6 15.31 4.07 -8.53
CA PHE A 6 15.17 2.69 -9.10
C PHE A 6 16.48 2.32 -9.80
N TYR A 7 16.76 1.06 -10.01
CA TYR A 7 18.03 0.69 -10.69
C TYR A 7 17.79 -0.57 -11.55
N GLU A 8 18.28 -0.57 -12.76
CA GLU A 8 18.07 -1.75 -13.65
C GLU A 8 18.95 -2.93 -13.22
N ASP A 9 20.19 -2.69 -12.89
CA ASP A 9 21.08 -3.83 -12.50
C ASP A 9 20.84 -4.21 -11.03
N ARG A 10 21.07 -5.46 -10.70
CA ARG A 10 20.86 -5.92 -9.30
C ARG A 10 21.85 -5.22 -8.36
N ASN A 11 23.07 -5.05 -8.78
CA ASN A 11 24.08 -4.37 -7.91
C ASN A 11 23.91 -2.86 -8.00
N PHE A 12 22.68 -2.39 -8.05
CA PHE A 12 22.45 -0.92 -8.14
C PHE A 12 23.25 -0.35 -9.31
N GLY A 13 22.99 -0.82 -10.51
CA GLY A 13 23.74 -0.30 -11.69
C GLY A 13 22.82 -0.25 -12.91
N GLY A 14 23.39 -0.32 -14.08
CA GLY A 14 22.56 -0.29 -15.32
C GLY A 14 21.81 1.05 -15.42
N ARG A 15 20.63 1.03 -15.96
CA ARG A 15 19.85 2.29 -16.09
C ARG A 15 19.25 2.64 -14.72
N TYR A 16 19.54 3.82 -14.24
CA TYR A 16 19.01 4.24 -12.90
C TYR A 16 17.95 5.33 -13.08
N HIS A 17 17.07 5.47 -12.13
CA HIS A 17 16.03 6.52 -12.24
C HIS A 17 15.77 7.12 -10.85
N GLU A 18 15.89 8.42 -10.71
CA GLU A 18 15.64 9.06 -9.38
C GLU A 18 14.23 9.66 -9.36
N CYS A 19 13.40 9.21 -8.45
CA CYS A 19 12.00 9.74 -8.38
C CYS A 19 11.78 10.41 -7.02
N MET A 20 11.11 11.53 -7.01
CA MET A 20 10.85 12.25 -5.74
C MET A 20 9.36 12.61 -5.68
N SER A 21 8.61 12.12 -6.61
CA SER A 21 7.14 12.42 -6.60
C SER A 21 6.37 11.24 -7.21
N ASP A 22 5.08 11.26 -7.09
CA ASP A 22 4.25 10.14 -7.64
C ASP A 22 4.45 10.05 -9.16
N CYS A 23 4.37 8.86 -9.67
CA CYS A 23 4.51 8.64 -11.14
C CYS A 23 3.50 7.57 -11.56
N ALA A 24 2.53 7.93 -12.36
CA ALA A 24 1.52 6.92 -12.80
C ALA A 24 2.04 6.21 -14.05
N ASP A 25 3.13 6.68 -14.59
CA ASP A 25 3.71 6.04 -15.81
C ASP A 25 5.19 5.80 -15.60
N LEU A 26 5.58 4.60 -15.23
CA LEU A 26 7.02 4.29 -15.02
C LEU A 26 7.53 3.48 -16.20
N HIS A 27 6.63 2.86 -16.94
CA HIS A 27 7.08 2.07 -18.12
C HIS A 27 7.80 3.01 -19.08
N SER A 28 7.24 4.16 -19.30
CA SER A 28 7.89 5.12 -20.22
C SER A 28 9.35 5.24 -19.78
N TYR A 29 9.58 5.39 -18.51
CA TYR A 29 10.97 5.54 -18.01
C TYR A 29 11.74 4.21 -18.14
N PHE A 30 11.19 3.13 -17.64
CA PHE A 30 11.90 1.81 -17.74
C PHE A 30 10.88 0.68 -17.82
N ASN A 31 11.22 -0.39 -18.50
CA ASN A 31 10.26 -1.54 -18.64
C ASN A 31 10.61 -2.67 -17.66
N ARG A 32 11.70 -2.54 -16.97
CA ARG A 32 12.11 -3.62 -16.00
C ARG A 32 12.98 -2.98 -14.91
N CYS A 33 13.01 -3.55 -13.74
CA CYS A 33 13.88 -2.98 -12.66
C CYS A 33 14.14 -4.06 -11.61
N HIS A 34 15.37 -4.47 -11.51
CA HIS A 34 15.73 -5.54 -10.52
C HIS A 34 16.25 -4.92 -9.21
N SER A 35 16.41 -3.62 -9.15
CA SER A 35 16.92 -3.01 -7.88
C SER A 35 16.18 -1.72 -7.55
N ILE A 36 16.00 -1.46 -6.28
CA ILE A 36 15.31 -0.21 -5.84
C ILE A 36 16.02 0.31 -4.59
N ARG A 37 16.16 1.60 -4.45
CA ARG A 37 16.87 2.15 -3.25
C ARG A 37 16.08 3.28 -2.61
N VAL A 38 15.57 3.06 -1.43
CA VAL A 38 14.83 4.13 -0.71
C VAL A 38 15.82 4.73 0.28
N GLU A 39 16.16 5.97 0.11
CA GLU A 39 17.11 6.60 1.04
C GLU A 39 16.36 7.08 2.27
N SER A 40 15.13 7.50 2.09
CA SER A 40 14.38 7.98 3.28
C SER A 40 12.91 8.25 2.92
N GLY A 41 12.05 8.10 3.89
CA GLY A 41 10.60 8.35 3.67
C GLY A 41 9.84 7.04 3.54
N CYS A 42 8.93 7.00 2.60
CA CYS A 42 8.12 5.78 2.34
C CYS A 42 7.34 6.01 1.04
N PHE A 43 6.81 4.97 0.45
CA PHE A 43 6.03 5.16 -0.80
C PHE A 43 5.42 3.84 -1.23
N MET A 44 4.52 3.87 -2.17
CA MET A 44 3.89 2.61 -2.64
C MET A 44 4.18 2.42 -4.12
N VAL A 45 4.42 1.20 -4.54
CA VAL A 45 4.71 0.95 -5.98
C VAL A 45 3.61 0.08 -6.57
N TYR A 46 3.28 0.27 -7.81
CA TYR A 46 2.17 -0.52 -8.43
C TYR A 46 2.65 -1.34 -9.62
N ASP A 47 2.14 -2.54 -9.76
CA ASP A 47 2.51 -3.43 -10.89
C ASP A 47 1.90 -2.93 -12.18
N ARG A 48 1.01 -1.97 -12.11
CA ARG A 48 0.39 -1.42 -13.35
C ARG A 48 0.39 0.12 -13.26
N THR A 49 0.15 0.78 -14.35
CA THR A 49 0.17 2.28 -14.36
C THR A 49 -1.11 2.86 -13.72
N ASN A 50 -1.03 4.11 -13.33
CA ASN A 50 -2.20 4.81 -12.70
C ASN A 50 -2.53 4.21 -11.32
N PHE A 51 -1.53 3.77 -10.60
CA PHE A 51 -1.78 3.22 -9.25
C PHE A 51 -2.71 2.01 -9.34
N MET A 52 -2.31 1.00 -10.04
CA MET A 52 -3.18 -0.21 -10.16
C MET A 52 -2.32 -1.48 -10.24
N GLY A 53 -2.92 -2.64 -10.17
CA GLY A 53 -2.12 -3.90 -10.24
C GLY A 53 -1.58 -4.26 -8.86
N ARG A 54 -0.75 -5.26 -8.76
CA ARG A 54 -0.20 -5.63 -7.43
C ARG A 54 0.47 -4.38 -6.84
N GLN A 55 0.09 -4.01 -5.65
CA GLN A 55 0.67 -2.78 -5.02
C GLN A 55 1.57 -3.20 -3.86
N TYR A 56 2.67 -2.55 -3.69
CA TYR A 56 3.60 -2.92 -2.59
C TYR A 56 4.03 -1.67 -1.83
N PHE A 57 4.05 -1.74 -0.51
CA PHE A 57 4.46 -0.55 0.30
C PHE A 57 5.94 -0.70 0.71
N LEU A 58 6.77 0.25 0.38
CA LEU A 58 8.22 0.13 0.74
C LEU A 58 8.68 1.33 1.60
N ARG A 59 9.32 1.06 2.72
CA ARG A 59 9.78 2.16 3.63
C ARG A 59 11.29 2.38 3.50
N ARG A 60 11.78 3.47 4.05
CA ARG A 60 13.26 3.77 3.99
C ARG A 60 14.08 2.48 4.11
N GLY A 61 14.86 2.20 3.10
CA GLY A 61 15.70 0.98 3.14
C GLY A 61 16.31 0.71 1.77
N GLU A 62 17.30 -0.14 1.71
CA GLU A 62 17.94 -0.46 0.41
C GLU A 62 17.42 -1.82 -0.06
N TYR A 63 16.87 -1.89 -1.24
CA TYR A 63 16.35 -3.18 -1.75
C TYR A 63 17.27 -3.67 -2.87
N PRO A 64 18.19 -4.56 -2.55
CA PRO A 64 19.15 -5.10 -3.55
C PRO A 64 18.47 -5.98 -4.60
N ASP A 65 17.27 -6.44 -4.34
CA ASP A 65 16.56 -7.30 -5.32
C ASP A 65 15.11 -7.44 -4.86
N TYR A 66 14.17 -7.51 -5.77
CA TYR A 66 12.74 -7.63 -5.33
C TYR A 66 11.92 -8.45 -6.33
N MET A 67 12.40 -8.66 -7.53
CA MET A 67 11.59 -9.44 -8.51
C MET A 67 11.29 -10.83 -7.95
N ARG A 68 12.23 -11.43 -7.26
CA ARG A 68 11.99 -12.79 -6.70
C ARG A 68 11.42 -12.68 -5.29
N THR A 69 11.70 -11.60 -4.60
CA THR A 69 11.19 -11.45 -3.21
C THR A 69 9.80 -10.81 -3.24
N MET A 70 9.36 -10.34 -4.37
CA MET A 70 7.99 -9.73 -4.45
C MET A 70 7.09 -10.69 -5.21
N GLY A 71 7.65 -11.48 -6.10
CA GLY A 71 6.84 -12.47 -6.87
C GLY A 71 6.16 -11.77 -8.07
N MET A 72 6.90 -10.99 -8.81
CA MET A 72 6.30 -10.29 -10.00
C MET A 72 7.09 -10.63 -11.27
N ASN A 73 6.44 -10.70 -12.40
CA ASN A 73 7.16 -11.02 -13.67
C ASN A 73 7.46 -9.73 -14.42
N ASP A 74 8.22 -8.84 -13.82
CA ASP A 74 8.58 -7.54 -14.44
C ASP A 74 8.73 -6.53 -13.32
N CYS A 75 8.80 -5.28 -13.65
CA CYS A 75 8.94 -4.23 -12.60
C CYS A 75 7.59 -3.58 -12.34
N VAL A 76 7.60 -2.45 -11.71
CA VAL A 76 6.35 -1.70 -11.42
C VAL A 76 6.11 -0.71 -12.55
N ARG A 77 4.88 -0.44 -12.88
CA ARG A 77 4.62 0.53 -13.95
C ARG A 77 4.11 1.83 -13.33
N SER A 78 3.77 1.81 -12.06
CA SER A 78 3.29 3.08 -11.41
C SER A 78 3.83 3.19 -9.99
N CYS A 79 3.74 4.36 -9.43
CA CYS A 79 4.24 4.55 -8.03
C CYS A 79 3.64 5.81 -7.42
N ARG A 80 3.41 5.79 -6.13
CA ARG A 80 2.83 6.97 -5.43
C ARG A 80 3.53 7.16 -4.08
N MET A 81 3.76 8.39 -3.70
CA MET A 81 4.42 8.64 -2.38
C MET A 81 3.36 8.97 -1.34
N ILE A 82 3.70 8.87 -0.09
CA ILE A 82 2.71 9.17 0.99
C ILE A 82 2.97 10.58 1.54
N PRO A 83 1.92 11.37 1.73
CA PRO A 83 2.07 12.76 2.27
C PRO A 83 2.51 12.77 3.72
N LEU A 84 3.21 13.78 4.14
CA LEU A 84 3.68 13.85 5.56
C LEU A 84 2.55 14.38 6.44
N HIS A 85 1.39 13.78 6.36
CA HIS A 85 0.24 14.25 7.20
C HIS A 85 0.01 13.25 8.34
N HIS A 86 0.16 13.69 9.56
CA HIS A 86 -0.05 12.76 10.72
C HIS A 86 -0.91 13.46 11.77
N GLY A 87 -2.20 13.52 11.54
CA GLY A 87 -3.09 14.17 12.54
C GLY A 87 -3.42 13.15 13.63
N SER A 88 -4.34 12.26 13.34
CA SER A 88 -4.74 11.24 14.36
C SER A 88 -4.83 9.86 13.70
N PHE A 89 -4.70 8.80 14.47
CA PHE A 89 -4.77 7.43 13.90
C PHE A 89 -6.06 6.75 14.36
N LYS A 90 -6.95 6.52 13.45
CA LYS A 90 -8.23 5.85 13.80
C LYS A 90 -8.97 5.48 12.52
N MET A 91 -9.42 4.26 12.39
CA MET A 91 -10.16 3.86 11.16
C MET A 91 -11.61 3.54 11.52
N ARG A 92 -12.54 4.04 10.76
CA ARG A 92 -13.98 3.77 11.04
C ARG A 92 -14.49 2.77 10.00
N LEU A 93 -14.90 1.62 10.43
CA LEU A 93 -15.37 0.58 9.46
C LEU A 93 -16.89 0.51 9.40
N TYR A 94 -17.37 0.17 8.25
CA TYR A 94 -18.83 0.03 8.04
C TYR A 94 -19.07 -1.26 7.23
N GLU A 95 -19.92 -2.12 7.72
CA GLU A 95 -20.16 -3.42 7.02
C GLU A 95 -20.79 -3.22 5.64
N HIS A 96 -21.47 -2.12 5.40
CA HIS A 96 -22.11 -1.94 4.04
C HIS A 96 -21.46 -0.78 3.28
N SER A 97 -21.62 -0.77 1.98
CA SER A 97 -21.03 0.33 1.15
C SER A 97 -21.61 1.67 1.61
N ASP A 98 -20.93 2.76 1.32
CA ASP A 98 -21.44 4.11 1.75
C ASP A 98 -20.95 4.37 3.18
N MET A 99 -21.72 3.97 4.15
CA MET A 99 -21.37 4.17 5.58
C MET A 99 -22.47 3.51 6.39
N GLY A 100 -22.89 2.36 5.95
CA GLY A 100 -24.00 1.63 6.63
C GLY A 100 -23.50 0.31 7.24
N GLY A 101 -24.42 -0.57 7.51
CA GLY A 101 -24.03 -1.88 8.09
C GLY A 101 -23.49 -1.68 9.51
N ARG A 102 -22.86 -2.66 10.07
CA ARG A 102 -22.32 -2.51 11.45
C ARG A 102 -21.06 -1.64 11.41
N MET A 103 -20.97 -0.68 12.30
CA MET A 103 -19.77 0.21 12.31
C MET A 103 -18.77 -0.26 13.36
N MET A 104 -17.58 -0.62 12.95
CA MET A 104 -16.56 -1.06 13.95
C MET A 104 -15.42 -0.05 13.97
N GLU A 105 -14.93 0.29 15.13
CA GLU A 105 -13.82 1.29 15.21
C GLU A 105 -12.48 0.56 15.37
N LEU A 106 -11.55 0.87 14.51
CA LEU A 106 -10.20 0.23 14.60
C LEU A 106 -9.16 1.32 14.84
N MET A 107 -8.51 1.29 15.98
CA MET A 107 -7.49 2.33 16.30
C MET A 107 -6.18 1.65 16.68
N ASP A 108 -6.00 0.43 16.27
CA ASP A 108 -4.73 -0.29 16.62
C ASP A 108 -4.32 -1.21 15.46
N ASP A 109 -3.36 -2.07 15.70
CA ASP A 109 -2.92 -3.00 14.63
C ASP A 109 -3.85 -4.21 14.63
N CYS A 110 -4.33 -4.60 13.48
CA CYS A 110 -5.27 -5.76 13.42
C CYS A 110 -4.63 -6.92 12.66
N PRO A 111 -3.79 -7.70 13.31
CA PRO A 111 -3.11 -8.86 12.66
C PRO A 111 -4.06 -10.06 12.52
N ASN A 112 -5.01 -10.18 13.41
CA ASN A 112 -5.96 -11.33 13.38
C ASN A 112 -7.37 -10.79 13.56
N LEU A 113 -7.96 -10.24 12.54
CA LEU A 113 -9.34 -9.68 12.69
C LEU A 113 -10.32 -10.80 13.04
N MET A 114 -9.93 -12.02 12.80
CA MET A 114 -10.84 -13.16 13.13
C MET A 114 -11.15 -13.16 14.63
N ASP A 115 -10.17 -12.88 15.43
CA ASP A 115 -10.39 -12.89 16.91
C ASP A 115 -10.93 -11.54 17.37
N ARG A 116 -10.71 -10.48 16.65
CA ARG A 116 -11.19 -9.15 17.12
C ARG A 116 -12.69 -9.02 16.90
N PHE A 117 -13.14 -9.06 15.68
CA PHE A 117 -14.60 -8.92 15.42
C PHE A 117 -15.14 -10.20 14.78
N ASN A 118 -14.32 -11.20 14.59
CA ASN A 118 -14.81 -12.45 13.97
C ASN A 118 -15.57 -12.05 12.70
N MET A 119 -15.07 -11.04 12.06
CA MET A 119 -15.68 -10.51 10.80
C MET A 119 -14.54 -10.00 9.94
N SER A 120 -14.55 -10.36 8.68
CA SER A 120 -13.44 -9.91 7.79
C SER A 120 -13.99 -9.33 6.49
N ASP A 121 -15.28 -9.07 6.36
CA ASP A 121 -15.76 -8.52 5.04
C ASP A 121 -16.65 -7.26 5.20
N PHE A 122 -16.05 -6.09 5.21
CA PHE A 122 -16.85 -4.82 5.31
C PHE A 122 -16.85 -4.13 3.95
N HIS A 123 -17.96 -3.54 3.55
CA HIS A 123 -18.01 -2.87 2.22
C HIS A 123 -17.74 -1.36 2.36
N SER A 124 -17.46 -0.85 3.54
CA SER A 124 -17.22 0.62 3.65
C SER A 124 -16.22 0.91 4.77
N CYS A 125 -15.53 2.01 4.68
CA CYS A 125 -14.53 2.34 5.74
C CYS A 125 -14.14 3.82 5.65
N HIS A 126 -13.58 4.36 6.69
CA HIS A 126 -13.18 5.81 6.66
C HIS A 126 -11.90 5.99 7.50
N VAL A 127 -11.00 6.85 7.07
CA VAL A 127 -9.74 7.06 7.84
C VAL A 127 -9.74 8.46 8.45
N MET A 128 -9.61 8.53 9.76
CA MET A 128 -9.60 9.86 10.45
C MET A 128 -8.28 10.58 10.16
N ASP A 129 -7.26 9.84 9.83
CA ASP A 129 -5.94 10.48 9.53
C ASP A 129 -4.80 9.45 9.58
N GLY A 130 -3.64 9.85 9.16
CA GLY A 130 -2.46 8.93 9.19
C GLY A 130 -2.41 8.08 7.92
N HIS A 131 -2.15 6.80 8.07
CA HIS A 131 -2.10 5.90 6.88
C HIS A 131 -2.33 4.45 7.31
N TRP A 132 -3.16 3.73 6.61
CA TRP A 132 -3.43 2.32 7.02
C TRP A 132 -3.21 1.33 5.86
N LEU A 133 -2.58 0.22 6.14
CA LEU A 133 -2.37 -0.83 5.09
C LEU A 133 -3.37 -1.95 5.37
N VAL A 134 -4.08 -2.40 4.37
CA VAL A 134 -5.06 -3.51 4.60
C VAL A 134 -4.54 -4.78 3.95
N TYR A 135 -4.77 -5.91 4.56
CA TYR A 135 -4.29 -7.21 3.98
C TYR A 135 -5.46 -8.17 3.73
N GLU A 136 -5.59 -8.63 2.50
CA GLU A 136 -6.70 -9.58 2.17
C GLU A 136 -6.58 -10.82 3.04
N GLN A 137 -5.38 -11.15 3.48
CA GLN A 137 -5.20 -12.35 4.35
C GLN A 137 -4.55 -11.90 5.67
N PRO A 138 -4.78 -12.64 6.72
CA PRO A 138 -4.24 -12.31 8.09
C PRO A 138 -2.71 -12.29 8.17
N ASN A 139 -2.19 -12.18 9.37
CA ASN A 139 -0.71 -12.13 9.56
C ASN A 139 -0.07 -11.16 8.56
N TYR A 140 -0.79 -10.15 8.17
CA TYR A 140 -0.26 -9.15 7.21
C TYR A 140 0.14 -9.82 5.89
N THR A 141 -0.73 -10.61 5.32
CA THR A 141 -0.41 -11.30 4.04
C THR A 141 -1.60 -11.19 3.09
N GLY A 142 -1.39 -11.42 1.81
CA GLY A 142 -2.51 -11.32 0.83
C GLY A 142 -2.47 -9.95 0.12
N ARG A 143 -3.32 -9.75 -0.84
CA ARG A 143 -3.33 -8.46 -1.58
C ARG A 143 -3.47 -7.31 -0.59
N GLN A 144 -2.44 -6.53 -0.44
CA GLN A 144 -2.50 -5.40 0.51
C GLN A 144 -3.11 -4.18 -0.16
N PHE A 145 -3.87 -3.42 0.58
CA PHE A 145 -4.49 -2.18 0.01
C PHE A 145 -4.08 -1.00 0.88
N TYR A 146 -3.76 0.11 0.27
CA TYR A 146 -3.32 1.31 1.05
C TYR A 146 -4.52 2.25 1.21
N LEU A 147 -5.05 2.33 2.40
CA LEU A 147 -6.21 3.25 2.63
C LEU A 147 -5.70 4.50 3.35
N ARG A 148 -5.82 5.63 2.70
CA ARG A 148 -5.34 6.91 3.30
C ARG A 148 -6.57 7.68 3.81
N PRO A 149 -6.37 8.83 4.40
CA PRO A 149 -7.51 9.65 4.91
C PRO A 149 -8.60 9.82 3.86
N GLY A 150 -9.77 10.20 4.29
CA GLY A 150 -10.91 10.38 3.35
C GLY A 150 -11.99 9.36 3.70
N GLU A 151 -12.99 9.24 2.86
CA GLU A 151 -14.10 8.28 3.14
C GLU A 151 -14.14 7.17 2.09
N TYR A 152 -14.24 5.94 2.53
CA TYR A 152 -14.33 4.80 1.58
C TYR A 152 -15.75 4.24 1.66
N ARG A 153 -16.31 3.78 0.57
CA ARG A 153 -17.74 3.29 0.63
C ARG A 153 -17.96 2.05 -0.23
N SER A 154 -16.98 1.56 -0.93
CA SER A 154 -17.23 0.35 -1.77
C SER A 154 -15.90 -0.26 -2.23
N TYR A 155 -15.94 -1.47 -2.73
CA TYR A 155 -14.69 -2.12 -3.21
C TYR A 155 -14.01 -1.20 -4.21
N ASN A 156 -14.75 -0.30 -4.77
CA ASN A 156 -14.17 0.62 -5.78
C ASN A 156 -13.48 1.79 -5.08
N ASP A 157 -13.48 1.79 -3.77
CA ASP A 157 -12.82 2.91 -3.03
C ASP A 157 -11.36 2.55 -2.77
N TRP A 158 -11.11 1.51 -2.02
CA TRP A 158 -9.68 1.12 -1.79
C TRP A 158 -9.19 0.43 -3.06
N GLY A 159 -9.93 0.57 -4.13
CA GLY A 159 -9.52 -0.06 -5.42
C GLY A 159 -9.58 -1.57 -5.28
N GLY A 160 -10.57 -2.08 -4.58
CA GLY A 160 -10.68 -3.55 -4.41
C GLY A 160 -11.81 -4.07 -5.27
N VAL A 161 -12.36 -5.18 -4.88
CA VAL A 161 -13.49 -5.78 -5.64
C VAL A 161 -14.30 -6.59 -4.64
N THR A 162 -13.60 -7.30 -3.78
CA THR A 162 -14.25 -8.12 -2.73
C THR A 162 -14.10 -7.36 -1.40
N SER A 163 -14.12 -8.08 -0.33
CA SER A 163 -13.97 -7.41 1.01
C SER A 163 -13.25 -8.35 1.99
N ARG A 164 -12.69 -9.42 1.50
CA ARG A 164 -12.03 -10.40 2.42
C ARG A 164 -10.77 -9.80 3.09
N MET A 165 -10.94 -9.01 4.11
CA MET A 165 -9.76 -8.41 4.83
C MET A 165 -9.59 -9.09 6.18
N GLY A 166 -8.45 -9.71 6.39
CA GLY A 166 -8.20 -10.41 7.68
C GLY A 166 -7.09 -9.70 8.46
N SER A 167 -6.17 -9.01 7.80
CA SER A 167 -5.09 -8.33 8.58
C SER A 167 -4.97 -6.86 8.18
N ILE A 168 -4.55 -6.04 9.12
CA ILE A 168 -4.39 -4.58 8.81
C ILE A 168 -3.23 -4.01 9.64
N ARG A 169 -2.42 -3.15 9.04
CA ARG A 169 -1.27 -2.56 9.80
C ARG A 169 -1.36 -1.03 9.79
N ARG A 170 -1.12 -0.41 10.92
CA ARG A 170 -1.18 1.07 10.98
C ARG A 170 0.21 1.68 10.76
N ILE A 171 0.57 1.88 9.53
CA ILE A 171 1.91 2.47 9.20
C ILE A 171 2.30 3.50 10.28
N THR A 172 3.01 3.07 11.29
CA THR A 172 3.47 4.00 12.36
C THR A 172 4.93 3.70 12.67
N ASP A 173 5.84 4.12 11.83
CA ASP A 173 7.28 3.85 12.09
C ASP A 173 8.09 4.22 10.83
N LEU A 174 8.85 5.27 10.91
CA LEU A 174 9.67 5.69 9.74
C LEU A 174 10.85 4.72 9.57
N MET A 1 13.32 14.08 5.12
CA MET A 1 13.06 13.99 3.65
C MET A 1 13.14 12.54 3.21
N GLY A 2 13.14 12.30 1.92
CA GLY A 2 13.23 10.91 1.42
C GLY A 2 13.75 10.92 -0.03
N LYS A 3 14.22 9.81 -0.50
CA LYS A 3 14.72 9.73 -1.91
C LYS A 3 14.79 8.29 -2.36
N ILE A 4 14.44 8.00 -3.58
CA ILE A 4 14.48 6.60 -4.07
C ILE A 4 15.24 6.51 -5.38
N ILE A 5 16.12 5.55 -5.48
CA ILE A 5 16.88 5.37 -6.75
C ILE A 5 16.59 3.99 -7.32
N PHE A 6 16.01 3.93 -8.49
CA PHE A 6 15.68 2.61 -9.12
C PHE A 6 16.83 2.17 -10.02
N TYR A 7 17.22 0.93 -9.97
CA TYR A 7 18.33 0.46 -10.84
C TYR A 7 17.84 -0.70 -11.72
N GLU A 8 18.11 -0.64 -13.00
CA GLU A 8 17.66 -1.72 -13.92
C GLU A 8 18.45 -3.02 -13.66
N ASP A 9 19.62 -2.93 -13.08
CA ASP A 9 20.41 -4.17 -12.82
C ASP A 9 19.91 -4.87 -11.57
N ARG A 10 20.22 -6.14 -11.43
CA ARG A 10 19.76 -6.91 -10.23
C ARG A 10 20.33 -6.27 -8.97
N ASN A 11 21.59 -5.92 -8.97
CA ASN A 11 22.20 -5.29 -7.77
C ASN A 11 21.83 -3.82 -7.71
N PHE A 12 22.73 -2.96 -8.08
CA PHE A 12 22.42 -1.50 -8.05
C PHE A 12 23.14 -0.81 -9.21
N GLY A 13 23.11 -1.43 -10.36
CA GLY A 13 23.79 -0.84 -11.54
C GLY A 13 22.86 -0.88 -12.75
N GLY A 14 23.39 -0.59 -13.91
CA GLY A 14 22.56 -0.59 -15.14
C GLY A 14 21.88 0.78 -15.26
N ARG A 15 20.78 0.87 -15.95
CA ARG A 15 20.09 2.18 -16.07
C ARG A 15 19.58 2.62 -14.70
N TYR A 16 20.12 3.68 -14.16
CA TYR A 16 19.69 4.15 -12.82
C TYR A 16 18.67 5.29 -12.97
N HIS A 17 17.74 5.39 -12.05
CA HIS A 17 16.73 6.47 -12.14
C HIS A 17 16.45 7.02 -10.73
N GLU A 18 16.61 8.30 -10.54
CA GLU A 18 16.36 8.88 -9.18
C GLU A 18 14.91 9.40 -9.14
N CYS A 19 14.10 8.87 -8.26
CA CYS A 19 12.68 9.33 -8.15
C CYS A 19 12.44 9.89 -6.75
N MET A 20 11.77 11.00 -6.68
CA MET A 20 11.49 11.62 -5.35
C MET A 20 10.07 12.17 -5.35
N SER A 21 9.31 11.86 -6.38
CA SER A 21 7.91 12.38 -6.45
C SER A 21 6.97 11.32 -7.03
N ASP A 22 5.70 11.41 -6.73
CA ASP A 22 4.72 10.42 -7.25
C ASP A 22 4.79 10.36 -8.78
N CYS A 23 4.60 9.18 -9.32
CA CYS A 23 4.62 9.02 -10.81
C CYS A 23 3.53 8.01 -11.19
N ALA A 24 2.56 8.42 -11.98
CA ALA A 24 1.46 7.48 -12.37
C ALA A 24 1.89 6.69 -13.61
N ASP A 25 2.96 7.10 -14.21
CA ASP A 25 3.47 6.41 -15.43
C ASP A 25 4.97 6.21 -15.27
N LEU A 26 5.38 5.07 -14.78
CA LEU A 26 6.83 4.82 -14.63
C LEU A 26 7.36 4.19 -15.92
N HIS A 27 6.47 3.67 -16.73
CA HIS A 27 6.91 3.05 -18.01
C HIS A 27 7.68 4.07 -18.82
N SER A 28 7.28 5.31 -18.74
CA SER A 28 8.00 6.35 -19.51
C SER A 28 9.47 6.25 -19.10
N TYR A 29 9.74 6.42 -17.84
CA TYR A 29 11.14 6.36 -17.35
C TYR A 29 11.77 5.00 -17.66
N PHE A 30 11.12 3.93 -17.29
CA PHE A 30 11.71 2.57 -17.57
C PHE A 30 10.61 1.53 -17.75
N ASN A 31 10.86 0.52 -18.53
CA ASN A 31 9.83 -0.55 -18.75
C ASN A 31 10.10 -1.75 -17.86
N ARG A 32 11.17 -1.73 -17.13
CA ARG A 32 11.49 -2.88 -16.23
C ARG A 32 12.46 -2.38 -15.16
N CYS A 33 12.52 -3.04 -14.05
CA CYS A 33 13.47 -2.64 -12.98
C CYS A 33 13.65 -3.84 -12.06
N HIS A 34 14.87 -4.22 -11.79
CA HIS A 34 15.10 -5.40 -10.92
C HIS A 34 15.62 -4.93 -9.56
N SER A 35 15.98 -3.68 -9.43
CA SER A 35 16.51 -3.20 -8.11
C SER A 35 15.91 -1.84 -7.75
N ILE A 36 15.54 -1.67 -6.51
CA ILE A 36 14.98 -0.37 -6.04
C ILE A 36 15.72 0.04 -4.77
N ARG A 37 15.98 1.31 -4.59
CA ARG A 37 16.73 1.73 -3.37
C ARG A 37 16.05 2.92 -2.70
N VAL A 38 15.58 2.75 -1.50
CA VAL A 38 14.94 3.87 -0.76
C VAL A 38 15.94 4.34 0.28
N GLU A 39 16.35 5.58 0.21
CA GLU A 39 17.33 6.08 1.19
C GLU A 39 16.59 6.55 2.44
N SER A 40 15.37 7.01 2.28
CA SER A 40 14.64 7.49 3.48
C SER A 40 13.19 7.87 3.14
N GLY A 41 12.33 7.79 4.12
CA GLY A 41 10.90 8.16 3.93
C GLY A 41 10.00 6.92 3.83
N CYS A 42 9.00 7.03 3.00
CA CYS A 42 8.07 5.90 2.75
C CYS A 42 7.64 6.00 1.29
N PHE A 43 7.35 4.91 0.65
CA PHE A 43 6.95 5.00 -0.78
C PHE A 43 5.94 3.90 -1.10
N MET A 44 4.93 4.23 -1.86
CA MET A 44 3.92 3.22 -2.25
C MET A 44 4.11 2.96 -3.75
N VAL A 45 4.27 1.71 -4.13
CA VAL A 45 4.49 1.41 -5.58
C VAL A 45 3.32 0.58 -6.13
N TYR A 46 2.97 0.79 -7.36
CA TYR A 46 1.83 0.05 -7.96
C TYR A 46 2.27 -0.75 -9.19
N ASP A 47 1.72 -1.95 -9.34
CA ASP A 47 2.08 -2.83 -10.50
C ASP A 47 1.42 -2.30 -11.78
N ARG A 48 0.53 -1.35 -11.65
CA ARG A 48 -0.13 -0.77 -12.85
C ARG A 48 -0.07 0.76 -12.76
N THR A 49 -0.23 1.43 -13.87
CA THR A 49 -0.17 2.93 -13.89
C THR A 49 -1.38 3.55 -13.16
N ASN A 50 -1.26 4.80 -12.79
CA ASN A 50 -2.37 5.53 -12.11
C ASN A 50 -2.63 4.94 -10.71
N PHE A 51 -1.62 4.48 -10.04
CA PHE A 51 -1.81 3.94 -8.66
C PHE A 51 -2.80 2.78 -8.68
N MET A 52 -2.52 1.74 -9.42
CA MET A 52 -3.48 0.59 -9.46
C MET A 52 -2.73 -0.74 -9.62
N GLY A 53 -3.42 -1.85 -9.57
CA GLY A 53 -2.75 -3.18 -9.72
C GLY A 53 -2.12 -3.61 -8.39
N ARG A 54 -1.31 -4.63 -8.42
CA ARG A 54 -0.66 -5.11 -7.17
C ARG A 54 0.22 -3.97 -6.65
N GLN A 55 0.09 -3.61 -5.40
CA GLN A 55 0.93 -2.50 -4.90
C GLN A 55 1.76 -2.97 -3.71
N TYR A 56 2.88 -2.33 -3.49
CA TYR A 56 3.74 -2.77 -2.36
C TYR A 56 4.19 -1.54 -1.55
N PHE A 57 4.18 -1.64 -0.25
CA PHE A 57 4.61 -0.49 0.60
C PHE A 57 6.11 -0.64 0.90
N LEU A 58 6.93 0.29 0.47
CA LEU A 58 8.41 0.18 0.71
C LEU A 58 8.93 1.31 1.60
N ARG A 59 9.42 0.98 2.78
CA ARG A 59 9.94 2.03 3.70
C ARG A 59 11.47 2.13 3.62
N ARG A 60 12.02 3.22 4.10
CA ARG A 60 13.51 3.42 4.08
C ARG A 60 14.24 2.07 4.09
N GLY A 61 14.93 1.77 3.03
CA GLY A 61 15.67 0.49 2.96
C GLY A 61 16.21 0.26 1.56
N GLU A 62 17.00 -0.75 1.39
CA GLU A 62 17.54 -1.05 0.04
C GLU A 62 16.96 -2.37 -0.46
N TYR A 63 16.40 -2.38 -1.64
CA TYR A 63 15.81 -3.63 -2.18
C TYR A 63 16.71 -4.13 -3.31
N PRO A 64 17.54 -5.10 -3.01
CA PRO A 64 18.50 -5.65 -4.01
C PRO A 64 17.83 -6.52 -5.08
N ASP A 65 16.61 -6.93 -4.86
CA ASP A 65 15.91 -7.78 -5.87
C ASP A 65 14.44 -7.87 -5.50
N TYR A 66 13.54 -7.81 -6.46
CA TYR A 66 12.09 -7.90 -6.11
C TYR A 66 11.29 -8.52 -7.27
N MET A 67 11.88 -9.50 -7.96
CA MET A 67 11.16 -10.17 -9.09
C MET A 67 10.64 -11.54 -8.63
N ARG A 68 11.47 -12.31 -7.97
CA ARG A 68 11.04 -13.65 -7.49
C ARG A 68 10.69 -13.53 -6.00
N THR A 69 11.14 -12.47 -5.39
CA THR A 69 10.86 -12.27 -3.93
C THR A 69 9.51 -11.59 -3.77
N MET A 70 9.00 -11.00 -4.82
CA MET A 70 7.66 -10.32 -4.75
C MET A 70 6.69 -11.03 -5.68
N GLY A 71 7.20 -11.62 -6.75
CA GLY A 71 6.31 -12.35 -7.69
C GLY A 71 5.68 -11.39 -8.72
N MET A 72 6.48 -10.58 -9.37
CA MET A 72 5.92 -9.63 -10.38
C MET A 72 6.53 -9.91 -11.76
N ASN A 73 5.76 -9.83 -12.81
CA ASN A 73 6.30 -10.09 -14.18
C ASN A 73 6.64 -8.76 -14.85
N ASP A 74 7.41 -7.94 -14.17
CA ASP A 74 7.81 -6.61 -14.71
C ASP A 74 8.07 -5.69 -13.53
N CYS A 75 8.28 -4.43 -13.77
CA CYS A 75 8.53 -3.50 -12.65
C CYS A 75 7.24 -2.77 -12.28
N VAL A 76 7.38 -1.75 -11.48
CA VAL A 76 6.21 -0.93 -11.06
C VAL A 76 5.81 -0.03 -12.23
N ARG A 77 4.54 0.19 -12.48
CA ARG A 77 4.17 1.09 -13.59
C ARG A 77 3.67 2.41 -12.97
N SER A 78 3.33 2.39 -11.70
CA SER A 78 2.87 3.65 -11.03
C SER A 78 3.41 3.72 -9.62
N CYS A 79 3.37 4.88 -9.02
CA CYS A 79 3.87 5.01 -7.63
C CYS A 79 3.40 6.32 -7.01
N ARG A 80 3.27 6.34 -5.72
CA ARG A 80 2.82 7.57 -5.01
C ARG A 80 3.67 7.76 -3.75
N MET A 81 4.02 8.98 -3.44
CA MET A 81 4.85 9.22 -2.22
C MET A 81 3.91 9.51 -1.04
N ILE A 82 4.33 9.20 0.16
CA ILE A 82 3.47 9.47 1.33
C ILE A 82 3.77 10.89 1.85
N PRO A 83 2.76 11.70 2.04
CA PRO A 83 2.94 13.10 2.54
C PRO A 83 3.30 13.13 4.03
N LEU A 84 4.08 14.10 4.44
CA LEU A 84 4.46 14.19 5.88
C LEU A 84 3.32 14.82 6.67
N HIS A 85 2.11 14.36 6.45
CA HIS A 85 0.94 14.94 7.19
C HIS A 85 0.40 13.89 8.17
N HIS A 86 1.10 13.66 9.25
CA HIS A 86 0.62 12.66 10.24
C HIS A 86 -0.23 13.36 11.30
N GLY A 87 -1.50 13.44 11.07
CA GLY A 87 -2.39 14.09 12.07
C GLY A 87 -2.90 13.05 13.07
N SER A 88 -4.03 12.45 12.77
CA SER A 88 -4.59 11.42 13.70
C SER A 88 -4.75 10.09 12.97
N PHE A 89 -4.60 8.99 13.68
CA PHE A 89 -4.73 7.65 13.04
C PHE A 89 -6.00 6.98 13.55
N LYS A 90 -6.90 6.66 12.67
CA LYS A 90 -8.16 6.00 13.09
C LYS A 90 -8.91 5.57 11.82
N MET A 91 -9.35 4.33 11.76
CA MET A 91 -10.09 3.89 10.53
C MET A 91 -11.53 3.54 10.92
N ARG A 92 -12.48 4.06 10.20
CA ARG A 92 -13.91 3.76 10.51
C ARG A 92 -14.41 2.70 9.52
N LEU A 93 -14.78 1.56 10.02
CA LEU A 93 -15.23 0.47 9.11
C LEU A 93 -16.73 0.31 9.08
N TYR A 94 -17.22 -0.14 7.96
CA TYR A 94 -18.66 -0.37 7.79
C TYR A 94 -18.84 -1.69 7.04
N GLU A 95 -19.59 -2.61 7.59
CA GLU A 95 -19.73 -3.94 6.95
C GLU A 95 -20.39 -3.84 5.56
N HIS A 96 -21.17 -2.83 5.28
CA HIS A 96 -21.82 -2.75 3.92
C HIS A 96 -21.22 -1.60 3.11
N SER A 97 -21.45 -1.59 1.82
CA SER A 97 -20.89 -0.51 0.95
C SER A 97 -21.39 0.85 1.41
N ASP A 98 -20.69 1.91 1.07
CA ASP A 98 -21.10 3.26 1.52
C ASP A 98 -20.67 3.43 2.97
N MET A 99 -21.56 3.19 3.89
CA MET A 99 -21.24 3.31 5.34
C MET A 99 -22.31 2.53 6.11
N GLY A 100 -22.78 1.44 5.55
CA GLY A 100 -23.85 0.66 6.22
C GLY A 100 -23.28 -0.54 6.98
N GLY A 101 -24.10 -1.53 7.22
CA GLY A 101 -23.61 -2.74 7.94
C GLY A 101 -23.14 -2.32 9.33
N ARG A 102 -22.54 -3.21 10.07
CA ARG A 102 -22.06 -2.84 11.43
C ARG A 102 -20.85 -1.93 11.31
N MET A 103 -20.81 -0.88 12.11
CA MET A 103 -19.66 0.06 12.03
C MET A 103 -18.63 -0.27 13.11
N MET A 104 -17.42 -0.57 12.72
CA MET A 104 -16.38 -0.88 13.75
C MET A 104 -15.25 0.14 13.66
N GLU A 105 -14.74 0.57 14.78
CA GLU A 105 -13.65 1.59 14.77
C GLU A 105 -12.31 0.90 14.98
N LEU A 106 -11.31 1.29 14.25
CA LEU A 106 -9.97 0.67 14.41
C LEU A 106 -8.93 1.77 14.60
N MET A 107 -8.27 1.77 15.74
CA MET A 107 -7.24 2.82 16.00
C MET A 107 -5.91 2.14 16.32
N ASP A 108 -5.93 0.88 16.68
CA ASP A 108 -4.67 0.17 17.00
C ASP A 108 -4.31 -0.80 15.86
N ASP A 109 -3.34 -1.65 16.07
CA ASP A 109 -2.96 -2.61 15.01
C ASP A 109 -3.98 -3.75 14.97
N CYS A 110 -4.50 -4.07 13.82
CA CYS A 110 -5.52 -5.16 13.74
C CYS A 110 -4.91 -6.37 13.02
N PRO A 111 -4.12 -7.17 13.69
CA PRO A 111 -3.48 -8.36 13.08
C PRO A 111 -4.46 -9.53 12.93
N ASN A 112 -5.46 -9.61 13.76
CA ASN A 112 -6.44 -10.72 13.69
C ASN A 112 -7.85 -10.14 13.85
N LEU A 113 -8.42 -9.65 12.79
CA LEU A 113 -9.78 -9.04 12.89
C LEU A 113 -10.80 -10.11 13.26
N MET A 114 -10.53 -11.34 12.93
CA MET A 114 -11.47 -12.44 13.27
C MET A 114 -11.76 -12.41 14.77
N ASP A 115 -10.75 -12.16 15.55
CA ASP A 115 -10.95 -12.13 17.03
C ASP A 115 -11.52 -10.78 17.46
N ARG A 116 -11.32 -9.74 16.68
CA ARG A 116 -11.85 -8.42 17.11
C ARG A 116 -13.36 -8.36 16.96
N PHE A 117 -13.85 -8.49 15.75
CA PHE A 117 -15.33 -8.42 15.53
C PHE A 117 -15.85 -9.73 14.96
N ASN A 118 -15.03 -10.74 14.83
CA ASN A 118 -15.53 -12.01 14.24
C ASN A 118 -16.13 -11.67 12.87
N MET A 119 -15.45 -10.82 12.16
CA MET A 119 -15.90 -10.39 10.81
C MET A 119 -14.66 -10.23 9.94
N SER A 120 -14.58 -10.94 8.85
CA SER A 120 -13.37 -10.83 7.97
C SER A 120 -13.75 -10.16 6.65
N ASP A 121 -14.95 -9.65 6.49
CA ASP A 121 -15.29 -9.03 5.16
C ASP A 121 -16.19 -7.80 5.27
N PHE A 122 -15.61 -6.63 5.16
CA PHE A 122 -16.41 -5.36 5.22
C PHE A 122 -16.46 -4.73 3.83
N HIS A 123 -17.58 -4.18 3.44
CA HIS A 123 -17.67 -3.56 2.09
C HIS A 123 -17.46 -2.04 2.17
N SER A 124 -17.15 -1.47 3.31
CA SER A 124 -16.96 0.00 3.34
C SER A 124 -15.93 0.38 4.42
N CYS A 125 -15.27 1.50 4.25
CA CYS A 125 -14.27 1.92 5.27
C CYS A 125 -13.95 3.41 5.12
N HIS A 126 -13.38 4.01 6.13
CA HIS A 126 -13.06 5.47 6.05
C HIS A 126 -11.81 5.79 6.87
N VAL A 127 -10.97 6.69 6.42
CA VAL A 127 -9.74 7.02 7.18
C VAL A 127 -9.83 8.46 7.69
N MET A 128 -9.73 8.62 8.98
CA MET A 128 -9.82 9.98 9.59
C MET A 128 -8.52 10.73 9.27
N ASP A 129 -7.44 10.01 9.25
CA ASP A 129 -6.12 10.67 8.96
C ASP A 129 -4.98 9.67 9.06
N GLY A 130 -3.79 10.10 8.72
CA GLY A 130 -2.61 9.19 8.78
C GLY A 130 -2.68 8.20 7.62
N HIS A 131 -1.90 7.15 7.68
CA HIS A 131 -1.89 6.16 6.56
C HIS A 131 -2.20 4.75 7.10
N TRP A 132 -3.10 4.06 6.45
CA TRP A 132 -3.47 2.68 6.93
C TRP A 132 -3.23 1.63 5.85
N LEU A 133 -2.54 0.56 6.19
CA LEU A 133 -2.31 -0.54 5.19
C LEU A 133 -3.27 -1.69 5.50
N VAL A 134 -3.96 -2.20 4.52
CA VAL A 134 -4.92 -3.31 4.77
C VAL A 134 -4.36 -4.62 4.21
N TYR A 135 -4.53 -5.70 4.93
CA TYR A 135 -3.99 -7.02 4.46
C TYR A 135 -5.13 -8.01 4.20
N GLU A 136 -5.17 -8.56 3.00
CA GLU A 136 -6.23 -9.56 2.66
C GLU A 136 -6.14 -10.75 3.59
N GLN A 137 -4.97 -11.03 4.12
CA GLN A 137 -4.82 -12.19 5.05
C GLN A 137 -4.25 -11.68 6.38
N PRO A 138 -4.51 -12.38 7.46
CA PRO A 138 -4.06 -11.98 8.84
C PRO A 138 -2.53 -11.93 8.97
N ASN A 139 -2.04 -11.66 10.16
CA ASN A 139 -0.57 -11.58 10.41
C ASN A 139 0.10 -10.64 9.39
N TYR A 140 -0.60 -9.62 8.98
CA TYR A 140 -0.03 -8.64 8.00
C TYR A 140 0.44 -9.38 6.74
N THR A 141 -0.38 -10.24 6.21
CA THR A 141 0.00 -11.00 4.97
C THR A 141 -1.18 -10.98 3.99
N GLY A 142 -0.94 -11.30 2.75
CA GLY A 142 -2.05 -11.28 1.74
C GLY A 142 -1.96 -10.01 0.91
N ARG A 143 -2.77 -9.87 -0.10
CA ARG A 143 -2.72 -8.66 -0.95
C ARG A 143 -2.85 -7.42 -0.06
N GLN A 144 -1.82 -6.62 0.00
CA GLN A 144 -1.87 -5.42 0.86
C GLN A 144 -2.54 -4.27 0.10
N PHE A 145 -3.33 -3.50 0.79
CA PHE A 145 -4.00 -2.32 0.14
C PHE A 145 -3.67 -1.06 0.94
N TYR A 146 -3.20 -0.04 0.27
CA TYR A 146 -2.84 1.22 0.99
C TYR A 146 -4.05 2.16 1.03
N LEU A 147 -4.74 2.19 2.14
CA LEU A 147 -5.92 3.09 2.26
C LEU A 147 -5.49 4.38 2.95
N ARG A 148 -5.74 5.49 2.31
CA ARG A 148 -5.36 6.81 2.87
C ARG A 148 -6.63 7.58 3.23
N PRO A 149 -6.52 8.76 3.78
CA PRO A 149 -7.71 9.57 4.14
C PRO A 149 -8.79 9.54 3.06
N GLY A 150 -9.97 9.96 3.39
CA GLY A 150 -11.07 9.94 2.38
C GLY A 150 -12.08 8.87 2.80
N GLU A 151 -13.15 8.73 2.07
CA GLU A 151 -14.17 7.70 2.43
C GLU A 151 -14.16 6.56 1.41
N TYR A 152 -14.21 5.35 1.90
CA TYR A 152 -14.25 4.16 0.99
C TYR A 152 -15.65 3.55 1.10
N ARG A 153 -16.20 3.03 0.03
CA ARG A 153 -17.59 2.49 0.10
C ARG A 153 -17.72 1.13 -0.60
N SER A 154 -16.71 0.62 -1.24
CA SER A 154 -16.89 -0.70 -1.90
C SER A 154 -15.55 -1.22 -2.42
N TYR A 155 -15.47 -2.49 -2.72
CA TYR A 155 -14.19 -3.07 -3.22
C TYR A 155 -13.68 -2.23 -4.39
N ASN A 156 -14.47 -1.33 -4.89
CA ASN A 156 -14.01 -0.50 -6.03
C ASN A 156 -13.34 0.76 -5.48
N ASP A 157 -13.29 0.89 -4.19
CA ASP A 157 -12.66 2.10 -3.58
C ASP A 157 -11.19 1.80 -3.29
N TRP A 158 -10.91 0.83 -2.46
CA TRP A 158 -9.48 0.51 -2.19
C TRP A 158 -8.95 -0.26 -3.40
N GLY A 159 -9.67 -0.20 -4.49
CA GLY A 159 -9.23 -0.92 -5.72
C GLY A 159 -9.28 -2.41 -5.47
N GLY A 160 -10.26 -2.87 -4.75
CA GLY A 160 -10.36 -4.32 -4.46
C GLY A 160 -11.48 -4.93 -5.31
N VAL A 161 -11.71 -6.19 -5.11
CA VAL A 161 -12.77 -6.90 -5.87
C VAL A 161 -13.49 -7.82 -4.89
N THR A 162 -13.19 -7.66 -3.63
CA THR A 162 -13.82 -8.50 -2.58
C THR A 162 -13.70 -7.74 -1.25
N SER A 163 -13.77 -8.43 -0.15
CA SER A 163 -13.66 -7.75 1.17
C SER A 163 -12.90 -8.65 2.16
N ARG A 164 -12.28 -9.70 1.69
CA ARG A 164 -11.55 -10.63 2.61
C ARG A 164 -10.39 -9.93 3.34
N MET A 165 -10.67 -9.08 4.30
CA MET A 165 -9.57 -8.39 5.06
C MET A 165 -9.42 -8.98 6.47
N GLY A 166 -8.30 -9.58 6.75
CA GLY A 166 -8.08 -10.21 8.09
C GLY A 166 -7.00 -9.44 8.88
N SER A 167 -6.13 -8.70 8.22
CA SER A 167 -5.08 -7.96 9.00
C SER A 167 -4.97 -6.51 8.54
N ILE A 168 -4.60 -5.65 9.45
CA ILE A 168 -4.45 -4.20 9.08
C ILE A 168 -3.34 -3.57 9.93
N ARG A 169 -2.55 -2.69 9.36
CA ARG A 169 -1.45 -2.05 10.14
C ARG A 169 -1.59 -0.52 10.06
N ARG A 170 -1.33 0.16 11.16
CA ARG A 170 -1.42 1.64 11.15
C ARG A 170 0.01 2.21 11.02
N ILE A 171 0.35 2.65 9.84
CA ILE A 171 1.72 3.19 9.58
C ILE A 171 2.12 4.26 10.61
N THR A 172 2.32 3.88 11.84
CA THR A 172 2.70 4.87 12.89
C THR A 172 3.91 4.38 13.69
N ASP A 173 5.09 4.51 13.13
CA ASP A 173 6.32 4.08 13.86
C ASP A 173 7.50 4.10 12.87
N LEU A 174 8.43 4.99 13.08
CA LEU A 174 9.61 5.07 12.17
C LEU A 174 10.67 4.08 12.65
N MET A 1 10.60 13.87 3.53
CA MET A 1 10.83 13.84 2.05
C MET A 1 11.56 12.54 1.69
N GLY A 2 10.93 11.42 1.90
CA GLY A 2 11.58 10.12 1.57
C GLY A 2 12.10 10.13 0.13
N LYS A 3 13.09 9.33 -0.16
CA LYS A 3 13.67 9.29 -1.53
C LYS A 3 13.76 7.86 -2.05
N ILE A 4 13.46 7.63 -3.31
CA ILE A 4 13.54 6.25 -3.87
C ILE A 4 14.26 6.27 -5.21
N ILE A 5 15.25 5.43 -5.36
CA ILE A 5 16.01 5.38 -6.64
C ILE A 5 15.82 4.01 -7.31
N PHE A 6 15.51 4.00 -8.58
CA PHE A 6 15.31 2.71 -9.31
C PHE A 6 16.61 2.35 -10.04
N TYR A 7 16.93 1.09 -10.15
CA TYR A 7 18.19 0.71 -10.87
C TYR A 7 17.88 -0.45 -11.84
N GLU A 8 18.40 -0.37 -13.03
CA GLU A 8 18.13 -1.45 -14.03
C GLU A 8 18.92 -2.71 -13.67
N ASP A 9 20.17 -2.58 -13.33
CA ASP A 9 20.99 -3.77 -13.00
C ASP A 9 20.67 -4.24 -11.57
N ARG A 10 20.81 -5.50 -11.31
CA ARG A 10 20.51 -6.03 -9.95
C ARG A 10 21.54 -5.48 -8.93
N ASN A 11 22.77 -5.31 -9.35
CA ASN A 11 23.80 -4.79 -8.41
C ASN A 11 23.76 -3.26 -8.39
N PHE A 12 22.59 -2.68 -8.41
CA PHE A 12 22.49 -1.20 -8.39
C PHE A 12 23.35 -0.61 -9.50
N GLY A 13 23.13 -1.04 -10.72
CA GLY A 13 23.93 -0.51 -11.86
C GLY A 13 23.00 -0.29 -13.07
N GLY A 14 23.55 -0.34 -14.26
CA GLY A 14 22.72 -0.15 -15.48
C GLY A 14 22.08 1.23 -15.47
N ARG A 15 20.91 1.35 -16.02
CA ARG A 15 20.22 2.68 -16.06
C ARG A 15 19.63 2.98 -14.68
N TYR A 16 20.07 4.04 -14.06
CA TYR A 16 19.54 4.41 -12.71
C TYR A 16 18.51 5.51 -12.85
N HIS A 17 17.64 5.65 -11.87
CA HIS A 17 16.62 6.73 -11.95
C HIS A 17 16.27 7.20 -10.53
N GLU A 18 16.40 8.47 -10.27
CA GLU A 18 16.08 8.98 -8.90
C GLU A 18 14.66 9.57 -8.88
N CYS A 19 13.81 9.10 -8.00
CA CYS A 19 12.41 9.62 -7.94
C CYS A 19 12.13 10.15 -6.53
N MET A 20 11.50 11.29 -6.45
CA MET A 20 11.17 11.88 -5.12
C MET A 20 9.74 12.38 -5.14
N SER A 21 8.99 12.02 -6.15
CA SER A 21 7.57 12.47 -6.24
C SER A 21 6.72 11.37 -6.89
N ASP A 22 5.43 11.45 -6.74
CA ASP A 22 4.53 10.41 -7.34
C ASP A 22 4.70 10.36 -8.86
N CYS A 23 4.61 9.18 -9.42
CA CYS A 23 4.74 9.01 -10.89
C CYS A 23 3.67 7.99 -11.33
N ALA A 24 2.76 8.38 -12.18
CA ALA A 24 1.70 7.44 -12.63
C ALA A 24 2.19 6.66 -13.84
N ASP A 25 3.26 7.09 -14.42
CA ASP A 25 3.82 6.38 -15.61
C ASP A 25 5.31 6.17 -15.40
N LEU A 26 5.70 5.00 -14.96
CA LEU A 26 7.16 4.73 -14.76
C LEU A 26 7.68 4.02 -16.00
N HIS A 27 6.82 3.43 -16.78
CA HIS A 27 7.28 2.72 -18.01
C HIS A 27 8.04 3.72 -18.89
N SER A 28 7.55 4.91 -18.99
CA SER A 28 8.23 5.91 -19.83
C SER A 28 9.69 5.95 -19.42
N TYR A 29 9.96 5.98 -18.14
CA TYR A 29 11.36 6.03 -17.66
C TYR A 29 12.08 4.70 -17.92
N PHE A 30 11.45 3.59 -17.61
CA PHE A 30 12.12 2.27 -17.86
C PHE A 30 11.05 1.17 -18.04
N ASN A 31 11.36 0.15 -18.78
CA ASN A 31 10.38 -0.95 -19.01
C ASN A 31 10.62 -2.09 -18.02
N ARG A 32 11.66 -2.01 -17.25
CA ARG A 32 11.96 -3.08 -16.26
C ARG A 32 12.92 -2.54 -15.20
N CYS A 33 12.98 -3.15 -14.06
CA CYS A 33 13.92 -2.68 -13.00
C CYS A 33 14.15 -3.84 -12.03
N HIS A 34 15.37 -4.27 -11.90
CA HIS A 34 15.68 -5.42 -10.99
C HIS A 34 16.12 -4.89 -9.62
N SER A 35 16.47 -3.63 -9.51
CA SER A 35 16.92 -3.12 -8.18
C SER A 35 16.28 -1.77 -7.87
N ILE A 36 16.02 -1.52 -6.62
CA ILE A 36 15.42 -0.21 -6.21
C ILE A 36 15.94 0.14 -4.82
N ARG A 37 16.08 1.41 -4.51
CA ARG A 37 16.64 1.79 -3.18
C ARG A 37 15.86 2.93 -2.53
N VAL A 38 15.35 2.71 -1.35
CA VAL A 38 14.62 3.78 -0.60
C VAL A 38 15.54 4.18 0.55
N GLU A 39 15.92 5.43 0.61
CA GLU A 39 16.84 5.85 1.69
C GLU A 39 16.05 6.35 2.90
N SER A 40 14.88 6.87 2.70
CA SER A 40 14.13 7.38 3.89
C SER A 40 12.64 7.48 3.58
N GLY A 41 11.83 7.37 4.60
CA GLY A 41 10.37 7.44 4.40
C GLY A 41 9.92 6.12 3.76
N CYS A 42 8.77 6.13 3.14
CA CYS A 42 8.27 4.88 2.50
C CYS A 42 7.79 5.20 1.09
N PHE A 43 7.33 4.22 0.36
CA PHE A 43 6.84 4.50 -1.03
C PHE A 43 5.81 3.46 -1.41
N MET A 44 4.78 3.87 -2.07
CA MET A 44 3.75 2.91 -2.54
C MET A 44 4.03 2.64 -4.01
N VAL A 45 4.35 1.42 -4.35
CA VAL A 45 4.64 1.11 -5.79
C VAL A 45 3.52 0.25 -6.38
N TYR A 46 3.22 0.49 -7.62
CA TYR A 46 2.10 -0.27 -8.27
C TYR A 46 2.60 -1.01 -9.51
N ASP A 47 2.09 -2.19 -9.72
CA ASP A 47 2.48 -3.02 -10.90
C ASP A 47 1.82 -2.45 -12.15
N ARG A 48 0.94 -1.49 -12.00
CA ARG A 48 0.26 -0.88 -13.18
C ARG A 48 0.35 0.64 -13.07
N THR A 49 0.23 1.32 -14.17
CA THR A 49 0.31 2.82 -14.19
C THR A 49 -0.91 3.45 -13.49
N ASN A 50 -0.79 4.69 -13.10
CA ASN A 50 -1.93 5.41 -12.44
C ASN A 50 -2.27 4.81 -11.07
N PHE A 51 -1.28 4.30 -10.37
CA PHE A 51 -1.55 3.74 -9.02
C PHE A 51 -2.54 2.58 -9.14
N MET A 52 -2.20 1.57 -9.87
CA MET A 52 -3.14 0.42 -10.02
C MET A 52 -2.36 -0.89 -10.18
N GLY A 53 -3.03 -2.01 -10.14
CA GLY A 53 -2.31 -3.32 -10.30
C GLY A 53 -1.81 -3.80 -8.94
N ARG A 54 -1.01 -4.82 -8.92
CA ARG A 54 -0.49 -5.31 -7.61
C ARG A 54 0.16 -4.13 -6.91
N GLN A 55 -0.29 -3.81 -5.73
CA GLN A 55 0.29 -2.65 -4.98
C GLN A 55 1.20 -3.19 -3.88
N TYR A 56 2.36 -2.62 -3.72
CA TYR A 56 3.30 -3.10 -2.66
C TYR A 56 3.77 -1.91 -1.81
N PHE A 57 3.83 -2.08 -0.51
CA PHE A 57 4.28 -0.96 0.37
C PHE A 57 5.74 -1.19 0.78
N LEU A 58 6.63 -0.28 0.43
CA LEU A 58 8.08 -0.47 0.77
C LEU A 58 8.61 0.60 1.73
N ARG A 59 9.11 0.21 2.87
CA ARG A 59 9.64 1.19 3.86
C ARG A 59 11.09 1.55 3.51
N ARG A 60 11.61 2.59 4.10
CA ARG A 60 13.02 2.99 3.79
C ARG A 60 13.96 1.79 3.95
N GLY A 61 14.66 1.47 2.92
CA GLY A 61 15.62 0.32 2.98
C GLY A 61 16.22 0.10 1.60
N GLU A 62 17.20 -0.76 1.50
CA GLU A 62 17.82 -1.03 0.17
C GLU A 62 17.28 -2.36 -0.35
N TYR A 63 16.75 -2.37 -1.56
CA TYR A 63 16.20 -3.63 -2.12
C TYR A 63 17.08 -4.04 -3.30
N PRO A 64 17.98 -4.97 -3.09
CA PRO A 64 18.91 -5.43 -4.16
C PRO A 64 18.21 -6.31 -5.21
N ASP A 65 17.00 -6.73 -4.95
CA ASP A 65 16.27 -7.58 -5.94
C ASP A 65 14.79 -7.59 -5.53
N TYR A 66 13.88 -7.47 -6.46
CA TYR A 66 12.43 -7.47 -6.07
C TYR A 66 11.56 -8.04 -7.20
N MET A 67 12.14 -8.82 -8.09
CA MET A 67 11.33 -9.43 -9.19
C MET A 67 10.92 -10.85 -8.82
N ARG A 68 11.81 -11.60 -8.24
CA ARG A 68 11.47 -13.00 -7.86
C ARG A 68 10.97 -13.04 -6.42
N THR A 69 11.39 -12.09 -5.63
CA THR A 69 10.95 -12.09 -4.21
C THR A 69 9.56 -11.46 -4.10
N MET A 70 9.15 -10.69 -5.09
CA MET A 70 7.80 -10.06 -5.03
C MET A 70 6.82 -10.84 -5.91
N GLY A 71 7.32 -11.52 -6.91
CA GLY A 71 6.43 -12.29 -7.83
C GLY A 71 5.80 -11.37 -8.87
N MET A 72 6.59 -10.67 -9.64
CA MET A 72 6.04 -9.75 -10.68
C MET A 72 6.72 -10.02 -12.03
N ASN A 73 5.97 -9.99 -13.11
CA ASN A 73 6.58 -10.24 -14.45
C ASN A 73 6.99 -8.90 -15.08
N ASP A 74 7.75 -8.12 -14.37
CA ASP A 74 8.20 -6.79 -14.88
C ASP A 74 8.45 -5.90 -13.68
N CYS A 75 8.69 -4.65 -13.90
CA CYS A 75 8.94 -3.73 -12.76
C CYS A 75 7.65 -3.00 -12.42
N VAL A 76 7.78 -1.98 -11.62
CA VAL A 76 6.59 -1.15 -11.22
C VAL A 76 6.26 -0.23 -12.37
N ARG A 77 5.00 0.00 -12.66
CA ARG A 77 4.65 0.92 -13.76
C ARG A 77 4.15 2.22 -13.14
N SER A 78 3.78 2.19 -11.87
CA SER A 78 3.31 3.46 -11.22
C SER A 78 3.85 3.54 -9.80
N CYS A 79 3.91 4.73 -9.27
CA CYS A 79 4.44 4.91 -7.88
C CYS A 79 3.83 6.14 -7.23
N ARG A 80 3.57 6.07 -5.96
CA ARG A 80 2.98 7.23 -5.22
C ARG A 80 3.67 7.37 -3.87
N MET A 81 3.94 8.58 -3.46
CA MET A 81 4.62 8.78 -2.14
C MET A 81 3.56 8.92 -1.04
N ILE A 82 3.88 8.53 0.16
CA ILE A 82 2.90 8.64 1.28
C ILE A 82 2.75 10.12 1.69
N PRO A 83 1.56 10.66 1.65
CA PRO A 83 1.31 12.07 2.02
C PRO A 83 2.02 12.47 3.33
N LEU A 84 1.90 13.71 3.73
CA LEU A 84 2.55 14.18 4.99
C LEU A 84 1.51 14.28 6.10
N HIS A 85 0.94 13.18 6.50
CA HIS A 85 -0.08 13.21 7.58
C HIS A 85 0.42 14.08 8.74
N HIS A 86 -0.47 14.75 9.44
CA HIS A 86 -0.04 15.61 10.57
C HIS A 86 -1.16 15.69 11.62
N GLY A 87 -1.89 14.63 11.74
CA GLY A 87 -3.03 14.60 12.71
C GLY A 87 -2.94 13.37 13.60
N SER A 88 -3.54 12.29 13.19
CA SER A 88 -3.50 11.07 14.03
C SER A 88 -3.94 9.86 13.21
N PHE A 89 -4.12 8.74 13.85
CA PHE A 89 -4.54 7.51 13.12
C PHE A 89 -5.88 7.01 13.67
N LYS A 90 -6.83 6.78 12.81
CA LYS A 90 -8.15 6.28 13.26
C LYS A 90 -8.93 5.84 12.02
N MET A 91 -9.41 4.62 12.00
CA MET A 91 -10.18 4.16 10.80
C MET A 91 -11.62 3.84 11.22
N ARG A 92 -12.56 4.27 10.43
CA ARG A 92 -14.00 3.98 10.74
C ARG A 92 -14.49 2.92 9.76
N LEU A 93 -14.88 1.78 10.26
CA LEU A 93 -15.32 0.69 9.36
C LEU A 93 -16.83 0.57 9.28
N TYR A 94 -17.29 0.15 8.14
CA TYR A 94 -18.74 -0.06 7.92
C TYR A 94 -18.92 -1.42 7.27
N GLU A 95 -19.66 -2.29 7.89
CA GLU A 95 -19.82 -3.66 7.34
C GLU A 95 -20.48 -3.61 5.95
N HIS A 96 -21.28 -2.61 5.65
CA HIS A 96 -21.93 -2.59 4.29
C HIS A 96 -21.32 -1.50 3.42
N SER A 97 -21.55 -1.55 2.12
CA SER A 97 -20.98 -0.52 1.21
C SER A 97 -21.52 0.86 1.58
N ASP A 98 -20.84 1.93 1.21
CA ASP A 98 -21.32 3.30 1.57
C ASP A 98 -20.88 3.62 3.00
N MET A 99 -21.74 3.39 3.94
CA MET A 99 -21.43 3.64 5.39
C MET A 99 -22.48 2.89 6.19
N GLY A 100 -22.93 1.79 5.65
CA GLY A 100 -23.98 0.98 6.34
C GLY A 100 -23.36 -0.18 7.09
N GLY A 101 -24.12 -1.22 7.32
CA GLY A 101 -23.58 -2.39 8.05
C GLY A 101 -23.13 -1.95 9.45
N ARG A 102 -22.61 -2.86 10.23
CA ARG A 102 -22.16 -2.50 11.61
C ARG A 102 -20.96 -1.57 11.51
N MET A 103 -20.97 -0.48 12.24
CA MET A 103 -19.83 0.47 12.19
C MET A 103 -18.82 0.16 13.29
N MET A 104 -17.61 -0.17 12.93
CA MET A 104 -16.59 -0.48 13.97
C MET A 104 -15.42 0.50 13.83
N GLU A 105 -14.88 0.96 14.93
CA GLU A 105 -13.76 1.93 14.85
C GLU A 105 -12.44 1.19 15.08
N LEU A 106 -11.43 1.52 14.32
CA LEU A 106 -10.11 0.85 14.49
C LEU A 106 -9.07 1.93 14.80
N MET A 107 -8.47 1.86 15.96
CA MET A 107 -7.44 2.88 16.35
C MET A 107 -6.20 2.14 16.85
N ASP A 108 -5.98 0.94 16.38
CA ASP A 108 -4.79 0.17 16.82
C ASP A 108 -4.36 -0.79 15.70
N ASP A 109 -3.43 -1.66 15.98
CA ASP A 109 -2.98 -2.62 14.94
C ASP A 109 -3.95 -3.80 14.92
N CYS A 110 -4.43 -4.19 13.77
CA CYS A 110 -5.40 -5.33 13.72
C CYS A 110 -4.75 -6.55 13.03
N PRO A 111 -4.01 -7.34 13.76
CA PRO A 111 -3.35 -8.55 13.20
C PRO A 111 -4.34 -9.71 13.00
N ASN A 112 -5.36 -9.76 13.81
CA ASN A 112 -6.37 -10.85 13.69
C ASN A 112 -7.76 -10.22 13.87
N LEU A 113 -8.30 -9.69 12.82
CA LEU A 113 -9.64 -9.06 12.92
C LEU A 113 -10.68 -10.13 13.29
N MET A 114 -10.37 -11.36 13.01
CA MET A 114 -11.32 -12.46 13.33
C MET A 114 -11.60 -12.46 14.83
N ASP A 115 -10.60 -12.23 15.63
CA ASP A 115 -10.82 -12.24 17.10
C ASP A 115 -11.37 -10.88 17.56
N ARG A 116 -11.17 -9.84 16.80
CA ARG A 116 -11.66 -8.51 17.27
C ARG A 116 -13.17 -8.37 17.07
N PHE A 117 -13.60 -8.39 15.85
CA PHE A 117 -15.07 -8.22 15.57
C PHE A 117 -15.67 -9.54 15.10
N ASN A 118 -14.92 -10.60 15.06
CA ASN A 118 -15.48 -11.90 14.61
C ASN A 118 -16.12 -11.72 13.24
N MET A 119 -15.53 -10.88 12.45
CA MET A 119 -16.04 -10.62 11.08
C MET A 119 -14.85 -10.29 10.19
N SER A 120 -14.79 -10.89 9.03
CA SER A 120 -13.63 -10.65 8.13
C SER A 120 -14.10 -9.98 6.84
N ASP A 121 -15.35 -9.59 6.72
CA ASP A 121 -15.78 -8.98 5.41
C ASP A 121 -16.55 -7.66 5.58
N PHE A 122 -15.85 -6.55 5.52
CA PHE A 122 -16.52 -5.21 5.63
C PHE A 122 -16.57 -4.59 4.23
N HIS A 123 -17.70 -4.05 3.83
CA HIS A 123 -17.80 -3.46 2.46
C HIS A 123 -17.54 -1.95 2.47
N SER A 124 -17.20 -1.34 3.59
CA SER A 124 -16.96 0.13 3.55
C SER A 124 -16.04 0.55 4.69
N CYS A 125 -15.45 1.72 4.57
CA CYS A 125 -14.55 2.19 5.66
C CYS A 125 -14.16 3.65 5.43
N HIS A 126 -13.54 4.26 6.39
CA HIS A 126 -13.15 5.70 6.23
C HIS A 126 -11.88 5.99 7.05
N VAL A 127 -11.04 6.86 6.57
CA VAL A 127 -9.79 7.18 7.31
C VAL A 127 -9.85 8.64 7.78
N MET A 128 -9.71 8.85 9.05
CA MET A 128 -9.78 10.23 9.60
C MET A 128 -8.44 10.92 9.34
N ASP A 129 -7.38 10.16 9.38
CA ASP A 129 -6.03 10.78 9.16
C ASP A 129 -4.93 9.72 9.19
N GLY A 130 -3.71 10.12 8.92
CA GLY A 130 -2.57 9.16 8.95
C GLY A 130 -2.53 8.30 7.68
N HIS A 131 -2.20 7.05 7.82
CA HIS A 131 -2.16 6.15 6.64
C HIS A 131 -2.44 4.72 7.10
N TRP A 132 -3.29 4.00 6.39
CA TRP A 132 -3.62 2.61 6.84
C TRP A 132 -3.39 1.58 5.74
N LEU A 133 -2.73 0.49 6.08
CA LEU A 133 -2.50 -0.60 5.09
C LEU A 133 -3.46 -1.73 5.44
N VAL A 134 -4.16 -2.29 4.48
CA VAL A 134 -5.10 -3.41 4.80
C VAL A 134 -4.58 -4.70 4.19
N TYR A 135 -4.79 -5.80 4.86
CA TYR A 135 -4.28 -7.10 4.33
C TYR A 135 -5.43 -8.09 4.14
N GLU A 136 -5.59 -8.61 2.93
CA GLU A 136 -6.67 -9.58 2.64
C GLU A 136 -6.53 -10.78 3.58
N GLN A 137 -5.33 -11.06 4.02
CA GLN A 137 -5.11 -12.21 4.95
C GLN A 137 -4.55 -11.68 6.28
N PRO A 138 -4.75 -12.40 7.34
CA PRO A 138 -4.29 -11.98 8.71
C PRO A 138 -2.75 -11.83 8.83
N ASN A 139 -2.29 -11.53 10.01
CA ASN A 139 -0.82 -11.36 10.26
C ASN A 139 -0.21 -10.44 9.19
N TYR A 140 -0.95 -9.46 8.78
CA TYR A 140 -0.43 -8.50 7.76
C TYR A 140 0.04 -9.26 6.51
N THR A 141 -0.80 -10.10 5.97
CA THR A 141 -0.39 -10.89 4.76
C THR A 141 -1.54 -10.91 3.74
N GLY A 142 -1.26 -11.24 2.50
CA GLY A 142 -2.35 -11.27 1.48
C GLY A 142 -2.35 -9.98 0.66
N ARG A 143 -3.25 -9.87 -0.27
CA ARG A 143 -3.30 -8.64 -1.10
C ARG A 143 -3.39 -7.43 -0.18
N GLN A 144 -2.35 -6.64 -0.11
CA GLN A 144 -2.38 -5.47 0.78
C GLN A 144 -3.03 -4.28 0.06
N PHE A 145 -3.80 -3.51 0.76
CA PHE A 145 -4.45 -2.32 0.13
C PHE A 145 -4.07 -1.07 0.92
N TYR A 146 -3.66 -0.04 0.25
CA TYR A 146 -3.24 1.21 0.96
C TYR A 146 -4.42 2.18 1.02
N LEU A 147 -5.02 2.32 2.17
CA LEU A 147 -6.19 3.25 2.31
C LEU A 147 -5.72 4.56 2.96
N ARG A 148 -5.93 5.65 2.27
CA ARG A 148 -5.51 6.98 2.78
C ARG A 148 -6.76 7.78 3.14
N PRO A 149 -6.61 8.84 3.90
CA PRO A 149 -7.75 9.69 4.32
C PRO A 149 -8.85 9.74 3.25
N GLY A 150 -10.05 10.01 3.67
CA GLY A 150 -11.20 10.08 2.71
C GLY A 150 -12.24 9.04 3.13
N GLU A 151 -13.19 8.77 2.28
CA GLU A 151 -14.25 7.78 2.62
C GLU A 151 -14.25 6.62 1.62
N TYR A 152 -14.33 5.42 2.11
CA TYR A 152 -14.36 4.22 1.22
C TYR A 152 -15.78 3.62 1.29
N ARG A 153 -16.29 3.11 0.20
CA ARG A 153 -17.69 2.57 0.22
C ARG A 153 -17.79 1.15 -0.35
N SER A 154 -16.77 0.64 -1.00
CA SER A 154 -16.92 -0.74 -1.55
C SER A 154 -15.57 -1.27 -2.06
N TYR A 155 -15.51 -2.53 -2.39
CA TYR A 155 -14.23 -3.11 -2.89
C TYR A 155 -13.72 -2.28 -4.06
N ASN A 156 -14.57 -1.51 -4.68
CA ASN A 156 -14.11 -0.69 -5.83
C ASN A 156 -13.51 0.62 -5.28
N ASP A 157 -13.45 0.76 -4.00
CA ASP A 157 -12.88 2.01 -3.40
C ASP A 157 -11.40 1.81 -3.06
N TRP A 158 -11.07 0.84 -2.25
CA TRP A 158 -9.64 0.62 -1.93
C TRP A 158 -9.01 -0.14 -3.10
N GLY A 159 -9.67 -0.13 -4.23
CA GLY A 159 -9.12 -0.86 -5.40
C GLY A 159 -9.14 -2.35 -5.10
N GLY A 160 -10.20 -2.83 -4.51
CA GLY A 160 -10.27 -4.28 -4.18
C GLY A 160 -11.30 -4.97 -5.07
N VAL A 161 -11.61 -6.19 -4.75
CA VAL A 161 -12.61 -6.95 -5.55
C VAL A 161 -13.29 -7.96 -4.62
N THR A 162 -13.12 -7.78 -3.35
CA THR A 162 -13.72 -8.69 -2.35
C THR A 162 -13.76 -7.96 -1.01
N SER A 163 -13.95 -8.68 0.06
CA SER A 163 -13.99 -8.02 1.40
C SER A 163 -13.21 -8.86 2.42
N ARG A 164 -12.56 -9.90 1.97
CA ARG A 164 -11.82 -10.79 2.91
C ARG A 164 -10.62 -10.09 3.57
N MET A 165 -10.89 -9.20 4.51
CA MET A 165 -9.76 -8.50 5.22
C MET A 165 -9.56 -9.12 6.60
N GLY A 166 -8.40 -9.67 6.83
CA GLY A 166 -8.12 -10.33 8.13
C GLY A 166 -7.07 -9.54 8.92
N SER A 167 -6.19 -8.81 8.26
CA SER A 167 -5.16 -8.06 9.05
C SER A 167 -5.03 -6.62 8.56
N ILE A 168 -4.65 -5.75 9.44
CA ILE A 168 -4.47 -4.30 9.07
C ILE A 168 -3.33 -3.68 9.89
N ARG A 169 -2.54 -2.83 9.28
CA ARG A 169 -1.40 -2.20 10.03
C ARG A 169 -1.44 -0.67 9.92
N ARG A 170 -1.14 0.02 10.97
CA ARG A 170 -1.15 1.52 10.94
C ARG A 170 0.27 2.03 10.63
N ILE A 171 0.52 2.43 9.41
CA ILE A 171 1.88 2.91 9.02
C ILE A 171 2.48 3.87 10.06
N THR A 172 2.83 3.38 11.22
CA THR A 172 3.41 4.27 12.27
C THR A 172 4.86 3.83 12.59
N ASP A 173 5.75 3.93 11.64
CA ASP A 173 7.17 3.54 11.90
C ASP A 173 8.02 3.87 10.66
N LEU A 174 8.79 4.91 10.74
CA LEU A 174 9.65 5.30 9.58
C LEU A 174 11.12 5.01 9.90
N MET A 1 11.71 15.06 3.21
CA MET A 1 11.80 14.90 1.73
C MET A 1 12.34 13.51 1.39
N GLY A 2 11.53 12.50 1.53
CA GLY A 2 11.99 11.12 1.21
C GLY A 2 12.35 11.03 -0.27
N LYS A 3 13.09 10.03 -0.63
CA LYS A 3 13.49 9.85 -2.07
C LYS A 3 13.71 8.38 -2.39
N ILE A 4 13.37 7.97 -3.59
CA ILE A 4 13.56 6.55 -3.97
C ILE A 4 14.21 6.47 -5.34
N ILE A 5 15.19 5.62 -5.48
CA ILE A 5 15.88 5.46 -6.79
C ILE A 5 15.72 4.03 -7.28
N PHE A 6 15.27 3.86 -8.49
CA PHE A 6 15.11 2.47 -9.04
C PHE A 6 16.37 2.11 -9.79
N TYR A 7 16.69 0.85 -9.92
CA TYR A 7 17.94 0.48 -10.64
C TYR A 7 17.67 -0.78 -11.49
N GLU A 8 18.10 -0.78 -12.72
CA GLU A 8 17.84 -1.96 -13.59
C GLU A 8 18.71 -3.15 -13.18
N ASP A 9 19.91 -2.93 -12.71
CA ASP A 9 20.78 -4.09 -12.33
C ASP A 9 20.52 -4.49 -10.88
N ARG A 10 20.73 -5.75 -10.57
CA ARG A 10 20.50 -6.24 -9.18
C ARG A 10 21.53 -5.62 -8.24
N ASN A 11 22.76 -5.50 -8.67
CA ASN A 11 23.81 -4.92 -7.80
C ASN A 11 23.73 -3.39 -7.83
N PHE A 12 22.54 -2.86 -7.87
CA PHE A 12 22.38 -1.38 -7.91
C PHE A 12 23.20 -0.81 -9.05
N GLY A 13 22.84 -1.14 -10.26
CA GLY A 13 23.58 -0.63 -11.44
C GLY A 13 22.65 -0.61 -12.66
N GLY A 14 23.22 -0.63 -13.83
CA GLY A 14 22.40 -0.62 -15.08
C GLY A 14 21.68 0.72 -15.21
N ARG A 15 20.52 0.74 -15.84
CA ARG A 15 19.79 2.02 -16.00
C ARG A 15 19.22 2.45 -14.64
N TYR A 16 19.60 3.60 -14.17
CA TYR A 16 19.11 4.08 -12.85
C TYR A 16 18.00 5.13 -13.04
N HIS A 17 17.18 5.31 -12.04
CA HIS A 17 16.09 6.33 -12.16
C HIS A 17 15.79 6.91 -10.77
N GLU A 18 15.86 8.21 -10.63
CA GLU A 18 15.56 8.84 -9.31
C GLU A 18 14.12 9.35 -9.30
N CYS A 19 13.29 8.82 -8.42
CA CYS A 19 11.87 9.28 -8.38
C CYS A 19 11.57 9.87 -7.01
N MET A 20 10.84 10.94 -6.97
CA MET A 20 10.50 11.58 -5.67
C MET A 20 9.08 12.13 -5.75
N SER A 21 8.37 11.83 -6.81
CA SER A 21 6.97 12.35 -6.95
C SER A 21 6.05 11.27 -7.53
N ASP A 22 4.77 11.36 -7.25
CA ASP A 22 3.81 10.36 -7.79
C ASP A 22 4.04 10.16 -9.29
N CYS A 23 3.67 9.01 -9.78
CA CYS A 23 3.84 8.73 -11.24
C CYS A 23 2.83 7.67 -11.65
N ALA A 24 1.87 8.04 -12.46
CA ALA A 24 0.84 7.06 -12.91
C ALA A 24 1.43 6.24 -14.06
N ASP A 25 2.63 6.56 -14.44
CA ASP A 25 3.29 5.84 -15.56
C ASP A 25 4.79 5.67 -15.28
N LEU A 26 5.19 4.51 -14.82
CA LEU A 26 6.64 4.28 -14.54
C LEU A 26 7.26 3.55 -15.72
N HIS A 27 6.46 2.87 -16.51
CA HIS A 27 7.03 2.15 -17.68
C HIS A 27 7.78 3.14 -18.55
N SER A 28 7.27 4.33 -18.65
CA SER A 28 7.95 5.35 -19.48
C SER A 28 9.41 5.35 -19.08
N TYR A 29 9.68 5.48 -17.80
CA TYR A 29 11.09 5.52 -17.33
C TYR A 29 11.81 4.19 -17.61
N PHE A 30 11.19 3.08 -17.33
CA PHE A 30 11.86 1.77 -17.59
C PHE A 30 10.81 0.67 -17.79
N ASN A 31 11.13 -0.35 -18.56
CA ASN A 31 10.14 -1.44 -18.79
C ASN A 31 10.35 -2.57 -17.78
N ARG A 32 11.35 -2.45 -16.95
CA ARG A 32 11.61 -3.50 -15.93
C ARG A 32 12.56 -2.92 -14.89
N CYS A 33 12.65 -3.54 -13.76
CA CYS A 33 13.58 -3.05 -12.71
C CYS A 33 13.79 -4.21 -11.73
N HIS A 34 15.02 -4.50 -11.40
CA HIS A 34 15.29 -5.63 -10.45
C HIS A 34 15.81 -5.06 -9.14
N SER A 35 16.09 -3.78 -9.09
CA SER A 35 16.61 -3.21 -7.80
C SER A 35 15.91 -1.89 -7.50
N ILE A 36 15.65 -1.64 -6.24
CA ILE A 36 14.98 -0.37 -5.82
C ILE A 36 15.71 0.16 -4.58
N ARG A 37 15.81 1.46 -4.43
CA ARG A 37 16.53 2.00 -3.23
C ARG A 37 15.77 3.16 -2.61
N VAL A 38 15.33 2.98 -1.39
CA VAL A 38 14.63 4.09 -0.67
C VAL A 38 15.62 4.66 0.32
N GLU A 39 15.96 5.91 0.20
CA GLU A 39 16.95 6.50 1.12
C GLU A 39 16.22 7.08 2.33
N SER A 40 15.00 7.50 2.17
CA SER A 40 14.29 8.08 3.34
C SER A 40 12.80 8.28 3.05
N GLY A 41 12.00 8.12 4.06
CA GLY A 41 10.52 8.32 3.91
C GLY A 41 9.82 6.99 3.65
N CYS A 42 8.99 6.96 2.64
CA CYS A 42 8.25 5.74 2.27
C CYS A 42 7.78 5.92 0.82
N PHE A 43 7.54 4.85 0.13
CA PHE A 43 7.09 4.98 -1.29
C PHE A 43 6.03 3.92 -1.56
N MET A 44 4.94 4.33 -2.15
CA MET A 44 3.87 3.34 -2.48
C MET A 44 4.05 2.97 -3.96
N VAL A 45 4.41 1.75 -4.23
CA VAL A 45 4.62 1.34 -5.66
C VAL A 45 3.50 0.42 -6.11
N TYR A 46 3.07 0.58 -7.34
CA TYR A 46 1.95 -0.24 -7.88
C TYR A 46 2.41 -1.09 -9.07
N ASP A 47 1.98 -2.33 -9.10
CA ASP A 47 2.34 -3.25 -10.22
C ASP A 47 1.63 -2.84 -11.51
N ARG A 48 0.66 -1.96 -11.43
CA ARG A 48 -0.06 -1.52 -12.66
C ARG A 48 -0.03 0.02 -12.71
N THR A 49 -0.20 0.59 -13.88
CA THR A 49 -0.16 2.09 -14.01
C THR A 49 -1.39 2.74 -13.35
N ASN A 50 -1.29 4.00 -13.01
CA ASN A 50 -2.42 4.76 -12.39
C ASN A 50 -2.74 4.23 -10.98
N PHE A 51 -1.74 3.85 -10.25
CA PHE A 51 -1.97 3.38 -8.86
C PHE A 51 -2.92 2.19 -8.88
N MET A 52 -2.55 1.14 -9.55
CA MET A 52 -3.45 -0.05 -9.61
C MET A 52 -2.61 -1.33 -9.63
N GLY A 53 -3.23 -2.47 -9.42
CA GLY A 53 -2.46 -3.76 -9.45
C GLY A 53 -1.90 -4.08 -8.06
N ARG A 54 -0.99 -5.00 -7.97
CA ARG A 54 -0.42 -5.34 -6.64
C ARG A 54 0.22 -4.06 -6.09
N GLN A 55 -0.20 -3.65 -4.92
CA GLN A 55 0.38 -2.42 -4.31
C GLN A 55 1.37 -2.84 -3.22
N TYR A 56 2.50 -2.20 -3.17
CA TYR A 56 3.51 -2.56 -2.13
C TYR A 56 4.02 -1.30 -1.43
N PHE A 57 4.18 -1.35 -0.12
CA PHE A 57 4.68 -0.15 0.63
C PHE A 57 6.16 -0.34 0.95
N LEU A 58 7.01 0.58 0.53
CA LEU A 58 8.48 0.42 0.81
C LEU A 58 8.99 1.51 1.77
N ARG A 59 9.48 1.11 2.92
CA ARG A 59 9.97 2.11 3.91
C ARG A 59 11.49 2.35 3.75
N ARG A 60 11.95 3.49 4.21
CA ARG A 60 13.41 3.83 4.12
C ARG A 60 14.26 2.55 4.22
N GLY A 61 14.87 2.16 3.13
CA GLY A 61 15.72 0.94 3.17
C GLY A 61 16.27 0.67 1.78
N GLU A 62 17.22 -0.23 1.68
CA GLU A 62 17.80 -0.57 0.35
C GLU A 62 17.21 -1.91 -0.09
N TYR A 63 16.59 -1.96 -1.23
CA TYR A 63 15.99 -3.23 -1.70
C TYR A 63 16.89 -3.80 -2.81
N PRO A 64 17.75 -4.73 -2.46
CA PRO A 64 18.70 -5.34 -3.43
C PRO A 64 17.97 -6.13 -4.53
N ASP A 65 16.73 -6.51 -4.29
CA ASP A 65 15.98 -7.28 -5.33
C ASP A 65 14.50 -7.30 -4.91
N TYR A 66 13.58 -7.30 -5.83
CA TYR A 66 12.14 -7.31 -5.46
C TYR A 66 11.34 -8.07 -6.53
N MET A 67 11.98 -8.95 -7.24
CA MET A 67 11.25 -9.73 -8.30
C MET A 67 10.82 -11.08 -7.72
N ARG A 68 11.68 -11.71 -6.98
CA ARG A 68 11.34 -13.04 -6.39
C ARG A 68 10.88 -12.84 -4.94
N THR A 69 11.19 -11.71 -4.36
CA THR A 69 10.75 -11.48 -2.95
C THR A 69 9.36 -10.85 -2.98
N MET A 70 8.92 -10.42 -4.13
CA MET A 70 7.56 -9.80 -4.23
C MET A 70 6.66 -10.71 -5.07
N GLY A 71 7.24 -11.36 -6.04
CA GLY A 71 6.45 -12.27 -6.92
C GLY A 71 5.73 -11.48 -8.02
N MET A 72 6.45 -10.68 -8.77
CA MET A 72 5.80 -9.89 -9.85
C MET A 72 6.44 -10.23 -11.20
N ASN A 73 5.68 -10.26 -12.26
CA ASN A 73 6.26 -10.59 -13.60
C ASN A 73 6.60 -9.27 -14.32
N ASP A 74 7.44 -8.46 -13.72
CA ASP A 74 7.85 -7.17 -14.31
C ASP A 74 8.14 -6.21 -13.17
N CYS A 75 8.32 -4.96 -13.47
CA CYS A 75 8.60 -3.97 -12.39
C CYS A 75 7.33 -3.21 -12.06
N VAL A 76 7.48 -2.15 -11.33
CA VAL A 76 6.32 -1.30 -10.96
C VAL A 76 5.90 -0.48 -12.17
N ARG A 77 4.62 -0.32 -12.41
CA ARG A 77 4.19 0.50 -13.57
C ARG A 77 3.64 1.83 -13.05
N SER A 78 3.36 1.91 -11.77
CA SER A 78 2.86 3.21 -11.21
C SER A 78 3.33 3.36 -9.77
N CYS A 79 3.23 4.52 -9.23
CA CYS A 79 3.66 4.73 -7.82
C CYS A 79 3.09 6.03 -7.26
N ARG A 80 2.95 6.07 -5.95
CA ARG A 80 2.41 7.29 -5.29
C ARG A 80 3.26 7.58 -4.04
N MET A 81 3.53 8.82 -3.78
CA MET A 81 4.35 9.15 -2.58
C MET A 81 3.44 9.30 -1.37
N ILE A 82 3.89 8.85 -0.22
CA ILE A 82 3.05 8.98 1.00
C ILE A 82 3.43 10.26 1.74
N PRO A 83 2.54 11.22 1.81
CA PRO A 83 2.82 12.51 2.50
C PRO A 83 3.48 12.32 3.87
N LEU A 84 4.29 13.26 4.29
CA LEU A 84 4.96 13.13 5.62
C LEU A 84 4.11 13.80 6.70
N HIS A 85 2.83 13.53 6.70
CA HIS A 85 1.93 14.15 7.72
C HIS A 85 1.41 13.05 8.66
N HIS A 86 1.48 13.29 9.95
CA HIS A 86 1.01 12.26 10.91
C HIS A 86 0.17 12.92 12.01
N GLY A 87 -1.02 13.33 11.69
CA GLY A 87 -1.88 13.98 12.72
C GLY A 87 -2.44 12.91 13.66
N SER A 88 -3.55 12.30 13.30
CA SER A 88 -4.16 11.26 14.18
C SER A 88 -4.37 9.95 13.42
N PHE A 89 -4.30 8.84 14.12
CA PHE A 89 -4.49 7.51 13.46
C PHE A 89 -5.77 6.85 13.99
N LYS A 90 -6.69 6.56 13.12
CA LYS A 90 -7.94 5.90 13.55
C LYS A 90 -8.70 5.47 12.30
N MET A 91 -9.10 4.23 12.21
CA MET A 91 -9.85 3.77 10.99
C MET A 91 -11.29 3.45 11.39
N ARG A 92 -12.24 3.98 10.65
CA ARG A 92 -13.67 3.70 10.94
C ARG A 92 -14.18 2.71 9.91
N LEU A 93 -14.56 1.53 10.34
CA LEU A 93 -15.01 0.49 9.37
C LEU A 93 -16.52 0.39 9.30
N TYR A 94 -17.00 0.02 8.15
CA TYR A 94 -18.45 -0.17 7.95
C TYR A 94 -18.65 -1.47 7.18
N GLU A 95 -19.44 -2.39 7.68
CA GLU A 95 -19.62 -3.69 7.00
C GLU A 95 -20.27 -3.52 5.62
N HIS A 96 -20.99 -2.45 5.36
CA HIS A 96 -21.63 -2.32 4.00
C HIS A 96 -21.03 -1.16 3.21
N SER A 97 -21.24 -1.14 1.91
CA SER A 97 -20.68 -0.04 1.06
C SER A 97 -21.22 1.30 1.54
N ASP A 98 -20.55 2.38 1.24
CA ASP A 98 -21.01 3.73 1.71
C ASP A 98 -20.54 3.92 3.15
N MET A 99 -21.39 3.63 4.09
CA MET A 99 -21.04 3.75 5.53
C MET A 99 -22.10 2.97 6.30
N GLY A 100 -22.61 1.94 5.68
CA GLY A 100 -23.69 1.13 6.33
C GLY A 100 -23.09 -0.11 7.02
N GLY A 101 -23.90 -1.09 7.26
CA GLY A 101 -23.40 -2.31 7.93
C GLY A 101 -23.02 -1.96 9.36
N ARG A 102 -22.25 -2.80 10.01
CA ARG A 102 -21.85 -2.52 11.42
C ARG A 102 -20.61 -1.62 11.41
N MET A 103 -20.56 -0.66 12.29
CA MET A 103 -19.39 0.26 12.32
C MET A 103 -18.37 -0.20 13.35
N MET A 104 -17.21 -0.62 12.93
CA MET A 104 -16.19 -1.06 13.93
C MET A 104 -15.06 -0.04 13.92
N GLU A 105 -14.51 0.29 15.07
CA GLU A 105 -13.42 1.30 15.10
C GLU A 105 -12.09 0.60 15.32
N LEU A 106 -11.08 1.00 14.61
CA LEU A 106 -9.74 0.38 14.77
C LEU A 106 -8.69 1.48 14.92
N MET A 107 -7.98 1.49 16.03
CA MET A 107 -6.96 2.55 16.24
C MET A 107 -5.58 1.91 16.36
N ASP A 108 -5.54 0.61 16.57
CA ASP A 108 -4.23 -0.09 16.69
C ASP A 108 -3.98 -0.93 15.45
N ASP A 109 -3.15 -1.93 15.57
CA ASP A 109 -2.87 -2.82 14.42
C ASP A 109 -3.80 -4.02 14.49
N CYS A 110 -4.35 -4.44 13.39
CA CYS A 110 -5.29 -5.60 13.42
C CYS A 110 -4.74 -6.75 12.56
N PRO A 111 -3.91 -7.59 13.11
CA PRO A 111 -3.33 -8.75 12.36
C PRO A 111 -4.32 -9.89 12.21
N ASN A 112 -5.24 -10.03 13.12
CA ASN A 112 -6.24 -11.12 13.06
C ASN A 112 -7.62 -10.50 13.24
N LEU A 113 -8.19 -10.00 12.18
CA LEU A 113 -9.53 -9.38 12.28
C LEU A 113 -10.57 -10.45 12.56
N MET A 114 -10.32 -11.66 12.14
CA MET A 114 -11.29 -12.75 12.36
C MET A 114 -11.60 -12.85 13.86
N ASP A 115 -10.61 -12.69 14.68
CA ASP A 115 -10.82 -12.79 16.15
C ASP A 115 -11.31 -11.45 16.71
N ARG A 116 -11.08 -10.37 16.01
CA ARG A 116 -11.49 -9.06 16.56
C ARG A 116 -13.00 -8.86 16.40
N PHE A 117 -13.45 -8.84 15.17
CA PHE A 117 -14.91 -8.63 14.91
C PHE A 117 -15.54 -9.93 14.40
N ASN A 118 -14.78 -10.99 14.29
CA ASN A 118 -15.37 -12.27 13.81
C ASN A 118 -15.98 -12.06 12.43
N MET A 119 -15.35 -11.26 11.63
CA MET A 119 -15.84 -10.99 10.24
C MET A 119 -14.63 -10.62 9.38
N SER A 120 -14.55 -11.16 8.20
CA SER A 120 -13.39 -10.88 7.32
C SER A 120 -13.85 -10.10 6.09
N ASP A 121 -15.08 -9.67 6.02
CA ASP A 121 -15.51 -8.94 4.78
C ASP A 121 -16.30 -7.65 5.05
N PHE A 122 -15.63 -6.52 5.00
CA PHE A 122 -16.30 -5.20 5.20
C PHE A 122 -16.33 -4.48 3.84
N HIS A 123 -17.44 -3.91 3.48
CA HIS A 123 -17.52 -3.21 2.15
C HIS A 123 -17.28 -1.70 2.29
N SER A 124 -16.98 -1.20 3.46
CA SER A 124 -16.77 0.29 3.55
C SER A 124 -15.78 0.63 4.66
N CYS A 125 -15.15 1.77 4.57
CA CYS A 125 -14.17 2.14 5.63
C CYS A 125 -13.83 3.62 5.52
N HIS A 126 -13.22 4.18 6.54
CA HIS A 126 -12.88 5.63 6.51
C HIS A 126 -11.62 5.88 7.35
N VAL A 127 -10.78 6.80 6.94
CA VAL A 127 -9.53 7.07 7.72
C VAL A 127 -9.56 8.48 8.30
N MET A 128 -9.35 8.59 9.58
CA MET A 128 -9.36 9.93 10.24
C MET A 128 -8.06 10.67 9.95
N ASP A 129 -7.03 9.95 9.60
CA ASP A 129 -5.72 10.61 9.29
C ASP A 129 -4.57 9.60 9.35
N GLY A 130 -3.38 10.05 9.03
CA GLY A 130 -2.19 9.16 9.06
C GLY A 130 -2.13 8.30 7.80
N HIS A 131 -1.77 7.06 7.94
CA HIS A 131 -1.68 6.15 6.76
C HIS A 131 -2.00 4.72 7.20
N TRP A 132 -2.90 4.06 6.51
CA TRP A 132 -3.27 2.67 6.92
C TRP A 132 -3.06 1.67 5.77
N LEU A 133 -2.43 0.56 6.07
CA LEU A 133 -2.22 -0.50 5.04
C LEU A 133 -3.22 -1.63 5.32
N VAL A 134 -3.95 -2.07 4.33
CA VAL A 134 -4.92 -3.18 4.57
C VAL A 134 -4.43 -4.44 3.87
N TYR A 135 -4.62 -5.56 4.49
CA TYR A 135 -4.15 -6.86 3.89
C TYR A 135 -5.32 -7.81 3.60
N GLU A 136 -5.44 -8.25 2.36
CA GLU A 136 -6.52 -9.21 1.99
C GLU A 136 -6.39 -10.48 2.82
N GLN A 137 -5.19 -10.80 3.27
CA GLN A 137 -5.00 -12.03 4.11
C GLN A 137 -4.37 -11.62 5.44
N PRO A 138 -4.59 -12.39 6.47
CA PRO A 138 -4.06 -12.09 7.85
C PRO A 138 -2.51 -12.05 7.93
N ASN A 139 -2.00 -11.90 9.11
CA ASN A 139 -0.51 -11.84 9.31
C ASN A 139 0.11 -10.84 8.32
N TYR A 140 -0.61 -9.80 8.02
CA TYR A 140 -0.09 -8.77 7.08
C TYR A 140 0.33 -9.42 5.76
N THR A 141 -0.55 -10.19 5.18
CA THR A 141 -0.21 -10.87 3.90
C THR A 141 -1.40 -10.77 2.93
N GLY A 142 -1.17 -10.99 1.66
CA GLY A 142 -2.29 -10.90 0.67
C GLY A 142 -2.26 -9.54 -0.03
N ARG A 143 -3.15 -9.34 -0.97
CA ARG A 143 -3.19 -8.06 -1.71
C ARG A 143 -3.29 -6.92 -0.70
N GLN A 144 -2.23 -6.17 -0.56
CA GLN A 144 -2.25 -5.06 0.42
C GLN A 144 -2.87 -3.83 -0.22
N PHE A 145 -3.57 -3.04 0.54
CA PHE A 145 -4.20 -1.81 -0.01
C PHE A 145 -3.84 -0.62 0.89
N TYR A 146 -3.33 0.43 0.31
CA TYR A 146 -2.94 1.62 1.12
C TYR A 146 -4.12 2.58 1.21
N LEU A 147 -4.76 2.63 2.36
CA LEU A 147 -5.93 3.54 2.53
C LEU A 147 -5.49 4.78 3.31
N ARG A 148 -5.70 5.93 2.73
CA ARG A 148 -5.30 7.22 3.38
C ARG A 148 -6.58 7.98 3.77
N PRO A 149 -6.46 9.02 4.55
CA PRO A 149 -7.62 9.84 4.98
C PRO A 149 -8.71 9.90 3.91
N GLY A 150 -9.90 10.30 4.30
CA GLY A 150 -11.02 10.37 3.33
C GLY A 150 -12.04 9.29 3.67
N GLU A 151 -12.99 9.07 2.82
CA GLU A 151 -14.04 8.03 3.10
C GLU A 151 -14.01 6.93 2.03
N TYR A 152 -14.04 5.70 2.45
CA TYR A 152 -14.05 4.56 1.49
C TYR A 152 -15.47 3.96 1.51
N ARG A 153 -15.98 3.52 0.38
CA ARG A 153 -17.39 2.99 0.37
C ARG A 153 -17.53 1.65 -0.34
N SER A 154 -16.52 1.14 -0.98
CA SER A 154 -16.72 -0.18 -1.67
C SER A 154 -15.39 -0.72 -2.20
N TYR A 155 -15.37 -1.96 -2.65
CA TYR A 155 -14.12 -2.54 -3.19
C TYR A 155 -13.62 -1.66 -4.32
N ASN A 156 -14.49 -0.92 -4.94
CA ASN A 156 -14.05 -0.03 -6.04
C ASN A 156 -13.39 1.23 -5.46
N ASP A 157 -13.37 1.34 -4.15
CA ASP A 157 -12.75 2.54 -3.53
C ASP A 157 -11.26 2.26 -3.31
N TRP A 158 -10.92 1.29 -2.51
CA TRP A 158 -9.48 0.99 -2.31
C TRP A 158 -8.98 0.28 -3.57
N GLY A 159 -9.74 0.39 -4.64
CA GLY A 159 -9.34 -0.26 -5.93
C GLY A 159 -9.32 -1.77 -5.74
N GLY A 160 -10.21 -2.28 -4.92
CA GLY A 160 -10.24 -3.74 -4.69
C GLY A 160 -11.30 -4.39 -5.59
N VAL A 161 -11.64 -5.60 -5.31
CA VAL A 161 -12.66 -6.32 -6.12
C VAL A 161 -13.46 -7.25 -5.20
N THR A 162 -13.02 -7.41 -3.97
CA THR A 162 -13.72 -8.28 -3.01
C THR A 162 -13.71 -7.59 -1.65
N SER A 163 -13.83 -8.34 -0.59
CA SER A 163 -13.83 -7.73 0.76
C SER A 163 -13.03 -8.61 1.73
N ARG A 164 -12.41 -9.64 1.23
CA ARG A 164 -11.64 -10.57 2.13
C ARG A 164 -10.48 -9.86 2.83
N MET A 165 -10.76 -9.05 3.82
CA MET A 165 -9.66 -8.34 4.57
C MET A 165 -9.48 -8.99 5.95
N GLY A 166 -8.32 -9.56 6.19
CA GLY A 166 -8.07 -10.23 7.49
C GLY A 166 -6.96 -9.51 8.28
N SER A 167 -6.09 -8.77 7.63
CA SER A 167 -5.01 -8.10 8.42
C SER A 167 -4.90 -6.62 8.07
N ILE A 168 -4.47 -5.84 9.03
CA ILE A 168 -4.32 -4.36 8.78
C ILE A 168 -3.19 -3.79 9.63
N ARG A 169 -2.41 -2.87 9.09
CA ARG A 169 -1.28 -2.28 9.88
C ARG A 169 -1.35 -0.75 9.84
N ARG A 170 -0.99 -0.09 10.92
CA ARG A 170 -1.04 1.41 10.96
C ARG A 170 0.38 1.98 10.80
N ILE A 171 0.77 2.26 9.58
CA ILE A 171 2.13 2.82 9.32
C ILE A 171 2.50 3.87 10.38
N THR A 172 3.06 3.45 11.48
CA THR A 172 3.45 4.43 12.55
C THR A 172 4.92 4.21 12.92
N ASP A 173 5.82 4.68 12.08
CA ASP A 173 7.26 4.50 12.37
C ASP A 173 8.06 4.89 11.12
N LEU A 174 8.80 5.97 11.21
CA LEU A 174 9.61 6.42 10.05
C LEU A 174 10.73 5.41 9.79
#